data_8XR4
#
_entry.id   8XR4
#
_cell.length_a   82.875
_cell.length_b   197.643
_cell.length_c   199.984
_cell.angle_alpha   90.000
_cell.angle_beta   90.000
_cell.angle_gamma   90.000
#
_symmetry.space_group_name_H-M   'P 2 21 21'
#
loop_
_entity.id
_entity.type
_entity.pdbx_description
1 polymer 'Aldo/keto reductase'
2 non-polymer 'NADP NICOTINAMIDE-ADENINE-DINUCLEOTIDE PHOSPHATE'
3 water water
#
_entity_poly.entity_id   1
_entity_poly.type   'polypeptide(L)'
_entity_poly.pdbx_seq_one_letter_code
;MEYTQLGRIGLKVSRLVLGTMNFGPTTDEAESHAIMDAALDAGINFFDTANVYGWGENKGRTEEILGSWFAQGGDRRDKV
VLATKVYGNMGLDGPAWPNHDKLSALNIRRSVDASLKRLGTDHIDLYQFHHVDRDTPWDEIWQAMDVLVRQGKILYVGSS
NFAGWNIAQANETAARHGRLGLVSEQCLYNLCERRAEMEVVPAAREYGLGVIAWSPLHGGLLGGAIRKEQEGGNRRAASG
RAADALKDPQQREQIQRYEDLLDKHGLEPGEVALAWLLTRPGVTGPIVGPRTADQLASAVRAAELTLTDEVLTALDEIFP
GPGPSPEAFAW
;
_entity_poly.pdbx_strand_id   A,B,C,D,E,F,G,H
#
loop_
_chem_comp.id
_chem_comp.type
_chem_comp.name
_chem_comp.formula
NAP non-polymer 'NADP NICOTINAMIDE-ADENINE-DINUCLEOTIDE PHOSPHATE' 'C21 H28 N7 O17 P3'
#
# COMPACT_ATOMS: atom_id res chain seq x y z
N MET A 1 30.84 21.26 24.54
CA MET A 1 30.66 20.16 23.58
C MET A 1 29.69 20.59 22.46
N GLU A 2 30.06 20.34 21.20
CA GLU A 2 29.14 20.55 20.09
C GLU A 2 28.20 19.35 19.96
N TYR A 3 26.89 19.62 19.82
CA TYR A 3 25.89 18.58 19.60
C TYR A 3 25.27 18.71 18.22
N THR A 4 24.67 17.61 17.76
CA THR A 4 23.99 17.58 16.48
C THR A 4 22.93 16.48 16.49
N GLN A 5 21.94 16.59 15.61
CA GLN A 5 21.00 15.48 15.41
C GLN A 5 21.73 14.30 14.77
N LEU A 6 21.36 13.10 15.18
CA LEU A 6 21.87 11.90 14.53
C LEU A 6 21.12 11.76 13.20
N GLY A 7 21.72 12.25 12.13
CA GLY A 7 21.05 12.25 10.84
C GLY A 7 19.70 12.94 10.91
N ARG A 8 18.67 12.29 10.35
CA ARG A 8 17.32 12.85 10.28
C ARG A 8 16.51 12.69 11.57
N ILE A 9 16.97 11.91 12.55
CA ILE A 9 16.07 11.57 13.65
C ILE A 9 16.16 12.60 14.78
N GLY A 10 15.29 12.44 15.79
CA GLY A 10 15.18 13.40 16.88
C GLY A 10 16.24 13.26 17.94
N LEU A 11 17.01 12.17 17.89
CA LEU A 11 18.09 11.95 18.84
C LEU A 11 19.20 12.98 18.62
N LYS A 12 19.61 13.63 19.70
CA LYS A 12 20.71 14.59 19.70
C LYS A 12 21.94 13.96 20.35
N VAL A 13 23.10 14.04 19.70
CA VAL A 13 24.29 13.39 20.18
C VAL A 13 25.46 14.37 20.16
N SER A 14 26.43 14.12 21.04
CA SER A 14 27.70 14.84 20.98
C SER A 14 28.42 14.47 19.70
N ARG A 15 29.16 15.43 19.15
CA ARG A 15 29.90 15.18 17.92
C ARG A 15 31.18 14.38 18.16
N LEU A 16 31.53 14.08 19.40
CA LEU A 16 32.48 13.03 19.72
C LEU A 16 31.70 11.84 20.28
N VAL A 17 31.91 10.67 19.70
CA VAL A 17 31.31 9.43 20.19
C VAL A 17 32.38 8.68 20.97
N LEU A 18 32.07 8.27 22.19
CA LEU A 18 33.05 7.58 23.02
C LEU A 18 33.11 6.12 22.61
N GLY A 19 34.21 5.72 21.97
CA GLY A 19 34.43 4.30 21.69
C GLY A 19 35.02 3.59 22.91
N THR A 20 34.64 2.32 23.09
CA THR A 20 35.00 1.56 24.27
C THR A 20 35.85 0.33 23.94
N MET A 21 36.30 0.19 22.68
CA MET A 21 36.98 -1.03 22.26
C MET A 21 38.24 -1.28 23.09
N ASN A 22 38.92 -0.22 23.51
CA ASN A 22 40.10 -0.37 24.36
C ASN A 22 39.77 -0.85 25.77
N PHE A 23 38.53 -0.68 26.23
CA PHE A 23 38.21 -0.99 27.63
C PHE A 23 38.23 -2.50 27.83
N GLY A 24 39.24 -3.00 28.55
CA GLY A 24 39.36 -4.42 28.76
C GLY A 24 40.70 -4.97 28.30
N PRO A 25 40.93 -4.98 26.99
CA PRO A 25 42.21 -5.49 26.47
C PRO A 25 43.35 -4.49 26.53
N THR A 26 43.06 -3.23 26.63
CA THR A 26 44.13 -2.22 26.61
C THR A 26 44.05 -1.30 27.80
N THR A 27 42.85 -0.87 28.16
CA THR A 27 42.57 -0.05 29.33
C THR A 27 41.89 -0.93 30.37
N ASP A 28 42.34 -0.86 31.61
CA ASP A 28 41.72 -1.71 32.62
C ASP A 28 40.42 -1.06 33.11
N GLU A 29 39.73 -1.75 34.00
CA GLU A 29 38.34 -1.40 34.32
C GLU A 29 38.24 -0.05 35.02
N ALA A 30 39.08 0.17 36.04
CA ALA A 30 38.99 1.41 36.82
C ALA A 30 39.28 2.63 35.96
N GLU A 31 40.32 2.53 35.13
CA GLU A 31 40.64 3.61 34.21
C GLU A 31 39.56 3.78 33.15
N SER A 32 38.97 2.65 32.70
CA SER A 32 37.82 2.72 31.78
C SER A 32 36.69 3.53 32.39
N HIS A 33 36.33 3.23 33.64
CA HIS A 33 35.29 3.97 34.33
C HIS A 33 35.66 5.45 34.47
N ALA A 34 36.94 5.74 34.70
CA ALA A 34 37.36 7.14 34.83
C ALA A 34 37.20 7.89 33.51
N ILE A 35 37.54 7.24 32.39
CA ILE A 35 37.33 7.84 31.07
C ILE A 35 35.85 8.11 30.83
N MET A 36 34.99 7.17 31.19
CA MET A 36 33.56 7.37 30.93
C MET A 36 32.98 8.49 31.78
N ASP A 37 33.37 8.59 33.05
CA ASP A 37 32.93 9.73 33.86
C ASP A 37 33.48 11.04 33.31
N ALA A 38 34.75 11.04 32.90
CA ALA A 38 35.31 12.23 32.25
C ALA A 38 34.55 12.58 30.98
N ALA A 39 34.16 11.55 30.21
CA ALA A 39 33.42 11.81 28.98
C ALA A 39 32.10 12.48 29.28
N LEU A 40 31.35 11.94 30.24
CA LEU A 40 30.10 12.54 30.66
C LEU A 40 30.32 13.97 31.17
N ASP A 41 31.41 14.19 31.92
CA ASP A 41 31.71 15.55 32.42
C ASP A 41 31.90 16.53 31.27
N ALA A 42 32.57 16.10 30.19
CA ALA A 42 32.77 16.96 29.03
C ALA A 42 31.55 17.06 28.12
N GLY A 43 30.44 16.42 28.48
CA GLY A 43 29.22 16.49 27.70
C GLY A 43 29.04 15.42 26.64
N ILE A 44 29.93 14.43 26.54
CA ILE A 44 29.76 13.33 25.61
C ILE A 44 28.65 12.43 26.15
N ASN A 45 27.61 12.22 25.34
CA ASN A 45 26.45 11.44 25.77
C ASN A 45 26.22 10.18 24.94
N PHE A 46 27.15 9.81 24.06
CA PHE A 46 26.96 8.80 23.03
C PHE A 46 28.13 7.81 23.17
N PHE A 47 27.85 6.59 23.62
CA PHE A 47 28.88 5.58 23.87
C PHE A 47 28.67 4.42 22.90
N ASP A 48 29.74 4.00 22.22
CA ASP A 48 29.71 2.86 21.32
C ASP A 48 30.44 1.68 21.94
N THR A 49 29.81 0.51 21.91
CA THR A 49 30.49 -0.73 22.30
C THR A 49 30.02 -1.86 21.38
N ALA A 50 30.34 -3.10 21.74
CA ALA A 50 29.98 -4.25 20.93
C ALA A 50 30.02 -5.47 21.84
N ASN A 51 29.24 -6.49 21.49
CA ASN A 51 29.28 -7.69 22.31
C ASN A 51 30.67 -8.36 22.24
N VAL A 52 31.31 -8.33 21.08
CA VAL A 52 32.60 -9.01 20.97
C VAL A 52 33.74 -8.28 21.66
N TYR A 53 33.57 -7.03 22.09
CA TYR A 53 34.71 -6.28 22.62
C TYR A 53 35.19 -6.92 23.93
N GLY A 54 36.51 -6.93 24.11
CA GLY A 54 37.16 -7.77 25.09
C GLY A 54 38.09 -8.77 24.41
N TRP A 55 37.64 -9.34 23.29
CA TRP A 55 38.39 -10.21 22.38
C TRP A 55 38.68 -11.61 22.94
N GLY A 56 38.71 -12.60 22.04
CA GLY A 56 39.14 -13.94 22.41
C GLY A 56 38.30 -14.53 23.53
N GLU A 57 39.01 -15.09 24.53
CA GLU A 57 38.40 -15.65 25.72
C GLU A 57 37.59 -14.62 26.50
N ASN A 58 37.84 -13.33 26.28
CA ASN A 58 37.24 -12.27 27.08
C ASN A 58 36.16 -11.49 26.34
N LYS A 59 35.58 -12.07 25.31
CA LYS A 59 34.48 -11.39 24.62
C LYS A 59 33.35 -11.10 25.60
N GLY A 60 32.77 -9.92 25.49
CA GLY A 60 31.76 -9.48 26.44
C GLY A 60 32.30 -8.70 27.61
N ARG A 61 33.63 -8.67 27.81
CA ARG A 61 34.22 -7.96 28.93
C ARG A 61 33.88 -6.47 28.88
N THR A 62 33.99 -5.85 27.70
CA THR A 62 33.74 -4.42 27.57
C THR A 62 32.32 -4.08 27.98
N GLU A 63 31.33 -4.87 27.51
CA GLU A 63 29.95 -4.65 27.92
C GLU A 63 29.78 -4.80 29.43
N GLU A 64 30.47 -5.77 30.04
CA GLU A 64 30.45 -5.91 31.49
C GLU A 64 31.02 -4.69 32.19
N ILE A 65 32.14 -4.16 31.67
CA ILE A 65 32.75 -2.98 32.26
C ILE A 65 31.76 -1.81 32.22
N LEU A 66 31.04 -1.64 31.10
CA LEU A 66 30.00 -0.62 31.05
C LEU A 66 28.88 -0.93 32.04
N GLY A 67 28.52 -2.21 32.18
CA GLY A 67 27.46 -2.57 33.11
C GLY A 67 27.77 -2.19 34.56
N SER A 68 29.02 -2.40 34.99
CA SER A 68 29.36 -2.03 36.36
C SER A 68 29.45 -0.51 36.50
N TRP A 69 29.85 0.19 35.42
CA TRP A 69 29.79 1.65 35.40
C TRP A 69 28.38 2.16 35.64
N PHE A 70 27.41 1.63 34.86
CA PHE A 70 26.02 2.02 35.04
C PHE A 70 25.54 1.75 36.45
N ALA A 71 25.91 0.59 37.02
CA ALA A 71 25.43 0.21 38.33
C ALA A 71 25.92 1.12 39.44
N GLN A 72 26.82 2.07 39.15
CA GLN A 72 27.22 3.06 40.14
C GLN A 72 26.13 4.08 40.43
N GLY A 73 25.09 4.15 39.61
CA GLY A 73 24.03 5.12 39.84
C GLY A 73 24.38 6.47 39.23
N GLY A 74 23.85 7.53 39.85
CA GLY A 74 24.15 8.88 39.40
C GLY A 74 23.57 9.24 38.06
N ASP A 75 22.52 8.54 37.62
CA ASP A 75 21.86 8.79 36.32
C ASP A 75 22.80 8.54 35.14
N ARG A 76 23.80 7.68 35.32
CA ARG A 76 24.71 7.37 34.22
C ARG A 76 23.95 6.72 33.07
N ARG A 77 23.08 5.74 33.36
CA ARG A 77 22.34 5.10 32.29
C ARG A 77 21.36 6.06 31.63
N ASP A 78 20.68 6.88 32.43
CA ASP A 78 19.70 7.80 31.89
C ASP A 78 20.34 8.87 31.00
N LYS A 79 21.61 9.20 31.25
CA LYS A 79 22.26 10.28 30.50
C LYS A 79 22.92 9.82 29.22
N VAL A 80 23.14 8.52 29.05
CA VAL A 80 23.93 8.01 27.94
C VAL A 80 23.00 7.43 26.88
N VAL A 81 23.29 7.74 25.63
CA VAL A 81 22.78 7.02 24.47
C VAL A 81 23.73 5.85 24.24
N LEU A 82 23.28 4.65 24.57
CA LEU A 82 24.12 3.46 24.61
C LEU A 82 23.94 2.67 23.34
N ALA A 83 25.03 2.43 22.63
CA ALA A 83 25.02 1.71 21.37
C ALA A 83 25.86 0.43 21.48
N THR A 84 25.34 -0.68 20.98
CA THR A 84 26.16 -1.89 20.89
C THR A 84 25.86 -2.58 19.57
N LYS A 85 26.33 -3.82 19.43
CA LYS A 85 26.36 -4.43 18.12
C LYS A 85 26.02 -5.92 18.20
N VAL A 86 25.50 -6.41 17.07
CA VAL A 86 25.22 -7.82 16.81
C VAL A 86 25.77 -8.17 15.44
N TYR A 87 26.32 -9.39 15.33
CA TYR A 87 26.86 -10.04 14.13
C TYR A 87 27.99 -10.99 14.54
N GLY A 88 28.83 -10.54 15.46
CA GLY A 88 30.05 -11.28 15.76
C GLY A 88 29.79 -12.57 16.51
N ASN A 89 30.68 -13.53 16.28
CA ASN A 89 30.71 -14.80 17.01
C ASN A 89 31.11 -14.55 18.46
N MET A 90 30.26 -14.93 19.41
CA MET A 90 30.58 -14.78 20.83
C MET A 90 31.15 -16.06 21.45
N GLY A 91 31.34 -17.11 20.66
CA GLY A 91 31.93 -18.36 21.11
C GLY A 91 33.43 -18.37 20.92
N LEU A 92 34.00 -19.57 20.86
CA LEU A 92 35.43 -19.71 20.60
C LEU A 92 35.79 -19.07 19.27
N ASP A 93 36.90 -18.32 19.24
CA ASP A 93 37.37 -17.73 17.99
C ASP A 93 37.64 -18.84 16.97
N GLY A 94 37.48 -18.50 15.69
CA GLY A 94 37.49 -19.48 14.63
C GLY A 94 36.11 -19.59 13.99
N PRO A 95 35.88 -20.61 13.17
CA PRO A 95 34.54 -20.78 12.58
C PRO A 95 33.47 -20.89 13.66
N ALA A 96 32.40 -20.13 13.50
CA ALA A 96 31.32 -20.16 14.48
C ALA A 96 30.40 -21.34 14.21
N TRP A 97 29.78 -21.83 15.28
CA TRP A 97 28.62 -22.70 15.14
C TRP A 97 27.58 -22.00 14.28
N PRO A 98 26.87 -22.71 13.39
CA PRO A 98 25.88 -22.04 12.52
C PRO A 98 24.88 -21.22 13.34
N ASN A 99 24.63 -19.99 12.91
CA ASN A 99 23.66 -19.06 13.51
C ASN A 99 24.10 -18.54 14.86
N HIS A 100 25.36 -18.77 15.23
CA HIS A 100 25.93 -18.09 16.37
C HIS A 100 26.76 -16.87 15.95
N ASP A 101 26.78 -16.57 14.65
CA ASP A 101 27.19 -15.28 14.13
C ASP A 101 26.19 -14.86 13.05
N LYS A 102 26.43 -13.68 12.45
CA LYS A 102 25.65 -13.06 11.38
C LYS A 102 24.28 -12.59 11.87
N LEU A 103 23.35 -12.34 10.95
CA LEU A 103 22.17 -11.54 11.27
C LEU A 103 20.84 -12.29 11.12
N SER A 104 20.82 -13.62 11.21
CA SER A 104 19.54 -14.31 11.24
C SER A 104 18.70 -13.82 12.42
N ALA A 105 17.38 -13.91 12.29
CA ALA A 105 16.54 -13.60 13.44
C ALA A 105 16.93 -14.44 14.66
N LEU A 106 17.43 -15.67 14.43
CA LEU A 106 17.86 -16.53 15.53
C LEU A 106 19.04 -15.91 16.27
N ASN A 107 20.06 -15.43 15.55
CA ASN A 107 21.20 -14.87 16.26
C ASN A 107 20.89 -13.51 16.85
N ILE A 108 20.03 -12.72 16.20
CA ILE A 108 19.62 -11.44 16.78
C ILE A 108 18.94 -11.67 18.13
N ARG A 109 18.04 -12.67 18.21
CA ARG A 109 17.35 -12.94 19.48
C ARG A 109 18.34 -13.28 20.59
N ARG A 110 19.25 -14.21 20.34
CA ARG A 110 20.14 -14.62 21.43
C ARG A 110 21.19 -13.55 21.74
N SER A 111 21.67 -12.80 20.73
CA SER A 111 22.71 -11.82 20.98
C SER A 111 22.21 -10.65 21.82
N VAL A 112 20.99 -10.16 21.55
CA VAL A 112 20.54 -8.99 22.27
C VAL A 112 20.30 -9.33 23.72
N ASP A 113 19.76 -10.51 23.98
CA ASP A 113 19.58 -10.89 25.37
C ASP A 113 20.92 -10.98 26.08
N ALA A 114 21.93 -11.57 25.45
CA ALA A 114 23.22 -11.66 26.15
C ALA A 114 23.83 -10.28 26.39
N SER A 115 23.70 -9.35 25.43
CA SER A 115 24.21 -7.99 25.61
C SER A 115 23.48 -7.27 26.72
N LEU A 116 22.15 -7.38 26.75
CA LEU A 116 21.38 -6.72 27.81
C LEU A 116 21.85 -7.20 29.19
N LYS A 117 22.14 -8.47 29.35
CA LYS A 117 22.51 -9.00 30.64
C LYS A 117 23.87 -8.47 31.06
N ARG A 118 24.83 -8.55 30.17
CA ARG A 118 26.16 -8.04 30.46
C ARG A 118 26.14 -6.55 30.77
N LEU A 119 25.34 -5.78 30.01
CA LEU A 119 25.29 -4.33 30.22
C LEU A 119 24.46 -3.95 31.45
N GLY A 120 23.71 -4.88 32.01
CA GLY A 120 22.87 -4.59 33.16
C GLY A 120 21.87 -3.49 32.93
N THR A 121 21.12 -3.58 31.83
CA THR A 121 20.13 -2.57 31.46
C THR A 121 18.97 -3.28 30.76
N ASP A 122 17.79 -2.67 30.83
CA ASP A 122 16.65 -3.30 30.17
C ASP A 122 16.50 -2.85 28.73
N HIS A 123 17.31 -1.91 28.24
CA HIS A 123 17.20 -1.51 26.83
C HIS A 123 18.53 -1.01 26.28
N ILE A 124 18.69 -1.19 24.98
CA ILE A 124 19.78 -0.60 24.20
C ILE A 124 19.21 0.54 23.36
N ASP A 125 19.87 1.69 23.39
CA ASP A 125 19.35 2.82 22.64
C ASP A 125 19.60 2.66 21.15
N LEU A 126 20.79 2.22 20.76
CA LEU A 126 21.14 2.09 19.35
C LEU A 126 21.74 0.70 19.14
N TYR A 127 20.97 -0.20 18.53
CA TYR A 127 21.44 -1.56 18.28
C TYR A 127 21.93 -1.61 16.84
N GLN A 128 23.21 -1.94 16.65
CA GLN A 128 23.84 -1.85 15.33
C GLN A 128 24.24 -3.22 14.79
N PHE A 129 23.97 -3.43 13.50
CA PHE A 129 24.57 -4.52 12.75
C PHE A 129 26.06 -4.25 12.60
N HIS A 130 26.90 -5.18 13.07
CA HIS A 130 28.34 -4.96 13.05
C HIS A 130 28.91 -4.96 11.63
N HIS A 131 28.20 -5.55 10.69
CA HIS A 131 28.66 -5.76 9.32
C HIS A 131 27.47 -6.19 8.49
N VAL A 132 27.50 -5.86 7.19
CA VAL A 132 26.45 -6.35 6.30
C VAL A 132 26.50 -7.88 6.30
N ASP A 133 25.32 -8.51 6.27
CA ASP A 133 25.20 -9.97 6.12
C ASP A 133 24.40 -10.20 4.84
N ARG A 134 25.10 -10.52 3.76
CA ARG A 134 24.43 -10.64 2.46
C ARG A 134 23.41 -11.77 2.43
N ASP A 135 23.49 -12.73 3.35
CA ASP A 135 22.61 -13.88 3.30
C ASP A 135 21.29 -13.69 4.02
N THR A 136 21.11 -12.62 4.78
CA THR A 136 19.87 -12.40 5.52
C THR A 136 19.04 -11.31 4.85
N PRO A 137 17.82 -11.59 4.40
CA PRO A 137 17.03 -10.56 3.71
C PRO A 137 16.43 -9.57 4.69
N TRP A 138 16.09 -8.39 4.16
CA TRP A 138 15.66 -7.30 5.04
C TRP A 138 14.29 -7.56 5.66
N ASP A 139 13.43 -8.36 5.05
CA ASP A 139 12.17 -8.61 5.76
C ASP A 139 12.37 -9.49 6.99
N GLU A 140 13.37 -10.37 6.98
CA GLU A 140 13.71 -11.12 8.20
C GLU A 140 14.32 -10.20 9.25
N ILE A 141 15.27 -9.37 8.82
CA ILE A 141 15.97 -8.51 9.77
C ILE A 141 14.99 -7.56 10.44
N TRP A 142 14.14 -6.89 9.64
CA TRP A 142 13.21 -5.94 10.24
C TRP A 142 12.15 -6.63 11.09
N GLN A 143 11.74 -7.85 10.72
CA GLN A 143 10.89 -8.62 11.63
C GLN A 143 11.52 -8.71 13.01
N ALA A 144 12.77 -9.17 13.06
CA ALA A 144 13.46 -9.36 14.34
C ALA A 144 13.66 -8.05 15.09
N MET A 145 14.05 -6.98 14.38
CA MET A 145 14.27 -5.70 15.08
C MET A 145 12.96 -5.13 15.58
N ASP A 146 11.89 -5.32 14.80
CA ASP A 146 10.59 -4.81 15.21
C ASP A 146 10.09 -5.52 16.46
N VAL A 147 10.35 -6.83 16.57
CA VAL A 147 10.06 -7.53 17.83
C VAL A 147 10.70 -6.82 19.01
N LEU A 148 11.99 -6.45 18.86
CA LEU A 148 12.73 -5.83 19.96
C LEU A 148 12.24 -4.41 20.24
N VAL A 149 11.89 -3.66 19.19
CA VAL A 149 11.33 -2.33 19.38
C VAL A 149 10.04 -2.41 20.18
N ARG A 150 9.15 -3.30 19.79
CA ARG A 150 7.86 -3.41 20.43
C ARG A 150 7.94 -3.92 21.84
N GLN A 151 8.91 -4.75 22.11
CA GLN A 151 9.19 -5.20 23.47
C GLN A 151 9.93 -4.16 24.31
N GLY A 152 10.35 -3.04 23.72
CA GLY A 152 11.07 -2.03 24.46
C GLY A 152 12.51 -2.37 24.75
N LYS A 153 13.08 -3.39 24.09
CA LYS A 153 14.46 -3.77 24.34
C LYS A 153 15.46 -2.91 23.56
N ILE A 154 15.03 -2.32 22.45
CA ILE A 154 15.84 -1.34 21.72
C ILE A 154 14.93 -0.20 21.29
N LEU A 155 15.55 0.95 21.04
CA LEU A 155 14.89 2.11 20.47
C LEU A 155 15.18 2.26 18.98
N TYR A 156 16.45 2.28 18.61
CA TYR A 156 16.89 2.61 17.26
C TYR A 156 17.77 1.51 16.71
N VAL A 157 17.81 1.42 15.36
CA VAL A 157 18.63 0.44 14.67
C VAL A 157 19.64 1.20 13.81
N GLY A 158 20.89 0.73 13.82
CA GLY A 158 21.93 1.31 13.00
C GLY A 158 22.71 0.23 12.27
N SER A 159 23.51 0.66 11.30
CA SER A 159 24.36 -0.22 10.52
C SER A 159 25.83 0.09 10.77
N SER A 160 26.68 -0.86 10.39
CA SER A 160 28.11 -0.65 10.44
C SER A 160 28.72 -1.50 9.34
N ASN A 161 29.72 -0.96 8.66
CA ASN A 161 30.36 -1.67 7.55
C ASN A 161 29.33 -2.17 6.55
N PHE A 162 28.49 -1.24 6.12
CA PHE A 162 27.55 -1.44 5.03
C PHE A 162 28.11 -0.81 3.76
N ALA A 163 27.68 -1.33 2.62
CA ALA A 163 27.81 -0.58 1.39
C ALA A 163 26.63 0.39 1.26
N GLY A 164 26.80 1.42 0.43
CA GLY A 164 25.76 2.42 0.30
C GLY A 164 24.43 1.85 -0.15
N TRP A 165 24.47 0.87 -1.06
CA TRP A 165 23.21 0.33 -1.55
C TRP A 165 22.52 -0.53 -0.48
N ASN A 166 23.28 -1.09 0.47
CA ASN A 166 22.65 -1.81 1.58
C ASN A 166 21.82 -0.86 2.42
N ILE A 167 22.33 0.36 2.62
CA ILE A 167 21.61 1.38 3.39
C ILE A 167 20.30 1.72 2.68
N ALA A 168 20.38 1.96 1.37
CA ALA A 168 19.15 2.26 0.60
C ALA A 168 18.17 1.11 0.67
N GLN A 169 18.63 -0.13 0.44
CA GLN A 169 17.70 -1.26 0.44
C GLN A 169 17.08 -1.43 1.83
N ALA A 170 17.89 -1.34 2.88
CA ALA A 170 17.37 -1.47 4.25
C ALA A 170 16.26 -0.47 4.52
N ASN A 171 16.54 0.82 4.27
CA ASN A 171 15.59 1.85 4.69
C ASN A 171 14.37 1.93 3.79
N GLU A 172 14.51 1.62 2.49
CA GLU A 172 13.33 1.50 1.64
C GLU A 172 12.43 0.35 2.10
N THR A 173 13.03 -0.78 2.46
CA THR A 173 12.24 -1.91 2.96
C THR A 173 11.52 -1.55 4.24
N ALA A 174 12.24 -0.94 5.19
CA ALA A 174 11.61 -0.49 6.43
C ALA A 174 10.48 0.48 6.15
N ALA A 175 10.71 1.45 5.25
CA ALA A 175 9.71 2.50 5.02
C ALA A 175 8.41 1.93 4.43
N ARG A 176 8.46 0.90 3.63
CA ARG A 176 7.25 0.37 3.03
C ARG A 176 6.23 -0.05 4.06
N HIS A 177 6.69 -0.48 5.21
CA HIS A 177 5.75 -0.98 6.22
C HIS A 177 5.78 -0.14 7.50
N GLY A 178 6.17 1.13 7.39
CA GLY A 178 6.06 2.03 8.51
C GLY A 178 7.09 1.84 9.60
N ARG A 179 8.20 1.18 9.31
CA ARG A 179 9.27 1.03 10.28
C ARG A 179 10.28 2.17 10.13
N LEU A 180 10.77 2.66 11.25
CA LEU A 180 11.93 3.55 11.22
C LEU A 180 13.13 2.76 10.72
N GLY A 181 13.79 3.25 9.68
CA GLY A 181 14.92 2.53 9.10
C GLY A 181 16.20 2.67 9.93
N LEU A 182 17.33 2.36 9.29
CA LEU A 182 18.60 2.68 9.92
C LEU A 182 18.66 4.16 10.26
N VAL A 183 19.17 4.48 11.46
CA VAL A 183 19.34 5.88 11.85
C VAL A 183 20.79 6.33 11.72
N SER A 184 21.74 5.42 11.48
CA SER A 184 23.14 5.81 11.44
C SER A 184 23.92 4.68 10.79
N GLU A 185 25.05 5.05 10.19
CA GLU A 185 26.03 4.10 9.65
C GLU A 185 27.38 4.40 10.29
N GLN A 186 28.04 3.35 10.77
CA GLN A 186 29.33 3.49 11.40
C GLN A 186 30.33 2.91 10.40
N CYS A 187 31.09 3.76 9.73
CA CYS A 187 31.98 3.24 8.69
C CYS A 187 33.42 3.67 8.99
N LEU A 188 34.36 2.94 8.40
CA LEU A 188 35.76 3.31 8.47
C LEU A 188 35.99 4.55 7.61
N TYR A 189 36.46 5.63 8.23
CA TYR A 189 36.64 6.87 7.50
C TYR A 189 37.64 7.70 8.27
N ASN A 190 38.74 8.05 7.62
CA ASN A 190 39.77 8.86 8.23
C ASN A 190 40.67 9.35 7.10
N LEU A 191 41.68 10.15 7.44
CA LEU A 191 42.57 10.72 6.43
C LEU A 191 43.18 9.63 5.54
N CYS A 192 43.58 8.49 6.12
CA CYS A 192 44.24 7.44 5.33
C CYS A 192 43.27 6.67 4.45
N GLU A 193 42.00 6.55 4.86
CA GLU A 193 41.03 5.73 4.14
C GLU A 193 39.77 6.55 3.88
N ARG A 194 39.60 7.03 2.65
CA ARG A 194 38.52 7.93 2.30
C ARG A 194 37.51 7.31 1.32
N ARG A 195 37.59 6.00 1.06
CA ARG A 195 36.72 5.47 0.02
C ARG A 195 35.25 5.32 0.46
N ALA A 196 34.92 5.56 1.74
CA ALA A 196 33.51 5.70 2.11
C ALA A 196 32.87 6.89 1.43
N GLU A 197 33.68 7.85 0.96
CA GLU A 197 33.15 8.98 0.20
C GLU A 197 32.52 8.58 -1.12
N MET A 198 32.86 7.41 -1.68
CA MET A 198 32.35 7.05 -3.00
C MET A 198 30.84 6.87 -2.99
N GLU A 199 30.34 6.05 -2.06
CA GLU A 199 28.92 5.67 -2.00
C GLU A 199 28.37 5.56 -0.59
N VAL A 200 29.16 5.15 0.41
CA VAL A 200 28.62 4.94 1.75
C VAL A 200 28.08 6.26 2.31
N VAL A 201 28.92 7.31 2.31
CA VAL A 201 28.47 8.58 2.88
C VAL A 201 27.41 9.19 1.98
N PRO A 202 27.54 9.19 0.64
CA PRO A 202 26.44 9.71 -0.18
C PRO A 202 25.09 9.03 0.08
N ALA A 203 25.04 7.70 0.12
CA ALA A 203 23.76 7.04 0.42
C ALA A 203 23.28 7.39 1.82
N ALA A 204 24.19 7.48 2.79
CA ALA A 204 23.78 7.80 4.14
C ALA A 204 23.18 9.20 4.20
N ARG A 205 23.78 10.15 3.47
CA ARG A 205 23.25 11.51 3.47
C ARG A 205 21.88 11.57 2.81
N GLU A 206 21.70 10.85 1.71
CA GLU A 206 20.41 10.89 1.02
C GLU A 206 19.31 10.32 1.90
N TYR A 207 19.60 9.24 2.62
CA TYR A 207 18.60 8.62 3.48
C TYR A 207 18.58 9.19 4.89
N GLY A 208 19.39 10.21 5.18
CA GLY A 208 19.25 10.86 6.46
C GLY A 208 19.78 10.04 7.62
N LEU A 209 20.81 9.24 7.39
CA LEU A 209 21.50 8.53 8.46
C LEU A 209 22.59 9.42 9.05
N GLY A 210 22.77 9.35 10.37
CA GLY A 210 24.02 9.83 10.94
C GLY A 210 25.19 9.02 10.41
N VAL A 211 26.38 9.61 10.47
CA VAL A 211 27.59 8.92 10.03
C VAL A 211 28.64 9.06 11.12
N ILE A 212 29.06 7.95 11.69
CA ILE A 212 30.07 7.96 12.76
C ILE A 212 31.27 7.13 12.32
N ALA A 213 32.45 7.74 12.40
CA ALA A 213 33.67 7.20 11.80
C ALA A 213 34.42 6.36 12.82
N TRP A 214 34.57 5.07 12.55
CA TRP A 214 35.39 4.27 13.44
C TRP A 214 36.85 4.26 12.97
N SER A 215 37.74 3.91 13.90
CA SER A 215 39.19 4.09 13.75
C SER A 215 39.52 5.44 13.10
N PRO A 216 39.05 6.54 13.67
CA PRO A 216 39.31 7.85 13.09
C PRO A 216 40.80 8.21 13.01
N LEU A 217 41.65 7.58 13.83
CA LEU A 217 43.09 7.76 13.71
C LEU A 217 43.75 6.60 12.98
N HIS A 218 42.95 5.78 12.29
CA HIS A 218 43.47 4.59 11.60
C HIS A 218 44.22 3.69 12.58
N GLY A 219 43.65 3.52 13.77
CA GLY A 219 44.25 2.65 14.77
C GLY A 219 45.44 3.24 15.49
N GLY A 220 45.54 4.57 15.52
CA GLY A 220 46.67 5.25 16.11
C GLY A 220 47.71 5.70 15.12
N LEU A 221 47.62 5.27 13.86
CA LEU A 221 48.59 5.65 12.86
C LEU A 221 48.65 7.16 12.66
N LEU A 222 47.53 7.85 12.86
CA LEU A 222 47.47 9.29 12.73
C LEU A 222 47.66 10.00 14.06
N GLY A 223 48.04 9.27 15.10
CA GLY A 223 48.22 9.86 16.41
C GLY A 223 49.64 10.28 16.75
N GLY A 224 50.54 10.35 15.78
CA GLY A 224 51.95 10.63 16.05
C GLY A 224 52.73 9.35 16.19
N ALA A 225 52.40 8.36 15.35
CA ALA A 225 52.99 7.03 15.48
C ALA A 225 54.45 7.01 15.07
N ILE A 226 54.85 7.84 14.11
CA ILE A 226 56.26 7.90 13.72
C ILE A 226 57.10 8.48 14.86
N ARG A 227 56.71 9.67 15.35
CA ARG A 227 57.43 10.27 16.46
C ARG A 227 57.54 9.32 17.65
N LYS A 228 56.55 8.47 17.84
CA LYS A 228 56.48 7.62 19.03
C LYS A 228 56.93 6.19 18.77
N GLU A 229 57.56 5.91 17.62
CA GLU A 229 57.66 4.53 17.14
C GLU A 229 58.45 3.63 18.08
N GLN A 230 59.41 4.23 18.78
CA GLN A 230 60.34 3.47 19.65
C GLN A 230 59.93 3.45 21.10
N GLU A 231 58.81 4.08 21.40
CA GLU A 231 58.32 4.11 22.75
C GLU A 231 57.71 2.79 23.14
N GLY A 232 57.79 2.46 24.41
CA GLY A 232 57.17 1.26 24.95
C GLY A 232 55.71 1.48 25.25
N GLY A 233 55.20 0.74 26.22
CA GLY A 233 53.80 0.80 26.61
C GLY A 233 52.94 -0.20 25.85
N ASN A 234 51.65 -0.19 26.16
CA ASN A 234 50.73 -1.08 25.46
C ASN A 234 49.88 -0.31 24.44
N ARG A 235 50.60 0.35 23.53
CA ARG A 235 50.00 1.29 22.60
C ARG A 235 49.49 0.60 21.34
N ARG A 236 48.26 0.93 20.96
CA ARG A 236 47.63 0.33 19.78
C ARG A 236 48.43 0.58 18.51
N ALA A 237 49.11 1.73 18.40
CA ALA A 237 49.87 2.02 17.18
C ALA A 237 51.07 1.11 16.99
N ALA A 238 51.49 0.40 18.03
CA ALA A 238 52.58 -0.57 17.90
C ALA A 238 52.14 -1.87 17.25
N SER A 239 50.86 -2.05 16.96
CA SER A 239 50.37 -3.32 16.43
C SER A 239 49.37 -3.07 15.30
N GLY A 240 48.93 -4.17 14.72
CA GLY A 240 47.89 -4.20 13.71
C GLY A 240 47.96 -3.18 12.59
N ARG A 241 46.85 -2.45 12.42
CA ARG A 241 46.69 -1.55 11.29
C ARG A 241 47.83 -0.52 11.20
N ALA A 242 48.17 0.12 12.32
CA ALA A 242 49.21 1.15 12.29
C ALA A 242 50.57 0.56 11.97
N ALA A 243 50.96 -0.51 12.69
CA ALA A 243 52.26 -1.13 12.46
C ALA A 243 52.38 -1.65 11.03
N ASP A 244 51.27 -2.18 10.49
CA ASP A 244 51.29 -2.64 9.10
C ASP A 244 51.60 -1.49 8.16
N ALA A 245 50.91 -0.36 8.33
CA ALA A 245 51.11 0.76 7.43
C ALA A 245 52.55 1.28 7.52
N LEU A 246 53.14 1.28 8.71
CA LEU A 246 54.47 1.85 8.87
C LEU A 246 55.55 0.98 8.23
N LYS A 247 55.29 -0.32 8.06
CA LYS A 247 56.25 -1.16 7.35
C LYS A 247 56.29 -0.82 5.86
N ASP A 248 55.20 -0.28 5.32
CA ASP A 248 55.09 -0.01 3.90
C ASP A 248 55.67 1.37 3.56
N PRO A 249 56.64 1.46 2.64
CA PRO A 249 57.30 2.75 2.41
C PRO A 249 56.39 3.89 1.96
N GLN A 250 55.46 3.66 1.02
CA GLN A 250 54.68 4.78 0.53
C GLN A 250 53.73 5.32 1.60
N GLN A 251 53.15 4.43 2.42
CA GLN A 251 52.28 4.90 3.50
C GLN A 251 53.08 5.54 4.61
N ARG A 252 54.27 5.02 4.89
CA ARG A 252 55.11 5.65 5.89
C ARG A 252 55.45 7.06 5.44
N GLU A 253 55.77 7.21 4.16
CA GLU A 253 56.04 8.55 3.63
C GLU A 253 54.86 9.48 3.86
N GLN A 254 53.63 8.96 3.70
CA GLN A 254 52.45 9.78 3.91
C GLN A 254 52.38 10.30 5.33
N ILE A 255 52.48 9.39 6.31
CA ILE A 255 52.44 9.79 7.70
C ILE A 255 53.61 10.71 8.04
N GLN A 256 54.77 10.51 7.40
CA GLN A 256 55.92 11.37 7.64
C GLN A 256 55.63 12.80 7.18
N ARG A 257 55.11 12.95 5.95
CA ARG A 257 54.71 14.28 5.50
C ARG A 257 53.60 14.86 6.36
N TYR A 258 52.73 14.01 6.92
CA TYR A 258 51.65 14.46 7.79
C TYR A 258 52.21 15.00 9.10
N GLU A 259 53.08 14.24 9.76
CA GLU A 259 53.66 14.72 11.01
C GLU A 259 54.59 15.92 10.78
N ASP A 260 55.22 16.01 9.60
CA ASP A 260 56.04 17.19 9.29
C ASP A 260 55.15 18.40 9.07
N LEU A 261 54.05 18.22 8.32
CA LEU A 261 53.10 19.30 8.09
C LEU A 261 52.65 19.91 9.40
N LEU A 262 52.31 19.07 10.36
CA LEU A 262 51.78 19.53 11.65
C LEU A 262 52.86 20.04 12.59
N ASP A 263 54.12 19.63 12.38
CA ASP A 263 55.22 20.25 13.12
C ASP A 263 55.35 21.72 12.76
N LYS A 264 55.14 22.04 11.50
CA LYS A 264 55.21 23.41 11.01
C LYS A 264 54.14 24.28 11.59
N HIS A 265 52.92 23.78 11.60
CA HIS A 265 51.80 24.52 12.15
C HIS A 265 51.67 24.40 13.65
N GLY A 266 52.50 23.60 14.32
CA GLY A 266 52.40 23.46 15.77
C GLY A 266 51.11 22.81 16.25
N LEU A 267 50.61 21.82 15.53
CA LEU A 267 49.36 21.15 15.89
C LEU A 267 49.63 19.67 16.18
N GLU A 268 48.73 19.06 16.97
CA GLU A 268 48.89 17.68 17.40
C GLU A 268 48.24 16.73 16.40
N PRO A 269 48.95 15.68 15.98
CA PRO A 269 48.40 14.79 14.93
C PRO A 269 47.07 14.14 15.29
N GLY A 270 46.93 13.58 16.49
CA GLY A 270 45.67 12.96 16.85
C GLY A 270 44.52 13.95 16.80
N GLU A 271 44.73 15.16 17.32
CA GLU A 271 43.67 16.17 17.34
C GLU A 271 43.29 16.62 15.94
N VAL A 272 44.28 16.80 15.06
CA VAL A 272 43.96 17.24 13.71
C VAL A 272 43.14 16.19 12.96
N ALA A 273 43.49 14.92 13.13
CA ALA A 273 42.77 13.86 12.42
C ALA A 273 41.30 13.82 12.84
N LEU A 274 41.04 13.98 14.14
CA LEU A 274 39.66 14.10 14.60
C LEU A 274 39.01 15.35 14.07
N ALA A 275 39.69 16.50 14.20
CA ALA A 275 39.09 17.75 13.75
C ALA A 275 38.80 17.70 12.25
N TRP A 276 39.63 16.98 11.49
CA TRP A 276 39.40 16.88 10.05
C TRP A 276 38.12 16.13 9.74
N LEU A 277 37.81 15.09 10.50
CA LEU A 277 36.57 14.37 10.25
C LEU A 277 35.38 15.24 10.56
N LEU A 278 35.49 16.10 11.58
CA LEU A 278 34.40 17.00 11.94
C LEU A 278 34.07 18.00 10.84
N THR A 279 34.95 18.18 9.86
CA THR A 279 34.68 19.09 8.76
C THR A 279 33.99 18.42 7.57
N ARG A 280 33.89 17.10 7.56
CA ARG A 280 33.45 16.41 6.35
C ARG A 280 31.92 16.41 6.29
N PRO A 281 31.33 16.82 5.17
CA PRO A 281 29.86 16.94 5.13
C PRO A 281 29.19 15.59 5.36
N GLY A 282 28.18 15.57 6.22
CA GLY A 282 27.46 14.36 6.53
C GLY A 282 27.98 13.63 7.74
N VAL A 283 29.17 13.94 8.22
CA VAL A 283 29.78 13.19 9.31
C VAL A 283 29.24 13.74 10.63
N THR A 284 28.56 12.87 11.39
CA THR A 284 28.12 13.21 12.74
C THR A 284 29.32 13.48 13.64
N GLY A 285 30.27 12.55 13.64
CA GLY A 285 31.48 12.73 14.38
C GLY A 285 32.36 11.50 14.33
N PRO A 286 33.60 11.63 14.80
CA PRO A 286 34.45 10.46 14.97
C PRO A 286 34.06 9.69 16.23
N ILE A 287 34.30 8.39 16.20
CA ILE A 287 34.22 7.58 17.40
C ILE A 287 35.63 7.53 17.97
N VAL A 288 35.87 8.32 19.03
CA VAL A 288 37.22 8.44 19.57
C VAL A 288 37.58 7.18 20.33
N GLY A 289 38.86 6.82 20.28
CA GLY A 289 39.31 5.61 20.96
C GLY A 289 40.40 5.88 21.97
N PRO A 290 40.10 6.66 23.01
CA PRO A 290 41.13 6.95 24.01
C PRO A 290 41.56 5.69 24.73
N ARG A 291 42.87 5.57 24.95
CA ARG A 291 43.39 4.55 25.85
C ARG A 291 43.51 5.10 27.28
N THR A 292 43.65 6.42 27.42
CA THR A 292 43.86 7.09 28.70
C THR A 292 42.88 8.26 28.83
N ALA A 293 42.81 8.83 30.03
CA ALA A 293 42.00 10.02 30.23
C ALA A 293 42.60 11.24 29.53
N ASP A 294 43.93 11.35 29.54
CA ASP A 294 44.57 12.44 28.81
C ASP A 294 44.26 12.38 27.32
N GLN A 295 44.13 11.18 26.76
CA GLN A 295 43.75 11.09 25.36
C GLN A 295 42.29 11.51 25.15
N LEU A 296 41.42 11.32 26.14
CA LEU A 296 40.06 11.83 26.02
C LEU A 296 40.06 13.35 26.01
N ALA A 297 40.74 13.98 26.99
CA ALA A 297 40.86 15.43 27.01
C ALA A 297 41.46 15.95 25.71
N SER A 298 42.39 15.20 25.14
CA SER A 298 42.94 15.62 23.84
C SER A 298 41.86 15.63 22.77
N ALA A 299 41.01 14.60 22.74
CA ALA A 299 39.88 14.57 21.80
C ALA A 299 38.93 15.74 22.03
N VAL A 300 38.73 16.11 23.29
CA VAL A 300 37.84 17.23 23.60
C VAL A 300 38.41 18.54 23.06
N ARG A 301 39.73 18.71 23.17
CA ARG A 301 40.37 19.87 22.55
C ARG A 301 40.28 19.80 21.03
N ALA A 302 40.38 18.59 20.47
CA ALA A 302 40.24 18.45 19.02
C ALA A 302 38.89 18.94 18.54
N ALA A 303 37.84 18.72 19.33
CA ALA A 303 36.51 19.19 18.93
C ALA A 303 36.38 20.70 18.97
N GLU A 304 37.22 21.40 19.72
CA GLU A 304 37.25 22.86 19.78
C GLU A 304 38.18 23.47 18.74
N LEU A 305 38.89 22.66 17.98
CA LEU A 305 39.90 23.14 17.05
C LEU A 305 39.26 23.63 15.75
N THR A 306 39.77 24.75 15.23
CA THR A 306 39.42 25.21 13.88
C THR A 306 40.64 25.03 12.99
N LEU A 307 40.51 24.18 11.97
CA LEU A 307 41.57 24.01 10.99
C LEU A 307 41.46 25.10 9.93
N THR A 308 42.60 25.67 9.56
CA THR A 308 42.60 26.70 8.53
C THR A 308 42.47 26.09 7.15
N ASP A 309 41.99 26.90 6.21
CA ASP A 309 41.93 26.45 4.82
C ASP A 309 43.28 26.00 4.29
N GLU A 310 44.37 26.61 4.78
CA GLU A 310 45.70 26.18 4.36
C GLU A 310 45.98 24.74 4.80
N VAL A 311 45.75 24.46 6.08
CA VAL A 311 45.96 23.11 6.61
C VAL A 311 45.03 22.11 5.92
N LEU A 312 43.77 22.50 5.69
CA LEU A 312 42.83 21.61 5.03
C LEU A 312 43.27 21.29 3.61
N THR A 313 43.76 22.29 2.88
CA THR A 313 44.22 22.06 1.51
C THR A 313 45.46 21.17 1.48
N ALA A 314 46.36 21.36 2.45
CA ALA A 314 47.58 20.57 2.51
C ALA A 314 47.28 19.11 2.86
N LEU A 315 46.37 18.89 3.82
CA LEU A 315 45.98 17.52 4.14
C LEU A 315 45.41 16.84 2.93
N ASP A 316 44.59 17.56 2.17
CA ASP A 316 44.00 17.01 0.96
C ASP A 316 45.04 16.56 -0.05
N GLU A 317 46.19 17.25 -0.13
CA GLU A 317 47.19 16.84 -1.11
C GLU A 317 47.97 15.62 -0.60
N ILE A 318 48.20 15.54 0.71
CA ILE A 318 48.83 14.33 1.26
C ILE A 318 47.87 13.14 1.19
N PHE A 319 46.59 13.36 1.52
CA PHE A 319 45.59 12.29 1.63
C PHE A 319 44.42 12.56 0.68
N PRO A 320 44.63 12.45 -0.63
CA PRO A 320 43.51 12.72 -1.54
C PRO A 320 42.41 11.69 -1.33
N GLY A 321 41.18 12.10 -1.64
CA GLY A 321 40.04 11.22 -1.56
C GLY A 321 39.39 11.09 -2.93
N PRO A 322 38.51 10.10 -3.09
CA PRO A 322 37.95 9.83 -4.42
C PRO A 322 36.73 10.67 -4.77
N GLY A 323 36.07 11.28 -3.79
CA GLY A 323 34.77 11.87 -4.01
C GLY A 323 33.75 10.79 -4.36
N PRO A 324 32.54 11.21 -4.73
CA PRO A 324 31.47 10.25 -4.99
C PRO A 324 31.61 9.54 -6.32
N SER A 325 31.01 8.33 -6.38
CA SER A 325 30.68 7.64 -7.61
C SER A 325 29.40 8.25 -8.20
N PRO A 326 29.23 8.21 -9.52
CA PRO A 326 30.13 7.61 -10.51
C PRO A 326 31.36 8.48 -10.87
N GLU A 327 31.38 9.75 -10.47
CA GLU A 327 32.48 10.63 -10.91
C GLU A 327 33.84 10.12 -10.49
N ALA A 328 33.91 9.34 -9.40
CA ALA A 328 35.19 8.90 -8.87
C ALA A 328 35.93 7.99 -9.85
N PHE A 329 35.21 7.22 -10.67
CA PHE A 329 35.88 6.34 -11.63
C PHE A 329 35.39 6.49 -13.06
N ALA A 330 34.30 7.20 -13.30
CA ALA A 330 33.75 7.34 -14.65
C ALA A 330 33.80 8.81 -15.05
N TRP A 331 32.65 9.48 -15.07
CA TRP A 331 32.59 10.94 -15.31
C TRP A 331 31.34 11.52 -14.65
N MET B 1 -28.60 -23.52 -25.46
CA MET B 1 -27.19 -23.40 -25.07
C MET B 1 -27.06 -22.88 -23.64
N GLU B 2 -26.19 -23.53 -22.86
CA GLU B 2 -25.94 -23.15 -21.47
C GLU B 2 -24.86 -22.07 -21.41
N TYR B 3 -25.11 -21.02 -20.64
CA TYR B 3 -24.14 -19.95 -20.44
C TYR B 3 -23.67 -19.95 -18.98
N THR B 4 -22.48 -19.42 -18.76
CA THR B 4 -21.93 -19.32 -17.41
C THR B 4 -21.00 -18.11 -17.36
N GLN B 5 -20.73 -17.63 -16.15
CA GLN B 5 -19.74 -16.57 -16.02
C GLN B 5 -18.37 -17.17 -16.24
N LEU B 6 -17.48 -16.43 -16.88
CA LEU B 6 -16.09 -16.86 -16.99
C LEU B 6 -15.43 -16.65 -15.61
N GLY B 7 -15.33 -17.72 -14.83
CA GLY B 7 -14.83 -17.59 -13.47
C GLY B 7 -15.56 -16.50 -12.71
N ARG B 8 -14.78 -15.60 -12.10
CA ARG B 8 -15.31 -14.56 -11.22
C ARG B 8 -15.72 -13.29 -11.96
N ILE B 9 -15.46 -13.16 -13.26
CA ILE B 9 -15.66 -11.86 -13.88
C ILE B 9 -17.07 -11.75 -14.46
N GLY B 10 -17.44 -10.55 -14.90
CA GLY B 10 -18.81 -10.33 -15.34
C GLY B 10 -19.11 -10.81 -16.74
N LEU B 11 -18.09 -11.26 -17.47
CA LEU B 11 -18.26 -11.79 -18.82
C LEU B 11 -19.01 -13.12 -18.77
N LYS B 12 -20.04 -13.25 -19.60
CA LYS B 12 -20.86 -14.45 -19.71
C LYS B 12 -20.52 -15.14 -21.03
N VAL B 13 -20.23 -16.45 -20.98
CA VAL B 13 -19.79 -17.18 -22.16
C VAL B 13 -20.61 -18.46 -22.29
N SER B 14 -20.73 -18.93 -23.53
CA SER B 14 -21.26 -20.26 -23.77
C SER B 14 -20.33 -21.30 -23.14
N ARG B 15 -20.92 -22.40 -22.64
CA ARG B 15 -20.12 -23.46 -22.05
C ARG B 15 -19.43 -24.33 -23.10
N LEU B 16 -19.75 -24.14 -24.37
CA LEU B 16 -18.92 -24.63 -25.46
C LEU B 16 -18.12 -23.47 -26.02
N VAL B 17 -16.79 -23.62 -26.10
CA VAL B 17 -15.94 -22.61 -26.71
C VAL B 17 -15.55 -23.12 -28.09
N LEU B 18 -15.64 -22.27 -29.09
CA LEU B 18 -15.31 -22.69 -30.45
C LEU B 18 -13.81 -22.57 -30.68
N GLY B 19 -13.14 -23.70 -30.85
CA GLY B 19 -11.72 -23.70 -31.18
C GLY B 19 -11.54 -23.66 -32.70
N THR B 20 -10.53 -22.92 -33.13
CA THR B 20 -10.34 -22.64 -34.55
C THR B 20 -9.05 -23.22 -35.10
N MET B 21 -8.30 -23.97 -34.30
CA MET B 21 -6.99 -24.45 -34.73
C MET B 21 -7.07 -25.23 -36.03
N ASN B 22 -8.18 -25.93 -36.28
CA ASN B 22 -8.33 -26.68 -37.53
C ASN B 22 -8.48 -25.78 -38.75
N PHE B 23 -8.86 -24.51 -38.56
CA PHE B 23 -9.28 -23.64 -39.65
C PHE B 23 -8.03 -23.19 -40.42
N GLY B 24 -7.82 -23.77 -41.60
CA GLY B 24 -6.63 -23.49 -42.36
C GLY B 24 -5.90 -24.76 -42.72
N PRO B 25 -5.24 -25.39 -41.73
CA PRO B 25 -4.43 -26.58 -42.03
C PRO B 25 -5.23 -27.84 -42.24
N THR B 26 -6.44 -27.92 -41.73
CA THR B 26 -7.25 -29.12 -41.75
C THR B 26 -8.64 -28.88 -42.35
N THR B 27 -9.27 -27.76 -42.02
CA THR B 27 -10.56 -27.36 -42.55
C THR B 27 -10.33 -26.15 -43.46
N ASP B 28 -10.91 -26.19 -44.67
CA ASP B 28 -10.68 -25.07 -45.58
C ASP B 28 -11.51 -23.85 -45.15
N GLU B 29 -11.21 -22.72 -45.78
CA GLU B 29 -11.88 -21.48 -45.42
C GLU B 29 -13.37 -21.54 -45.51
N ALA B 30 -13.87 -22.10 -46.60
CA ALA B 30 -15.30 -22.14 -46.82
C ALA B 30 -16.01 -22.85 -45.67
N GLU B 31 -15.52 -24.03 -45.29
CA GLU B 31 -16.20 -24.74 -44.23
C GLU B 31 -15.89 -24.14 -42.86
N SER B 32 -14.70 -23.55 -42.70
CA SER B 32 -14.42 -22.79 -41.48
C SER B 32 -15.50 -21.75 -41.25
N HIS B 33 -15.81 -20.95 -42.27
CA HIS B 33 -16.86 -19.95 -42.14
C HIS B 33 -18.21 -20.60 -41.85
N ALA B 34 -18.48 -21.76 -42.47
CA ALA B 34 -19.72 -22.49 -42.20
C ALA B 34 -19.83 -22.88 -40.72
N ILE B 35 -18.75 -23.44 -40.16
CA ILE B 35 -18.75 -23.83 -38.76
C ILE B 35 -18.99 -22.62 -37.87
N MET B 36 -18.35 -21.48 -38.19
CA MET B 36 -18.51 -20.29 -37.35
C MET B 36 -19.93 -19.75 -37.41
N ASP B 37 -20.52 -19.70 -38.61
CA ASP B 37 -21.93 -19.35 -38.74
C ASP B 37 -22.81 -20.26 -37.89
N ALA B 38 -22.58 -21.57 -38.00
CA ALA B 38 -23.44 -22.50 -37.25
C ALA B 38 -23.19 -22.38 -35.75
N ALA B 39 -21.94 -22.11 -35.36
CA ALA B 39 -21.62 -21.88 -33.95
C ALA B 39 -22.43 -20.72 -33.40
N LEU B 40 -22.38 -19.58 -34.09
CA LEU B 40 -23.16 -18.43 -33.66
C LEU B 40 -24.65 -18.76 -33.63
N ASP B 41 -25.13 -19.52 -34.62
CA ASP B 41 -26.56 -19.85 -34.67
C ASP B 41 -26.98 -20.67 -33.46
N ALA B 42 -26.11 -21.57 -33.00
CA ALA B 42 -26.36 -22.37 -31.80
C ALA B 42 -26.14 -21.59 -30.50
N GLY B 43 -25.73 -20.33 -30.59
CA GLY B 43 -25.53 -19.53 -29.40
C GLY B 43 -24.13 -19.55 -28.80
N ILE B 44 -23.16 -20.15 -29.50
CA ILE B 44 -21.77 -20.07 -29.05
C ILE B 44 -21.25 -18.66 -29.32
N ASN B 45 -20.78 -17.98 -28.26
CA ASN B 45 -20.37 -16.59 -28.36
C ASN B 45 -18.91 -16.39 -28.03
N PHE B 46 -18.10 -17.46 -28.03
CA PHE B 46 -16.77 -17.45 -27.45
C PHE B 46 -15.88 -18.25 -28.38
N PHE B 47 -14.98 -17.59 -29.11
CA PHE B 47 -14.12 -18.23 -30.09
C PHE B 47 -12.68 -18.12 -29.63
N ASP B 48 -11.94 -19.23 -29.72
CA ASP B 48 -10.52 -19.26 -29.38
C ASP B 48 -9.66 -19.44 -30.62
N THR B 49 -8.65 -18.58 -30.78
CA THR B 49 -7.67 -18.71 -31.85
C THR B 49 -6.29 -18.37 -31.29
N ALA B 50 -5.30 -18.28 -32.17
CA ALA B 50 -3.92 -17.94 -31.82
C ALA B 50 -3.24 -17.38 -33.07
N ASN B 51 -2.24 -16.53 -32.85
CA ASN B 51 -1.49 -15.98 -33.97
C ASN B 51 -0.81 -17.10 -34.78
N VAL B 52 -0.32 -18.14 -34.12
CA VAL B 52 0.41 -19.19 -34.84
C VAL B 52 -0.48 -20.15 -35.61
N TYR B 53 -1.78 -20.16 -35.35
CA TYR B 53 -2.64 -21.14 -36.01
C TYR B 53 -2.64 -20.92 -37.52
N GLY B 54 -2.60 -22.02 -38.26
CA GLY B 54 -2.17 -22.02 -39.65
C GLY B 54 -0.92 -22.85 -39.85
N TRP B 55 0.08 -22.67 -38.99
CA TRP B 55 1.30 -23.49 -38.92
C TRP B 55 2.29 -23.22 -40.05
N GLY B 56 3.58 -23.43 -39.76
CA GLY B 56 4.59 -23.36 -40.81
C GLY B 56 4.57 -22.03 -41.53
N GLU B 57 4.68 -22.08 -42.86
CA GLU B 57 4.64 -20.87 -43.67
C GLU B 57 3.27 -20.19 -43.62
N ASN B 58 2.24 -20.85 -43.09
CA ASN B 58 0.89 -20.28 -43.04
C ASN B 58 0.48 -19.80 -41.66
N LYS B 59 1.42 -19.55 -40.75
CA LYS B 59 1.05 -19.00 -39.44
C LYS B 59 0.33 -17.67 -39.63
N GLY B 60 -0.76 -17.48 -38.89
CA GLY B 60 -1.61 -16.32 -39.04
C GLY B 60 -2.81 -16.53 -39.93
N ARG B 61 -2.85 -17.63 -40.65
CA ARG B 61 -3.95 -17.90 -41.56
C ARG B 61 -5.29 -18.02 -40.85
N THR B 62 -5.30 -18.67 -39.70
CA THR B 62 -6.55 -18.83 -38.96
C THR B 62 -7.11 -17.48 -38.56
N GLU B 63 -6.26 -16.59 -38.02
CA GLU B 63 -6.70 -15.25 -37.66
C GLU B 63 -7.26 -14.52 -38.89
N GLU B 64 -6.61 -14.71 -40.05
CA GLU B 64 -7.08 -14.10 -41.28
C GLU B 64 -8.43 -14.67 -41.69
N ILE B 65 -8.63 -15.97 -41.48
CA ILE B 65 -9.93 -16.58 -41.76
C ILE B 65 -11.01 -15.99 -40.85
N LEU B 66 -10.68 -15.77 -39.57
CA LEU B 66 -11.63 -15.08 -38.69
C LEU B 66 -11.84 -13.64 -39.15
N GLY B 67 -10.76 -12.96 -39.54
CA GLY B 67 -10.88 -11.61 -40.06
C GLY B 67 -11.88 -11.49 -41.20
N SER B 68 -11.81 -12.39 -42.18
CA SER B 68 -12.73 -12.27 -43.29
C SER B 68 -14.14 -12.67 -42.88
N TRP B 69 -14.28 -13.52 -41.86
CA TRP B 69 -15.61 -13.84 -41.35
C TRP B 69 -16.25 -12.60 -40.70
N PHE B 70 -15.52 -11.91 -39.80
CA PHE B 70 -16.03 -10.66 -39.24
C PHE B 70 -16.30 -9.64 -40.34
N ALA B 71 -15.45 -9.62 -41.39
CA ALA B 71 -15.65 -8.66 -42.47
C ALA B 71 -17.02 -8.80 -43.13
N GLN B 72 -17.65 -9.96 -43.04
CA GLN B 72 -18.98 -10.11 -43.61
C GLN B 72 -20.03 -9.28 -42.89
N GLY B 73 -19.69 -8.65 -41.78
CA GLY B 73 -20.65 -7.83 -41.06
C GLY B 73 -21.62 -8.66 -40.23
N GLY B 74 -22.89 -8.26 -40.24
CA GLY B 74 -23.91 -9.04 -39.54
C GLY B 74 -23.82 -9.03 -38.03
N ASP B 75 -23.16 -8.02 -37.44
CA ASP B 75 -22.99 -7.90 -35.99
C ASP B 75 -22.15 -9.04 -35.41
N ARG B 76 -21.35 -9.69 -36.27
CA ARG B 76 -20.57 -10.84 -35.85
C ARG B 76 -19.56 -10.46 -34.77
N ARG B 77 -18.73 -9.44 -35.04
CA ARG B 77 -17.72 -9.04 -34.07
C ARG B 77 -18.35 -8.62 -32.76
N ASP B 78 -19.43 -7.83 -32.82
CA ASP B 78 -20.12 -7.40 -31.62
C ASP B 78 -20.65 -8.58 -30.81
N LYS B 79 -20.99 -9.69 -31.46
CA LYS B 79 -21.63 -10.79 -30.74
C LYS B 79 -20.65 -11.83 -30.21
N VAL B 80 -19.39 -11.80 -30.64
CA VAL B 80 -18.42 -12.83 -30.30
C VAL B 80 -17.40 -12.28 -29.32
N VAL B 81 -17.13 -13.06 -28.27
CA VAL B 81 -15.97 -12.86 -27.41
C VAL B 81 -14.77 -13.48 -28.13
N LEU B 82 -13.87 -12.64 -28.60
CA LEU B 82 -12.77 -13.05 -29.46
C LEU B 82 -11.51 -13.20 -28.61
N ALA B 83 -10.95 -14.41 -28.61
CA ALA B 83 -9.77 -14.72 -27.82
C ALA B 83 -8.65 -15.15 -28.76
N THR B 84 -7.46 -14.57 -28.57
CA THR B 84 -6.27 -15.07 -29.28
C THR B 84 -5.11 -15.14 -28.29
N LYS B 85 -3.90 -15.37 -28.80
CA LYS B 85 -2.77 -15.75 -27.95
C LYS B 85 -1.50 -15.09 -28.44
N VAL B 86 -0.60 -14.87 -27.49
CA VAL B 86 0.76 -14.37 -27.73
C VAL B 86 1.72 -15.30 -26.99
N TYR B 87 2.87 -15.56 -27.62
CA TYR B 87 4.00 -16.37 -27.12
C TYR B 87 4.76 -16.97 -28.29
N GLY B 88 4.05 -17.57 -29.24
CA GLY B 88 4.69 -18.38 -30.25
C GLY B 88 5.47 -17.56 -31.26
N ASN B 89 6.45 -18.22 -31.86
CA ASN B 89 7.29 -17.64 -32.92
C ASN B 89 6.47 -17.54 -34.20
N MET B 90 6.31 -16.32 -34.72
CA MET B 90 5.60 -16.10 -35.96
C MET B 90 6.50 -16.11 -37.19
N GLY B 91 7.81 -16.16 -37.00
CA GLY B 91 8.75 -16.26 -38.10
C GLY B 91 8.83 -17.68 -38.64
N LEU B 92 9.96 -18.01 -39.24
CA LEU B 92 10.16 -19.36 -39.75
C LEU B 92 10.26 -20.36 -38.59
N ASP B 93 9.69 -21.55 -38.79
CA ASP B 93 9.82 -22.61 -37.79
C ASP B 93 11.28 -22.95 -37.56
N GLY B 94 11.60 -23.27 -36.31
CA GLY B 94 12.96 -23.39 -35.86
C GLY B 94 13.24 -22.45 -34.71
N PRO B 95 14.51 -22.27 -34.35
CA PRO B 95 14.85 -21.31 -33.29
C PRO B 95 14.42 -19.90 -33.71
N ALA B 96 13.66 -19.24 -32.84
CA ALA B 96 13.17 -17.91 -33.16
C ALA B 96 14.26 -16.87 -32.96
N TRP B 97 14.18 -15.79 -33.73
CA TRP B 97 14.98 -14.61 -33.44
C TRP B 97 14.69 -14.16 -32.02
N PRO B 98 15.70 -13.73 -31.25
CA PRO B 98 15.45 -13.26 -29.89
C PRO B 98 14.34 -12.23 -29.83
N ASN B 99 13.40 -12.45 -28.90
CA ASN B 99 12.26 -11.60 -28.61
C ASN B 99 11.20 -11.63 -29.70
N HIS B 100 11.29 -12.57 -30.63
CA HIS B 100 10.19 -12.87 -31.54
C HIS B 100 9.40 -14.09 -31.09
N ASP B 101 9.68 -14.60 -29.89
CA ASP B 101 8.77 -15.47 -29.17
C ASP B 101 8.85 -15.09 -27.70
N LYS B 102 8.02 -15.77 -26.87
CA LYS B 102 7.93 -15.56 -25.43
C LYS B 102 7.17 -14.27 -25.10
N LEU B 103 7.32 -13.78 -23.86
CA LEU B 103 6.37 -12.82 -23.31
C LEU B 103 7.03 -11.51 -22.89
N SER B 104 8.17 -11.15 -23.48
CA SER B 104 8.72 -9.82 -23.24
C SER B 104 7.69 -8.76 -23.63
N ALA B 105 7.74 -7.61 -22.95
CA ALA B 105 6.94 -6.48 -23.37
C ALA B 105 7.18 -6.16 -24.84
N LEU B 106 8.41 -6.39 -25.33
CA LEU B 106 8.72 -6.20 -26.75
C LEU B 106 7.91 -7.16 -27.62
N ASN B 107 7.92 -8.45 -27.30
CA ASN B 107 7.16 -9.37 -28.15
C ASN B 107 5.66 -9.20 -27.99
N ILE B 108 5.19 -8.76 -26.82
CA ILE B 108 3.77 -8.49 -26.64
C ILE B 108 3.33 -7.32 -27.52
N ARG B 109 4.13 -6.25 -27.53
CA ARG B 109 3.82 -5.10 -28.38
C ARG B 109 3.65 -5.50 -29.84
N ARG B 110 4.63 -6.22 -30.39
CA ARG B 110 4.58 -6.51 -31.83
C ARG B 110 3.53 -7.57 -32.16
N SER B 111 3.30 -8.55 -31.27
CA SER B 111 2.38 -9.63 -31.57
C SER B 111 0.92 -9.15 -31.60
N VAL B 112 0.55 -8.29 -30.66
CA VAL B 112 -0.86 -7.86 -30.61
C VAL B 112 -1.21 -7.03 -31.83
N ASP B 113 -0.29 -6.18 -32.30
CA ASP B 113 -0.63 -5.35 -33.46
C ASP B 113 -0.80 -6.21 -34.70
N ALA B 114 0.04 -7.25 -34.86
CA ALA B 114 -0.09 -8.14 -36.01
C ALA B 114 -1.34 -9.01 -35.91
N SER B 115 -1.73 -9.40 -34.71
CA SER B 115 -2.99 -10.14 -34.55
C SER B 115 -4.19 -9.26 -34.89
N LEU B 116 -4.18 -8.00 -34.42
CA LEU B 116 -5.32 -7.13 -34.68
C LEU B 116 -5.45 -6.83 -36.17
N LYS B 117 -4.30 -6.69 -36.86
CA LYS B 117 -4.32 -6.50 -38.31
C LYS B 117 -4.94 -7.71 -39.03
N ARG B 118 -4.50 -8.92 -38.68
CA ARG B 118 -5.05 -10.11 -39.33
C ARG B 118 -6.53 -10.30 -39.01
N LEU B 119 -6.92 -10.05 -37.76
CA LEU B 119 -8.31 -10.23 -37.39
C LEU B 119 -9.20 -9.14 -37.94
N GLY B 120 -8.64 -8.03 -38.42
CA GLY B 120 -9.45 -6.93 -38.92
C GLY B 120 -10.35 -6.34 -37.87
N THR B 121 -9.82 -6.13 -36.66
CA THR B 121 -10.59 -5.62 -35.53
C THR B 121 -9.70 -4.67 -34.73
N ASP B 122 -10.31 -3.73 -34.01
CA ASP B 122 -9.51 -2.81 -33.22
C ASP B 122 -9.30 -3.27 -31.78
N HIS B 123 -9.92 -4.38 -31.36
CA HIS B 123 -9.69 -4.87 -30.02
C HIS B 123 -9.87 -6.37 -29.96
N ILE B 124 -9.11 -6.98 -29.06
CA ILE B 124 -9.23 -8.38 -28.67
C ILE B 124 -9.92 -8.44 -27.31
N ASP B 125 -10.92 -9.30 -27.18
CA ASP B 125 -11.64 -9.37 -25.90
C ASP B 125 -10.80 -10.09 -24.85
N LEU B 126 -10.24 -11.24 -25.18
CA LEU B 126 -9.45 -12.05 -24.26
C LEU B 126 -8.11 -12.36 -24.91
N TYR B 127 -7.05 -11.73 -24.43
CA TYR B 127 -5.72 -11.91 -24.96
C TYR B 127 -4.94 -12.82 -24.02
N GLN B 128 -4.56 -14.00 -24.50
CA GLN B 128 -4.05 -15.05 -23.63
C GLN B 128 -2.56 -15.30 -23.86
N PHE B 129 -1.85 -15.56 -22.76
CA PHE B 129 -0.49 -16.08 -22.88
C PHE B 129 -0.56 -17.54 -23.31
N HIS B 130 0.13 -17.88 -24.42
CA HIS B 130 0.03 -19.25 -24.96
C HIS B 130 0.71 -20.26 -24.04
N HIS B 131 1.60 -19.81 -23.16
CA HIS B 131 2.41 -20.69 -22.34
C HIS B 131 3.06 -19.82 -21.29
N VAL B 132 3.35 -20.41 -20.12
CA VAL B 132 4.15 -19.69 -19.14
C VAL B 132 5.52 -19.41 -19.76
N ASP B 133 6.07 -18.24 -19.44
CA ASP B 133 7.44 -17.84 -19.77
C ASP B 133 8.16 -17.55 -18.46
N ARG B 134 8.97 -18.50 -18.01
CA ARG B 134 9.60 -18.36 -16.71
C ARG B 134 10.61 -17.22 -16.67
N ASP B 135 11.07 -16.73 -17.83
CA ASP B 135 12.07 -15.68 -17.83
C ASP B 135 11.51 -14.26 -17.82
N THR B 136 10.19 -14.08 -17.92
CA THR B 136 9.64 -12.73 -17.89
C THR B 136 8.93 -12.51 -16.56
N PRO B 137 9.31 -11.50 -15.75
CA PRO B 137 8.66 -11.29 -14.46
C PRO B 137 7.31 -10.61 -14.63
N TRP B 138 6.45 -10.75 -13.61
CA TRP B 138 5.07 -10.29 -13.77
C TRP B 138 4.93 -8.77 -13.72
N ASP B 139 5.89 -8.02 -13.15
CA ASP B 139 5.72 -6.58 -13.25
C ASP B 139 5.94 -6.08 -14.68
N GLU B 140 6.80 -6.78 -15.44
CA GLU B 140 6.97 -6.46 -16.86
C GLU B 140 5.74 -6.87 -17.67
N ILE B 141 5.22 -8.07 -17.43
CA ILE B 141 4.05 -8.52 -18.18
C ILE B 141 2.86 -7.61 -17.91
N TRP B 142 2.61 -7.30 -16.63
CA TRP B 142 1.43 -6.48 -16.33
C TRP B 142 1.62 -5.06 -16.82
N GLN B 143 2.87 -4.56 -16.88
CA GLN B 143 3.08 -3.27 -17.53
C GLN B 143 2.59 -3.31 -18.97
N ALA B 144 3.02 -4.31 -19.72
CA ALA B 144 2.67 -4.41 -21.14
C ALA B 144 1.17 -4.60 -21.35
N MET B 145 0.54 -5.43 -20.52
CA MET B 145 -0.89 -5.66 -20.71
C MET B 145 -1.71 -4.44 -20.31
N ASP B 146 -1.26 -3.72 -19.28
CA ASP B 146 -1.91 -2.48 -18.89
C ASP B 146 -1.89 -1.43 -20.00
N VAL B 147 -0.77 -1.34 -20.73
CA VAL B 147 -0.74 -0.43 -21.89
C VAL B 147 -1.85 -0.79 -22.86
N LEU B 148 -2.02 -2.09 -23.14
CA LEU B 148 -3.02 -2.55 -24.09
C LEU B 148 -4.43 -2.26 -23.58
N VAL B 149 -4.66 -2.50 -22.29
CA VAL B 149 -5.97 -2.23 -21.72
C VAL B 149 -6.30 -0.74 -21.83
N ARG B 150 -5.36 0.12 -21.43
CA ARG B 150 -5.60 1.55 -21.42
C ARG B 150 -5.74 2.12 -22.82
N GLN B 151 -5.04 1.55 -23.80
CA GLN B 151 -5.24 1.92 -25.19
C GLN B 151 -6.52 1.34 -25.79
N GLY B 152 -7.26 0.51 -25.05
CA GLY B 152 -8.44 -0.14 -25.58
C GLY B 152 -8.21 -1.24 -26.58
N LYS B 153 -6.98 -1.77 -26.66
CA LYS B 153 -6.70 -2.83 -27.62
C LYS B 153 -7.10 -4.20 -27.10
N ILE B 154 -7.12 -4.40 -25.78
CA ILE B 154 -7.65 -5.62 -25.19
C ILE B 154 -8.55 -5.25 -24.02
N LEU B 155 -9.41 -6.20 -23.65
CA LEU B 155 -10.26 -6.08 -22.46
C LEU B 155 -9.73 -6.93 -21.30
N TYR B 156 -9.55 -8.23 -21.53
CA TYR B 156 -9.21 -9.19 -20.50
C TYR B 156 -7.93 -9.90 -20.85
N VAL B 157 -7.28 -10.44 -19.82
CA VAL B 157 -6.06 -11.24 -19.98
C VAL B 157 -6.34 -12.62 -19.41
N GLY B 158 -5.89 -13.65 -20.12
CA GLY B 158 -6.00 -15.01 -19.66
C GLY B 158 -4.68 -15.70 -19.89
N SER B 159 -4.57 -16.91 -19.35
CA SER B 159 -3.35 -17.71 -19.46
C SER B 159 -3.66 -19.02 -20.17
N SER B 160 -2.58 -19.71 -20.50
CA SER B 160 -2.70 -21.01 -21.12
C SER B 160 -1.42 -21.76 -20.80
N ASN B 161 -1.56 -23.04 -20.48
CA ASN B 161 -0.40 -23.86 -20.12
C ASN B 161 0.42 -23.18 -19.03
N PHE B 162 -0.26 -22.78 -17.96
CA PHE B 162 0.40 -22.32 -16.76
C PHE B 162 0.44 -23.44 -15.73
N ALA B 163 1.37 -23.33 -14.80
CA ALA B 163 1.23 -24.09 -13.58
C ALA B 163 0.35 -23.31 -12.60
N GLY B 164 -0.24 -24.04 -11.67
CA GLY B 164 -1.09 -23.40 -10.67
C GLY B 164 -0.39 -22.25 -9.96
N TRP B 165 0.88 -22.44 -9.58
CA TRP B 165 1.56 -21.38 -8.85
C TRP B 165 1.81 -20.15 -9.73
N ASN B 166 1.93 -20.32 -11.07
CA ASN B 166 2.01 -19.17 -11.94
C ASN B 166 0.73 -18.34 -11.89
N ILE B 167 -0.43 -19.01 -11.84
CA ILE B 167 -1.70 -18.31 -11.74
C ILE B 167 -1.75 -17.49 -10.45
N ALA B 168 -1.34 -18.10 -9.34
CA ALA B 168 -1.29 -17.39 -8.06
C ALA B 168 -0.37 -16.18 -8.13
N GLN B 169 0.87 -16.38 -8.59
CA GLN B 169 1.80 -15.26 -8.61
C GLN B 169 1.30 -14.15 -9.51
N ALA B 170 0.73 -14.52 -10.67
CA ALA B 170 0.26 -13.53 -11.63
C ALA B 170 -0.84 -12.67 -11.03
N ASN B 171 -1.85 -13.31 -10.41
CA ASN B 171 -2.99 -12.52 -9.94
C ASN B 171 -2.71 -11.79 -8.64
N GLU B 172 -1.87 -12.35 -7.77
CA GLU B 172 -1.43 -11.60 -6.61
C GLU B 172 -0.64 -10.36 -7.03
N THR B 173 0.21 -10.51 -8.06
CA THR B 173 0.96 -9.34 -8.53
C THR B 173 0.03 -8.29 -9.13
N ALA B 174 -0.96 -8.72 -9.90
CA ALA B 174 -1.90 -7.76 -10.48
C ALA B 174 -2.69 -7.06 -9.40
N ALA B 175 -3.20 -7.82 -8.43
CA ALA B 175 -4.04 -7.26 -7.38
C ALA B 175 -3.31 -6.19 -6.58
N ARG B 176 -2.02 -6.42 -6.31
CA ARG B 176 -1.17 -5.47 -5.59
C ARG B 176 -1.33 -4.05 -6.10
N HIS B 177 -1.49 -3.88 -7.41
CA HIS B 177 -1.54 -2.54 -7.97
C HIS B 177 -2.83 -2.25 -8.72
N GLY B 178 -3.90 -2.93 -8.33
CA GLY B 178 -5.22 -2.59 -8.84
C GLY B 178 -5.51 -3.05 -10.25
N ARG B 179 -4.76 -4.00 -10.77
CA ARG B 179 -5.05 -4.55 -12.08
C ARG B 179 -5.98 -5.75 -11.95
N LEU B 180 -6.86 -5.91 -12.94
CA LEU B 180 -7.60 -7.15 -13.06
C LEU B 180 -6.64 -8.24 -13.52
N GLY B 181 -6.55 -9.33 -12.79
CA GLY B 181 -5.61 -10.37 -13.15
C GLY B 181 -6.14 -11.25 -14.28
N LEU B 182 -5.49 -12.40 -14.42
CA LEU B 182 -5.97 -13.46 -15.31
C LEU B 182 -7.43 -13.76 -15.03
N VAL B 183 -8.23 -13.83 -16.09
CA VAL B 183 -9.65 -14.18 -15.96
C VAL B 183 -9.93 -15.63 -16.31
N SER B 184 -8.98 -16.34 -16.92
CA SER B 184 -9.19 -17.71 -17.35
C SER B 184 -7.84 -18.37 -17.55
N GLU B 185 -7.82 -19.70 -17.39
CA GLU B 185 -6.69 -20.54 -17.75
C GLU B 185 -7.17 -21.57 -18.77
N GLN B 186 -6.42 -21.71 -19.86
CA GLN B 186 -6.76 -22.65 -20.90
C GLN B 186 -5.75 -23.80 -20.77
N CYS B 187 -6.18 -24.96 -20.28
CA CYS B 187 -5.25 -26.04 -19.99
C CYS B 187 -5.75 -27.34 -20.64
N LEU B 188 -4.80 -28.20 -20.95
CA LEU B 188 -5.10 -29.55 -21.40
C LEU B 188 -5.80 -30.31 -20.29
N TYR B 189 -7.03 -30.74 -20.56
CA TYR B 189 -7.82 -31.49 -19.60
C TYR B 189 -8.83 -32.31 -20.39
N ASN B 190 -8.84 -33.63 -20.16
CA ASN B 190 -9.77 -34.54 -20.84
C ASN B 190 -9.68 -35.88 -20.10
N LEU B 191 -10.42 -36.87 -20.59
CA LEU B 191 -10.43 -38.16 -19.91
C LEU B 191 -9.05 -38.81 -19.89
N CYS B 192 -8.26 -38.62 -20.96
CA CYS B 192 -6.94 -39.26 -21.05
C CYS B 192 -5.87 -38.54 -20.22
N GLU B 193 -6.00 -37.24 -20.03
CA GLU B 193 -4.98 -36.45 -19.34
C GLU B 193 -5.68 -35.64 -18.26
N ARG B 194 -5.58 -36.09 -17.01
CA ARG B 194 -6.29 -35.43 -15.94
C ARG B 194 -5.38 -34.77 -14.92
N ARG B 195 -4.08 -34.63 -15.22
CA ARG B 195 -3.18 -34.10 -14.20
C ARG B 195 -3.34 -32.60 -13.98
N ALA B 196 -4.10 -31.90 -14.82
CA ALA B 196 -4.51 -30.55 -14.43
C ALA B 196 -5.31 -30.53 -13.13
N GLU B 197 -5.89 -31.67 -12.73
CA GLU B 197 -6.58 -31.75 -11.43
C GLU B 197 -5.64 -31.53 -10.25
N MET B 198 -4.33 -31.68 -10.44
CA MET B 198 -3.44 -31.65 -9.29
C MET B 198 -3.32 -30.25 -8.70
N GLU B 199 -3.06 -29.24 -9.53
CA GLU B 199 -2.76 -27.90 -9.04
C GLU B 199 -3.33 -26.81 -9.92
N VAL B 200 -3.34 -27.02 -11.23
CA VAL B 200 -3.80 -25.98 -12.16
C VAL B 200 -5.24 -25.63 -11.90
N VAL B 201 -6.13 -26.63 -11.92
CA VAL B 201 -7.56 -26.31 -11.74
C VAL B 201 -7.82 -25.86 -10.30
N PRO B 202 -7.29 -26.51 -9.26
CA PRO B 202 -7.42 -25.93 -7.90
C PRO B 202 -6.97 -24.47 -7.78
N ALA B 203 -5.82 -24.12 -8.35
CA ALA B 203 -5.38 -22.72 -8.28
C ALA B 203 -6.34 -21.80 -9.04
N ALA B 204 -6.77 -22.23 -10.24
CA ALA B 204 -7.74 -21.45 -11.01
C ALA B 204 -9.03 -21.21 -10.22
N ARG B 205 -9.53 -22.26 -9.57
CA ARG B 205 -10.76 -22.11 -8.81
C ARG B 205 -10.56 -21.20 -7.60
N GLU B 206 -9.43 -21.32 -6.91
CA GLU B 206 -9.17 -20.43 -5.78
C GLU B 206 -9.11 -18.98 -6.23
N TYR B 207 -8.47 -18.71 -7.37
CA TYR B 207 -8.34 -17.33 -7.82
C TYR B 207 -9.49 -16.89 -8.71
N GLY B 208 -10.50 -17.74 -8.92
CA GLY B 208 -11.69 -17.26 -9.61
C GLY B 208 -11.51 -17.13 -11.10
N LEU B 209 -10.66 -17.96 -11.68
CA LEU B 209 -10.44 -18.01 -13.13
C LEU B 209 -11.41 -18.97 -13.78
N GLY B 210 -11.87 -18.61 -14.98
CA GLY B 210 -12.45 -19.61 -15.85
C GLY B 210 -11.43 -20.71 -16.13
N VAL B 211 -11.94 -21.91 -16.45
CA VAL B 211 -11.07 -23.00 -16.92
C VAL B 211 -11.67 -23.52 -18.23
N ILE B 212 -10.92 -23.38 -19.32
CA ILE B 212 -11.38 -23.87 -20.62
C ILE B 212 -10.39 -24.92 -21.11
N ALA B 213 -10.91 -26.11 -21.43
CA ALA B 213 -10.10 -27.29 -21.67
C ALA B 213 -9.74 -27.38 -23.15
N TRP B 214 -8.45 -27.31 -23.46
CA TRP B 214 -8.05 -27.51 -24.84
C TRP B 214 -7.83 -29.00 -25.13
N SER B 215 -7.85 -29.33 -26.43
CA SER B 215 -7.94 -30.70 -26.93
C SER B 215 -8.85 -31.58 -26.05
N PRO B 216 -10.13 -31.25 -25.97
CA PRO B 216 -11.03 -32.00 -25.07
C PRO B 216 -11.27 -33.44 -25.49
N LEU B 217 -10.94 -33.80 -26.74
CA LEU B 217 -11.00 -35.18 -27.19
C LEU B 217 -9.61 -35.77 -27.33
N HIS B 218 -8.62 -35.13 -26.73
CA HIS B 218 -7.22 -35.55 -26.84
C HIS B 218 -6.80 -35.66 -28.30
N GLY B 219 -7.11 -34.62 -29.07
CA GLY B 219 -6.75 -34.60 -30.48
C GLY B 219 -7.49 -35.60 -31.34
N GLY B 220 -8.72 -35.96 -30.95
CA GLY B 220 -9.53 -36.90 -31.68
C GLY B 220 -9.49 -38.31 -31.14
N LEU B 221 -8.56 -38.61 -30.22
CA LEU B 221 -8.44 -39.96 -29.68
C LEU B 221 -9.75 -40.43 -29.06
N LEU B 222 -10.47 -39.54 -28.41
CA LEU B 222 -11.72 -39.88 -27.74
C LEU B 222 -12.93 -39.71 -28.65
N GLY B 223 -12.71 -39.49 -29.95
CA GLY B 223 -13.80 -39.27 -30.88
C GLY B 223 -14.22 -40.48 -31.70
N GLY B 224 -13.88 -41.68 -31.24
CA GLY B 224 -14.09 -42.88 -32.02
C GLY B 224 -12.91 -43.30 -32.87
N ALA B 225 -11.69 -42.95 -32.44
CA ALA B 225 -10.50 -43.09 -33.29
C ALA B 225 -10.24 -44.55 -33.67
N ILE B 226 -10.63 -45.50 -32.83
CA ILE B 226 -10.36 -46.90 -33.16
C ILE B 226 -11.32 -47.37 -34.23
N ARG B 227 -12.61 -47.12 -34.04
CA ARG B 227 -13.61 -47.41 -35.06
C ARG B 227 -13.21 -46.79 -36.40
N LYS B 228 -12.81 -45.52 -36.40
CA LYS B 228 -12.46 -44.85 -37.65
C LYS B 228 -11.03 -45.13 -38.11
N GLU B 229 -10.25 -45.89 -37.36
CA GLU B 229 -8.82 -46.07 -37.64
C GLU B 229 -8.41 -46.44 -39.05
N GLN B 230 -9.22 -47.23 -39.69
CA GLN B 230 -8.84 -47.69 -41.02
C GLN B 230 -9.39 -46.79 -42.14
N GLU B 231 -10.22 -45.82 -41.80
CA GLU B 231 -10.68 -44.83 -42.79
C GLU B 231 -9.55 -43.89 -43.16
N GLY B 232 -9.57 -43.44 -44.42
CA GLY B 232 -8.61 -42.48 -44.91
C GLY B 232 -8.96 -41.06 -44.53
N GLY B 233 -8.42 -40.11 -45.30
CA GLY B 233 -8.72 -38.71 -45.10
C GLY B 233 -7.84 -38.06 -44.06
N ASN B 234 -7.91 -36.73 -44.03
CA ASN B 234 -7.03 -35.94 -43.18
C ASN B 234 -7.59 -35.79 -41.78
N ARG B 235 -8.00 -36.91 -41.18
CA ARG B 235 -8.51 -36.88 -39.82
C ARG B 235 -7.39 -36.54 -38.84
N ARG B 236 -7.70 -35.69 -37.87
CA ARG B 236 -6.75 -35.39 -36.80
C ARG B 236 -6.37 -36.65 -36.03
N ALA B 237 -7.35 -37.54 -35.80
CA ALA B 237 -7.09 -38.79 -35.07
C ALA B 237 -6.05 -39.66 -35.75
N ALA B 238 -5.85 -39.51 -37.07
CA ALA B 238 -4.90 -40.34 -37.79
C ALA B 238 -3.46 -40.06 -37.37
N SER B 239 -3.16 -38.84 -36.92
CA SER B 239 -1.78 -38.44 -36.69
C SER B 239 -1.63 -37.79 -35.30
N GLY B 240 -0.43 -37.31 -35.02
CA GLY B 240 -0.20 -36.50 -33.84
C GLY B 240 -0.48 -37.23 -32.55
N ARG B 241 -1.23 -36.55 -31.67
CA ARG B 241 -1.47 -37.05 -30.31
C ARG B 241 -2.24 -38.36 -30.32
N ALA B 242 -3.24 -38.48 -31.20
CA ALA B 242 -4.08 -39.67 -31.19
C ALA B 242 -3.33 -40.87 -31.78
N ALA B 243 -2.53 -40.65 -32.81
CA ALA B 243 -1.75 -41.73 -33.41
C ALA B 243 -0.78 -42.34 -32.40
N ASP B 244 0.01 -41.49 -31.73
CA ASP B 244 0.99 -41.96 -30.76
C ASP B 244 0.32 -42.83 -29.69
N ALA B 245 -0.82 -42.38 -29.18
CA ALA B 245 -1.48 -43.13 -28.11
C ALA B 245 -1.95 -44.49 -28.59
N LEU B 246 -2.47 -44.57 -29.82
CA LEU B 246 -2.99 -45.84 -30.34
C LEU B 246 -1.87 -46.83 -30.64
N LYS B 247 -0.63 -46.34 -30.85
CA LYS B 247 0.52 -47.22 -31.01
C LYS B 247 0.98 -47.80 -29.69
N ASP B 248 0.42 -47.35 -28.56
CA ASP B 248 0.76 -47.87 -27.25
C ASP B 248 -0.30 -48.84 -26.80
N PRO B 249 0.03 -50.12 -26.57
CA PRO B 249 -1.02 -51.10 -26.20
C PRO B 249 -1.78 -50.72 -24.94
N GLN B 250 -1.15 -50.07 -23.96
CA GLN B 250 -1.86 -49.73 -22.74
C GLN B 250 -2.92 -48.67 -22.99
N GLN B 251 -2.55 -47.59 -23.71
CA GLN B 251 -3.53 -46.54 -23.98
C GLN B 251 -4.56 -46.98 -25.00
N ARG B 252 -4.15 -47.79 -25.98
CA ARG B 252 -5.10 -48.32 -26.96
C ARG B 252 -6.21 -49.12 -26.29
N GLU B 253 -5.85 -49.90 -25.28
CA GLU B 253 -6.85 -50.72 -24.56
C GLU B 253 -7.81 -49.85 -23.81
N GLN B 254 -7.30 -48.80 -23.20
CA GLN B 254 -8.17 -47.81 -22.57
C GLN B 254 -9.23 -47.32 -23.55
N ILE B 255 -8.80 -46.89 -24.75
CA ILE B 255 -9.74 -46.37 -25.73
C ILE B 255 -10.69 -47.46 -26.19
N GLN B 256 -10.19 -48.68 -26.36
CA GLN B 256 -11.05 -49.81 -26.71
C GLN B 256 -12.14 -50.00 -25.66
N ARG B 257 -11.80 -49.97 -24.40
CA ARG B 257 -12.81 -50.15 -23.37
C ARG B 257 -13.77 -49.00 -23.40
N TYR B 258 -13.23 -47.81 -23.62
CA TYR B 258 -14.07 -46.63 -23.77
C TYR B 258 -15.10 -46.81 -24.88
N GLU B 259 -14.63 -47.13 -26.08
CA GLU B 259 -15.55 -47.22 -27.22
C GLU B 259 -16.53 -48.37 -27.04
N ASP B 260 -16.09 -49.48 -26.43
CA ASP B 260 -17.00 -50.59 -26.18
C ASP B 260 -18.04 -50.23 -25.14
N LEU B 261 -17.65 -49.49 -24.10
CA LEU B 261 -18.62 -49.10 -23.06
C LEU B 261 -19.73 -48.27 -23.64
N LEU B 262 -19.37 -47.30 -24.50
CA LEU B 262 -20.39 -46.40 -25.02
C LEU B 262 -21.21 -47.07 -26.13
N ASP B 263 -20.63 -48.07 -26.81
CA ASP B 263 -21.44 -48.89 -27.70
C ASP B 263 -22.56 -49.58 -26.93
N LYS B 264 -22.23 -50.12 -25.75
CA LYS B 264 -23.24 -50.79 -24.92
C LYS B 264 -24.29 -49.82 -24.42
N HIS B 265 -23.94 -48.55 -24.23
CA HIS B 265 -24.88 -47.56 -23.71
C HIS B 265 -25.55 -46.73 -24.81
N GLY B 266 -25.19 -46.95 -26.07
CA GLY B 266 -25.79 -46.20 -27.16
C GLY B 266 -25.41 -44.73 -27.17
N LEU B 267 -24.14 -44.42 -26.94
CA LEU B 267 -23.67 -43.05 -26.86
C LEU B 267 -22.51 -42.84 -27.84
N GLU B 268 -22.29 -41.58 -28.19
CA GLU B 268 -21.18 -41.30 -29.10
C GLU B 268 -19.93 -40.91 -28.34
N PRO B 269 -18.75 -41.40 -28.72
CA PRO B 269 -17.56 -41.14 -27.88
C PRO B 269 -17.16 -39.68 -27.86
N GLY B 270 -17.19 -38.99 -29.00
CA GLY B 270 -16.88 -37.57 -28.99
C GLY B 270 -17.80 -36.79 -28.07
N GLU B 271 -19.11 -37.05 -28.14
CA GLU B 271 -20.06 -36.30 -27.33
C GLU B 271 -19.89 -36.60 -25.85
N VAL B 272 -19.58 -37.85 -25.52
CA VAL B 272 -19.41 -38.21 -24.11
C VAL B 272 -18.19 -37.51 -23.51
N ALA B 273 -17.10 -37.40 -24.27
CA ALA B 273 -15.91 -36.76 -23.75
C ALA B 273 -16.14 -35.30 -23.45
N LEU B 274 -16.98 -34.62 -24.26
CA LEU B 274 -17.32 -33.22 -24.00
C LEU B 274 -18.25 -33.10 -22.80
N ALA B 275 -19.30 -33.94 -22.76
CA ALA B 275 -20.19 -33.94 -21.62
C ALA B 275 -19.44 -34.23 -20.33
N TRP B 276 -18.45 -35.13 -20.38
CA TRP B 276 -17.69 -35.41 -19.18
C TRP B 276 -17.01 -34.15 -18.64
N LEU B 277 -16.33 -33.41 -19.53
CA LEU B 277 -15.65 -32.19 -19.08
C LEU B 277 -16.63 -31.19 -18.49
N LEU B 278 -17.85 -31.10 -19.05
CA LEU B 278 -18.87 -30.19 -18.51
C LEU B 278 -19.35 -30.59 -17.11
N THR B 279 -19.04 -31.80 -16.62
CA THR B 279 -19.39 -32.17 -15.25
C THR B 279 -18.31 -31.80 -14.24
N ARG B 280 -17.11 -31.43 -14.70
CA ARG B 280 -15.99 -31.30 -13.77
C ARG B 280 -16.07 -29.95 -13.04
N PRO B 281 -15.92 -29.95 -11.71
CA PRO B 281 -16.03 -28.69 -10.96
C PRO B 281 -14.92 -27.73 -11.34
N GLY B 282 -15.30 -26.48 -11.58
CA GLY B 282 -14.35 -25.45 -11.96
C GLY B 282 -14.20 -25.26 -13.45
N VAL B 283 -14.71 -26.19 -14.26
CA VAL B 283 -14.48 -26.16 -15.71
C VAL B 283 -15.57 -25.31 -16.33
N THR B 284 -15.16 -24.20 -16.96
CA THR B 284 -16.10 -23.39 -17.73
C THR B 284 -16.71 -24.20 -18.86
N GLY B 285 -15.86 -24.83 -19.65
CA GLY B 285 -16.30 -25.71 -20.70
C GLY B 285 -15.15 -26.15 -21.58
N PRO B 286 -15.40 -27.09 -22.47
CA PRO B 286 -14.37 -27.51 -23.43
C PRO B 286 -14.29 -26.53 -24.59
N ILE B 287 -13.10 -26.43 -25.16
CA ILE B 287 -12.87 -25.70 -26.41
C ILE B 287 -12.99 -26.75 -27.51
N VAL B 288 -14.16 -26.85 -28.14
CA VAL B 288 -14.37 -27.92 -29.11
C VAL B 288 -13.50 -27.68 -30.35
N GLY B 289 -13.11 -28.77 -31.00
CA GLY B 289 -12.29 -28.66 -32.17
C GLY B 289 -12.89 -29.34 -33.39
N PRO B 290 -14.09 -28.88 -33.81
CA PRO B 290 -14.74 -29.53 -34.97
C PRO B 290 -13.90 -29.35 -36.22
N ARG B 291 -13.81 -30.43 -36.99
CA ARG B 291 -13.26 -30.38 -38.34
C ARG B 291 -14.33 -30.13 -39.39
N THR B 292 -15.58 -30.48 -39.07
CA THR B 292 -16.70 -30.33 -39.99
C THR B 292 -17.86 -29.64 -39.28
N ALA B 293 -18.83 -29.17 -40.07
CA ALA B 293 -20.03 -28.60 -39.45
C ALA B 293 -20.83 -29.66 -38.73
N ASP B 294 -20.78 -30.91 -39.21
CA ASP B 294 -21.43 -32.00 -38.50
C ASP B 294 -20.83 -32.20 -37.11
N GLN B 295 -19.49 -32.15 -37.01
CA GLN B 295 -18.84 -32.30 -35.72
C GLN B 295 -19.20 -31.16 -34.76
N LEU B 296 -19.45 -29.96 -35.30
CA LEU B 296 -19.98 -28.89 -34.45
C LEU B 296 -21.37 -29.23 -33.93
N ALA B 297 -22.27 -29.68 -34.81
CA ALA B 297 -23.61 -30.04 -34.35
C ALA B 297 -23.55 -31.14 -33.30
N SER B 298 -22.60 -32.06 -33.44
CA SER B 298 -22.38 -33.10 -32.44
C SER B 298 -21.99 -32.50 -31.08
N ALA B 299 -21.12 -31.47 -31.09
CA ALA B 299 -20.73 -30.82 -29.84
C ALA B 299 -21.92 -30.17 -29.16
N VAL B 300 -22.81 -29.56 -29.96
CA VAL B 300 -24.01 -28.95 -29.41
C VAL B 300 -24.88 -30.01 -28.73
N ARG B 301 -25.03 -31.18 -29.34
CA ARG B 301 -25.78 -32.25 -28.69
C ARG B 301 -25.07 -32.75 -27.42
N ALA B 302 -23.73 -32.73 -27.41
CA ALA B 302 -22.99 -33.11 -26.22
C ALA B 302 -23.35 -32.24 -25.02
N ALA B 303 -23.60 -30.95 -25.27
CA ALA B 303 -23.94 -30.00 -24.22
C ALA B 303 -25.36 -30.16 -23.68
N GLU B 304 -26.22 -30.91 -24.37
CA GLU B 304 -27.56 -31.25 -23.89
C GLU B 304 -27.59 -32.61 -23.21
N LEU B 305 -26.54 -33.40 -23.33
CA LEU B 305 -26.51 -34.76 -22.82
C LEU B 305 -26.40 -34.78 -21.31
N THR B 306 -27.08 -35.74 -20.67
CA THR B 306 -26.93 -35.95 -19.23
C THR B 306 -26.33 -37.32 -19.01
N LEU B 307 -25.12 -37.36 -18.43
CA LEU B 307 -24.43 -38.62 -18.20
C LEU B 307 -24.88 -39.23 -16.89
N THR B 308 -25.28 -40.51 -16.93
CA THR B 308 -25.75 -41.19 -15.74
C THR B 308 -24.61 -41.45 -14.77
N ASP B 309 -24.97 -41.63 -13.50
CA ASP B 309 -23.96 -41.96 -12.48
C ASP B 309 -23.22 -43.24 -12.86
N GLU B 310 -23.93 -44.20 -13.44
CA GLU B 310 -23.29 -45.45 -13.87
C GLU B 310 -22.22 -45.18 -14.90
N VAL B 311 -22.53 -44.35 -15.91
CA VAL B 311 -21.55 -44.05 -16.95
C VAL B 311 -20.37 -43.27 -16.36
N LEU B 312 -20.65 -42.27 -15.52
CA LEU B 312 -19.58 -41.50 -14.88
C LEU B 312 -18.66 -42.39 -14.07
N THR B 313 -19.24 -43.29 -13.26
CA THR B 313 -18.43 -44.23 -12.48
C THR B 313 -17.55 -45.09 -13.38
N ALA B 314 -18.11 -45.58 -14.49
CA ALA B 314 -17.34 -46.43 -15.41
C ALA B 314 -16.21 -45.67 -16.08
N LEU B 315 -16.46 -44.41 -16.48
CA LEU B 315 -15.41 -43.62 -17.10
C LEU B 315 -14.25 -43.41 -16.13
N ASP B 316 -14.58 -43.14 -14.87
CA ASP B 316 -13.59 -42.97 -13.82
C ASP B 316 -12.71 -44.22 -13.67
N GLU B 317 -13.30 -45.41 -13.89
CA GLU B 317 -12.54 -46.65 -13.80
C GLU B 317 -11.56 -46.79 -14.94
N ILE B 318 -11.97 -46.41 -16.15
CA ILE B 318 -11.07 -46.51 -17.29
C ILE B 318 -10.03 -45.39 -17.27
N PHE B 319 -10.42 -44.20 -16.83
CA PHE B 319 -9.60 -42.99 -16.93
C PHE B 319 -9.47 -42.37 -15.55
N PRO B 320 -8.72 -43.01 -14.66
CA PRO B 320 -8.59 -42.46 -13.30
C PRO B 320 -7.79 -41.16 -13.31
N GLY B 321 -8.17 -40.26 -12.40
CA GLY B 321 -7.47 -39.01 -12.23
C GLY B 321 -6.73 -38.94 -10.91
N PRO B 322 -5.79 -38.01 -10.78
CA PRO B 322 -5.01 -37.93 -9.55
C PRO B 322 -5.71 -37.18 -8.42
N GLY B 323 -6.69 -36.33 -8.70
CA GLY B 323 -7.19 -35.40 -7.71
C GLY B 323 -6.15 -34.34 -7.37
N PRO B 324 -6.42 -33.55 -6.35
CA PRO B 324 -5.50 -32.44 -6.00
C PRO B 324 -4.26 -32.88 -5.25
N SER B 325 -3.19 -32.11 -5.46
CA SER B 325 -2.04 -32.13 -4.57
C SER B 325 -2.35 -31.37 -3.29
N PRO B 326 -1.73 -31.73 -2.15
CA PRO B 326 -0.69 -32.76 -1.98
C PRO B 326 -1.21 -34.19 -1.87
N GLU B 327 -2.53 -34.36 -1.73
CA GLU B 327 -3.10 -35.71 -1.56
C GLU B 327 -2.74 -36.63 -2.72
N ALA B 328 -2.60 -36.08 -3.92
CA ALA B 328 -2.33 -36.88 -5.10
C ALA B 328 -1.04 -37.70 -4.97
N PHE B 329 -0.04 -37.19 -4.23
CA PHE B 329 1.20 -37.93 -4.14
C PHE B 329 1.72 -38.11 -2.72
N ALA B 330 1.14 -37.41 -1.73
CA ALA B 330 1.62 -37.47 -0.35
C ALA B 330 0.49 -38.00 0.51
N TRP B 331 -0.21 -37.14 1.28
CA TRP B 331 -1.41 -37.53 2.06
C TRP B 331 -2.36 -36.34 2.34
N MET C 1 -24.47 19.26 32.40
CA MET C 1 -23.19 19.32 31.68
C MET C 1 -23.36 18.82 30.26
N GLU C 2 -22.87 19.60 29.30
CA GLU C 2 -22.94 19.26 27.89
C GLU C 2 -21.73 18.40 27.53
N TYR C 3 -21.97 17.35 26.73
CA TYR C 3 -20.94 16.44 26.29
C TYR C 3 -20.83 16.47 24.77
N THR C 4 -19.64 16.13 24.27
CA THR C 4 -19.44 16.08 22.84
C THR C 4 -18.39 15.02 22.52
N GLN C 5 -18.43 14.52 21.29
CA GLN C 5 -17.33 13.67 20.83
C GLN C 5 -16.05 14.50 20.71
N LEU C 6 -14.92 13.90 21.07
CA LEU C 6 -13.63 14.58 20.86
C LEU C 6 -13.30 14.45 19.38
N GLY C 7 -13.62 15.49 18.60
CA GLY C 7 -13.42 15.42 17.17
C GLY C 7 -14.13 14.23 16.54
N ARG C 8 -13.38 13.45 15.74
CA ARG C 8 -13.93 12.34 14.99
C ARG C 8 -13.98 11.02 15.78
N ILE C 9 -13.33 10.91 16.94
CA ILE C 9 -13.19 9.61 17.59
C ILE C 9 -14.37 9.29 18.49
N GLY C 10 -14.38 8.06 19.02
CA GLY C 10 -15.54 7.59 19.76
C GLY C 10 -15.61 8.07 21.19
N LEU C 11 -14.53 8.68 21.66
CA LEU C 11 -14.46 9.16 23.04
C LEU C 11 -15.40 10.34 23.23
N LYS C 12 -16.15 10.33 24.33
CA LYS C 12 -17.07 11.41 24.67
C LYS C 12 -16.48 12.21 25.82
N VAL C 13 -16.50 13.54 25.70
CA VAL C 13 -15.91 14.39 26.74
C VAL C 13 -16.82 15.55 27.11
N SER C 14 -16.74 15.95 28.37
CA SER C 14 -17.39 17.18 28.80
C SER C 14 -16.81 18.38 28.06
N ARG C 15 -17.67 19.34 27.71
CA ARG C 15 -17.18 20.51 27.00
C ARG C 15 -16.42 21.48 27.90
N LEU C 16 -16.37 21.22 29.21
CA LEU C 16 -15.36 21.82 30.08
C LEU C 16 -14.28 20.78 30.33
N VAL C 17 -13.02 21.15 30.07
CA VAL C 17 -11.86 20.33 30.44
C VAL C 17 -11.22 20.91 31.70
N LEU C 18 -11.00 20.06 32.70
CA LEU C 18 -10.41 20.52 33.96
C LEU C 18 -8.91 20.63 33.79
N GLY C 19 -8.40 21.86 33.80
CA GLY C 19 -6.97 22.06 33.81
C GLY C 19 -6.41 21.98 35.21
N THR C 20 -5.19 21.44 35.33
CA THR C 20 -4.61 21.16 36.63
C THR C 20 -3.33 21.95 36.89
N MET C 21 -2.98 22.90 36.02
CA MET C 21 -1.71 23.62 36.14
C MET C 21 -1.58 24.28 37.50
N ASN C 22 -2.69 24.78 38.06
CA ASN C 22 -2.67 25.46 39.35
C ASN C 22 -2.44 24.51 40.53
N PHE C 23 -2.66 23.21 40.34
CA PHE C 23 -2.60 22.28 41.47
C PHE C 23 -1.14 22.06 41.87
N GLY C 24 -0.76 22.60 43.03
CA GLY C 24 0.59 22.51 43.49
C GLY C 24 1.25 23.87 43.68
N PRO C 25 1.55 24.57 42.57
CA PRO C 25 2.22 25.88 42.69
C PRO C 25 1.31 27.02 43.12
N THR C 26 0.01 26.88 42.90
CA THR C 26 -0.96 27.93 43.20
C THR C 26 -2.04 27.46 44.16
N THR C 27 -2.46 26.20 44.05
CA THR C 27 -3.51 25.60 44.85
C THR C 27 -2.96 24.36 45.54
N ASP C 28 -3.21 24.23 46.84
CA ASP C 28 -2.56 23.12 47.54
C ASP C 28 -3.31 21.80 47.32
N GLU C 29 -2.71 20.72 47.81
CA GLU C 29 -3.18 19.38 47.46
C GLU C 29 -4.62 19.16 47.89
N ALA C 30 -4.98 19.62 49.09
CA ALA C 30 -6.32 19.34 49.61
C ALA C 30 -7.39 20.13 48.87
N GLU C 31 -7.11 21.41 48.57
CA GLU C 31 -8.02 22.17 47.71
C GLU C 31 -8.07 21.61 46.29
N SER C 32 -6.93 21.13 45.78
CA SER C 32 -6.92 20.52 44.44
C SER C 32 -7.81 19.29 44.40
N HIS C 33 -7.69 18.44 45.41
CA HIS C 33 -8.56 17.26 45.51
C HIS C 33 -10.03 17.68 45.60
N ALA C 34 -10.32 18.75 46.34
CA ALA C 34 -11.69 19.23 46.47
C ALA C 34 -12.25 19.63 45.12
N ILE C 35 -11.45 20.37 44.33
CA ILE C 35 -11.89 20.81 43.01
C ILE C 35 -12.16 19.61 42.10
N MET C 36 -11.27 18.61 42.12
CA MET C 36 -11.46 17.46 41.25
C MET C 36 -12.71 16.66 41.65
N ASP C 37 -13.00 16.50 42.95
CA ASP C 37 -14.26 15.87 43.33
C ASP C 37 -15.45 16.67 42.83
N ALA C 38 -15.36 17.99 42.92
CA ALA C 38 -16.45 18.83 42.45
C ALA C 38 -16.55 18.81 40.94
N ALA C 39 -15.42 18.68 40.24
CA ALA C 39 -15.49 18.53 38.80
C ALA C 39 -16.26 17.26 38.43
N LEU C 40 -15.91 16.14 39.05
CA LEU C 40 -16.62 14.89 38.76
C LEU C 40 -18.10 15.02 39.10
N ASP C 41 -18.41 15.60 40.27
CA ASP C 41 -19.82 15.79 40.66
C ASP C 41 -20.57 16.62 39.64
N ALA C 42 -19.88 17.57 38.99
CA ALA C 42 -20.48 18.37 37.94
C ALA C 42 -20.56 17.66 36.60
N GLY C 43 -20.00 16.47 36.46
CA GLY C 43 -20.04 15.77 35.20
C GLY C 43 -18.83 15.95 34.32
N ILE C 44 -17.80 16.65 34.80
CA ILE C 44 -16.56 16.82 34.06
C ILE C 44 -15.75 15.53 34.14
N ASN C 45 -15.47 14.93 32.99
CA ASN C 45 -14.81 13.63 32.94
C ASN C 45 -13.46 13.68 32.25
N PHE C 46 -12.93 14.87 32.04
CA PHE C 46 -11.81 15.10 31.12
C PHE C 46 -10.86 16.05 31.84
N PHE C 47 -9.71 15.52 32.29
CA PHE C 47 -8.73 16.25 33.09
C PHE C 47 -7.44 16.37 32.29
N ASP C 48 -6.82 17.55 32.30
CA ASP C 48 -5.59 17.81 31.57
C ASP C 48 -4.47 18.16 32.55
N THR C 49 -3.32 17.52 32.40
CA THR C 49 -2.17 17.80 33.23
C THR C 49 -0.92 17.70 32.35
N ALA C 50 0.25 17.78 32.99
CA ALA C 50 1.50 17.70 32.25
C ALA C 50 2.55 17.23 33.24
N ASN C 51 3.61 16.62 32.70
CA ASN C 51 4.67 16.17 33.60
C ASN C 51 5.38 17.37 34.26
N VAL C 52 5.49 18.50 33.55
CA VAL C 52 6.24 19.63 34.08
C VAL C 52 5.47 20.43 35.12
N TYR C 53 4.14 20.23 35.24
CA TYR C 53 3.35 21.08 36.13
C TYR C 53 3.76 20.87 37.58
N GLY C 54 3.70 21.96 38.35
CA GLY C 54 4.38 22.07 39.63
C GLY C 54 5.56 23.03 39.58
N TRP C 55 6.29 23.05 38.46
CA TRP C 55 7.30 24.06 38.12
C TRP C 55 8.57 23.96 38.93
N GLY C 56 9.70 24.30 38.29
CA GLY C 56 10.96 24.45 38.99
C GLY C 56 11.38 23.13 39.61
N GLU C 57 11.83 23.21 40.87
CA GLU C 57 12.22 22.02 41.63
C GLU C 57 11.04 21.10 41.92
N ASN C 58 9.84 21.60 41.72
CA ASN C 58 8.65 20.82 41.99
C ASN C 58 7.95 20.23 40.74
N LYS C 59 8.64 20.20 39.60
CA LYS C 59 8.05 19.57 38.42
C LYS C 59 7.65 18.13 38.73
N GLY C 60 6.48 17.73 38.24
CA GLY C 60 5.90 16.44 38.56
C GLY C 60 4.94 16.44 39.71
N ARG C 61 4.92 17.54 40.49
CA ARG C 61 4.06 17.63 41.67
C ARG C 61 2.59 17.47 41.31
N THR C 62 2.15 18.12 40.23
CA THR C 62 0.73 18.07 39.85
C THR C 62 0.32 16.64 39.54
N GLU C 63 1.13 15.94 38.76
CA GLU C 63 0.82 14.54 38.49
C GLU C 63 0.75 13.71 39.78
N GLU C 64 1.59 14.03 40.77
CA GLU C 64 1.51 13.33 42.06
C GLU C 64 0.21 13.65 42.78
N ILE C 65 -0.26 14.89 42.67
CA ILE C 65 -1.51 15.27 43.32
C ILE C 65 -2.68 14.53 42.71
N LEU C 66 -2.70 14.38 41.37
CA LEU C 66 -3.72 13.56 40.74
C LEU C 66 -3.55 12.10 41.12
N GLY C 67 -2.30 11.63 41.25
CA GLY C 67 -2.07 10.26 41.67
C GLY C 67 -2.61 9.98 43.07
N SER C 68 -2.44 10.91 44.00
CA SER C 68 -3.02 10.70 45.32
C SER C 68 -4.54 10.80 45.28
N TRP C 69 -5.08 11.61 44.35
CA TRP C 69 -6.52 11.68 44.19
C TRP C 69 -7.08 10.35 43.70
N PHE C 70 -6.49 9.77 42.65
CA PHE C 70 -6.94 8.46 42.16
C PHE C 70 -6.83 7.39 43.24
N ALA C 71 -5.78 7.45 44.05
CA ALA C 71 -5.53 6.43 45.06
C ALA C 71 -6.56 6.43 46.18
N GLN C 72 -7.41 7.46 46.24
CA GLN C 72 -8.54 7.42 47.16
C GLN C 72 -9.57 6.38 46.76
N GLY C 73 -9.48 5.84 45.54
CA GLY C 73 -10.47 4.87 45.09
C GLY C 73 -11.75 5.53 44.62
N GLY C 74 -12.85 4.85 44.82
CA GLY C 74 -14.15 5.40 44.48
C GLY C 74 -14.44 5.54 43.00
N ASP C 75 -13.82 4.71 42.16
CA ASP C 75 -14.01 4.74 40.71
C ASP C 75 -13.60 6.07 40.07
N ARG C 76 -12.73 6.85 40.75
CA ARG C 76 -12.27 8.11 40.17
C ARG C 76 -11.48 7.88 38.88
N ARG C 77 -10.51 6.94 38.90
CA ARG C 77 -9.71 6.72 37.69
C ARG C 77 -10.57 6.16 36.55
N ASP C 78 -11.49 5.24 36.87
CA ASP C 78 -12.36 4.66 35.86
C ASP C 78 -13.26 5.72 35.23
N LYS C 79 -13.55 6.78 35.95
CA LYS C 79 -14.49 7.79 35.45
C LYS C 79 -13.81 8.90 34.67
N VAL C 80 -12.49 9.05 34.78
CA VAL C 80 -11.80 10.22 34.26
C VAL C 80 -11.08 9.85 32.97
N VAL C 81 -11.22 10.67 31.95
CA VAL C 81 -10.33 10.67 30.79
C VAL C 81 -9.09 11.47 31.17
N LEU C 82 -7.95 10.78 31.34
CA LEU C 82 -6.75 11.37 31.92
C LEU C 82 -5.81 11.76 30.79
N ALA C 83 -5.46 13.05 30.71
CA ALA C 83 -4.55 13.55 29.69
C ALA C 83 -3.30 14.13 30.35
N THR C 84 -2.13 13.77 29.83
CA THR C 84 -0.90 14.44 30.24
C THR C 84 -0.04 14.71 28.99
N LYS C 85 1.20 15.16 29.20
CA LYS C 85 2.04 15.66 28.11
C LYS C 85 3.47 15.18 28.23
N VAL C 86 4.15 15.17 27.08
CA VAL C 86 5.58 14.88 26.97
C VAL C 86 6.18 15.94 26.06
N TYR C 87 7.43 16.36 26.37
CA TYR C 87 8.26 17.30 25.61
C TYR C 87 9.13 18.09 26.58
N GLY C 88 8.54 18.52 27.70
CA GLY C 88 9.22 19.43 28.59
C GLY C 88 10.40 18.81 29.31
N ASN C 89 11.38 19.65 29.63
CA ASN C 89 12.52 19.27 30.46
C ASN C 89 12.06 19.01 31.90
N MET C 90 12.28 17.78 32.39
CA MET C 90 11.94 17.47 33.76
C MET C 90 13.13 17.58 34.71
N GLY C 91 14.34 17.83 34.19
CA GLY C 91 15.50 18.09 35.03
C GLY C 91 15.49 19.48 35.62
N LEU C 92 16.69 19.99 35.91
CA LEU C 92 16.80 21.34 36.44
C LEU C 92 16.51 22.38 35.36
N ASP C 93 15.75 23.42 35.72
CA ASP C 93 15.41 24.45 34.75
C ASP C 93 16.66 25.10 34.18
N GLY C 94 16.61 25.42 32.89
CA GLY C 94 17.79 25.74 32.12
C GLY C 94 17.79 24.89 30.86
N PRO C 95 18.92 24.83 30.14
CA PRO C 95 18.97 23.94 28.97
C PRO C 95 19.04 22.49 29.40
N ALA C 96 18.22 21.66 28.77
CA ALA C 96 18.14 20.25 29.16
C ALA C 96 19.39 19.49 28.71
N TRP C 97 19.70 18.43 29.44
CA TRP C 97 20.59 17.40 28.93
C TRP C 97 20.03 16.88 27.61
N PRO C 98 20.87 16.58 26.62
CA PRO C 98 20.36 16.10 25.33
C PRO C 98 19.42 14.90 25.51
N ASN C 99 18.29 14.95 24.79
CA ASN C 99 17.25 13.93 24.80
C ASN C 99 16.53 13.79 26.14
N HIS C 100 16.72 14.73 27.07
CA HIS C 100 15.84 14.82 28.22
C HIS C 100 14.75 15.87 28.02
N ASP C 101 14.63 16.41 26.81
CA ASP C 101 13.45 17.17 26.40
C ASP C 101 13.15 16.81 24.96
N LYS C 102 12.11 17.43 24.38
CA LYS C 102 11.69 17.18 23.01
C LYS C 102 11.09 15.79 22.81
N LEU C 103 10.95 15.36 21.56
CA LEU C 103 10.08 14.24 21.23
C LEU C 103 10.80 13.05 20.63
N SER C 104 12.10 12.87 20.90
CA SER C 104 12.73 11.64 20.45
C SER C 104 12.07 10.43 21.09
N ALA C 105 12.17 9.29 20.40
CA ALA C 105 11.72 8.03 21.00
C ALA C 105 12.37 7.81 22.35
N LEU C 106 13.61 8.26 22.53
CA LEU C 106 14.27 8.11 23.83
C LEU C 106 13.55 8.89 24.91
N ASN C 107 13.26 10.17 24.67
CA ASN C 107 12.62 10.95 25.73
C ASN C 107 11.17 10.54 25.93
N ILE C 108 10.49 10.10 24.88
CA ILE C 108 9.12 9.61 25.02
C ILE C 108 9.10 8.41 25.96
N ARG C 109 10.03 7.47 25.76
CA ARG C 109 10.10 6.27 26.60
C ARG C 109 10.32 6.65 28.07
N ARG C 110 11.31 7.50 28.33
CA ARG C 110 11.60 7.83 29.72
C ARG C 110 10.49 8.72 30.33
N SER C 111 9.86 9.58 29.53
CA SER C 111 8.87 10.50 30.09
C SER C 111 7.58 9.80 30.48
N VAL C 112 7.10 8.88 29.64
CA VAL C 112 5.81 8.23 29.93
C VAL C 112 5.93 7.36 31.18
N ASP C 113 7.06 6.67 31.33
CA ASP C 113 7.21 5.82 32.52
C ASP C 113 7.24 6.67 33.78
N ALA C 114 7.87 7.85 33.72
CA ALA C 114 7.91 8.74 34.88
C ALA C 114 6.52 9.29 35.20
N SER C 115 5.73 9.61 34.17
CA SER C 115 4.38 10.11 34.38
C SER C 115 3.46 9.03 34.95
N LEU C 116 3.51 7.81 34.40
CA LEU C 116 2.66 6.74 34.90
C LEU C 116 2.92 6.49 36.37
N LYS C 117 4.18 6.51 36.77
CA LYS C 117 4.57 6.30 38.17
C LYS C 117 4.03 7.41 39.07
N ARG C 118 4.19 8.66 38.64
CA ARG C 118 3.70 9.78 39.44
C ARG C 118 2.18 9.78 39.52
N LEU C 119 1.49 9.51 38.42
CA LEU C 119 0.03 9.46 38.40
C LEU C 119 -0.55 8.22 39.08
N GLY C 120 0.27 7.23 39.41
CA GLY C 120 -0.24 6.03 40.04
C GLY C 120 -1.30 5.31 39.21
N THR C 121 -1.05 5.15 37.92
CA THR C 121 -1.97 4.47 37.03
C THR C 121 -1.16 3.65 36.03
N ASP C 122 -1.80 2.63 35.48
CA ASP C 122 -1.11 1.83 34.49
C ASP C 122 -1.36 2.31 33.06
N HIS C 123 -2.19 3.33 32.84
CA HIS C 123 -2.36 3.84 31.48
C HIS C 123 -2.73 5.32 31.51
N ILE C 124 -2.37 6.01 30.43
CA ILE C 124 -2.77 7.38 30.18
C ILE C 124 -3.78 7.36 29.04
N ASP C 125 -4.91 8.08 29.19
CA ASP C 125 -5.92 7.99 28.15
C ASP C 125 -5.54 8.83 26.93
N LEU C 126 -5.06 10.05 27.15
CA LEU C 126 -4.68 10.96 26.07
C LEU C 126 -3.29 11.47 26.37
N TYR C 127 -2.30 10.99 25.62
CA TYR C 127 -0.92 11.40 25.80
C TYR C 127 -0.57 12.43 24.72
N GLN C 128 -0.23 13.64 25.15
CA GLN C 128 -0.10 14.77 24.24
C GLN C 128 1.34 15.24 24.06
N PHE C 129 1.72 15.55 22.83
CA PHE C 129 2.93 16.33 22.63
C PHE C 129 2.67 17.76 23.12
N HIS C 130 3.53 18.24 24.01
CA HIS C 130 3.36 19.57 24.58
C HIS C 130 3.63 20.68 23.57
N HIS C 131 4.40 20.39 22.53
CA HIS C 131 4.85 21.35 21.55
C HIS C 131 5.37 20.58 20.35
N VAL C 132 5.24 21.17 19.16
CA VAL C 132 5.88 20.57 17.98
C VAL C 132 7.39 20.49 18.22
N ASP C 133 7.98 19.37 17.80
CA ASP C 133 9.43 19.20 17.78
C ASP C 133 9.84 19.02 16.31
N ARG C 134 10.39 20.08 15.71
CA ARG C 134 10.72 20.09 14.29
C ARG C 134 11.86 19.14 13.93
N ASP C 135 12.67 18.72 14.90
CA ASP C 135 13.79 17.82 14.61
C ASP C 135 13.44 16.33 14.68
N THR C 136 12.24 15.95 15.09
CA THR C 136 11.90 14.52 15.16
C THR C 136 10.91 14.18 14.07
N PRO C 137 11.21 13.24 13.19
CA PRO C 137 10.30 12.90 12.09
C PRO C 137 9.14 12.04 12.58
N TRP C 138 8.06 12.04 11.80
CA TRP C 138 6.82 11.41 12.26
C TRP C 138 6.91 9.88 12.28
N ASP C 139 7.81 9.27 11.52
CA ASP C 139 7.87 7.82 11.65
C ASP C 139 8.59 7.39 12.93
N GLU C 140 9.50 8.23 13.45
CA GLU C 140 10.04 7.98 14.79
C GLU C 140 8.98 8.19 15.85
N ILE C 141 8.24 9.30 15.75
CA ILE C 141 7.22 9.57 16.77
C ILE C 141 6.16 8.47 16.78
N TRP C 142 5.68 8.07 15.59
CA TRP C 142 4.60 7.09 15.59
C TRP C 142 5.11 5.71 16.00
N GLN C 143 6.35 5.35 15.66
CA GLN C 143 6.92 4.13 16.23
C GLN C 143 6.83 4.17 17.75
N ALA C 144 7.26 5.28 18.36
CA ALA C 144 7.31 5.36 19.82
C ALA C 144 5.90 5.27 20.41
N MET C 145 4.94 6.01 19.84
CA MET C 145 3.60 6.04 20.39
C MET C 145 2.91 4.70 20.18
N ASP C 146 3.22 4.03 19.07
CA ASP C 146 2.61 2.74 18.78
C ASP C 146 3.11 1.66 19.72
N VAL C 147 4.39 1.74 20.14
CA VAL C 147 4.87 0.86 21.21
C VAL C 147 4.01 1.01 22.45
N LEU C 148 3.73 2.26 22.82
CA LEU C 148 2.95 2.52 24.02
C LEU C 148 1.51 2.06 23.84
N VAL C 149 0.91 2.31 22.66
CA VAL C 149 -0.44 1.82 22.39
C VAL C 149 -0.50 0.31 22.53
N ARG C 150 0.44 -0.39 21.88
CA ARG C 150 0.36 -1.85 21.87
C ARG C 150 0.68 -2.46 23.23
N GLN C 151 1.42 -1.75 24.07
CA GLN C 151 1.64 -2.19 25.44
C GLN C 151 0.49 -1.83 26.38
N GLY C 152 -0.52 -1.10 25.91
CA GLY C 152 -1.60 -0.67 26.77
C GLY C 152 -1.26 0.46 27.72
N LYS C 153 -0.13 1.14 27.52
CA LYS C 153 0.24 2.25 28.39
C LYS C 153 -0.50 3.55 28.02
N ILE C 154 -0.88 3.72 26.76
CA ILE C 154 -1.68 4.86 26.35
C ILE C 154 -2.77 4.35 25.41
N LEU C 155 -3.83 5.17 25.27
CA LEU C 155 -4.93 4.89 24.37
C LEU C 155 -4.88 5.81 23.15
N TYR C 156 -4.87 7.12 23.37
CA TYR C 156 -4.94 8.12 22.31
C TYR C 156 -3.73 9.04 22.37
N VAL C 157 -3.47 9.68 21.23
CA VAL C 157 -2.35 10.60 21.08
C VAL C 157 -2.94 11.94 20.67
N GLY C 158 -2.44 13.01 21.24
CA GLY C 158 -2.88 14.34 20.88
C GLY C 158 -1.69 15.26 20.76
N SER C 159 -1.95 16.45 20.23
CA SER C 159 -0.92 17.45 20.04
C SER C 159 -1.27 18.70 20.83
N SER C 160 -0.30 19.58 20.93
CA SER C 160 -0.52 20.86 21.58
C SER C 160 0.54 21.82 21.06
N ASN C 161 0.13 23.05 20.74
CA ASN C 161 1.03 24.04 20.18
C ASN C 161 1.68 23.49 18.92
N PHE C 162 0.82 23.02 18.02
CA PHE C 162 1.20 22.61 16.68
C PHE C 162 0.77 23.70 15.70
N ALA C 163 1.42 23.73 14.54
CA ALA C 163 0.88 24.45 13.40
C ALA C 163 -0.10 23.55 12.66
N GLY C 164 -0.98 24.16 11.88
CA GLY C 164 -1.96 23.38 11.15
C GLY C 164 -1.33 22.32 10.25
N TRP C 165 -0.22 22.67 9.59
CA TRP C 165 0.40 21.70 8.67
C TRP C 165 1.08 20.57 9.42
N ASN C 166 1.48 20.76 10.68
CA ASN C 166 2.00 19.66 11.48
C ASN C 166 0.91 18.63 11.75
N ILE C 167 -0.31 19.10 12.00
CA ILE C 167 -1.43 18.21 12.21
C ILE C 167 -1.67 17.35 10.97
N ALA C 168 -1.70 18.01 9.80
CA ALA C 168 -1.91 17.28 8.55
C ALA C 168 -0.81 16.26 8.32
N GLN C 169 0.44 16.67 8.52
CA GLN C 169 1.54 15.74 8.25
C GLN C 169 1.50 14.57 9.21
N ALA C 170 1.22 14.85 10.49
CA ALA C 170 1.18 13.79 11.48
C ALA C 170 0.10 12.76 11.15
N ASN C 171 -1.12 13.21 10.83
CA ASN C 171 -2.22 12.26 10.65
C ASN C 171 -2.14 11.54 9.31
N GLU C 172 -1.64 12.20 8.27
CA GLU C 172 -1.40 11.50 7.02
C GLU C 172 -0.36 10.41 7.22
N THR C 173 0.71 10.70 7.96
CA THR C 173 1.73 9.68 8.21
C THR C 173 1.14 8.53 9.01
N ALA C 174 0.36 8.84 10.06
CA ALA C 174 -0.27 7.78 10.83
C ALA C 174 -1.16 6.91 9.93
N ALA C 175 -1.99 7.54 9.09
CA ALA C 175 -2.99 6.81 8.33
C ALA C 175 -2.35 5.87 7.31
N ARG C 176 -1.19 6.25 6.77
CA ARG C 176 -0.49 5.42 5.79
C ARG C 176 -0.30 4.00 6.30
N HIS C 177 -0.09 3.82 7.60
CA HIS C 177 0.15 2.50 8.16
C HIS C 177 -0.88 2.12 9.19
N GLY C 178 -2.09 2.67 9.08
CA GLY C 178 -3.23 2.26 9.86
C GLY C 178 -3.20 2.65 11.32
N ARG C 179 -2.32 3.57 11.71
CA ARG C 179 -2.39 4.06 13.08
C ARG C 179 -3.45 5.13 13.21
N LEU C 180 -4.11 5.15 14.37
CA LEU C 180 -4.98 6.27 14.70
C LEU C 180 -4.12 7.51 14.86
N GLY C 181 -4.48 8.59 14.21
CA GLY C 181 -3.67 9.79 14.29
C GLY C 181 -3.92 10.60 15.55
N LEU C 182 -3.47 11.86 15.53
CA LEU C 182 -3.82 12.81 16.57
C LEU C 182 -5.33 12.87 16.69
N VAL C 183 -5.84 12.88 17.93
CA VAL C 183 -7.27 12.98 18.15
C VAL C 183 -7.69 14.36 18.63
N SER C 184 -6.74 15.22 18.99
CA SER C 184 -7.07 16.54 19.50
C SER C 184 -5.84 17.42 19.41
N GLU C 185 -6.08 18.72 19.28
CA GLU C 185 -5.03 19.72 19.38
C GLU C 185 -5.38 20.65 20.54
N GLN C 186 -4.40 20.93 21.39
CA GLN C 186 -4.56 21.85 22.50
C GLN C 186 -3.83 23.14 22.13
N CYS C 187 -4.56 24.17 21.75
CA CYS C 187 -3.93 25.38 21.27
C CYS C 187 -4.44 26.61 22.05
N LEU C 188 -3.60 27.63 22.07
CA LEU C 188 -3.95 28.92 22.67
C LEU C 188 -5.03 29.59 21.85
N TYR C 189 -6.19 29.84 22.47
CA TYR C 189 -7.32 30.40 21.75
C TYR C 189 -8.25 31.03 22.77
N ASN C 190 -8.48 32.34 22.63
CA ASN C 190 -9.38 33.10 23.49
C ASN C 190 -9.68 34.40 22.77
N LEU C 191 -10.54 35.23 23.38
CA LEU C 191 -10.90 36.50 22.74
C LEU C 191 -9.67 37.34 22.43
N CYS C 192 -8.64 37.29 23.29
CA CYS C 192 -7.45 38.14 23.13
C CYS C 192 -6.52 37.64 22.03
N GLU C 193 -6.50 36.33 21.78
CA GLU C 193 -5.58 35.72 20.82
C GLU C 193 -6.41 34.77 19.96
N ARG C 194 -6.75 35.19 18.75
CA ARG C 194 -7.58 34.41 17.84
C ARG C 194 -6.82 33.88 16.62
N ARG C 195 -5.50 33.92 16.62
CA ARG C 195 -4.82 33.55 15.37
C ARG C 195 -4.75 32.05 15.14
N ALA C 196 -5.18 31.24 16.09
CA ALA C 196 -5.38 29.82 15.79
C ALA C 196 -6.43 29.63 14.70
N GLU C 197 -7.29 30.64 14.49
CA GLU C 197 -8.29 30.58 13.42
C GLU C 197 -7.69 30.55 12.03
N MET C 198 -6.45 31.01 11.85
CA MET C 198 -5.91 31.12 10.50
C MET C 198 -5.71 29.75 9.86
N GLU C 199 -5.00 28.87 10.57
CA GLU C 199 -4.71 27.54 10.04
C GLU C 199 -4.83 26.43 11.07
N VAL C 200 -4.60 26.68 12.36
CA VAL C 200 -4.58 25.57 13.31
C VAL C 200 -5.96 24.95 13.40
N VAL C 201 -6.98 25.77 13.65
CA VAL C 201 -8.32 25.23 13.82
C VAL C 201 -8.85 24.68 12.49
N PRO C 202 -8.66 25.35 11.34
CA PRO C 202 -9.11 24.73 10.07
C PRO C 202 -8.48 23.37 9.80
N ALA C 203 -7.18 23.23 10.07
CA ALA C 203 -6.54 21.92 9.89
C ALA C 203 -7.12 20.88 10.85
N ALA C 204 -7.29 21.27 12.12
CA ALA C 204 -7.91 20.35 13.09
C ALA C 204 -9.29 19.91 12.60
N ARG C 205 -10.07 20.83 12.06
CA ARG C 205 -11.43 20.46 11.69
C ARG C 205 -11.43 19.56 10.46
N GLU C 206 -10.51 19.80 9.53
CA GLU C 206 -10.41 18.94 8.35
C GLU C 206 -10.05 17.50 8.75
N TYR C 207 -9.10 17.34 9.66
CA TYR C 207 -8.65 16.03 10.07
C TYR C 207 -9.45 15.46 11.23
N GLY C 208 -10.49 16.16 11.68
CA GLY C 208 -11.36 15.60 12.69
C GLY C 208 -10.70 15.47 14.06
N LEU C 209 -9.88 16.44 14.44
CA LEU C 209 -9.34 16.52 15.78
C LEU C 209 -10.28 17.32 16.67
N GLY C 210 -10.35 16.93 17.93
CA GLY C 210 -10.84 17.86 18.94
C GLY C 210 -9.95 19.09 19.03
N VAL C 211 -10.54 20.20 19.47
CA VAL C 211 -9.79 21.44 19.69
C VAL C 211 -10.09 21.86 21.11
N ILE C 212 -9.10 21.81 21.98
CA ILE C 212 -9.28 22.23 23.37
C ILE C 212 -8.38 23.42 23.61
N ALA C 213 -8.98 24.50 24.11
CA ALA C 213 -8.32 25.81 24.17
C ALA C 213 -7.65 26.02 25.52
N TRP C 214 -6.33 26.18 25.51
CA TRP C 214 -5.65 26.47 26.76
C TRP C 214 -5.57 27.97 26.99
N SER C 215 -5.31 28.35 28.25
CA SER C 215 -5.45 29.70 28.77
C SER C 215 -6.70 30.41 28.19
N PRO C 216 -7.89 29.88 28.46
CA PRO C 216 -9.08 30.46 27.83
C PRO C 216 -9.39 31.85 28.30
N LEU C 217 -8.90 32.26 29.47
CA LEU C 217 -9.04 33.62 29.96
C LEU C 217 -7.76 34.42 29.78
N HIS C 218 -6.84 33.92 28.95
CA HIS C 218 -5.56 34.58 28.72
C HIS C 218 -4.83 34.81 30.04
N GLY C 219 -4.73 33.74 30.83
CA GLY C 219 -4.04 33.75 32.10
C GLY C 219 -4.75 34.48 33.21
N GLY C 220 -6.07 34.62 33.12
CA GLY C 220 -6.82 35.41 34.09
C GLY C 220 -7.10 36.82 33.66
N LEU C 221 -6.56 37.27 32.52
CA LEU C 221 -6.76 38.64 32.07
C LEU C 221 -8.23 38.91 31.76
N LEU C 222 -8.91 37.96 31.15
CA LEU C 222 -10.32 38.12 30.80
C LEU C 222 -11.26 37.79 31.95
N GLY C 223 -10.74 37.57 33.16
CA GLY C 223 -11.58 37.21 34.29
C GLY C 223 -11.98 38.38 35.17
N GLY C 224 -11.90 39.59 34.64
CA GLY C 224 -12.10 40.79 35.43
C GLY C 224 -10.86 41.32 36.12
N ALA C 225 -9.69 41.17 35.50
CA ALA C 225 -8.42 41.50 36.15
C ALA C 225 -8.24 43.00 36.39
N ILE C 226 -8.91 43.87 35.61
CA ILE C 226 -8.85 45.30 35.91
C ILE C 226 -9.49 45.58 37.26
N ARG C 227 -10.77 45.24 37.36
CA ARG C 227 -11.52 45.46 38.59
C ARG C 227 -10.82 44.90 39.78
N LYS C 228 -10.20 43.74 39.63
CA LYS C 228 -9.48 43.14 40.72
C LYS C 228 -8.00 43.48 40.80
N GLU C 229 -7.52 44.48 40.07
CA GLU C 229 -6.08 44.73 40.05
C GLU C 229 -5.48 45.09 41.38
N GLN C 230 -6.27 45.73 42.23
CA GLN C 230 -5.79 46.07 43.53
C GLN C 230 -5.93 44.91 44.49
N GLU C 231 -6.54 43.82 44.05
CA GLU C 231 -6.75 42.71 44.96
C GLU C 231 -5.45 42.05 45.20
N GLY C 232 -5.33 41.42 46.34
CA GLY C 232 -4.12 40.69 46.64
C GLY C 232 -4.39 39.24 46.46
N GLY C 233 -3.52 38.41 47.00
CA GLY C 233 -3.67 36.98 46.87
C GLY C 233 -2.74 36.39 45.83
N ASN C 234 -2.53 35.08 45.88
CA ASN C 234 -1.74 34.41 44.83
C ASN C 234 -2.60 34.29 43.56
N ARG C 235 -2.83 35.44 42.94
CA ARG C 235 -3.65 35.53 41.75
C ARG C 235 -2.80 35.37 40.50
N ARG C 236 -3.24 34.48 39.60
CA ARG C 236 -2.56 34.32 38.33
C ARG C 236 -2.56 35.61 37.52
N ALA C 237 -3.70 36.32 37.51
CA ALA C 237 -3.80 37.57 36.77
C ALA C 237 -2.88 38.66 37.31
N ALA C 238 -2.37 38.51 38.52
CA ALA C 238 -1.42 39.46 39.07
C ALA C 238 -0.02 39.30 38.49
N SER C 239 0.21 38.29 37.64
CA SER C 239 1.54 37.96 37.14
C SER C 239 1.42 37.52 35.69
N GLY C 240 2.54 37.09 35.12
CA GLY C 240 2.54 36.37 33.86
C GLY C 240 1.89 37.10 32.69
N ARG C 241 1.23 36.31 31.84
CA ARG C 241 0.66 36.83 30.60
C ARG C 241 -0.32 37.97 30.85
N ALA C 242 -1.09 37.90 31.94
CA ALA C 242 -2.09 38.93 32.20
C ALA C 242 -1.47 40.24 32.65
N ALA C 243 -0.47 40.18 33.54
CA ALA C 243 0.15 41.40 34.03
C ALA C 243 0.85 42.15 32.90
N ASP C 244 1.54 41.42 32.04
CA ASP C 244 2.14 42.02 30.84
C ASP C 244 1.15 42.77 29.97
N ALA C 245 -0.03 42.17 29.74
CA ALA C 245 -1.01 42.79 28.87
C ALA C 245 -1.57 44.06 29.49
N LEU C 246 -1.59 44.14 30.82
CA LEU C 246 -2.13 45.33 31.47
C LEU C 246 -1.09 46.43 31.65
N LYS C 247 0.20 46.07 31.66
CA LYS C 247 1.24 47.09 31.58
C LYS C 247 1.18 47.85 30.25
N ASP C 248 0.56 47.28 29.23
CA ASP C 248 0.48 47.88 27.90
C ASP C 248 -0.83 48.63 27.74
N PRO C 249 -0.81 49.95 27.68
CA PRO C 249 -2.08 50.71 27.55
C PRO C 249 -2.95 50.31 26.37
N GLN C 250 -2.36 49.77 25.30
CA GLN C 250 -3.17 49.52 24.10
C GLN C 250 -4.14 48.35 24.28
N GLN C 251 -3.72 47.27 24.96
CA GLN C 251 -4.66 46.19 25.18
C GLN C 251 -5.38 46.38 26.52
N ARG C 252 -4.77 47.08 27.47
CA ARG C 252 -5.48 47.46 28.69
C ARG C 252 -6.81 48.11 28.34
N GLU C 253 -6.82 48.97 27.33
CA GLU C 253 -8.07 49.59 26.91
C GLU C 253 -9.07 48.56 26.39
N GLN C 254 -8.58 47.53 25.69
CA GLN C 254 -9.47 46.47 25.19
C GLN C 254 -10.16 45.76 26.34
N ILE C 255 -9.39 45.36 27.35
CA ILE C 255 -9.96 44.75 28.54
C ILE C 255 -10.95 45.69 29.21
N GLN C 256 -10.68 47.00 29.16
CA GLN C 256 -11.59 47.98 29.76
C GLN C 256 -12.93 48.01 29.04
N ARG C 257 -12.93 48.08 27.71
CA ARG C 257 -14.18 48.02 26.94
C ARG C 257 -14.89 46.68 27.11
N TYR C 258 -14.14 45.64 27.46
CA TYR C 258 -14.75 44.34 27.67
C TYR C 258 -15.45 44.30 29.01
N GLU C 259 -14.74 44.68 30.07
CA GLU C 259 -15.34 44.71 31.39
C GLU C 259 -16.46 45.72 31.47
N ASP C 260 -16.39 46.81 30.68
CA ASP C 260 -17.48 47.78 30.63
C ASP C 260 -18.70 47.20 29.94
N LEU C 261 -18.49 46.48 28.82
CA LEU C 261 -19.63 45.90 28.10
C LEU C 261 -20.38 44.90 28.96
N LEU C 262 -19.65 44.08 29.73
CA LEU C 262 -20.32 43.08 30.55
C LEU C 262 -20.89 43.66 31.83
N ASP C 263 -20.40 44.82 32.28
CA ASP C 263 -21.10 45.57 33.31
C ASP C 263 -22.52 45.92 32.86
N LYS C 264 -22.64 46.43 31.63
CA LYS C 264 -23.94 46.84 31.14
C LYS C 264 -24.89 45.65 31.00
N HIS C 265 -24.36 44.51 30.56
CA HIS C 265 -25.18 43.33 30.35
C HIS C 265 -25.28 42.46 31.58
N GLY C 266 -24.79 42.92 32.73
CA GLY C 266 -24.85 42.12 33.95
C GLY C 266 -24.29 40.71 33.80
N LEU C 267 -23.11 40.60 33.18
CA LEU C 267 -22.46 39.32 32.91
C LEU C 267 -21.09 39.30 33.58
N GLU C 268 -20.61 38.06 33.91
CA GLU C 268 -19.31 37.89 34.58
C GLU C 268 -18.21 37.71 33.53
N PRO C 269 -17.13 38.48 33.60
CA PRO C 269 -16.12 38.41 32.52
C PRO C 269 -15.50 37.03 32.34
N GLY C 270 -15.14 36.34 33.43
CA GLY C 270 -14.65 34.99 33.31
C GLY C 270 -15.64 34.06 32.64
N GLU C 271 -16.91 34.15 33.03
CA GLU C 271 -17.90 33.26 32.43
C GLU C 271 -18.09 33.55 30.95
N VAL C 272 -18.10 34.84 30.56
CA VAL C 272 -18.33 35.18 29.16
C VAL C 272 -17.19 34.66 28.27
N ALA C 273 -15.94 34.76 28.75
CA ALA C 273 -14.83 34.30 27.92
C ALA C 273 -14.92 32.81 27.63
N LEU C 274 -15.33 32.01 28.62
CA LEU C 274 -15.53 30.59 28.40
C LEU C 274 -16.73 30.32 27.50
N ALA C 275 -17.86 31.00 27.77
CA ALA C 275 -19.04 30.81 26.92
C ALA C 275 -18.77 31.19 25.47
N TRP C 276 -17.93 32.21 25.24
CA TRP C 276 -17.60 32.59 23.88
C TRP C 276 -16.84 31.47 23.17
N LEU C 277 -15.89 30.85 23.86
CA LEU C 277 -15.15 29.74 23.26
C LEU C 277 -16.07 28.60 22.90
N LEU C 278 -17.10 28.35 23.72
CA LEU C 278 -18.03 27.28 23.42
C LEU C 278 -18.86 27.56 22.17
N THR C 279 -18.85 28.79 21.66
CA THR C 279 -19.60 29.10 20.45
C THR C 279 -18.76 28.95 19.19
N ARG C 280 -17.45 28.76 19.31
CA ARG C 280 -16.60 28.79 18.13
C ARG C 280 -16.66 27.47 17.38
N PRO C 281 -16.92 27.47 16.08
CA PRO C 281 -16.95 26.21 15.33
C PRO C 281 -15.68 25.40 15.51
N GLY C 282 -15.84 24.10 15.71
CA GLY C 282 -14.72 23.20 15.85
C GLY C 282 -14.12 23.11 17.23
N VAL C 283 -14.50 23.98 18.17
CA VAL C 283 -13.92 23.96 19.50
C VAL C 283 -14.67 22.93 20.35
N THR C 284 -13.92 21.95 20.86
CA THR C 284 -14.49 20.99 21.81
C THR C 284 -14.91 21.71 23.07
N GLY C 285 -13.99 22.47 23.65
CA GLY C 285 -14.27 23.31 24.80
C GLY C 285 -13.00 23.94 25.32
N PRO C 286 -13.14 24.81 26.32
CA PRO C 286 -11.97 25.39 26.97
C PRO C 286 -11.44 24.50 28.08
N ILE C 287 -10.15 24.65 28.35
CA ILE C 287 -9.54 23.98 29.49
C ILE C 287 -9.58 25.00 30.63
N VAL C 288 -10.56 24.86 31.52
CA VAL C 288 -10.70 25.81 32.61
C VAL C 288 -9.54 25.64 33.58
N GLY C 289 -9.10 26.75 34.17
CA GLY C 289 -8.00 26.75 35.10
C GLY C 289 -8.36 27.35 36.44
N PRO C 290 -9.30 26.71 37.15
CA PRO C 290 -9.74 27.29 38.42
C PRO C 290 -8.63 27.23 39.45
N ARG C 291 -8.56 28.28 40.27
CA ARG C 291 -7.73 28.26 41.46
C ARG C 291 -8.50 27.81 42.70
N THR C 292 -9.83 27.92 42.66
CA THR C 292 -10.68 27.66 43.81
C THR C 292 -11.87 26.81 43.38
N ALA C 293 -12.52 26.17 44.36
CA ALA C 293 -13.77 25.48 44.08
C ALA C 293 -14.80 26.44 43.51
N ASP C 294 -14.79 27.69 43.98
CA ASP C 294 -15.81 28.64 43.56
C ASP C 294 -15.64 29.04 42.09
N GLN C 295 -14.39 29.12 41.63
CA GLN C 295 -14.16 29.41 40.22
C GLN C 295 -14.57 28.24 39.34
N LEU C 296 -14.52 27.02 39.87
CA LEU C 296 -15.03 25.87 39.13
C LEU C 296 -16.56 25.96 38.99
N ALA C 297 -17.26 26.31 40.06
CA ALA C 297 -18.70 26.51 39.97
C ALA C 297 -19.03 27.61 38.99
N SER C 298 -18.21 28.67 38.97
CA SER C 298 -18.42 29.75 38.00
C SER C 298 -18.24 29.25 36.57
N ALA C 299 -17.25 28.38 36.34
CA ALA C 299 -17.08 27.82 35.01
C ALA C 299 -18.27 26.94 34.62
N VAL C 300 -18.82 26.18 35.57
CA VAL C 300 -19.99 25.35 35.26
C VAL C 300 -21.18 26.23 34.88
N ARG C 301 -21.36 27.36 35.56
CA ARG C 301 -22.37 28.31 35.14
C ARG C 301 -22.07 28.86 33.75
N ALA C 302 -20.79 29.06 33.42
CA ALA C 302 -20.42 29.58 32.11
C ALA C 302 -20.89 28.66 30.98
N ALA C 303 -20.88 27.35 31.21
CA ALA C 303 -21.26 26.41 30.16
C ALA C 303 -22.77 26.34 29.92
N GLU C 304 -23.58 26.88 30.83
CA GLU C 304 -25.01 26.99 30.66
C GLU C 304 -25.43 28.37 30.16
N LEU C 305 -24.48 29.29 30.02
CA LEU C 305 -24.78 30.63 29.54
C LEU C 305 -25.22 30.60 28.09
N THR C 306 -26.17 31.46 27.74
CA THR C 306 -26.46 31.74 26.33
C THR C 306 -26.12 33.20 26.06
N LEU C 307 -25.05 33.42 25.28
CA LEU C 307 -24.69 34.77 24.85
C LEU C 307 -25.62 35.20 23.70
N THR C 308 -26.21 36.38 23.85
CA THR C 308 -27.05 36.90 22.78
C THR C 308 -26.18 37.36 21.62
N ASP C 309 -26.80 37.42 20.43
CA ASP C 309 -26.07 37.89 19.26
C ASP C 309 -25.58 39.32 19.42
N GLU C 310 -26.35 40.16 20.14
CA GLU C 310 -25.88 41.48 20.51
C GLU C 310 -24.50 41.44 21.14
N VAL C 311 -24.33 40.53 22.10
CA VAL C 311 -23.07 40.45 22.83
C VAL C 311 -21.98 39.85 21.96
N LEU C 312 -22.32 38.83 21.17
CA LEU C 312 -21.32 38.24 20.27
C LEU C 312 -20.80 39.27 19.27
N THR C 313 -21.70 40.07 18.69
CA THR C 313 -21.27 41.13 17.78
C THR C 313 -20.36 42.12 18.47
N ALA C 314 -20.78 42.63 19.64
CA ALA C 314 -19.97 43.60 20.36
C ALA C 314 -18.62 43.00 20.72
N LEU C 315 -18.60 41.72 21.11
CA LEU C 315 -17.34 41.07 21.44
C LEU C 315 -16.43 41.00 20.21
N ASP C 316 -17.02 40.67 19.06
CA ASP C 316 -16.26 40.56 17.83
C ASP C 316 -15.70 41.90 17.38
N GLU C 317 -16.33 43.00 17.80
CA GLU C 317 -15.79 44.32 17.46
C GLU C 317 -14.63 44.70 18.38
N ILE C 318 -14.73 44.38 19.68
CA ILE C 318 -13.63 44.64 20.60
C ILE C 318 -12.44 43.74 20.28
N PHE C 319 -12.72 42.49 19.90
CA PHE C 319 -11.73 41.43 19.79
C PHE C 319 -11.83 40.77 18.42
N PRO C 320 -11.51 41.48 17.35
CA PRO C 320 -11.63 40.88 16.02
C PRO C 320 -10.59 39.79 15.79
N GLY C 321 -10.96 38.81 14.97
CA GLY C 321 -10.09 37.73 14.60
C GLY C 321 -9.80 37.73 13.10
N PRO C 322 -8.81 36.95 12.67
CA PRO C 322 -8.39 37.01 11.26
C PRO C 322 -9.14 36.08 10.31
N GLY C 323 -9.89 35.11 10.83
CA GLY C 323 -10.46 34.07 9.98
C GLY C 323 -9.37 33.23 9.34
N PRO C 324 -9.76 32.37 8.39
CA PRO C 324 -8.79 31.42 7.83
C PRO C 324 -7.86 32.04 6.80
N SER C 325 -6.65 31.44 6.70
CA SER C 325 -5.75 31.62 5.56
C SER C 325 -6.27 30.80 4.39
N PRO C 326 -6.00 31.24 3.13
CA PRO C 326 -5.22 32.41 2.71
C PRO C 326 -5.99 33.73 2.74
N GLU C 327 -7.32 33.67 2.93
CA GLU C 327 -8.10 34.90 2.90
C GLU C 327 -7.65 35.89 3.95
N ALA C 328 -7.12 35.39 5.09
CA ALA C 328 -6.75 36.29 6.19
C ALA C 328 -5.67 37.28 5.77
N PHE C 329 -4.77 36.90 4.86
CA PHE C 329 -3.70 37.80 4.43
C PHE C 329 -3.63 38.03 2.92
N ALA C 330 -4.30 37.23 2.10
CA ALA C 330 -4.24 37.35 0.64
C ALA C 330 -5.64 37.67 0.14
N TRP C 331 -6.35 36.71 -0.45
CA TRP C 331 -7.75 36.87 -0.87
C TRP C 331 -8.42 35.48 -0.95
N MET D 1 22.60 36.00 -14.29
CA MET D 1 21.32 35.57 -13.68
C MET D 1 21.53 34.32 -12.77
N GLU D 2 20.96 34.38 -11.57
CA GLU D 2 21.00 33.26 -10.64
C GLU D 2 19.92 32.23 -10.96
N TYR D 3 20.28 30.96 -10.90
CA TYR D 3 19.35 29.85 -11.11
C TYR D 3 19.24 29.02 -9.84
N THR D 4 18.12 28.31 -9.70
CA THR D 4 17.90 27.43 -8.55
C THR D 4 16.90 26.35 -8.95
N GLN D 5 16.97 25.22 -8.26
CA GLN D 5 15.93 24.21 -8.41
C GLN D 5 14.62 24.74 -7.86
N LEU D 6 13.52 24.38 -8.51
CA LEU D 6 12.18 24.72 -8.02
C LEU D 6 11.83 23.73 -6.91
N GLY D 7 12.06 24.14 -5.66
CA GLY D 7 11.92 23.21 -4.56
C GLY D 7 12.74 21.94 -4.77
N ARG D 8 12.10 20.80 -4.55
CA ARG D 8 12.77 19.50 -4.60
C ARG D 8 12.89 18.93 -6.00
N ILE D 9 12.23 19.51 -7.02
CA ILE D 9 12.19 18.81 -8.30
C ILE D 9 13.38 19.15 -9.18
N GLY D 10 13.45 18.54 -10.37
CA GLY D 10 14.60 18.65 -11.26
C GLY D 10 14.57 19.86 -12.14
N LEU D 11 13.45 20.58 -12.12
CA LEU D 11 13.31 21.80 -12.89
C LEU D 11 14.21 22.90 -12.34
N LYS D 12 15.01 23.50 -13.23
CA LYS D 12 15.86 24.63 -12.88
C LYS D 12 15.23 25.91 -13.39
N VAL D 13 15.11 26.92 -12.52
CA VAL D 13 14.46 28.15 -12.91
C VAL D 13 15.29 29.35 -12.48
N SER D 14 15.14 30.44 -13.25
CA SER D 14 15.69 31.72 -12.83
C SER D 14 15.04 32.15 -11.52
N ARG D 15 15.82 32.83 -10.69
CA ARG D 15 15.28 33.30 -9.42
C ARG D 15 14.42 34.54 -9.58
N LEU D 16 14.40 35.12 -10.78
CA LEU D 16 13.34 36.04 -11.18
C LEU D 16 12.34 35.28 -12.04
N VAL D 17 11.05 35.36 -11.67
CA VAL D 17 9.95 34.80 -12.45
C VAL D 17 9.25 35.97 -13.13
N LEU D 18 9.05 35.88 -14.44
CA LEU D 18 8.41 36.98 -15.16
C LEU D 18 6.90 36.85 -15.02
N GLY D 19 6.29 37.80 -14.32
CA GLY D 19 4.83 37.87 -14.23
C GLY D 19 4.29 38.66 -15.41
N THR D 20 3.12 38.23 -15.89
CA THR D 20 2.54 38.75 -17.12
C THR D 20 1.20 39.44 -16.91
N MET D 21 0.81 39.67 -15.66
CA MET D 21 -0.52 40.20 -15.38
C MET D 21 -0.69 41.59 -15.99
N ASN D 22 0.40 42.36 -16.12
CA ASN D 22 0.30 43.67 -16.73
C ASN D 22 0.05 43.61 -18.23
N PHE D 23 0.39 42.49 -18.87
CA PHE D 23 0.36 42.40 -20.33
C PHE D 23 -1.10 42.35 -20.78
N GLY D 24 -1.57 43.44 -21.38
CA GLY D 24 -2.96 43.55 -21.79
C GLY D 24 -3.64 44.76 -21.20
N PRO D 25 -3.99 44.69 -19.92
CA PRO D 25 -4.68 45.83 -19.29
C PRO D 25 -3.80 47.03 -19.00
N THR D 26 -2.48 46.88 -18.95
CA THR D 26 -1.59 47.97 -18.60
C THR D 26 -0.46 48.15 -19.59
N THR D 27 0.12 47.06 -20.07
CA THR D 27 1.20 47.07 -21.04
C THR D 27 0.67 46.50 -22.34
N ASP D 28 0.83 47.23 -23.45
CA ASP D 28 0.24 46.75 -24.69
C ASP D 28 1.03 45.57 -25.26
N GLU D 29 0.51 44.99 -26.34
CA GLU D 29 1.08 43.75 -26.86
C GLU D 29 2.53 43.94 -27.32
N ALA D 30 2.82 45.04 -28.01
CA ALA D 30 4.15 45.22 -28.58
C ALA D 30 5.22 45.28 -27.49
N GLU D 31 4.98 46.07 -26.44
CA GLU D 31 5.98 46.15 -25.40
C GLU D 31 5.95 44.94 -24.47
N SER D 32 4.81 44.24 -24.40
CA SER D 32 4.79 42.95 -23.72
C SER D 32 5.74 41.98 -24.39
N HIS D 33 5.70 41.94 -25.74
CA HIS D 33 6.63 41.11 -26.48
C HIS D 33 8.07 41.55 -26.23
N ALA D 34 8.31 42.85 -26.14
CA ALA D 34 9.66 43.35 -25.91
C ALA D 34 10.18 42.93 -24.55
N ILE D 35 9.35 43.04 -23.52
CA ILE D 35 9.77 42.60 -22.18
C ILE D 35 10.11 41.11 -22.20
N MET D 36 9.35 40.31 -22.96
CA MET D 36 9.59 38.87 -22.95
C MET D 36 10.89 38.54 -23.66
N ASP D 37 11.18 39.20 -24.79
CA ASP D 37 12.49 39.02 -25.41
C ASP D 37 13.60 39.47 -24.47
N ALA D 38 13.38 40.58 -23.77
CA ALA D 38 14.41 41.06 -22.86
C ALA D 38 14.61 40.08 -21.71
N ALA D 39 13.51 39.54 -21.18
CA ALA D 39 13.60 38.51 -20.15
C ALA D 39 14.44 37.32 -20.62
N LEU D 40 14.13 36.77 -21.79
CA LEU D 40 14.92 35.67 -22.33
C LEU D 40 16.38 36.07 -22.48
N ASP D 41 16.63 37.25 -23.07
CA ASP D 41 18.00 37.77 -23.21
C ASP D 41 18.71 37.82 -21.87
N ALA D 42 17.99 38.18 -20.81
CA ALA D 42 18.56 38.20 -19.47
C ALA D 42 18.67 36.82 -18.84
N GLY D 43 18.16 35.78 -19.49
CA GLY D 43 18.24 34.44 -18.91
C GLY D 43 17.07 34.03 -18.04
N ILE D 44 16.00 34.82 -18.01
CA ILE D 44 14.79 34.45 -17.28
C ILE D 44 14.04 33.41 -18.11
N ASN D 45 13.77 32.26 -17.51
CA ASN D 45 13.23 31.13 -18.26
C ASN D 45 11.88 30.69 -17.75
N PHE D 46 11.26 31.47 -16.86
CA PHE D 46 10.11 31.03 -16.06
C PHE D 46 9.08 32.15 -16.12
N PHE D 47 8.00 31.94 -16.89
CA PHE D 47 6.95 32.94 -17.09
C PHE D 47 5.69 32.48 -16.37
N ASP D 48 5.06 33.39 -15.62
CA ASP D 48 3.79 33.12 -14.95
C ASP D 48 2.66 33.89 -15.62
N THR D 49 1.57 33.20 -15.92
CA THR D 49 0.37 33.86 -16.44
C THR D 49 -0.87 33.21 -15.82
N ALA D 50 -2.07 33.58 -16.30
CA ALA D 50 -3.29 32.95 -15.83
C ALA D 50 -4.36 33.15 -16.89
N ASN D 51 -5.38 32.28 -16.86
CA ASN D 51 -6.42 32.38 -17.89
C ASN D 51 -7.16 33.71 -17.76
N VAL D 52 -7.40 34.18 -16.52
CA VAL D 52 -8.21 35.38 -16.32
C VAL D 52 -7.47 36.67 -16.67
N TYR D 53 -6.14 36.65 -16.78
CA TYR D 53 -5.42 37.90 -16.97
C TYR D 53 -5.83 38.55 -18.30
N GLY D 54 -5.90 39.88 -18.31
CA GLY D 54 -6.67 40.60 -19.30
C GLY D 54 -7.84 41.30 -18.65
N TRP D 55 -8.58 40.57 -17.82
CA TRP D 55 -9.64 41.10 -16.94
C TRP D 55 -10.91 41.40 -17.70
N GLY D 56 -12.05 41.33 -17.00
CA GLY D 56 -13.32 41.73 -17.58
C GLY D 56 -13.61 41.06 -18.90
N GLU D 57 -14.05 41.85 -19.87
CA GLU D 57 -14.38 41.31 -21.18
C GLU D 57 -13.15 40.84 -21.95
N ASN D 58 -11.94 41.14 -21.49
CA ASN D 58 -10.73 40.71 -22.18
C ASN D 58 -10.00 39.59 -21.44
N LYS D 59 -10.69 38.83 -20.58
CA LYS D 59 -10.04 37.68 -19.96
C LYS D 59 -9.53 36.73 -21.04
N GLY D 60 -8.33 36.22 -20.83
CA GLY D 60 -7.65 35.41 -21.83
C GLY D 60 -6.68 36.18 -22.70
N ARG D 61 -6.74 37.52 -22.68
CA ARG D 61 -5.91 38.32 -23.59
C ARG D 61 -4.43 38.13 -23.27
N THR D 62 -4.07 38.02 -22.00
CA THR D 62 -2.66 37.81 -21.67
C THR D 62 -2.14 36.49 -22.23
N GLU D 63 -2.93 35.43 -22.12
CA GLU D 63 -2.50 34.16 -22.71
C GLU D 63 -2.35 34.27 -24.23
N GLU D 64 -3.25 35.01 -24.89
CA GLU D 64 -3.12 35.20 -26.33
C GLU D 64 -1.84 35.96 -26.67
N ILE D 65 -1.52 36.99 -25.89
CA ILE D 65 -0.29 37.75 -26.11
C ILE D 65 0.93 36.83 -26.00
N LEU D 66 0.93 35.92 -25.02
CA LEU D 66 2.03 34.96 -24.96
C LEU D 66 2.00 34.04 -26.17
N GLY D 67 0.79 33.65 -26.61
CA GLY D 67 0.68 32.78 -27.77
C GLY D 67 1.25 33.38 -29.03
N SER D 68 0.96 34.67 -29.29
CA SER D 68 1.53 35.30 -30.48
C SER D 68 3.04 35.47 -30.33
N TRP D 69 3.52 35.68 -29.09
CA TRP D 69 4.96 35.72 -28.86
C TRP D 69 5.62 34.39 -29.22
N PHE D 70 5.06 33.28 -28.71
CA PHE D 70 5.59 31.96 -29.05
C PHE D 70 5.52 31.69 -30.55
N ALA D 71 4.44 32.13 -31.20
CA ALA D 71 4.25 31.85 -32.62
C ALA D 71 5.28 32.55 -33.50
N GLN D 72 6.04 33.50 -32.97
CA GLN D 72 7.13 34.09 -33.74
C GLN D 72 8.25 33.08 -34.02
N GLY D 73 8.28 31.96 -33.30
CA GLY D 73 9.38 31.00 -33.46
C GLY D 73 10.55 31.38 -32.57
N GLY D 74 11.75 31.03 -33.02
CA GLY D 74 12.96 31.44 -32.32
C GLY D 74 13.31 30.64 -31.08
N ASP D 75 12.83 29.40 -30.97
CA ASP D 75 13.03 28.57 -29.77
C ASP D 75 12.37 29.16 -28.53
N ARG D 76 11.42 30.07 -28.70
CA ARG D 76 10.87 30.75 -27.54
C ARG D 76 10.10 29.78 -26.65
N ARG D 77 9.20 28.99 -27.24
CA ARG D 77 8.44 28.02 -26.43
C ARG D 77 9.37 27.01 -25.79
N ASP D 78 10.36 26.52 -26.54
CA ASP D 78 11.27 25.51 -26.03
C ASP D 78 12.10 26.02 -24.86
N LYS D 79 12.39 27.31 -24.82
CA LYS D 79 13.26 27.84 -23.78
C LYS D 79 12.51 28.25 -22.52
N VAL D 80 11.18 28.33 -22.55
CA VAL D 80 10.39 28.93 -21.47
C VAL D 80 9.70 27.83 -20.68
N VAL D 81 9.80 27.91 -19.35
CA VAL D 81 8.91 27.17 -18.46
C VAL D 81 7.63 27.98 -18.34
N LEU D 82 6.55 27.48 -18.91
CA LEU D 82 5.31 28.22 -19.03
C LEU D 82 4.33 27.80 -17.93
N ALA D 83 3.95 28.74 -17.06
CA ALA D 83 2.99 28.49 -15.99
C ALA D 83 1.70 29.24 -16.23
N THR D 84 0.57 28.57 -16.07
CA THR D 84 -0.69 29.30 -16.06
C THR D 84 -1.55 28.70 -14.95
N LYS D 85 -2.84 29.06 -14.94
CA LYS D 85 -3.67 28.88 -13.76
C LYS D 85 -5.09 28.49 -14.14
N VAL D 86 -5.74 27.74 -13.24
CA VAL D 86 -7.15 27.38 -13.32
C VAL D 86 -7.79 27.66 -11.96
N TYR D 87 -9.07 28.10 -11.97
CA TYR D 87 -9.95 28.35 -10.82
C TYR D 87 -10.90 29.47 -11.16
N GLY D 88 -10.37 30.48 -11.85
CA GLY D 88 -11.13 31.70 -12.05
C GLY D 88 -12.24 31.54 -13.07
N ASN D 89 -13.29 32.33 -12.87
CA ASN D 89 -14.40 32.45 -13.81
C ASN D 89 -13.93 33.10 -15.11
N MET D 90 -14.11 32.40 -16.23
CA MET D 90 -13.71 32.96 -17.51
C MET D 90 -14.87 33.59 -18.26
N GLY D 91 -16.06 33.60 -17.67
CA GLY D 91 -17.24 34.18 -18.29
C GLY D 91 -17.45 35.60 -17.83
N LEU D 92 -18.70 36.05 -17.91
CA LEU D 92 -19.02 37.41 -17.48
C LEU D 92 -18.68 37.58 -16.00
N ASP D 93 -17.97 38.67 -15.69
CA ASP D 93 -17.73 39.02 -14.30
C ASP D 93 -19.05 39.03 -13.53
N GLY D 94 -18.98 38.66 -12.25
CA GLY D 94 -20.16 38.42 -11.46
C GLY D 94 -20.20 36.99 -10.97
N PRO D 95 -21.36 36.52 -10.51
CA PRO D 95 -21.45 35.13 -10.04
C PRO D 95 -21.26 34.18 -11.21
N ALA D 96 -20.41 33.18 -11.02
CA ALA D 96 -20.12 32.26 -12.11
C ALA D 96 -21.27 31.28 -12.31
N TRP D 97 -21.45 30.84 -13.55
CA TRP D 97 -22.26 29.66 -13.79
C TRP D 97 -21.64 28.48 -13.05
N PRO D 98 -22.45 27.58 -12.48
CA PRO D 98 -21.90 26.44 -11.73
C PRO D 98 -20.86 25.68 -12.54
N ASN D 99 -19.73 25.36 -11.89
CA ASN D 99 -18.63 24.59 -12.46
C ASN D 99 -17.90 25.32 -13.57
N HIS D 100 -18.14 26.62 -13.75
CA HIS D 100 -17.31 27.44 -14.61
C HIS D 100 -16.32 28.27 -13.80
N ASP D 101 -16.17 27.95 -12.52
CA ASP D 101 -15.04 28.41 -11.73
C ASP D 101 -14.71 27.28 -10.76
N LYS D 102 -13.67 27.50 -9.94
CA LYS D 102 -13.24 26.56 -8.91
C LYS D 102 -12.65 25.28 -9.53
N LEU D 103 -12.42 24.22 -8.74
CA LEU D 103 -11.49 23.19 -9.16
C LEU D 103 -12.11 21.81 -9.39
N SER D 104 -13.42 21.74 -9.67
CA SER D 104 -14.01 20.47 -10.10
C SER D 104 -13.24 19.90 -11.30
N ALA D 105 -13.27 18.57 -11.43
CA ALA D 105 -12.68 17.94 -12.61
C ALA D 105 -13.31 18.47 -13.90
N LEU D 106 -14.57 18.87 -13.83
CA LEU D 106 -15.25 19.44 -14.99
C LEU D 106 -14.63 20.78 -15.39
N ASN D 107 -14.46 21.69 -14.43
CA ASN D 107 -13.87 22.96 -14.80
C ASN D 107 -12.40 22.83 -15.17
N ILE D 108 -11.69 21.85 -14.60
CA ILE D 108 -10.29 21.69 -14.94
C ILE D 108 -10.13 21.26 -16.40
N ARG D 109 -10.98 20.32 -16.85
CA ARG D 109 -10.96 19.88 -18.24
C ARG D 109 -11.22 21.04 -19.19
N ARG D 110 -12.27 21.83 -18.94
CA ARG D 110 -12.58 22.89 -19.89
C ARG D 110 -11.59 24.05 -19.81
N SER D 111 -11.07 24.37 -18.62
CA SER D 111 -10.11 25.47 -18.49
C SER D 111 -8.79 25.17 -19.17
N VAL D 112 -8.26 23.95 -19.02
CA VAL D 112 -6.96 23.68 -19.62
C VAL D 112 -7.03 23.72 -21.14
N ASP D 113 -8.11 23.21 -21.74
CA ASP D 113 -8.22 23.23 -23.19
C ASP D 113 -8.31 24.66 -23.71
N ALA D 114 -9.06 25.52 -23.02
CA ALA D 114 -9.12 26.93 -23.40
C ALA D 114 -7.76 27.62 -23.27
N SER D 115 -7.00 27.29 -22.22
CA SER D 115 -5.70 27.94 -22.04
C SER D 115 -4.71 27.46 -23.10
N LEU D 116 -4.75 26.16 -23.45
CA LEU D 116 -3.81 25.65 -24.44
C LEU D 116 -4.07 26.28 -25.81
N LYS D 117 -5.34 26.45 -26.15
CA LYS D 117 -5.69 27.09 -27.42
C LYS D 117 -5.19 28.53 -27.46
N ARG D 118 -5.49 29.31 -26.41
CA ARG D 118 -5.07 30.72 -26.40
C ARG D 118 -3.56 30.84 -26.40
N LEU D 119 -2.87 29.96 -25.67
CA LEU D 119 -1.41 30.01 -25.61
C LEU D 119 -0.75 29.53 -26.91
N GLY D 120 -1.50 28.85 -27.77
CA GLY D 120 -0.90 28.33 -29.00
C GLY D 120 0.16 27.28 -28.75
N THR D 121 -0.07 26.37 -27.81
CA THR D 121 0.91 25.34 -27.47
C THR D 121 0.18 24.06 -27.12
N ASP D 122 0.90 22.94 -27.20
CA ASP D 122 0.29 21.66 -26.86
C ASP D 122 0.55 21.23 -25.41
N HIS D 123 1.29 22.02 -24.62
CA HIS D 123 1.49 21.64 -23.23
C HIS D 123 1.79 22.85 -22.36
N ILE D 124 1.34 22.77 -21.10
CA ILE D 124 1.69 23.72 -20.05
C ILE D 124 2.69 23.08 -19.11
N ASP D 125 3.80 23.78 -18.84
CA ASP D 125 4.84 23.19 -18.01
C ASP D 125 4.39 23.12 -16.57
N LEU D 126 3.80 24.21 -16.07
CA LEU D 126 3.40 24.28 -14.67
C LEU D 126 1.97 24.78 -14.61
N TYR D 127 1.03 23.88 -14.29
CA TYR D 127 -0.37 24.23 -14.22
C TYR D 127 -0.74 24.39 -12.75
N GLN D 128 -1.20 25.59 -12.38
CA GLN D 128 -1.36 25.98 -10.99
C GLN D 128 -2.83 26.20 -10.63
N PHE D 129 -3.20 25.75 -9.43
CA PHE D 129 -4.49 26.14 -8.86
C PHE D 129 -4.39 27.59 -8.39
N HIS D 130 -5.27 28.44 -8.92
CA HIS D 130 -5.19 29.87 -8.60
C HIS D 130 -5.51 30.14 -7.13
N HIS D 131 -6.28 29.27 -6.50
CA HIS D 131 -6.72 29.48 -5.14
C HIS D 131 -7.16 28.13 -4.58
N VAL D 132 -7.11 27.98 -3.26
CA VAL D 132 -7.62 26.75 -2.66
C VAL D 132 -9.11 26.66 -2.93
N ASP D 133 -9.59 25.46 -3.26
CA ASP D 133 -11.03 25.21 -3.36
C ASP D 133 -11.44 24.19 -2.30
N ARG D 134 -12.00 24.67 -1.19
CA ARG D 134 -12.30 23.80 -0.06
C ARG D 134 -13.35 22.75 -0.40
N ASP D 135 -14.11 22.94 -1.47
CA ASP D 135 -15.18 21.99 -1.77
C ASP D 135 -14.76 20.86 -2.69
N THR D 136 -13.54 20.87 -3.25
CA THR D 136 -13.14 19.79 -4.13
C THR D 136 -12.14 18.89 -3.42
N PRO D 137 -12.39 17.60 -3.28
CA PRO D 137 -11.45 16.73 -2.56
C PRO D 137 -10.23 16.41 -3.40
N TRP D 138 -9.13 16.03 -2.71
CA TRP D 138 -7.88 15.86 -3.42
C TRP D 138 -7.86 14.62 -4.31
N ASP D 139 -8.66 13.58 -4.03
CA ASP D 139 -8.64 12.47 -4.98
C ASP D 139 -9.32 12.84 -6.30
N GLU D 140 -10.30 13.75 -6.27
CA GLU D 140 -10.87 14.31 -7.50
C GLU D 140 -9.86 15.18 -8.25
N ILE D 141 -9.20 16.09 -7.53
CA ILE D 141 -8.20 16.96 -8.17
C ILE D 141 -7.07 16.13 -8.78
N TRP D 142 -6.50 15.19 -8.01
CA TRP D 142 -5.37 14.45 -8.58
C TRP D 142 -5.80 13.55 -9.73
N GLN D 143 -7.04 13.04 -9.73
CA GLN D 143 -7.51 12.32 -10.91
C GLN D 143 -7.47 13.22 -12.14
N ALA D 144 -8.03 14.42 -12.03
CA ALA D 144 -8.06 15.35 -13.17
C ALA D 144 -6.65 15.68 -13.64
N MET D 145 -5.75 16.02 -12.71
CA MET D 145 -4.40 16.41 -13.11
C MET D 145 -3.65 15.23 -13.73
N ASP D 146 -3.84 14.03 -13.18
CA ASP D 146 -3.18 12.85 -13.71
C ASP D 146 -3.63 12.55 -15.14
N VAL D 147 -4.91 12.80 -15.44
CA VAL D 147 -5.38 12.68 -16.82
C VAL D 147 -4.54 13.59 -17.73
N LEU D 148 -4.35 14.85 -17.31
CA LEU D 148 -3.59 15.79 -18.14
C LEU D 148 -2.11 15.40 -18.23
N VAL D 149 -1.51 14.94 -17.13
CA VAL D 149 -0.10 14.53 -17.17
C VAL D 149 0.09 13.39 -18.16
N ARG D 150 -0.78 12.38 -18.09
CA ARG D 150 -0.62 11.21 -18.94
C ARG D 150 -0.93 11.53 -20.39
N GLN D 151 -1.83 12.46 -20.64
CA GLN D 151 -2.07 12.96 -22.00
C GLN D 151 -0.96 13.88 -22.47
N GLY D 152 -0.05 14.30 -21.60
CA GLY D 152 1.04 15.17 -21.99
C GLY D 152 0.66 16.63 -22.12
N LYS D 153 -0.50 17.00 -21.61
CA LYS D 153 -0.94 18.38 -21.71
C LYS D 153 -0.29 19.26 -20.65
N ILE D 154 0.12 18.68 -19.51
CA ILE D 154 0.85 19.41 -18.48
C ILE D 154 2.00 18.52 -18.02
N LEU D 155 2.97 19.14 -17.37
CA LEU D 155 4.08 18.42 -16.75
C LEU D 155 3.99 18.47 -15.23
N TYR D 156 3.92 19.67 -14.66
CA TYR D 156 3.93 19.84 -13.22
C TYR D 156 2.66 20.53 -12.76
N VAL D 157 2.34 20.31 -11.48
CA VAL D 157 1.18 20.93 -10.85
C VAL D 157 1.68 21.80 -9.70
N GLY D 158 1.13 23.01 -9.58
CA GLY D 158 1.51 23.92 -8.52
C GLY D 158 0.27 24.51 -7.87
N SER D 159 0.48 25.06 -6.68
CA SER D 159 -0.59 25.71 -5.94
C SER D 159 -0.38 27.23 -5.90
N SER D 160 -1.46 27.96 -5.60
CA SER D 160 -1.38 29.38 -5.34
C SER D 160 -2.46 29.76 -4.32
N ASN D 161 -2.12 30.63 -3.38
CA ASN D 161 -3.05 31.03 -2.32
C ASN D 161 -3.60 29.80 -1.59
N PHE D 162 -2.70 28.96 -1.12
CA PHE D 162 -3.04 27.84 -0.27
C PHE D 162 -2.70 28.17 1.17
N ALA D 163 -3.38 27.50 2.11
CA ALA D 163 -2.86 27.46 3.46
C ALA D 163 -1.81 26.35 3.55
N GLY D 164 -0.93 26.45 4.54
CA GLY D 164 0.10 25.44 4.71
C GLY D 164 -0.46 24.02 4.78
N TRP D 165 -1.55 23.84 5.54
CA TRP D 165 -2.08 22.50 5.67
C TRP D 165 -2.66 21.98 4.36
N ASN D 166 -3.13 22.87 3.46
CA ASN D 166 -3.57 22.41 2.14
C ASN D 166 -2.43 21.78 1.36
N ILE D 167 -1.24 22.40 1.43
CA ILE D 167 -0.05 21.88 0.76
C ILE D 167 0.27 20.48 1.27
N ALA D 168 0.27 20.31 2.59
CA ALA D 168 0.52 19.02 3.21
C ALA D 168 -0.51 17.97 2.76
N GLN D 169 -1.80 18.28 2.90
CA GLN D 169 -2.82 17.32 2.51
C GLN D 169 -2.71 16.96 1.02
N ALA D 170 -2.49 17.98 0.18
CA ALA D 170 -2.34 17.73 -1.25
C ALA D 170 -1.20 16.76 -1.54
N ASN D 171 -0.02 16.99 -0.95
CA ASN D 171 1.13 16.17 -1.36
C ASN D 171 1.14 14.81 -0.68
N GLU D 172 0.63 14.69 0.54
CA GLU D 172 0.47 13.36 1.11
C GLU D 172 -0.52 12.53 0.30
N THR D 173 -1.60 13.15 -0.17
CA THR D 173 -2.55 12.42 -0.99
C THR D 173 -1.93 12.01 -2.30
N ALA D 174 -1.19 12.92 -2.95
CA ALA D 174 -0.51 12.57 -4.21
C ALA D 174 0.44 11.39 -4.00
N ALA D 175 1.25 11.46 -2.94
CA ALA D 175 2.32 10.48 -2.75
C ALA D 175 1.77 9.08 -2.45
N ARG D 176 0.61 8.98 -1.84
CA ARG D 176 0.00 7.69 -1.55
C ARG D 176 -0.11 6.80 -2.78
N HIS D 177 -0.31 7.41 -3.93
CA HIS D 177 -0.55 6.65 -5.14
C HIS D 177 0.43 7.01 -6.25
N GLY D 178 1.63 7.44 -5.87
CA GLY D 178 2.73 7.59 -6.80
C GLY D 178 2.68 8.83 -7.66
N ARG D 179 1.83 9.79 -7.36
CA ARG D 179 1.79 11.03 -8.14
C ARG D 179 2.79 12.03 -7.59
N LEU D 180 3.43 12.75 -8.50
CA LEU D 180 4.24 13.90 -8.07
C LEU D 180 3.28 14.96 -7.54
N GLY D 181 3.55 15.47 -6.35
CA GLY D 181 2.64 16.44 -5.75
C GLY D 181 2.83 17.84 -6.30
N LEU D 182 2.26 18.81 -5.59
CA LEU D 182 2.60 20.22 -5.84
C LEU D 182 4.11 20.40 -5.89
N VAL D 183 4.59 21.13 -6.90
CA VAL D 183 6.02 21.45 -6.97
C VAL D 183 6.31 22.87 -6.53
N SER D 184 5.29 23.71 -6.35
CA SER D 184 5.52 25.11 -6.01
C SER D 184 4.23 25.68 -5.43
N GLU D 185 4.39 26.65 -4.53
CA GLU D 185 3.28 27.44 -4.04
C GLU D 185 3.56 28.88 -4.43
N GLN D 186 2.56 29.53 -5.02
CA GLN D 186 2.66 30.94 -5.37
C GLN D 186 1.83 31.74 -4.35
N CYS D 187 2.50 32.38 -3.42
CA CYS D 187 1.78 33.07 -2.38
C CYS D 187 2.20 34.54 -2.33
N LEU D 188 1.32 35.33 -1.73
CA LEU D 188 1.59 36.74 -1.47
C LEU D 188 2.62 36.86 -0.35
N TYR D 189 3.74 37.51 -0.64
CA TYR D 189 4.85 37.63 0.31
C TYR D 189 5.73 38.79 -0.14
N ASN D 190 5.87 39.79 0.73
CA ASN D 190 6.67 40.97 0.46
C ASN D 190 6.89 41.64 1.80
N LEU D 191 7.63 42.76 1.77
CA LEU D 191 7.91 43.49 3.01
C LEU D 191 6.62 43.87 3.75
N CYS D 192 5.56 44.23 3.01
CA CYS D 192 4.34 44.74 3.64
C CYS D 192 3.51 43.63 4.27
N GLU D 193 3.47 42.47 3.63
CA GLU D 193 2.63 41.35 4.07
C GLU D 193 3.54 40.15 4.26
N ARG D 194 3.85 39.79 5.50
CA ARG D 194 4.76 38.69 5.78
C ARG D 194 4.10 37.50 6.46
N ARG D 195 2.76 37.47 6.55
CA ARG D 195 2.13 36.38 7.31
C ARG D 195 2.21 35.02 6.61
N ALA D 196 2.63 34.96 5.34
CA ALA D 196 2.97 33.66 4.76
C ALA D 196 4.07 32.96 5.56
N GLU D 197 4.80 33.70 6.39
CA GLU D 197 5.86 33.12 7.21
C GLU D 197 5.32 32.19 8.30
N MET D 198 4.07 32.39 8.74
CA MET D 198 3.55 31.62 9.86
C MET D 198 3.50 30.13 9.52
N GLU D 199 2.87 29.78 8.41
CA GLU D 199 2.59 28.39 8.10
C GLU D 199 2.70 28.02 6.63
N VAL D 200 2.50 28.95 5.68
CA VAL D 200 2.56 28.59 4.26
C VAL D 200 3.99 28.27 3.85
N VAL D 201 4.92 29.17 4.12
CA VAL D 201 6.31 28.92 3.70
C VAL D 201 6.88 27.74 4.49
N PRO D 202 6.66 27.62 5.80
CA PRO D 202 7.18 26.41 6.48
C PRO D 202 6.66 25.10 5.88
N ALA D 203 5.36 25.03 5.58
CA ALA D 203 4.85 23.80 4.97
C ALA D 203 5.48 23.56 3.61
N ALA D 204 5.57 24.60 2.79
CA ALA D 204 6.21 24.48 1.48
C ALA D 204 7.62 23.93 1.62
N ARG D 205 8.37 24.45 2.59
CA ARG D 205 9.75 24.00 2.76
C ARG D 205 9.82 22.56 3.21
N GLU D 206 8.97 22.18 4.16
CA GLU D 206 8.94 20.79 4.62
C GLU D 206 8.63 19.85 3.47
N TYR D 207 7.66 20.22 2.62
CA TYR D 207 7.26 19.36 1.51
C TYR D 207 8.11 19.59 0.25
N GLY D 208 9.12 20.46 0.31
CA GLY D 208 9.99 20.64 -0.84
C GLY D 208 9.34 21.33 -2.03
N LEU D 209 8.43 22.27 -1.77
CA LEU D 209 7.84 23.08 -2.84
C LEU D 209 8.70 24.31 -3.07
N GLY D 210 8.82 24.71 -4.34
CA GLY D 210 9.25 26.07 -4.63
C GLY D 210 8.28 27.07 -4.02
N VAL D 211 8.78 28.27 -3.72
CA VAL D 211 7.93 29.37 -3.22
C VAL D 211 8.19 30.55 -4.14
N ILE D 212 7.17 30.98 -4.89
CA ILE D 212 7.31 32.13 -5.76
C ILE D 212 6.33 33.20 -5.29
N ALA D 213 6.85 34.40 -5.03
CA ALA D 213 6.09 35.42 -4.32
C ALA D 213 5.37 36.30 -5.33
N TRP D 214 4.04 36.39 -5.22
CA TRP D 214 3.33 37.28 -6.12
C TRP D 214 3.13 38.65 -5.47
N SER D 215 2.88 39.65 -6.32
CA SER D 215 2.92 41.07 -5.95
C SER D 215 4.09 41.35 -5.01
N PRO D 216 5.33 41.12 -5.44
CA PRO D 216 6.46 41.30 -4.56
C PRO D 216 6.73 42.75 -4.19
N LEU D 217 6.17 43.71 -4.92
CA LEU D 217 6.23 45.11 -4.51
C LEU D 217 4.90 45.57 -3.95
N HIS D 218 4.02 44.63 -3.58
CA HIS D 218 2.69 44.95 -3.06
C HIS D 218 1.93 45.83 -4.06
N GLY D 219 1.95 45.42 -5.32
CA GLY D 219 1.27 46.17 -6.38
C GLY D 219 1.87 47.54 -6.66
N GLY D 220 3.18 47.67 -6.52
CA GLY D 220 3.86 48.92 -6.78
C GLY D 220 4.07 49.81 -5.57
N LEU D 221 3.42 49.48 -4.45
CA LEU D 221 3.55 50.29 -3.23
C LEU D 221 5.01 50.43 -2.78
N LEU D 222 5.79 49.38 -2.97
CA LEU D 222 7.18 49.36 -2.54
C LEU D 222 8.12 49.82 -3.64
N GLY D 223 7.60 50.34 -4.75
CA GLY D 223 8.43 50.75 -5.86
C GLY D 223 8.75 52.23 -5.92
N GLY D 224 8.61 52.95 -4.81
CA GLY D 224 8.77 54.38 -4.78
C GLY D 224 7.47 55.15 -4.86
N ALA D 225 6.37 54.59 -4.36
CA ALA D 225 5.05 55.13 -4.67
C ALA D 225 4.83 56.50 -4.03
N ILE D 226 5.46 56.79 -2.89
CA ILE D 226 5.29 58.11 -2.29
C ILE D 226 6.03 59.15 -3.13
N ARG D 227 7.28 58.87 -3.50
CA ARG D 227 8.03 59.80 -4.34
C ARG D 227 7.34 60.01 -5.68
N LYS D 228 6.74 58.96 -6.23
CA LYS D 228 6.04 59.03 -7.51
C LYS D 228 4.56 59.41 -7.37
N GLU D 229 4.10 59.75 -6.16
CA GLU D 229 2.65 59.78 -5.90
C GLU D 229 1.90 60.74 -6.81
N GLN D 230 2.48 61.87 -7.18
CA GLN D 230 1.75 62.83 -7.97
C GLN D 230 2.07 62.72 -9.47
N GLU D 231 2.72 61.64 -9.89
CA GLU D 231 3.09 61.47 -11.30
C GLU D 231 1.96 60.83 -12.10
N GLY D 232 2.03 61.03 -13.42
CA GLY D 232 1.12 60.42 -14.36
C GLY D 232 1.54 59.01 -14.69
N GLY D 233 1.26 58.61 -15.93
CA GLY D 233 1.45 57.23 -16.35
C GLY D 233 0.32 56.33 -15.88
N ASN D 234 0.15 55.22 -16.61
CA ASN D 234 -0.81 54.20 -16.21
C ASN D 234 -0.23 53.36 -15.07
N ARG D 235 0.11 54.04 -13.98
CA ARG D 235 0.88 53.44 -12.90
C ARG D 235 0.00 52.55 -12.04
N ARG D 236 0.43 51.30 -11.85
CA ARG D 236 -0.29 50.37 -10.98
C ARG D 236 -0.38 50.92 -9.56
N ALA D 237 0.65 51.65 -9.11
CA ALA D 237 0.64 52.19 -7.76
C ALA D 237 -0.41 53.29 -7.57
N ALA D 238 -0.94 53.86 -8.66
CA ALA D 238 -1.96 54.90 -8.53
C ALA D 238 -3.32 54.35 -8.17
N SER D 239 -3.51 53.02 -8.25
CA SER D 239 -4.81 52.38 -8.04
C SER D 239 -4.66 51.26 -7.03
N GLY D 240 -5.80 50.68 -6.66
CA GLY D 240 -5.81 49.34 -6.07
C GLY D 240 -5.09 49.23 -4.75
N ARG D 241 -4.38 48.10 -4.59
CA ARG D 241 -3.74 47.76 -3.32
C ARG D 241 -2.82 48.87 -2.83
N ALA D 242 -1.98 49.40 -3.73
CA ALA D 242 -1.02 50.43 -3.33
C ALA D 242 -1.72 51.74 -2.99
N ALA D 243 -2.74 52.12 -3.76
CA ALA D 243 -3.43 53.38 -3.49
C ALA D 243 -4.18 53.33 -2.17
N ASP D 244 -4.83 52.20 -1.87
CA ASP D 244 -5.57 52.11 -0.61
C ASP D 244 -4.64 52.18 0.59
N ALA D 245 -3.46 51.56 0.46
CA ALA D 245 -2.48 51.60 1.54
C ALA D 245 -2.04 53.03 1.85
N LEU D 246 -1.78 53.83 0.81
CA LEU D 246 -1.28 55.18 1.01
C LEU D 246 -2.35 56.11 1.57
N LYS D 247 -3.60 55.66 1.54
CA LYS D 247 -4.69 56.34 2.23
C LYS D 247 -4.59 56.22 3.74
N ASP D 248 -4.13 55.09 4.23
CA ASP D 248 -4.12 54.86 5.66
C ASP D 248 -2.88 55.49 6.30
N PRO D 249 -3.03 56.33 7.32
CA PRO D 249 -1.85 56.97 7.91
C PRO D 249 -0.80 55.98 8.39
N GLN D 250 -1.21 54.95 9.13
CA GLN D 250 -0.24 53.99 9.65
C GLN D 250 0.51 53.27 8.53
N GLN D 251 -0.21 52.91 7.46
CA GLN D 251 0.45 52.22 6.36
C GLN D 251 1.33 53.18 5.56
N ARG D 252 0.82 54.39 5.28
CA ARG D 252 1.64 55.38 4.58
C ARG D 252 2.92 55.69 5.34
N GLU D 253 2.82 55.83 6.66
CA GLU D 253 3.98 56.07 7.50
C GLU D 253 5.04 55.00 7.29
N GLN D 254 4.61 53.75 7.11
CA GLN D 254 5.56 52.66 6.93
C GLN D 254 6.32 52.79 5.62
N ILE D 255 5.61 53.11 4.53
CA ILE D 255 6.26 53.28 3.23
C ILE D 255 7.15 54.51 3.23
N GLN D 256 6.75 55.58 3.94
CA GLN D 256 7.60 56.77 4.05
C GLN D 256 8.92 56.43 4.71
N ARG D 257 8.85 55.69 5.82
CA ARG D 257 10.05 55.21 6.50
C ARG D 257 10.95 54.42 5.54
N TYR D 258 10.34 53.55 4.74
CA TYR D 258 11.08 52.73 3.77
C TYR D 258 11.81 53.60 2.76
N GLU D 259 11.10 54.52 2.12
CA GLU D 259 11.73 55.34 1.08
C GLU D 259 12.78 56.27 1.65
N ASP D 260 12.53 56.83 2.83
CA ASP D 260 13.52 57.69 3.48
C ASP D 260 14.77 56.91 3.86
N LEU D 261 14.59 55.67 4.32
CA LEU D 261 15.75 54.84 4.68
C LEU D 261 16.61 54.59 3.45
N LEU D 262 15.99 54.26 2.32
CA LEU D 262 16.76 53.91 1.13
C LEU D 262 17.46 55.12 0.50
N ASP D 263 16.90 56.33 0.66
CA ASP D 263 17.61 57.53 0.26
C ASP D 263 18.94 57.69 0.99
N LYS D 264 19.04 57.20 2.21
CA LYS D 264 20.30 57.32 2.95
C LYS D 264 21.34 56.29 2.50
N HIS D 265 20.94 55.32 1.69
CA HIS D 265 21.84 54.25 1.29
C HIS D 265 22.04 54.18 -0.22
N GLY D 266 21.47 55.12 -0.98
CA GLY D 266 21.64 55.09 -2.42
C GLY D 266 21.08 53.85 -3.08
N LEU D 267 19.95 53.36 -2.58
CA LEU D 267 19.29 52.17 -3.10
C LEU D 267 17.90 52.53 -3.63
N GLU D 268 17.43 51.76 -4.63
CA GLU D 268 16.11 51.99 -5.22
C GLU D 268 15.05 51.13 -4.52
N PRO D 269 13.86 51.69 -4.24
CA PRO D 269 12.87 50.92 -3.46
C PRO D 269 12.37 49.67 -4.15
N GLY D 270 12.11 49.72 -5.45
CA GLY D 270 11.67 48.52 -6.14
C GLY D 270 12.73 47.42 -6.10
N GLU D 271 13.99 47.79 -6.31
CA GLU D 271 15.04 46.78 -6.36
C GLU D 271 15.27 46.16 -4.98
N VAL D 272 15.24 46.97 -3.93
CA VAL D 272 15.45 46.46 -2.58
C VAL D 272 14.33 45.47 -2.21
N ALA D 273 13.09 45.79 -2.55
CA ALA D 273 11.99 44.91 -2.20
C ALA D 273 12.13 43.54 -2.87
N LEU D 274 12.59 43.54 -4.12
CA LEU D 274 12.91 42.30 -4.81
C LEU D 274 14.10 41.60 -4.16
N ALA D 275 15.21 42.31 -3.98
CA ALA D 275 16.39 41.70 -3.38
C ALA D 275 16.07 41.14 -1.98
N TRP D 276 15.18 41.80 -1.24
CA TRP D 276 14.85 41.32 0.09
C TRP D 276 14.22 39.94 0.03
N LEU D 277 13.31 39.72 -0.92
CA LEU D 277 12.68 38.40 -1.04
C LEU D 277 13.69 37.32 -1.37
N LEU D 278 14.68 37.65 -2.21
CA LEU D 278 15.69 36.66 -2.57
C LEU D 278 16.52 36.23 -1.36
N THR D 279 16.51 36.99 -0.26
CA THR D 279 17.22 36.58 0.94
C THR D 279 16.39 35.68 1.87
N ARG D 280 15.09 35.54 1.62
CA ARG D 280 14.24 34.83 2.57
C ARG D 280 14.39 33.32 2.39
N PRO D 281 14.64 32.55 3.46
CA PRO D 281 14.85 31.10 3.29
C PRO D 281 13.62 30.41 2.72
N GLY D 282 13.86 29.55 1.73
CA GLY D 282 12.81 28.82 1.06
C GLY D 282 12.18 29.52 -0.12
N VAL D 283 12.44 30.81 -0.32
CA VAL D 283 11.84 31.55 -1.43
C VAL D 283 12.63 31.26 -2.69
N THR D 284 11.96 30.68 -3.69
CA THR D 284 12.57 30.50 -5.00
C THR D 284 12.90 31.86 -5.60
N GLY D 285 11.94 32.76 -5.59
CA GLY D 285 12.14 34.08 -6.13
C GLY D 285 10.86 34.88 -6.20
N PRO D 286 10.99 36.19 -6.42
CA PRO D 286 9.79 37.00 -6.66
C PRO D 286 9.28 36.79 -8.08
N ILE D 287 7.96 36.97 -8.23
CA ILE D 287 7.35 37.02 -9.56
C ILE D 287 7.26 38.50 -9.91
N VAL D 288 8.23 38.98 -10.71
CA VAL D 288 8.30 40.41 -10.99
C VAL D 288 7.13 40.80 -11.90
N GLY D 289 6.64 42.01 -11.72
CA GLY D 289 5.55 42.49 -12.54
C GLY D 289 5.91 43.81 -13.18
N PRO D 290 6.87 43.80 -14.12
CA PRO D 290 7.22 45.04 -14.80
C PRO D 290 6.10 45.51 -15.71
N ARG D 291 5.94 46.83 -15.74
CA ARG D 291 5.09 47.51 -16.71
C ARG D 291 5.86 47.90 -17.97
N THR D 292 7.17 48.11 -17.86
CA THR D 292 8.01 48.54 -18.95
C THR D 292 9.26 47.68 -19.01
N ALA D 293 9.90 47.71 -20.18
CA ALA D 293 11.19 47.04 -20.33
C ALA D 293 12.23 47.60 -19.36
N ASP D 294 12.14 48.89 -19.05
CA ASP D 294 13.08 49.47 -18.09
C ASP D 294 12.90 48.86 -16.71
N GLN D 295 11.66 48.56 -16.33
CA GLN D 295 11.45 47.95 -15.02
C GLN D 295 11.96 46.51 -15.01
N LEU D 296 11.90 45.82 -16.14
CA LEU D 296 12.51 44.49 -16.20
C LEU D 296 14.03 44.58 -15.99
N ALA D 297 14.68 45.55 -16.64
CA ALA D 297 16.10 45.75 -16.43
C ALA D 297 16.42 46.10 -14.98
N SER D 298 15.53 46.84 -14.33
CA SER D 298 15.71 47.18 -12.93
C SER D 298 15.60 45.95 -12.04
N ALA D 299 14.65 45.06 -12.34
CA ALA D 299 14.58 43.80 -11.60
C ALA D 299 15.85 42.98 -11.76
N VAL D 300 16.39 42.93 -12.98
CA VAL D 300 17.63 42.20 -13.20
C VAL D 300 18.76 42.77 -12.35
N ARG D 301 18.81 44.11 -12.23
CA ARG D 301 19.79 44.71 -11.33
C ARG D 301 19.54 44.29 -9.90
N ALA D 302 18.27 44.19 -9.50
CA ALA D 302 17.93 43.82 -8.14
C ALA D 302 18.42 42.42 -7.78
N ALA D 303 18.46 41.52 -8.76
CA ALA D 303 18.94 40.17 -8.51
C ALA D 303 20.43 40.13 -8.27
N GLU D 304 21.16 41.17 -8.67
CA GLU D 304 22.59 41.26 -8.40
C GLU D 304 22.91 42.09 -7.17
N LEU D 305 21.90 42.75 -6.60
CA LEU D 305 22.10 43.52 -5.38
C LEU D 305 22.51 42.60 -4.22
N THR D 306 23.37 43.11 -3.35
CA THR D 306 23.66 42.47 -2.05
C THR D 306 23.25 43.45 -0.96
N LEU D 307 22.21 43.10 -0.20
CA LEU D 307 21.73 43.98 0.87
C LEU D 307 22.58 43.76 2.12
N THR D 308 23.10 44.86 2.68
CA THR D 308 23.93 44.74 3.86
C THR D 308 23.12 44.30 5.07
N ASP D 309 23.81 43.76 6.08
CA ASP D 309 23.15 43.42 7.32
C ASP D 309 22.50 44.64 7.95
N GLU D 310 23.14 45.80 7.84
CA GLU D 310 22.55 47.04 8.36
C GLU D 310 21.20 47.31 7.72
N VAL D 311 21.13 47.22 6.39
CA VAL D 311 19.88 47.46 5.68
C VAL D 311 18.86 46.37 6.01
N LEU D 312 19.29 45.11 6.07
CA LEU D 312 18.35 44.03 6.38
C LEU D 312 17.76 44.21 7.78
N THR D 313 18.57 44.68 8.73
CA THR D 313 18.09 44.94 10.09
C THR D 313 17.12 46.11 10.11
N ALA D 314 17.44 47.16 9.36
CA ALA D 314 16.54 48.31 9.31
C ALA D 314 15.21 47.94 8.67
N LEU D 315 15.24 47.14 7.60
CA LEU D 315 14.00 46.71 6.97
C LEU D 315 13.16 45.89 7.93
N ASP D 316 13.81 45.06 8.74
CA ASP D 316 13.07 44.23 9.69
C ASP D 316 12.42 45.06 10.79
N GLU D 317 12.97 46.23 11.10
CA GLU D 317 12.35 47.11 12.08
C GLU D 317 11.16 47.86 11.47
N ILE D 318 11.26 48.27 10.21
CA ILE D 318 10.14 48.91 9.54
C ILE D 318 9.02 47.91 9.30
N PHE D 319 9.38 46.69 8.87
CA PHE D 319 8.46 45.68 8.36
C PHE D 319 8.62 44.38 9.14
N PRO D 320 8.24 44.35 10.41
CA PRO D 320 8.42 43.11 11.18
C PRO D 320 7.53 42.00 10.65
N GLY D 321 8.01 40.76 10.78
CA GLY D 321 7.26 39.60 10.38
C GLY D 321 6.93 38.73 11.58
N PRO D 322 5.92 37.85 11.46
CA PRO D 322 5.51 37.05 12.62
C PRO D 322 6.39 35.83 12.87
N GLY D 323 7.13 35.35 11.88
CA GLY D 323 7.83 34.09 12.00
C GLY D 323 6.84 32.95 12.02
N PRO D 324 7.32 31.72 12.23
CA PRO D 324 6.45 30.55 12.15
C PRO D 324 5.50 30.40 13.34
N SER D 325 4.33 29.82 13.05
CA SER D 325 3.48 29.23 14.09
C SER D 325 4.07 27.91 14.57
N PRO D 326 3.81 27.51 15.83
CA PRO D 326 2.95 28.18 16.81
C PRO D 326 3.63 29.35 17.54
N GLU D 327 4.96 29.47 17.45
CA GLU D 327 5.67 30.51 18.20
C GLU D 327 5.14 31.91 17.90
N ALA D 328 4.62 32.12 16.68
CA ALA D 328 4.14 33.45 16.30
C ALA D 328 3.01 33.93 17.20
N PHE D 329 2.20 33.02 17.76
CA PHE D 329 1.12 33.44 18.65
C PHE D 329 1.06 32.74 19.98
N ALA D 330 1.89 31.70 20.21
CA ALA D 330 1.87 30.95 21.46
C ALA D 330 3.26 30.98 22.07
N TRP D 331 4.03 29.89 22.01
CA TRP D 331 5.42 29.87 22.48
C TRP D 331 6.18 28.78 21.73
N MET E 1 -32.63 29.59 -8.15
CA MET E 1 -32.36 28.15 -8.04
C MET E 1 -31.36 27.84 -6.91
N GLU E 2 -31.66 26.85 -6.08
CA GLU E 2 -30.73 26.45 -5.01
C GLU E 2 -29.71 25.45 -5.54
N TYR E 3 -28.47 25.61 -5.11
CA TYR E 3 -27.38 24.76 -5.57
C TYR E 3 -26.73 24.08 -4.38
N THR E 4 -25.98 23.01 -4.66
CA THR E 4 -25.34 22.21 -3.62
C THR E 4 -24.22 21.43 -4.27
N GLN E 5 -23.21 21.07 -3.47
CA GLN E 5 -22.23 20.11 -3.95
C GLN E 5 -22.90 18.76 -4.11
N LEU E 6 -22.42 17.98 -5.07
CA LEU E 6 -22.89 16.62 -5.27
C LEU E 6 -22.10 15.76 -4.29
N GLY E 7 -22.70 15.46 -3.13
CA GLY E 7 -21.95 14.72 -2.12
C GLY E 7 -20.66 15.44 -1.75
N ARG E 8 -19.56 14.67 -1.69
CA ARG E 8 -18.27 15.20 -1.27
C ARG E 8 -17.52 15.93 -2.39
N ILE E 9 -17.96 15.81 -3.64
CA ILE E 9 -17.07 16.24 -4.73
C ILE E 9 -17.24 17.72 -5.04
N GLY E 10 -16.39 18.23 -5.94
CA GLY E 10 -16.34 19.65 -6.26
C GLY E 10 -17.39 20.11 -7.24
N LEU E 11 -18.05 19.16 -7.91
CA LEU E 11 -19.15 19.46 -8.81
C LEU E 11 -20.31 20.10 -8.06
N LYS E 12 -20.80 21.24 -8.57
CA LYS E 12 -21.95 21.94 -8.02
C LYS E 12 -23.16 21.71 -8.93
N VAL E 13 -24.29 21.32 -8.33
CA VAL E 13 -25.47 21.01 -9.15
C VAL E 13 -26.69 21.72 -8.57
N SER E 14 -27.66 21.98 -9.45
CA SER E 14 -28.97 22.43 -9.00
C SER E 14 -29.66 21.33 -8.20
N ARG E 15 -30.42 21.73 -7.19
CA ARG E 15 -31.14 20.75 -6.37
C ARG E 15 -32.37 20.19 -7.06
N LEU E 16 -32.73 20.70 -8.23
CA LEU E 16 -33.63 20.01 -9.16
C LEU E 16 -32.76 19.42 -10.25
N VAL E 17 -32.92 18.11 -10.51
CA VAL E 17 -32.25 17.40 -11.60
C VAL E 17 -33.28 17.15 -12.69
N LEU E 18 -32.98 17.56 -13.92
CA LEU E 18 -33.92 17.39 -15.01
C LEU E 18 -33.82 15.96 -15.52
N GLY E 19 -34.89 15.19 -15.31
CA GLY E 19 -35.00 13.87 -15.89
C GLY E 19 -35.57 13.93 -17.29
N THR E 20 -35.11 13.03 -18.16
CA THR E 20 -35.46 13.09 -19.57
C THR E 20 -36.24 11.87 -20.03
N MET E 21 -36.63 10.97 -19.13
CA MET E 21 -37.28 9.73 -19.50
C MET E 21 -38.50 9.96 -20.39
N ASN E 22 -39.26 11.04 -20.10
CA ASN E 22 -40.46 11.38 -20.87
C ASN E 22 -40.14 11.84 -22.28
N PHE E 23 -38.90 12.24 -22.57
CA PHE E 23 -38.55 12.84 -23.85
C PHE E 23 -38.47 11.74 -24.90
N GLY E 24 -39.46 11.67 -25.78
CA GLY E 24 -39.51 10.66 -26.80
C GLY E 24 -40.77 9.82 -26.73
N PRO E 25 -40.92 9.05 -25.66
CA PRO E 25 -42.12 8.21 -25.54
C PRO E 25 -43.38 8.98 -25.18
N THR E 26 -43.25 10.09 -24.44
CA THR E 26 -44.41 10.82 -23.97
C THR E 26 -44.41 12.28 -24.38
N THR E 27 -43.24 12.91 -24.46
CA THR E 27 -43.06 14.29 -24.90
C THR E 27 -42.26 14.27 -26.20
N ASP E 28 -42.67 15.09 -27.17
CA ASP E 28 -41.98 15.02 -28.45
C ASP E 28 -40.71 15.89 -28.41
N GLU E 29 -39.91 15.74 -29.47
CA GLU E 29 -38.63 16.43 -29.56
C GLU E 29 -38.81 17.93 -29.35
N ALA E 30 -39.85 18.50 -29.96
CA ALA E 30 -40.07 19.94 -29.88
C ALA E 30 -40.34 20.39 -28.45
N GLU E 31 -41.32 19.77 -27.79
CA GLU E 31 -41.57 20.18 -26.40
C GLU E 31 -40.39 19.80 -25.50
N SER E 32 -39.66 18.71 -25.83
CA SER E 32 -38.50 18.32 -25.04
C SER E 32 -37.41 19.38 -25.09
N HIS E 33 -37.07 19.84 -26.30
CA HIS E 33 -36.09 20.92 -26.45
C HIS E 33 -36.53 22.18 -25.73
N ALA E 34 -37.83 22.46 -25.71
CA ALA E 34 -38.32 23.66 -25.05
C ALA E 34 -38.20 23.55 -23.54
N ILE E 35 -38.50 22.37 -22.99
CA ILE E 35 -38.35 22.17 -21.55
C ILE E 35 -36.88 22.31 -21.14
N MET E 36 -35.95 21.86 -22.00
CA MET E 36 -34.54 21.93 -21.63
C MET E 36 -34.03 23.37 -21.64
N ASP E 37 -34.47 24.18 -22.61
CA ASP E 37 -34.12 25.60 -22.58
C ASP E 37 -34.73 26.29 -21.37
N ALA E 38 -35.95 25.89 -21.00
CA ALA E 38 -36.56 26.48 -19.81
C ALA E 38 -35.83 26.04 -18.56
N ALA E 39 -35.37 24.78 -18.53
CA ALA E 39 -34.58 24.32 -17.40
C ALA E 39 -33.34 25.16 -17.24
N LEU E 40 -32.61 25.38 -18.33
CA LEU E 40 -31.39 26.20 -18.29
C LEU E 40 -31.71 27.60 -17.79
N ASP E 41 -32.80 28.20 -18.27
CA ASP E 41 -33.14 29.56 -17.86
C ASP E 41 -33.52 29.62 -16.38
N ALA E 42 -34.08 28.53 -15.83
CA ALA E 42 -34.36 28.48 -14.41
C ALA E 42 -33.11 28.19 -13.58
N GLY E 43 -31.99 27.89 -14.22
CA GLY E 43 -30.75 27.60 -13.52
C GLY E 43 -30.46 26.13 -13.32
N ILE E 44 -31.29 25.23 -13.86
CA ILE E 44 -31.02 23.81 -13.75
C ILE E 44 -29.86 23.46 -14.67
N ASN E 45 -28.80 22.89 -14.09
CA ASN E 45 -27.59 22.57 -14.85
C ASN E 45 -27.28 21.08 -14.88
N PHE E 46 -28.22 20.23 -14.47
CA PHE E 46 -27.95 18.83 -14.16
C PHE E 46 -29.04 18.02 -14.86
N PHE E 47 -28.70 17.34 -15.96
CA PHE E 47 -29.65 16.56 -16.75
C PHE E 47 -29.33 15.07 -16.61
N ASP E 48 -30.36 14.27 -16.32
CA ASP E 48 -30.26 12.81 -16.27
C ASP E 48 -30.93 12.15 -17.48
N THR E 49 -30.21 11.26 -18.16
CA THR E 49 -30.78 10.46 -19.24
C THR E 49 -30.29 9.02 -19.09
N ALA E 50 -30.62 8.18 -20.07
CA ALA E 50 -30.15 6.79 -20.09
C ALA E 50 -30.13 6.32 -21.52
N ASN E 51 -29.28 5.34 -21.80
CA ASN E 51 -29.25 4.84 -23.17
C ASN E 51 -30.57 4.16 -23.55
N VAL E 52 -31.25 3.51 -22.61
CA VAL E 52 -32.48 2.80 -22.94
C VAL E 52 -33.71 3.71 -23.03
N TYR E 53 -33.60 4.97 -22.64
CA TYR E 53 -34.80 5.83 -22.69
C TYR E 53 -35.23 6.04 -24.14
N GLY E 54 -36.53 5.94 -24.36
CA GLY E 54 -37.10 5.80 -25.68
C GLY E 54 -37.98 4.57 -25.69
N TRP E 55 -37.47 3.48 -25.09
CA TRP E 55 -38.16 2.21 -24.89
C TRP E 55 -38.42 1.45 -26.19
N GLY E 56 -38.49 0.12 -26.10
CA GLY E 56 -38.91 -0.70 -27.24
C GLY E 56 -37.99 -0.55 -28.43
N GLU E 57 -38.58 -0.45 -29.62
CA GLU E 57 -37.84 -0.21 -30.85
C GLU E 57 -37.12 1.13 -30.85
N ASN E 58 -37.47 2.05 -29.94
CA ASN E 58 -36.91 3.39 -29.96
C ASN E 58 -35.90 3.63 -28.85
N LYS E 59 -35.31 2.58 -28.28
CA LYS E 59 -34.27 2.79 -27.28
C LYS E 59 -33.14 3.62 -27.88
N GLY E 60 -32.70 4.63 -27.14
CA GLY E 60 -31.71 5.57 -27.64
C GLY E 60 -32.29 6.88 -28.13
N ARG E 61 -33.60 6.93 -28.35
CA ARG E 61 -34.23 8.13 -28.89
C ARG E 61 -34.00 9.33 -27.97
N THR E 62 -34.05 9.13 -26.65
CA THR E 62 -33.88 10.26 -25.73
C THR E 62 -32.49 10.87 -25.82
N GLU E 63 -31.44 10.04 -25.87
CA GLU E 63 -30.09 10.56 -26.07
C GLU E 63 -29.98 11.32 -27.38
N GLU E 64 -30.66 10.84 -28.42
CA GLU E 64 -30.65 11.54 -29.70
C GLU E 64 -31.33 12.91 -29.60
N ILE E 65 -32.39 12.99 -28.79
CA ILE E 65 -33.06 14.28 -28.59
C ILE E 65 -32.15 15.25 -27.86
N LEU E 66 -31.34 14.75 -26.92
CA LEU E 66 -30.37 15.63 -26.28
C LEU E 66 -29.24 15.96 -27.21
N GLY E 67 -28.88 15.05 -28.11
CA GLY E 67 -27.81 15.34 -29.05
C GLY E 67 -28.18 16.48 -29.98
N SER E 68 -29.44 16.54 -30.40
CA SER E 68 -29.85 17.61 -31.30
C SER E 68 -30.08 18.91 -30.55
N TRP E 69 -30.43 18.82 -29.26
CA TRP E 69 -30.46 20.01 -28.42
C TRP E 69 -29.06 20.62 -28.32
N PHE E 70 -28.05 19.82 -27.98
CA PHE E 70 -26.69 20.34 -27.90
C PHE E 70 -26.24 20.92 -29.24
N ALA E 71 -26.62 20.26 -30.34
CA ALA E 71 -26.22 20.70 -31.67
C ALA E 71 -26.71 22.11 -32.01
N GLN E 72 -27.70 22.63 -31.29
CA GLN E 72 -28.12 24.00 -31.50
C GLN E 72 -27.07 25.03 -31.07
N GLY E 73 -25.99 24.61 -30.40
CA GLY E 73 -24.96 25.56 -29.96
C GLY E 73 -25.41 26.32 -28.72
N GLY E 74 -24.98 27.59 -28.65
CA GLY E 74 -25.40 28.42 -27.53
C GLY E 74 -24.86 27.99 -26.18
N ASP E 75 -23.69 27.34 -26.16
CA ASP E 75 -23.06 26.88 -24.92
C ASP E 75 -23.93 25.91 -24.12
N ARG E 76 -24.90 25.25 -24.75
CA ARG E 76 -25.74 24.30 -24.03
C ARG E 76 -24.91 23.15 -23.44
N ARG E 77 -24.00 22.56 -24.21
CA ARG E 77 -23.21 21.45 -23.68
C ARG E 77 -22.29 21.92 -22.55
N ASP E 78 -21.69 23.10 -22.71
CA ASP E 78 -20.76 23.61 -21.71
C ASP E 78 -21.47 23.93 -20.39
N LYS E 79 -22.76 24.24 -20.44
CA LYS E 79 -23.48 24.63 -19.24
C LYS E 79 -24.05 23.43 -18.48
N VAL E 80 -24.26 22.31 -19.14
CA VAL E 80 -24.99 21.17 -18.57
C VAL E 80 -24.02 20.15 -18.02
N VAL E 81 -24.30 19.69 -16.80
CA VAL E 81 -23.73 18.43 -16.30
C VAL E 81 -24.55 17.28 -16.88
N LEU E 82 -23.97 16.55 -17.82
CA LEU E 82 -24.68 15.52 -18.58
C LEU E 82 -24.45 14.15 -17.92
N ALA E 83 -25.55 13.49 -17.51
CA ALA E 83 -25.48 12.17 -16.91
C ALA E 83 -26.22 11.16 -17.78
N THR E 84 -25.60 10.01 -18.05
CA THR E 84 -26.35 8.94 -18.70
C THR E 84 -25.99 7.64 -17.98
N LYS E 85 -26.43 6.51 -18.54
CA LYS E 85 -26.44 5.25 -17.81
C LYS E 85 -26.01 4.09 -18.70
N VAL E 86 -25.45 3.06 -18.06
CA VAL E 86 -25.10 1.80 -18.70
C VAL E 86 -25.57 0.66 -17.81
N TYR E 87 -26.06 -0.41 -18.44
CA TYR E 87 -26.48 -1.70 -17.88
C TYR E 87 -27.56 -2.30 -18.77
N GLY E 88 -28.45 -1.45 -19.27
CA GLY E 88 -29.63 -1.93 -19.97
C GLY E 88 -29.30 -2.57 -21.31
N ASN E 89 -30.15 -3.52 -21.69
CA ASN E 89 -30.09 -4.11 -23.03
C ASN E 89 -30.53 -3.09 -24.07
N MET E 90 -29.69 -2.82 -25.07
CA MET E 90 -30.07 -1.91 -26.15
C MET E 90 -30.59 -2.64 -27.39
N GLY E 91 -30.61 -3.98 -27.39
CA GLY E 91 -31.14 -4.74 -28.49
C GLY E 91 -32.65 -4.89 -28.40
N LEU E 92 -33.16 -5.92 -29.06
CA LEU E 92 -34.59 -6.20 -29.01
C LEU E 92 -35.00 -6.53 -27.62
N ASP E 93 -36.07 -5.92 -27.19
CA ASP E 93 -36.57 -6.21 -25.85
C ASP E 93 -36.79 -7.71 -25.67
N GLY E 94 -36.41 -8.21 -24.50
CA GLY E 94 -36.43 -9.62 -24.22
C GLY E 94 -35.10 -10.05 -23.66
N PRO E 95 -34.81 -11.35 -23.66
CA PRO E 95 -33.51 -11.80 -23.14
C PRO E 95 -32.38 -11.32 -24.03
N ALA E 96 -31.39 -10.68 -23.40
CA ALA E 96 -30.32 -10.03 -24.14
C ALA E 96 -29.31 -11.06 -24.65
N TRP E 97 -28.66 -10.73 -25.76
CA TRP E 97 -27.49 -11.49 -26.15
C TRP E 97 -26.45 -11.37 -25.05
N PRO E 98 -25.72 -12.43 -24.71
CA PRO E 98 -24.77 -12.35 -23.59
C PRO E 98 -23.79 -11.20 -23.79
N ASN E 99 -23.57 -10.44 -22.70
CA ASN E 99 -22.66 -9.30 -22.61
C ASN E 99 -23.16 -8.09 -23.39
N HIS E 100 -24.43 -8.09 -23.78
CA HIS E 100 -25.10 -6.91 -24.33
C HIS E 100 -26.01 -6.24 -23.32
N ASP E 101 -26.07 -6.76 -22.09
CA ASP E 101 -26.51 -6.01 -20.93
C ASP E 101 -25.53 -6.24 -19.80
N LYS E 102 -25.82 -5.67 -18.62
CA LYS E 102 -25.03 -5.75 -17.40
C LYS E 102 -23.73 -4.95 -17.48
N LEU E 103 -22.81 -5.19 -16.54
CA LEU E 103 -21.69 -4.28 -16.32
C LEU E 103 -20.31 -4.90 -16.63
N SER E 104 -20.24 -5.94 -17.46
CA SER E 104 -18.93 -6.42 -17.89
C SER E 104 -18.14 -5.29 -18.55
N ALA E 105 -16.81 -5.32 -18.43
CA ALA E 105 -15.98 -4.38 -19.18
C ALA E 105 -16.32 -4.39 -20.67
N LEU E 106 -16.73 -5.54 -21.20
CA LEU E 106 -17.11 -5.62 -22.61
C LEU E 106 -18.33 -4.75 -22.89
N ASN E 107 -19.38 -4.87 -22.09
CA ASN E 107 -20.58 -4.07 -22.36
C ASN E 107 -20.36 -2.60 -22.04
N ILE E 108 -19.55 -2.29 -21.03
CA ILE E 108 -19.27 -0.90 -20.73
C ILE E 108 -18.62 -0.22 -21.93
N ARG E 109 -17.66 -0.91 -22.56
CA ARG E 109 -16.97 -0.33 -23.72
C ARG E 109 -17.95 -0.02 -24.85
N ARG E 110 -18.76 -1.02 -25.25
CA ARG E 110 -19.66 -0.81 -26.38
C ARG E 110 -20.78 0.17 -26.04
N SER E 111 -21.23 0.18 -24.78
CA SER E 111 -22.34 1.05 -24.39
C SER E 111 -21.94 2.53 -24.40
N VAL E 112 -20.78 2.87 -23.85
CA VAL E 112 -20.42 4.28 -23.76
C VAL E 112 -20.17 4.85 -25.15
N ASP E 113 -19.65 4.04 -26.06
CA ASP E 113 -19.41 4.51 -27.42
C ASP E 113 -20.72 4.85 -28.11
N ALA E 114 -21.73 3.97 -27.99
CA ALA E 114 -23.03 4.22 -28.60
C ALA E 114 -23.71 5.43 -27.96
N SER E 115 -23.56 5.61 -26.66
CA SER E 115 -24.14 6.77 -25.99
C SER E 115 -23.46 8.07 -26.46
N LEU E 116 -22.13 8.07 -26.55
CA LEU E 116 -21.45 9.29 -26.96
C LEU E 116 -21.81 9.67 -28.40
N LYS E 117 -22.05 8.68 -29.24
CA LYS E 117 -22.49 8.94 -30.62
C LYS E 117 -23.89 9.53 -30.65
N ARG E 118 -24.84 8.91 -29.96
CA ARG E 118 -26.20 9.43 -29.96
C ARG E 118 -26.26 10.82 -29.34
N LEU E 119 -25.46 11.05 -28.30
CA LEU E 119 -25.46 12.36 -27.64
C LEU E 119 -24.67 13.41 -28.41
N GLY E 120 -23.92 13.03 -29.44
CA GLY E 120 -23.17 14.02 -30.19
C GLY E 120 -22.23 14.84 -29.32
N THR E 121 -21.63 14.20 -28.34
CA THR E 121 -20.65 14.84 -27.46
C THR E 121 -19.45 13.92 -27.33
N ASP E 122 -18.32 14.50 -26.93
CA ASP E 122 -17.11 13.69 -26.78
C ASP E 122 -16.87 13.20 -25.36
N HIS E 123 -17.69 13.62 -24.39
CA HIS E 123 -17.52 13.16 -23.01
C HIS E 123 -18.87 13.19 -22.31
N ILE E 124 -19.04 12.26 -21.37
CA ILE E 124 -20.17 12.27 -20.45
C ILE E 124 -19.64 12.73 -19.09
N ASP E 125 -20.36 13.65 -18.45
CA ASP E 125 -19.89 14.12 -17.14
C ASP E 125 -20.10 13.07 -16.06
N LEU E 126 -21.28 12.46 -16.01
CA LEU E 126 -21.61 11.52 -14.95
C LEU E 126 -22.15 10.25 -15.58
N TYR E 127 -21.34 9.19 -15.56
CA TYR E 127 -21.72 7.94 -16.21
C TYR E 127 -22.15 7.00 -15.10
N GLN E 128 -23.39 6.52 -15.17
CA GLN E 128 -24.01 5.84 -14.03
C GLN E 128 -24.33 4.39 -14.36
N PHE E 129 -24.06 3.53 -13.40
CA PHE E 129 -24.56 2.17 -13.46
C PHE E 129 -26.05 2.18 -13.20
N HIS E 130 -26.82 1.65 -14.15
CA HIS E 130 -28.29 1.69 -14.04
C HIS E 130 -28.80 0.82 -12.91
N HIS E 131 -28.04 -0.21 -12.54
CA HIS E 131 -28.46 -1.20 -11.55
C HIS E 131 -27.20 -1.89 -11.07
N VAL E 132 -27.26 -2.45 -9.87
CA VAL E 132 -26.15 -3.26 -9.40
C VAL E 132 -26.05 -4.51 -10.25
N ASP E 133 -24.82 -4.90 -10.63
CA ASP E 133 -24.59 -6.16 -11.32
C ASP E 133 -23.80 -7.07 -10.39
N ARG E 134 -24.50 -8.01 -9.74
CA ARG E 134 -23.86 -8.88 -8.76
C ARG E 134 -22.79 -9.79 -9.38
N ASP E 135 -22.78 -9.96 -10.70
CA ASP E 135 -21.82 -10.89 -11.30
C ASP E 135 -20.53 -10.25 -11.77
N THR E 136 -20.42 -8.92 -11.69
CA THR E 136 -19.20 -8.25 -12.14
C THR E 136 -18.46 -7.71 -10.93
N PRO E 137 -17.21 -8.10 -10.71
CA PRO E 137 -16.45 -7.62 -9.56
C PRO E 137 -15.98 -6.19 -9.76
N TRP E 138 -15.64 -5.53 -8.64
CA TRP E 138 -15.33 -4.11 -8.72
C TRP E 138 -13.96 -3.85 -9.34
N ASP E 139 -13.03 -4.81 -9.29
CA ASP E 139 -11.78 -4.49 -9.97
C ASP E 139 -11.95 -4.52 -11.48
N GLU E 140 -12.92 -5.30 -11.98
CA GLU E 140 -13.24 -5.25 -13.41
C GLU E 140 -13.92 -3.94 -13.78
N ILE E 141 -14.92 -3.55 -12.99
CA ILE E 141 -15.64 -2.32 -13.26
C ILE E 141 -14.71 -1.11 -13.19
N TRP E 142 -13.93 -1.00 -12.10
CA TRP E 142 -13.06 0.17 -11.98
C TRP E 142 -12.00 0.19 -13.09
N GLN E 143 -11.55 -0.98 -13.57
CA GLN E 143 -10.63 -0.95 -14.71
C GLN E 143 -11.32 -0.30 -15.91
N ALA E 144 -12.56 -0.71 -16.19
CA ALA E 144 -13.26 -0.20 -17.36
C ALA E 144 -13.56 1.28 -17.22
N MET E 145 -14.00 1.72 -16.04
CA MET E 145 -14.28 3.14 -15.84
C MET E 145 -13.00 3.95 -15.89
N ASP E 146 -11.91 3.44 -15.31
CA ASP E 146 -10.65 4.17 -15.31
C ASP E 146 -10.13 4.38 -16.73
N VAL E 147 -10.31 3.38 -17.60
CA VAL E 147 -9.96 3.55 -19.01
C VAL E 147 -10.69 4.76 -19.60
N LEU E 148 -11.99 4.88 -19.32
CA LEU E 148 -12.77 5.99 -19.88
C LEU E 148 -12.35 7.33 -19.29
N VAL E 149 -12.03 7.36 -18.00
CA VAL E 149 -11.55 8.59 -17.37
C VAL E 149 -10.25 9.05 -18.02
N ARG E 150 -9.33 8.13 -18.23
CA ARG E 150 -8.03 8.47 -18.78
C ARG E 150 -8.13 8.89 -20.22
N GLN E 151 -9.01 8.27 -20.97
CA GLN E 151 -9.28 8.69 -22.34
C GLN E 151 -10.09 9.96 -22.42
N GLY E 152 -10.58 10.49 -21.29
CA GLY E 152 -11.40 11.68 -21.32
C GLY E 152 -12.82 11.48 -21.77
N LYS E 153 -13.31 10.24 -21.84
CA LYS E 153 -14.68 10.03 -22.28
C LYS E 153 -15.69 10.27 -21.16
N ILE E 154 -15.28 10.16 -19.90
CA ILE E 154 -16.16 10.46 -18.77
C ILE E 154 -15.36 11.21 -17.72
N LEU E 155 -16.07 11.90 -16.85
CA LEU E 155 -15.45 12.58 -15.72
C LEU E 155 -15.70 11.83 -14.42
N TYR E 156 -16.98 11.60 -14.08
CA TYR E 156 -17.39 11.03 -12.82
C TYR E 156 -18.19 9.75 -13.05
N VAL E 157 -18.26 8.93 -12.00
CA VAL E 157 -19.01 7.68 -12.01
C VAL E 157 -20.05 7.77 -10.90
N GLY E 158 -21.28 7.35 -11.20
CA GLY E 158 -22.33 7.24 -10.22
C GLY E 158 -23.01 5.88 -10.28
N SER E 159 -23.86 5.63 -9.31
CA SER E 159 -24.60 4.38 -9.23
C SER E 159 -26.09 4.66 -9.21
N SER E 160 -26.88 3.62 -9.48
CA SER E 160 -28.33 3.73 -9.38
C SER E 160 -28.87 2.36 -9.02
N ASN E 161 -29.88 2.32 -8.15
CA ASN E 161 -30.44 1.05 -7.69
C ASN E 161 -29.33 0.15 -7.19
N PHE E 162 -28.53 0.70 -6.28
CA PHE E 162 -27.56 -0.08 -5.50
C PHE E 162 -28.12 -0.34 -4.12
N ALA E 163 -27.60 -1.38 -3.49
CA ALA E 163 -27.71 -1.51 -2.04
C ALA E 163 -26.61 -0.68 -1.38
N GLY E 164 -26.87 -0.25 -0.14
CA GLY E 164 -25.87 0.55 0.56
C GLY E 164 -24.52 -0.14 0.67
N TRP E 165 -24.50 -1.47 0.87
CA TRP E 165 -23.24 -2.17 1.00
C TRP E 165 -22.52 -2.24 -0.35
N ASN E 166 -23.26 -2.18 -1.46
CA ASN E 166 -22.61 -2.05 -2.77
C ASN E 166 -21.87 -0.73 -2.88
N ILE E 167 -22.46 0.35 -2.37
CA ILE E 167 -21.79 1.65 -2.37
C ILE E 167 -20.48 1.56 -1.59
N ALA E 168 -20.56 0.97 -0.39
CA ALA E 168 -19.37 0.87 0.44
C ALA E 168 -18.29 0.05 -0.26
N GLN E 169 -18.67 -1.10 -0.81
CA GLN E 169 -17.68 -1.96 -1.44
C GLN E 169 -17.06 -1.27 -2.64
N ALA E 170 -17.89 -0.60 -3.44
CA ALA E 170 -17.38 0.07 -4.63
C ALA E 170 -16.38 1.15 -4.27
N ASN E 171 -16.69 1.97 -3.26
CA ASN E 171 -15.83 3.10 -3.00
C ASN E 171 -14.59 2.73 -2.20
N GLU E 172 -14.69 1.72 -1.34
CA GLU E 172 -13.49 1.20 -0.69
C GLU E 172 -12.53 0.62 -1.73
N THR E 173 -13.08 -0.10 -2.71
CA THR E 173 -12.22 -0.67 -3.76
C THR E 173 -11.60 0.42 -4.61
N ALA E 174 -12.39 1.44 -4.97
CA ALA E 174 -11.83 2.56 -5.74
C ALA E 174 -10.70 3.22 -4.98
N ALA E 175 -10.93 3.53 -3.70
CA ALA E 175 -9.96 4.29 -2.90
C ALA E 175 -8.65 3.53 -2.70
N ARG E 176 -8.69 2.20 -2.62
CA ARG E 176 -7.47 1.40 -2.47
C ARG E 176 -6.40 1.76 -3.47
N HIS E 177 -6.79 2.10 -4.69
CA HIS E 177 -5.82 2.35 -5.76
C HIS E 177 -5.93 3.76 -6.29
N GLY E 178 -6.35 4.69 -5.45
CA GLY E 178 -6.35 6.10 -5.78
C GLY E 178 -7.42 6.55 -6.74
N ARG E 179 -8.45 5.76 -6.98
CA ARG E 179 -9.49 6.16 -7.90
C ARG E 179 -10.59 6.92 -7.18
N LEU E 180 -11.13 7.93 -7.85
CA LEU E 180 -12.32 8.58 -7.34
C LEU E 180 -13.45 7.57 -7.41
N GLY E 181 -14.17 7.41 -6.32
CA GLY E 181 -15.21 6.40 -6.29
C GLY E 181 -16.51 6.92 -6.87
N LEU E 182 -17.59 6.24 -6.51
CA LEU E 182 -18.92 6.73 -6.85
C LEU E 182 -19.12 8.12 -6.25
N VAL E 183 -19.73 9.01 -7.02
CA VAL E 183 -20.01 10.37 -6.52
C VAL E 183 -21.48 10.60 -6.24
N SER E 184 -22.37 9.70 -6.65
CA SER E 184 -23.80 9.90 -6.48
C SER E 184 -24.47 8.54 -6.59
N GLU E 185 -25.58 8.41 -5.89
CA GLU E 185 -26.46 7.25 -6.00
C GLU E 185 -27.85 7.76 -6.37
N GLN E 186 -28.43 7.15 -7.40
CA GLN E 186 -29.75 7.49 -7.90
C GLN E 186 -30.69 6.39 -7.44
N CYS E 187 -31.51 6.66 -6.42
CA CYS E 187 -32.36 5.62 -5.83
C CYS E 187 -33.82 6.09 -5.81
N LEU E 188 -34.70 5.11 -5.84
CA LEU E 188 -36.13 5.38 -5.69
C LEU E 188 -36.38 5.85 -4.26
N TYR E 189 -36.90 7.07 -4.13
CA TYR E 189 -37.17 7.67 -2.83
C TYR E 189 -38.25 8.72 -3.01
N ASN E 190 -39.36 8.58 -2.29
CA ASN E 190 -40.46 9.53 -2.27
C ASN E 190 -41.32 9.24 -1.04
N LEU E 191 -42.40 10.01 -0.89
CA LEU E 191 -43.27 9.82 0.27
C LEU E 191 -43.81 8.39 0.36
N CYS E 192 -44.14 7.79 -0.80
CA CYS E 192 -44.71 6.43 -0.81
C CYS E 192 -43.68 5.35 -0.53
N GLU E 193 -42.44 5.54 -0.94
CA GLU E 193 -41.40 4.51 -0.81
C GLU E 193 -40.19 5.14 -0.13
N ARG E 194 -40.07 4.90 1.18
CA ARG E 194 -39.03 5.48 2.01
C ARG E 194 -38.00 4.46 2.44
N ARG E 195 -38.01 3.25 1.88
CA ARG E 195 -37.12 2.24 2.43
C ARG E 195 -35.66 2.45 2.03
N ALA E 196 -35.37 3.40 1.13
CA ALA E 196 -33.97 3.80 0.93
C ALA E 196 -33.37 4.37 2.21
N GLU E 197 -34.20 4.78 3.18
CA GLU E 197 -33.68 5.32 4.42
C GLU E 197 -32.93 4.28 5.25
N MET E 198 -33.19 2.99 5.04
CA MET E 198 -32.68 2.00 5.98
C MET E 198 -31.16 1.89 5.89
N GLU E 199 -30.64 1.78 4.65
CA GLU E 199 -29.23 1.50 4.43
C GLU E 199 -28.66 2.19 3.19
N VAL E 200 -29.44 2.43 2.13
CA VAL E 200 -28.90 3.09 0.95
C VAL E 200 -28.48 4.52 1.27
N VAL E 201 -29.40 5.32 1.81
CA VAL E 201 -29.04 6.72 2.06
C VAL E 201 -28.01 6.84 3.18
N PRO E 202 -28.11 6.10 4.30
CA PRO E 202 -27.01 6.14 5.29
C PRO E 202 -25.64 5.82 4.69
N ALA E 203 -25.55 4.79 3.86
CA ALA E 203 -24.26 4.44 3.26
C ALA E 203 -23.77 5.55 2.34
N ALA E 204 -24.67 6.09 1.50
CA ALA E 204 -24.31 7.22 0.65
C ALA E 204 -23.82 8.42 1.47
N ARG E 205 -24.48 8.69 2.59
CA ARG E 205 -24.05 9.81 3.43
C ARG E 205 -22.67 9.55 4.03
N GLU E 206 -22.41 8.33 4.50
CA GLU E 206 -21.09 8.01 5.05
C GLU E 206 -19.99 8.16 4.00
N TYR E 207 -20.26 7.71 2.79
CA TYR E 207 -19.24 7.73 1.74
C TYR E 207 -19.27 9.03 0.96
N GLY E 208 -20.14 9.97 1.32
CA GLY E 208 -20.11 11.27 0.68
C GLY E 208 -20.60 11.25 -0.75
N LEU E 209 -21.62 10.45 -1.01
CA LEU E 209 -22.25 10.44 -2.33
C LEU E 209 -23.42 11.40 -2.32
N GLY E 210 -23.61 12.09 -3.43
CA GLY E 210 -24.90 12.68 -3.69
C GLY E 210 -25.97 11.61 -3.73
N VAL E 211 -27.18 12.01 -3.34
CA VAL E 211 -28.35 11.14 -3.42
C VAL E 211 -29.37 11.87 -4.27
N ILE E 212 -29.71 11.32 -5.44
CA ILE E 212 -30.68 11.94 -6.32
C ILE E 212 -31.83 10.96 -6.48
N ALA E 213 -33.04 11.44 -6.23
CA ALA E 213 -34.19 10.57 -6.03
C ALA E 213 -34.96 10.40 -7.33
N TRP E 214 -35.04 9.17 -7.83
CA TRP E 214 -35.83 8.98 -9.03
C TRP E 214 -37.28 8.63 -8.68
N SER E 215 -38.16 8.85 -9.65
CA SER E 215 -39.61 8.81 -9.48
C SER E 215 -40.04 9.52 -8.19
N PRO E 216 -39.70 10.82 -8.04
CA PRO E 216 -40.02 11.53 -6.80
C PRO E 216 -41.51 11.71 -6.56
N LEU E 217 -42.35 11.56 -7.60
CA LEU E 217 -43.79 11.56 -7.43
C LEU E 217 -44.38 10.15 -7.49
N HIS E 218 -43.54 9.12 -7.37
CA HIS E 218 -43.99 7.73 -7.53
C HIS E 218 -44.73 7.54 -8.85
N GLY E 219 -44.17 8.07 -9.93
CA GLY E 219 -44.75 7.90 -11.25
C GLY E 219 -45.97 8.74 -11.54
N GLY E 220 -46.17 9.86 -10.85
CA GLY E 220 -47.36 10.67 -10.97
C GLY E 220 -48.37 10.46 -9.86
N LEU E 221 -48.19 9.43 -9.05
CA LEU E 221 -49.17 9.09 -8.03
C LEU E 221 -49.33 10.20 -7.00
N LEU E 222 -48.23 10.87 -6.66
CA LEU E 222 -48.23 11.95 -5.69
C LEU E 222 -48.46 13.31 -6.36
N GLY E 223 -48.80 13.32 -7.63
CA GLY E 223 -48.98 14.56 -8.36
C GLY E 223 -50.44 14.95 -8.51
N GLY E 224 -51.29 14.43 -7.63
CA GLY E 224 -52.71 14.69 -7.69
C GLY E 224 -53.49 13.67 -8.50
N ALA E 225 -53.07 12.40 -8.43
CA ALA E 225 -53.56 11.39 -9.38
C ALA E 225 -55.02 11.03 -9.15
N ILE E 226 -55.50 11.14 -7.90
CA ILE E 226 -56.90 10.84 -7.62
C ILE E 226 -57.81 11.90 -8.26
N ARG E 227 -57.55 13.17 -7.98
CA ARG E 227 -58.33 14.27 -8.54
C ARG E 227 -58.36 14.24 -10.05
N LYS E 228 -57.29 13.81 -10.66
CA LYS E 228 -57.20 13.79 -12.10
C LYS E 228 -57.43 12.44 -12.70
N GLU E 229 -58.06 11.54 -11.96
CA GLU E 229 -58.13 10.16 -12.41
C GLU E 229 -59.05 9.97 -13.63
N GLN E 230 -60.05 10.82 -13.82
CA GLN E 230 -60.91 10.70 -15.01
C GLN E 230 -60.54 11.71 -16.09
N GLU E 231 -59.26 12.03 -16.20
CA GLU E 231 -58.73 12.89 -17.26
C GLU E 231 -58.05 12.04 -18.32
N GLY E 232 -57.73 12.68 -19.46
CA GLY E 232 -57.20 12.00 -20.61
C GLY E 232 -55.75 12.31 -20.88
N GLY E 233 -55.32 12.01 -22.11
CA GLY E 233 -53.95 12.23 -22.54
C GLY E 233 -53.06 11.06 -22.23
N ASN E 234 -51.78 11.21 -22.58
CA ASN E 234 -50.75 10.22 -22.24
C ASN E 234 -50.15 10.54 -20.86
N ARG E 235 -51.05 10.73 -19.89
CA ARG E 235 -50.64 10.96 -18.52
C ARG E 235 -49.93 9.74 -17.96
N ARG E 236 -48.74 9.96 -17.38
CA ARG E 236 -48.02 8.86 -16.75
C ARG E 236 -48.79 8.26 -15.58
N ALA E 237 -49.59 9.08 -14.89
CA ALA E 237 -50.32 8.60 -13.71
C ALA E 237 -51.46 7.65 -14.06
N ALA E 238 -51.94 7.68 -15.31
CA ALA E 238 -53.03 6.80 -15.74
C ALA E 238 -52.59 5.36 -15.97
N SER E 239 -51.28 5.13 -16.12
CA SER E 239 -50.72 3.82 -16.39
C SER E 239 -49.64 3.51 -15.34
N GLY E 240 -49.03 2.33 -15.46
CA GLY E 240 -47.80 2.02 -14.76
C GLY E 240 -47.91 1.97 -13.23
N ARG E 241 -46.85 2.44 -12.57
CA ARG E 241 -46.72 2.30 -11.13
C ARG E 241 -47.84 3.01 -10.38
N ALA E 242 -48.32 4.14 -10.91
CA ALA E 242 -49.38 4.89 -10.25
C ALA E 242 -50.72 4.19 -10.38
N ALA E 243 -51.05 3.72 -11.59
CA ALA E 243 -52.28 2.95 -11.78
C ALA E 243 -52.32 1.77 -10.83
N ASP E 244 -51.23 1.00 -10.79
CA ASP E 244 -51.13 -0.14 -9.88
C ASP E 244 -51.47 0.25 -8.45
N ALA E 245 -50.93 1.38 -7.98
CA ALA E 245 -51.11 1.75 -6.58
C ALA E 245 -52.54 2.16 -6.27
N LEU E 246 -53.22 2.83 -7.21
CA LEU E 246 -54.59 3.27 -6.95
C LEU E 246 -55.59 2.13 -7.05
N LYS E 247 -55.19 0.98 -7.58
CA LYS E 247 -55.98 -0.23 -7.51
C LYS E 247 -55.97 -0.90 -6.14
N ASP E 248 -54.97 -0.59 -5.33
CA ASP E 248 -54.86 -1.18 -4.00
C ASP E 248 -55.63 -0.32 -3.00
N PRO E 249 -56.63 -0.87 -2.31
CA PRO E 249 -57.42 -0.05 -1.38
C PRO E 249 -56.59 0.71 -0.34
N GLN E 250 -55.50 0.13 0.17
CA GLN E 250 -54.76 0.80 1.24
C GLN E 250 -53.95 1.98 0.71
N GLN E 251 -53.26 1.78 -0.41
CA GLN E 251 -52.50 2.87 -1.00
C GLN E 251 -53.42 3.99 -1.47
N ARG E 252 -54.64 3.65 -1.89
CA ARG E 252 -55.58 4.67 -2.31
C ARG E 252 -56.02 5.56 -1.14
N GLU E 253 -56.29 4.96 0.02
CA GLU E 253 -56.62 5.74 1.20
C GLU E 253 -55.47 6.65 1.60
N GLN E 254 -54.24 6.22 1.35
CA GLN E 254 -53.07 7.03 1.65
C GLN E 254 -53.04 8.28 0.79
N ILE E 255 -53.16 8.09 -0.53
CA ILE E 255 -53.15 9.21 -1.45
C ILE E 255 -54.36 10.12 -1.21
N GLN E 256 -55.49 9.53 -0.83
CA GLN E 256 -56.66 10.34 -0.51
C GLN E 256 -56.39 11.24 0.67
N ARG E 257 -55.84 10.70 1.73
CA ARG E 257 -55.49 11.51 2.89
C ARG E 257 -54.49 12.57 2.53
N TYR E 258 -53.58 12.25 1.66
CA TYR E 258 -52.55 13.20 1.24
C TYR E 258 -53.17 14.37 0.48
N GLU E 259 -54.00 14.07 -0.53
CA GLU E 259 -54.57 15.14 -1.33
C GLU E 259 -55.55 15.99 -0.51
N ASP E 260 -56.33 15.33 0.37
CA ASP E 260 -57.21 16.06 1.30
C ASP E 260 -56.40 17.02 2.18
N LEU E 261 -55.27 16.56 2.72
CA LEU E 261 -54.42 17.43 3.54
C LEU E 261 -53.98 18.66 2.77
N LEU E 262 -53.59 18.47 1.51
CA LEU E 262 -53.05 19.59 0.75
C LEU E 262 -54.15 20.51 0.23
N ASP E 263 -55.40 20.02 0.12
CA ASP E 263 -56.54 20.92 -0.04
C ASP E 263 -56.65 21.86 1.14
N LYS E 264 -56.61 21.33 2.36
CA LYS E 264 -56.73 22.16 3.56
C LYS E 264 -55.69 23.26 3.57
N HIS E 265 -54.44 22.93 3.24
CA HIS E 265 -53.37 23.91 3.30
C HIS E 265 -53.18 24.68 2.00
N GLY E 266 -54.00 24.42 0.99
CA GLY E 266 -53.87 25.11 -0.28
C GLY E 266 -52.54 24.92 -0.98
N LEU E 267 -51.98 23.72 -0.95
CA LEU E 267 -50.71 23.43 -1.60
C LEU E 267 -50.91 22.41 -2.71
N GLU E 268 -49.97 22.41 -3.67
CA GLU E 268 -50.19 21.47 -4.77
C GLU E 268 -49.50 20.13 -4.49
N PRO E 269 -50.15 19.01 -4.81
CA PRO E 269 -49.57 17.72 -4.42
C PRO E 269 -48.23 17.44 -5.07
N GLY E 270 -48.11 17.70 -6.37
CA GLY E 270 -46.84 17.50 -7.05
C GLY E 270 -45.71 18.33 -6.45
N GLU E 271 -46.01 19.59 -6.13
CA GLU E 271 -44.97 20.47 -5.59
C GLU E 271 -44.56 20.05 -4.19
N VAL E 272 -45.51 19.55 -3.39
CA VAL E 272 -45.22 19.17 -2.02
C VAL E 272 -44.32 17.94 -1.99
N ALA E 273 -44.59 16.96 -2.86
CA ALA E 273 -43.76 15.76 -2.88
C ALA E 273 -42.32 16.08 -3.23
N LEU E 274 -42.12 17.02 -4.17
CA LEU E 274 -40.77 17.46 -4.51
C LEU E 274 -40.13 18.19 -3.35
N ALA E 275 -40.86 19.14 -2.75
CA ALA E 275 -40.30 19.94 -1.66
C ALA E 275 -40.01 19.07 -0.44
N TRP E 276 -40.85 18.06 -0.20
CA TRP E 276 -40.60 17.12 0.88
C TRP E 276 -39.23 16.47 0.73
N LEU E 277 -38.91 15.99 -0.47
CA LEU E 277 -37.60 15.34 -0.66
C LEU E 277 -36.46 16.31 -0.40
N LEU E 278 -36.60 17.56 -0.82
CA LEU E 278 -35.56 18.55 -0.56
C LEU E 278 -35.29 18.78 0.93
N THR E 279 -36.20 18.37 1.82
CA THR E 279 -35.94 18.45 3.26
C THR E 279 -35.23 17.22 3.82
N ARG E 280 -35.05 16.16 3.04
CA ARG E 280 -34.53 14.93 3.65
C ARG E 280 -33.02 15.01 3.79
N PRO E 281 -32.46 14.70 4.96
CA PRO E 281 -31.01 14.80 5.12
C PRO E 281 -30.27 13.91 4.12
N GLY E 282 -29.25 14.46 3.50
CA GLY E 282 -28.46 13.73 2.54
C GLY E 282 -28.96 13.78 1.10
N VAL E 283 -30.22 14.18 0.88
CA VAL E 283 -30.76 14.16 -0.48
C VAL E 283 -30.24 15.37 -1.25
N THR E 284 -29.58 15.11 -2.38
CA THR E 284 -29.15 16.21 -3.24
C THR E 284 -30.36 16.92 -3.83
N GLY E 285 -31.26 16.16 -4.44
CA GLY E 285 -32.50 16.69 -4.94
C GLY E 285 -33.26 15.64 -5.70
N PRO E 286 -34.51 15.94 -6.05
CA PRO E 286 -35.29 15.01 -6.87
C PRO E 286 -34.93 15.18 -8.33
N ILE E 287 -35.12 14.10 -9.08
CA ILE E 287 -34.96 14.12 -10.52
C ILE E 287 -36.36 14.32 -11.07
N VAL E 288 -36.68 15.57 -11.42
CA VAL E 288 -38.06 15.89 -11.80
C VAL E 288 -38.34 15.30 -13.17
N GLY E 289 -39.57 14.85 -13.36
CA GLY E 289 -39.97 14.26 -14.60
C GLY E 289 -41.13 15.01 -15.24
N PRO E 290 -40.86 16.23 -15.68
CA PRO E 290 -41.95 17.00 -16.30
C PRO E 290 -42.35 16.39 -17.62
N ARG E 291 -43.66 16.31 -17.85
CA ARG E 291 -44.20 15.98 -19.16
C ARG E 291 -44.34 17.22 -20.06
N THR E 292 -44.39 18.41 -19.47
CA THR E 292 -44.64 19.66 -20.20
C THR E 292 -43.86 20.80 -19.55
N ALA E 293 -43.83 21.94 -20.25
CA ALA E 293 -43.15 23.12 -19.72
C ALA E 293 -43.81 23.63 -18.46
N ASP E 294 -45.15 23.56 -18.39
CA ASP E 294 -45.85 23.99 -17.19
C ASP E 294 -45.45 23.14 -15.99
N GLN E 295 -45.19 21.85 -16.20
CA GLN E 295 -44.79 20.99 -15.09
C GLN E 295 -43.39 21.35 -14.62
N LEU E 296 -42.53 21.78 -15.54
CA LEU E 296 -41.22 22.28 -15.14
C LEU E 296 -41.36 23.51 -14.25
N ALA E 297 -42.10 24.53 -14.71
CA ALA E 297 -42.29 25.72 -13.91
C ALA E 297 -42.88 25.39 -12.55
N SER E 298 -43.73 24.36 -12.51
CA SER E 298 -44.29 23.90 -11.24
C SER E 298 -43.21 23.33 -10.34
N ALA E 299 -42.30 22.53 -10.91
CA ALA E 299 -41.18 22.01 -10.12
C ALA E 299 -40.32 23.14 -9.58
N VAL E 300 -40.13 24.20 -10.38
CA VAL E 300 -39.29 25.32 -9.95
C VAL E 300 -39.93 26.04 -8.76
N ARG E 301 -41.26 26.22 -8.78
CA ARG E 301 -41.94 26.73 -7.60
C ARG E 301 -41.75 25.79 -6.41
N ALA E 302 -41.76 24.48 -6.66
CA ALA E 302 -41.63 23.52 -5.57
C ALA E 302 -40.28 23.67 -4.87
N ALA E 303 -39.24 24.00 -5.63
CA ALA E 303 -37.93 24.15 -5.01
C ALA E 303 -37.85 25.40 -4.15
N GLU E 304 -38.77 26.36 -4.34
CA GLU E 304 -38.83 27.56 -3.50
C GLU E 304 -39.85 27.45 -2.37
N LEU E 305 -40.63 26.37 -2.34
CA LEU E 305 -41.64 26.20 -1.31
C LEU E 305 -40.99 25.91 0.04
N THR E 306 -41.60 26.41 1.11
CA THR E 306 -41.20 26.06 2.47
C THR E 306 -42.37 25.34 3.12
N LEU E 307 -42.15 24.10 3.55
CA LEU E 307 -43.19 23.32 4.21
C LEU E 307 -43.13 23.58 5.71
N THR E 308 -44.28 23.88 6.30
CA THR E 308 -44.32 24.12 7.74
C THR E 308 -44.06 22.82 8.50
N ASP E 309 -43.61 22.96 9.75
CA ASP E 309 -43.45 21.79 10.60
C ASP E 309 -44.75 21.05 10.79
N GLU E 310 -45.87 21.76 10.68
CA GLU E 310 -47.18 21.13 10.80
C GLU E 310 -47.46 20.22 9.62
N VAL E 311 -47.17 20.68 8.40
CA VAL E 311 -47.40 19.85 7.23
C VAL E 311 -46.43 18.68 7.22
N LEU E 312 -45.17 18.92 7.61
CA LEU E 312 -44.19 17.84 7.64
C LEU E 312 -44.62 16.74 8.61
N THR E 313 -45.14 17.13 9.79
CA THR E 313 -45.58 16.13 10.76
C THR E 313 -46.76 15.33 10.22
N ALA E 314 -47.67 15.98 9.50
CA ALA E 314 -48.84 15.28 8.98
C ALA E 314 -48.49 14.37 7.81
N LEU E 315 -47.48 14.74 7.01
CA LEU E 315 -47.01 13.86 5.94
C LEU E 315 -46.36 12.62 6.53
N ASP E 316 -45.58 12.81 7.60
CA ASP E 316 -44.96 11.70 8.31
C ASP E 316 -46.00 10.71 8.82
N GLU E 317 -47.13 11.22 9.31
CA GLU E 317 -48.15 10.31 9.85
C GLU E 317 -48.80 9.51 8.73
N ILE E 318 -49.04 10.13 7.58
CA ILE E 318 -49.64 9.42 6.46
C ILE E 318 -48.62 8.47 5.84
N PHE E 319 -47.37 8.92 5.71
CA PHE E 319 -46.31 8.20 5.01
C PHE E 319 -45.14 7.97 5.97
N PRO E 320 -45.30 7.06 6.94
CA PRO E 320 -44.17 6.79 7.83
C PRO E 320 -43.04 6.12 7.07
N GLY E 321 -41.82 6.39 7.52
CA GLY E 321 -40.64 5.74 7.00
C GLY E 321 -39.97 4.87 8.05
N PRO E 322 -39.07 3.99 7.62
CA PRO E 322 -38.47 3.04 8.58
C PRO E 322 -37.28 3.58 9.36
N GLY E 323 -36.65 4.65 8.90
CA GLY E 323 -35.41 5.09 9.49
C GLY E 323 -34.31 4.08 9.22
N PRO E 324 -33.14 4.27 9.81
CA PRO E 324 -31.98 3.45 9.45
C PRO E 324 -31.98 2.07 10.10
N SER E 325 -31.37 1.11 9.40
CA SER E 325 -31.00 -0.15 10.03
C SER E 325 -29.76 0.04 10.89
N PRO E 326 -29.61 -0.73 11.99
CA PRO E 326 -30.45 -1.86 12.41
C PRO E 326 -31.69 -1.47 13.22
N GLU E 327 -31.74 -0.24 13.70
CA GLU E 327 -32.86 0.20 14.53
C GLU E 327 -34.21 -0.03 13.86
N ALA E 328 -34.25 0.06 12.53
CA ALA E 328 -35.49 -0.14 11.78
C ALA E 328 -36.13 -1.49 12.06
N PHE E 329 -35.35 -2.55 12.28
CA PHE E 329 -35.95 -3.85 12.50
C PHE E 329 -35.47 -4.57 13.76
N ALA E 330 -34.39 -4.09 14.42
CA ALA E 330 -33.85 -4.75 15.59
C ALA E 330 -33.96 -3.78 16.76
N TRP E 331 -32.87 -3.12 17.17
CA TRP E 331 -32.88 -2.12 18.25
C TRP E 331 -31.68 -1.18 18.10
N MET F 1 30.54 -31.86 7.71
CA MET F 1 29.11 -31.61 7.45
C MET F 1 28.92 -30.38 6.57
N GLU F 2 28.17 -30.54 5.48
CA GLU F 2 27.90 -29.42 4.58
C GLU F 2 26.73 -28.58 5.11
N TYR F 3 26.89 -27.27 5.05
CA TYR F 3 25.85 -26.32 5.45
C TYR F 3 25.38 -25.50 4.26
N THR F 4 24.14 -25.02 4.37
CA THR F 4 23.54 -24.19 3.34
C THR F 4 22.54 -23.25 4.00
N GLN F 5 22.23 -22.16 3.31
CA GLN F 5 21.13 -21.31 3.75
C GLN F 5 19.80 -22.04 3.55
N LEU F 6 18.84 -21.82 4.44
CA LEU F 6 17.49 -22.35 4.25
C LEU F 6 16.77 -21.43 3.26
N GLY F 7 16.79 -21.79 1.98
CA GLY F 7 16.23 -20.93 0.96
C GLY F 7 16.81 -19.53 1.07
N ARG F 8 15.94 -18.54 1.05
CA ARG F 8 16.37 -17.15 0.98
C ARG F 8 16.72 -16.54 2.32
N ILE F 9 16.51 -17.22 3.46
CA ILE F 9 16.62 -16.52 4.74
C ILE F 9 18.02 -16.69 5.33
N GLY F 10 18.29 -15.98 6.42
CA GLY F 10 19.63 -15.95 7.01
C GLY F 10 20.00 -17.16 7.83
N LEU F 11 19.05 -18.06 8.05
CA LEU F 11 19.31 -19.27 8.82
C LEU F 11 20.19 -20.21 8.02
N LYS F 12 21.30 -20.63 8.64
CA LYS F 12 22.16 -21.67 8.07
C LYS F 12 21.85 -23.01 8.74
N VAL F 13 21.65 -24.05 7.92
CA VAL F 13 21.33 -25.38 8.44
C VAL F 13 22.23 -26.44 7.79
N SER F 14 22.47 -27.53 8.53
CA SER F 14 23.08 -28.72 7.96
C SER F 14 22.20 -29.29 6.85
N ARG F 15 22.84 -29.83 5.82
CA ARG F 15 22.11 -30.41 4.69
C ARG F 15 21.49 -31.77 5.02
N LEU F 16 21.85 -32.36 6.15
CA LEU F 16 21.05 -33.42 6.75
C LEU F 16 20.22 -32.79 7.86
N VAL F 17 18.92 -33.03 7.83
CA VAL F 17 18.01 -32.60 8.89
C VAL F 17 17.67 -33.85 9.69
N LEU F 18 17.80 -33.77 11.01
CA LEU F 18 17.50 -34.96 11.80
C LEU F 18 15.99 -35.06 12.02
N GLY F 19 15.37 -36.10 11.47
CA GLY F 19 13.97 -36.39 11.75
C GLY F 19 13.83 -37.24 13.02
N THR F 20 12.75 -36.99 13.77
CA THR F 20 12.57 -37.61 15.08
C THR F 20 11.34 -38.52 15.15
N MET F 21 10.68 -38.79 14.02
CA MET F 21 9.39 -39.48 14.06
C MET F 21 9.50 -40.87 14.69
N ASN F 22 10.67 -41.49 14.59
CA ASN F 22 10.92 -42.80 15.17
C ASN F 22 11.09 -42.73 16.69
N PHE F 23 11.39 -41.55 17.25
CA PHE F 23 11.71 -41.44 18.67
C PHE F 23 10.43 -41.62 19.48
N GLY F 24 10.33 -42.74 20.19
CA GLY F 24 9.11 -43.11 20.85
C GLY F 24 8.53 -44.41 20.31
N PRO F 25 7.90 -44.35 19.12
CA PRO F 25 7.23 -45.56 18.59
C PRO F 25 8.18 -46.69 18.21
N THR F 26 9.34 -46.40 17.64
CA THR F 26 10.23 -47.47 17.22
C THR F 26 11.64 -47.39 17.82
N THR F 27 12.05 -46.22 18.30
CA THR F 27 13.32 -46.02 18.96
C THR F 27 13.02 -45.56 20.39
N ASP F 28 13.51 -46.30 21.37
CA ASP F 28 13.20 -45.93 22.75
C ASP F 28 13.97 -44.65 23.14
N GLU F 29 13.67 -44.11 24.31
CA GLU F 29 14.26 -42.82 24.73
C GLU F 29 15.77 -42.73 24.79
N ALA F 30 16.39 -43.71 25.43
CA ALA F 30 17.82 -43.74 25.54
C ALA F 30 18.51 -43.66 24.20
N GLU F 31 18.12 -44.51 23.29
CA GLU F 31 18.71 -44.53 21.98
C GLU F 31 18.42 -43.24 21.22
N SER F 32 17.21 -42.71 21.37
CA SER F 32 16.85 -41.45 20.76
C SER F 32 17.79 -40.34 21.24
N HIS F 33 18.04 -40.29 22.54
CA HIS F 33 18.95 -39.31 23.09
C HIS F 33 20.36 -39.54 22.54
N ALA F 34 20.71 -40.79 22.36
CA ALA F 34 22.04 -41.05 21.84
C ALA F 34 22.13 -40.64 20.37
N ILE F 35 21.07 -40.90 19.58
CA ILE F 35 21.07 -40.44 18.19
C ILE F 35 21.18 -38.92 18.13
N MET F 36 20.50 -38.21 19.05
CA MET F 36 20.57 -36.76 18.98
C MET F 36 21.94 -36.24 19.36
N ASP F 37 22.57 -36.85 20.38
CA ASP F 37 23.94 -36.48 20.72
C ASP F 37 24.86 -36.69 19.53
N ALA F 38 24.75 -37.85 18.88
CA ALA F 38 25.64 -38.13 17.75
C ALA F 38 25.38 -37.21 16.58
N ALA F 39 24.11 -36.81 16.36
CA ALA F 39 23.81 -35.86 15.30
C ALA F 39 24.50 -34.53 15.57
N LEU F 40 24.39 -34.04 16.81
CA LEU F 40 25.04 -32.79 17.17
C LEU F 40 26.55 -32.91 17.01
N ASP F 41 27.13 -34.06 17.41
CA ASP F 41 28.58 -34.24 17.26
C ASP F 41 28.98 -34.24 15.79
N ALA F 42 28.10 -34.74 14.92
CA ALA F 42 28.29 -34.73 13.47
C ALA F 42 28.07 -33.36 12.83
N GLY F 43 27.63 -32.36 13.58
CA GLY F 43 27.38 -31.04 13.02
C GLY F 43 25.97 -30.79 12.53
N ILE F 44 25.05 -31.72 12.75
CA ILE F 44 23.65 -31.50 12.42
C ILE F 44 23.04 -30.56 13.46
N ASN F 45 22.54 -29.40 13.00
CA ASN F 45 21.98 -28.38 13.89
C ASN F 45 20.48 -28.19 13.72
N PHE F 46 19.80 -29.08 13.01
CA PHE F 46 18.44 -28.83 12.52
C PHE F 46 17.62 -30.08 12.80
N PHE F 47 16.70 -30.02 13.78
CA PHE F 47 15.91 -31.17 14.22
C PHE F 47 14.45 -30.95 13.82
N ASP F 48 13.81 -31.98 13.26
CA ASP F 48 12.39 -31.92 12.87
C ASP F 48 11.54 -32.85 13.73
N THR F 49 10.46 -32.32 14.30
CA THR F 49 9.54 -33.13 15.10
C THR F 49 8.13 -32.65 14.78
N ALA F 50 7.14 -33.16 15.52
CA ALA F 50 5.77 -32.70 15.38
C ALA F 50 5.04 -32.97 16.70
N ASN F 51 3.93 -32.26 16.93
CA ASN F 51 3.20 -32.53 18.16
C ASN F 51 2.59 -33.93 18.17
N VAL F 52 2.18 -34.45 17.00
CA VAL F 52 1.54 -35.76 16.97
C VAL F 52 2.52 -36.92 17.07
N TYR F 53 3.82 -36.69 16.95
CA TYR F 53 4.72 -37.84 16.90
C TYR F 53 4.70 -38.59 18.24
N GLY F 54 4.76 -39.92 18.15
CA GLY F 54 4.54 -40.76 19.32
C GLY F 54 3.44 -41.76 19.06
N TRP F 55 2.42 -41.31 18.32
CA TRP F 55 1.29 -42.10 17.81
C TRP F 55 0.31 -42.55 18.88
N GLY F 56 -0.95 -42.71 18.49
CA GLY F 56 -1.97 -43.31 19.35
C GLY F 56 -2.12 -42.55 20.66
N GLU F 57 -2.10 -43.29 21.76
CA GLU F 57 -2.22 -42.71 23.09
C GLU F 57 -0.97 -41.96 23.50
N ASN F 58 0.12 -42.09 22.75
CA ASN F 58 1.40 -41.48 23.08
C ASN F 58 1.74 -40.29 22.19
N LYS F 59 0.75 -39.69 21.52
CA LYS F 59 1.03 -38.47 20.77
C LYS F 59 1.60 -37.42 21.71
N GLY F 60 2.66 -36.75 21.27
CA GLY F 60 3.39 -35.83 22.11
C GLY F 60 4.63 -36.42 22.75
N ARG F 61 4.77 -37.74 22.73
CA ARG F 61 5.91 -38.37 23.38
C ARG F 61 7.23 -37.95 22.74
N THR F 62 7.25 -37.82 21.41
CA THR F 62 8.48 -37.41 20.75
C THR F 62 8.95 -36.04 21.23
N GLU F 63 8.02 -35.08 21.30
CA GLU F 63 8.36 -33.76 21.80
C GLU F 63 8.87 -33.83 23.23
N GLU F 64 8.24 -34.68 24.06
CA GLU F 64 8.70 -34.86 25.43
C GLU F 64 10.10 -35.48 25.49
N ILE F 65 10.43 -36.38 24.56
CA ILE F 65 11.78 -36.97 24.51
C ILE F 65 12.82 -35.90 24.14
N LEU F 66 12.51 -35.05 23.16
CA LEU F 66 13.36 -33.90 22.89
C LEU F 66 13.44 -32.98 24.11
N GLY F 67 12.31 -32.73 24.77
CA GLY F 67 12.33 -31.94 26.00
C GLY F 67 13.34 -32.42 27.02
N SER F 68 13.32 -33.72 27.34
CA SER F 68 14.25 -34.22 28.34
C SER F 68 15.67 -34.21 27.81
N TRP F 69 15.84 -34.32 26.50
CA TRP F 69 17.17 -34.17 25.91
C TRP F 69 17.69 -32.74 26.12
N PHE F 70 16.90 -31.73 25.76
CA PHE F 70 17.32 -30.36 25.99
C PHE F 70 17.59 -30.10 27.47
N ALA F 71 16.78 -30.69 28.35
CA ALA F 71 16.95 -30.43 29.79
C ALA F 71 18.28 -30.93 30.33
N GLN F 72 19.04 -31.72 29.56
CA GLN F 72 20.38 -32.12 30.00
C GLN F 72 21.39 -30.98 29.96
N GLY F 73 21.03 -29.82 29.41
CA GLY F 73 21.93 -28.67 29.35
C GLY F 73 22.95 -28.81 28.23
N GLY F 74 24.19 -28.42 28.51
CA GLY F 74 25.25 -28.59 27.51
C GLY F 74 25.08 -27.79 26.25
N ASP F 75 24.34 -26.67 26.31
CA ASP F 75 24.09 -25.80 25.18
C ASP F 75 23.32 -26.49 24.06
N ARG F 76 22.58 -27.55 24.38
CA ARG F 76 21.87 -28.29 23.34
C ARG F 76 20.83 -27.40 22.66
N ARG F 77 19.97 -26.75 23.46
CA ARG F 77 18.91 -25.94 22.86
C ARG F 77 19.51 -24.78 22.06
N ASP F 78 20.57 -24.14 22.59
CA ASP F 78 21.16 -23.01 21.89
C ASP F 78 21.76 -23.42 20.55
N LYS F 79 22.20 -24.67 20.41
CA LYS F 79 22.85 -25.09 19.17
C LYS F 79 21.90 -25.65 18.11
N VAL F 80 20.67 -25.99 18.47
CA VAL F 80 19.76 -26.69 17.58
C VAL F 80 18.72 -25.71 17.05
N VAL F 81 18.50 -25.76 15.74
CA VAL F 81 17.32 -25.17 15.08
C VAL F 81 16.17 -26.15 15.29
N LEU F 82 15.25 -25.81 16.19
CA LEU F 82 14.16 -26.70 16.58
C LEU F 82 12.91 -26.43 15.74
N ALA F 83 12.44 -27.44 15.01
CA ALA F 83 11.22 -27.33 14.19
C ALA F 83 10.16 -28.31 14.69
N THR F 84 8.93 -27.84 14.85
CA THR F 84 7.82 -28.76 15.11
C THR F 84 6.64 -28.33 14.25
N LYS F 85 5.44 -28.82 14.57
CA LYS F 85 4.32 -28.74 13.63
C LYS F 85 2.99 -28.60 14.36
N VAL F 86 2.03 -28.00 13.64
CA VAL F 86 0.65 -27.87 14.08
C VAL F 86 -0.23 -28.25 12.90
N TYR F 87 -1.41 -28.84 13.20
CA TYR F 87 -2.51 -29.24 12.30
C TYR F 87 -3.11 -30.56 12.79
N GLY F 88 -2.27 -31.47 13.25
CA GLY F 88 -2.75 -32.79 13.57
C GLY F 88 -3.61 -32.82 14.82
N ASN F 89 -4.41 -33.88 14.90
CA ASN F 89 -5.28 -34.15 16.04
C ASN F 89 -4.46 -34.76 17.17
N MET F 90 -4.51 -34.16 18.34
CA MET F 90 -3.76 -34.71 19.47
C MET F 90 -4.56 -35.70 20.30
N GLY F 91 -5.85 -35.90 19.99
CA GLY F 91 -6.62 -36.95 20.62
C GLY F 91 -6.32 -38.32 20.01
N LEU F 92 -6.91 -39.35 20.63
CA LEU F 92 -6.57 -40.73 20.29
C LEU F 92 -7.04 -41.12 18.90
N ASP F 93 -8.33 -41.15 18.70
CA ASP F 93 -8.81 -41.70 17.47
C ASP F 93 -9.97 -40.99 16.93
N GLY F 94 -10.54 -41.54 15.86
CA GLY F 94 -11.69 -40.97 15.20
C GLY F 94 -11.60 -39.47 14.95
N PRO F 95 -12.73 -38.87 14.57
CA PRO F 95 -12.74 -37.45 14.21
C PRO F 95 -12.43 -36.54 15.41
N ALA F 96 -11.60 -35.54 15.16
CA ALA F 96 -11.23 -34.61 16.21
C ALA F 96 -12.41 -33.73 16.61
N TRP F 97 -12.44 -33.35 17.87
CA TRP F 97 -13.36 -32.30 18.30
C TRP F 97 -13.12 -31.04 17.45
N PRO F 98 -14.17 -30.31 17.05
CA PRO F 98 -13.97 -29.17 16.15
C PRO F 98 -12.89 -28.24 16.70
N ASN F 99 -12.03 -27.76 15.80
CA ASN F 99 -10.94 -26.84 16.12
C ASN F 99 -9.87 -27.43 17.01
N HIS F 100 -9.87 -28.76 17.22
CA HIS F 100 -8.72 -29.40 17.87
C HIS F 100 -7.79 -30.04 16.84
N ASP F 101 -8.08 -29.81 15.56
CA ASP F 101 -7.11 -30.05 14.50
C ASP F 101 -7.21 -28.88 13.52
N LYS F 102 -6.45 -28.97 12.43
CA LYS F 102 -6.42 -27.97 11.36
C LYS F 102 -5.79 -26.66 11.82
N LEU F 103 -5.99 -25.58 11.06
CA LEU F 103 -5.13 -24.40 11.21
C LEU F 103 -5.87 -23.14 11.66
N SER F 104 -7.02 -23.27 12.34
CA SER F 104 -7.67 -22.08 12.86
C SER F 104 -6.74 -21.39 13.85
N ALA F 105 -6.91 -20.07 13.99
CA ALA F 105 -6.17 -19.35 15.01
C ALA F 105 -6.39 -19.99 16.37
N LEU F 106 -7.59 -20.53 16.61
CA LEU F 106 -7.90 -21.20 17.86
C LEU F 106 -7.00 -22.42 18.08
N ASN F 107 -6.86 -23.28 17.06
CA ASN F 107 -6.03 -24.47 17.24
C ASN F 107 -4.54 -24.11 17.26
N ILE F 108 -4.15 -23.08 16.53
CA ILE F 108 -2.74 -22.69 16.56
C ILE F 108 -2.37 -22.26 17.98
N ARG F 109 -3.22 -21.42 18.58
CA ARG F 109 -2.92 -20.92 19.93
C ARG F 109 -2.72 -22.07 20.91
N ARG F 110 -3.64 -23.04 20.92
CA ARG F 110 -3.54 -24.11 21.91
C ARG F 110 -2.46 -25.10 21.56
N SER F 111 -2.20 -25.31 20.26
CA SER F 111 -1.22 -26.30 19.86
C SER F 111 0.19 -25.86 20.23
N VAL F 112 0.52 -24.58 19.99
CA VAL F 112 1.89 -24.14 20.24
C VAL F 112 2.19 -24.14 21.74
N ASP F 113 1.23 -23.76 22.56
CA ASP F 113 1.49 -23.76 24.00
C ASP F 113 1.77 -25.17 24.52
N ALA F 114 1.06 -26.17 23.99
CA ALA F 114 1.29 -27.56 24.40
C ALA F 114 2.66 -28.06 23.92
N SER F 115 3.05 -27.69 22.69
CA SER F 115 4.36 -28.08 22.17
C SER F 115 5.48 -27.43 22.98
N LEU F 116 5.38 -26.13 23.22
CA LEU F 116 6.39 -25.46 24.06
C LEU F 116 6.51 -26.15 25.41
N LYS F 117 5.37 -26.53 26.00
CA LYS F 117 5.40 -27.21 27.29
C LYS F 117 6.11 -28.57 27.19
N ARG F 118 5.73 -29.38 26.20
CA ARG F 118 6.35 -30.69 26.05
C ARG F 118 7.84 -30.56 25.74
N LEU F 119 8.19 -29.61 24.86
CA LEU F 119 9.59 -29.42 24.47
C LEU F 119 10.43 -28.79 25.56
N GLY F 120 9.81 -28.26 26.61
CA GLY F 120 10.57 -27.62 27.68
C GLY F 120 11.37 -26.42 27.21
N THR F 121 10.78 -25.57 26.38
CA THR F 121 11.51 -24.44 25.83
C THR F 121 10.54 -23.28 25.69
N ASP F 122 11.09 -22.05 25.63
CA ASP F 122 10.24 -20.88 25.52
C ASP F 122 10.03 -20.42 24.08
N HIS F 123 10.71 -21.03 23.11
CA HIS F 123 10.46 -20.66 21.72
C HIS F 123 10.73 -21.85 20.81
N ILE F 124 10.03 -21.85 19.67
CA ILE F 124 10.24 -22.80 18.59
C ILE F 124 10.90 -22.02 17.45
N ASP F 125 11.97 -22.56 16.86
CA ASP F 125 12.62 -21.78 15.80
C ASP F 125 11.82 -21.82 14.50
N LEU F 126 11.30 -22.98 14.13
CA LEU F 126 10.61 -23.15 12.86
C LEU F 126 9.30 -23.88 13.15
N TYR F 127 8.18 -23.13 13.12
CA TYR F 127 6.86 -23.69 13.40
C TYR F 127 6.16 -23.96 12.07
N GLN F 128 5.80 -25.21 11.82
CA GLN F 128 5.41 -25.65 10.48
C GLN F 128 3.96 -26.08 10.45
N PHE F 129 3.24 -25.66 9.40
CA PHE F 129 1.94 -26.25 9.12
C PHE F 129 2.12 -27.67 8.62
N HIS F 130 1.55 -28.65 9.32
CA HIS F 130 1.80 -30.04 8.96
C HIS F 130 1.20 -30.40 7.61
N HIS F 131 0.18 -29.65 7.18
CA HIS F 131 -0.59 -29.94 5.98
C HIS F 131 -1.32 -28.67 5.60
N VAL F 132 -1.65 -28.52 4.32
CA VAL F 132 -2.52 -27.42 3.92
C VAL F 132 -3.90 -27.59 4.55
N ASP F 133 -4.49 -26.48 5.01
CA ASP F 133 -5.85 -26.49 5.52
C ASP F 133 -6.65 -25.56 4.58
N ARG F 134 -7.42 -26.16 3.67
CA ARG F 134 -8.10 -25.37 2.66
C ARG F 134 -9.21 -24.51 3.25
N ASP F 135 -9.62 -24.74 4.49
CA ASP F 135 -10.71 -23.93 5.05
C ASP F 135 -10.22 -22.74 5.88
N THR F 136 -8.93 -22.55 6.06
CA THR F 136 -8.47 -21.39 6.84
C THR F 136 -7.82 -20.39 5.91
N PRO F 137 -8.30 -19.15 5.83
CA PRO F 137 -7.69 -18.18 4.93
C PRO F 137 -6.37 -17.64 5.49
N TRP F 138 -5.54 -17.09 4.60
CA TRP F 138 -4.17 -16.74 5.00
C TRP F 138 -4.14 -15.50 5.90
N ASP F 139 -5.14 -14.60 5.83
CA ASP F 139 -5.08 -13.47 6.76
C ASP F 139 -5.37 -13.92 8.19
N GLU F 140 -6.18 -14.97 8.38
CA GLU F 140 -6.31 -15.57 9.71
C GLU F 140 -5.01 -16.25 10.14
N ILE F 141 -4.43 -17.06 9.25
CA ILE F 141 -3.20 -17.76 9.60
C ILE F 141 -2.10 -16.78 9.95
N TRP F 142 -1.88 -15.76 9.11
CA TRP F 142 -0.75 -14.87 9.37
C TRP F 142 -1.01 -14.03 10.61
N GLN F 143 -2.28 -13.70 10.90
CA GLN F 143 -2.58 -13.07 12.18
C GLN F 143 -2.06 -13.92 13.34
N ALA F 144 -2.45 -15.21 13.36
CA ALA F 144 -2.07 -16.09 14.45
C ALA F 144 -0.55 -16.22 14.57
N MET F 145 0.14 -16.40 13.44
CA MET F 145 1.60 -16.56 13.49
C MET F 145 2.27 -15.26 13.91
N ASP F 146 1.75 -14.13 13.43
CA ASP F 146 2.33 -12.84 13.81
C ASP F 146 2.23 -12.62 15.31
N VAL F 147 1.13 -13.06 15.93
CA VAL F 147 1.04 -12.98 17.40
C VAL F 147 2.20 -13.74 18.04
N LEU F 148 2.49 -14.93 17.53
CA LEU F 148 3.54 -15.76 18.11
C LEU F 148 4.92 -15.16 17.88
N VAL F 149 5.13 -14.57 16.71
CA VAL F 149 6.42 -13.96 16.42
C VAL F 149 6.69 -12.79 17.37
N ARG F 150 5.68 -11.95 17.55
CA ARG F 150 5.84 -10.76 18.36
C ARG F 150 6.05 -11.10 19.83
N GLN F 151 5.38 -12.13 20.29
CA GLN F 151 5.58 -12.62 21.65
C GLN F 151 6.88 -13.37 21.84
N GLY F 152 7.64 -13.63 20.78
CA GLY F 152 8.86 -14.39 20.91
C GLY F 152 8.69 -15.89 21.05
N LYS F 153 7.48 -16.42 20.82
CA LYS F 153 7.29 -17.87 20.91
C LYS F 153 7.78 -18.62 19.69
N ILE F 154 7.81 -18.00 18.51
CA ILE F 154 8.38 -18.62 17.33
C ILE F 154 9.22 -17.59 16.60
N LEU F 155 10.11 -18.08 15.74
CA LEU F 155 10.93 -17.21 14.90
C LEU F 155 10.48 -17.28 13.45
N TYR F 156 10.45 -18.48 12.89
CA TYR F 156 10.18 -18.70 11.47
C TYR F 156 8.96 -19.58 11.30
N VAL F 157 8.27 -19.38 10.19
CA VAL F 157 7.12 -20.20 9.81
C VAL F 157 7.48 -21.01 8.59
N GLY F 158 7.02 -22.27 8.54
CA GLY F 158 7.25 -23.11 7.38
C GLY F 158 5.99 -23.90 7.04
N SER F 159 6.00 -24.48 5.84
CA SER F 159 4.89 -25.29 5.36
C SER F 159 5.33 -26.75 5.23
N SER F 160 4.32 -27.63 5.19
CA SER F 160 4.56 -29.03 4.90
C SER F 160 3.32 -29.57 4.19
N ASN F 161 3.53 -30.39 3.15
CA ASN F 161 2.41 -30.95 2.39
C ASN F 161 1.49 -29.85 1.87
N PHE F 162 2.10 -28.91 1.17
CA PHE F 162 1.40 -27.84 0.48
C PHE F 162 1.44 -28.14 -1.01
N ALA F 163 0.45 -27.63 -1.73
CA ALA F 163 0.61 -27.51 -3.17
C ALA F 163 1.44 -26.26 -3.48
N GLY F 164 2.09 -26.26 -4.65
CA GLY F 164 2.86 -25.09 -5.04
C GLY F 164 2.09 -23.79 -4.99
N TRP F 165 0.82 -23.84 -5.39
CA TRP F 165 0.07 -22.59 -5.40
C TRP F 165 -0.27 -22.13 -3.98
N ASN F 166 -0.32 -23.06 -3.01
CA ASN F 166 -0.47 -22.66 -1.61
C ASN F 166 0.74 -21.87 -1.15
N ILE F 167 1.95 -22.30 -1.57
CA ILE F 167 3.16 -21.58 -1.19
C ILE F 167 3.13 -20.16 -1.73
N ALA F 168 2.72 -20.01 -2.99
CA ALA F 168 2.64 -18.68 -3.60
C ALA F 168 1.59 -17.81 -2.91
N GLN F 169 0.41 -18.37 -2.70
CA GLN F 169 -0.63 -17.55 -2.08
C GLN F 169 -0.21 -17.13 -0.68
N ALA F 170 0.37 -18.05 0.09
CA ALA F 170 0.77 -17.75 1.47
C ALA F 170 1.79 -16.61 1.53
N ASN F 171 2.84 -16.67 0.70
CA ASN F 171 3.88 -15.66 0.81
C ASN F 171 3.48 -14.34 0.16
N GLU F 172 2.69 -14.38 -0.91
CA GLU F 172 2.18 -13.12 -1.44
C GLU F 172 1.33 -12.40 -0.41
N THR F 173 0.53 -13.17 0.34
CA THR F 173 -0.29 -12.57 1.39
C THR F 173 0.58 -11.99 2.50
N ALA F 174 1.60 -12.74 2.93
CA ALA F 174 2.50 -12.21 3.95
C ALA F 174 3.21 -10.95 3.47
N ALA F 175 3.69 -10.95 2.23
CA ALA F 175 4.52 -9.85 1.75
C ALA F 175 3.72 -8.55 1.67
N ARG F 176 2.42 -8.66 1.37
CA ARG F 176 1.54 -7.49 1.36
C ARG F 176 1.67 -6.62 2.60
N HIS F 177 1.92 -7.22 3.75
CA HIS F 177 1.95 -6.48 5.00
C HIS F 177 3.29 -6.63 5.73
N GLY F 178 4.35 -6.91 4.98
CA GLY F 178 5.69 -6.91 5.52
C GLY F 178 5.99 -8.04 6.47
N ARG F 179 5.21 -9.12 6.42
CA ARG F 179 5.55 -10.31 7.17
C ARG F 179 6.53 -11.15 6.37
N LEU F 180 7.49 -11.73 7.08
CA LEU F 180 8.29 -12.81 6.51
C LEU F 180 7.36 -13.99 6.25
N GLY F 181 7.37 -14.47 5.04
CA GLY F 181 6.48 -15.58 4.69
C GLY F 181 7.04 -16.93 5.11
N LEU F 182 6.50 -17.97 4.49
CA LEU F 182 7.05 -19.32 4.64
C LEU F 182 8.51 -19.31 4.27
N VAL F 183 9.33 -19.97 5.08
CA VAL F 183 10.78 -20.05 4.81
C VAL F 183 11.18 -21.40 4.28
N SER F 184 10.30 -22.39 4.31
CA SER F 184 10.66 -23.72 3.86
C SER F 184 9.36 -24.48 3.65
N GLU F 185 9.43 -25.47 2.76
CA GLU F 185 8.36 -26.42 2.53
C GLU F 185 8.95 -27.80 2.79
N GLN F 186 8.24 -28.60 3.57
CA GLN F 186 8.64 -29.98 3.88
C GLN F 186 7.75 -30.91 3.08
N CYS F 187 8.30 -31.52 2.04
CA CYS F 187 7.44 -32.33 1.18
C CYS F 187 8.03 -33.72 0.97
N LEU F 188 7.16 -34.66 0.62
CA LEU F 188 7.59 -35.99 0.21
C LEU F 188 8.36 -35.88 -1.09
N TYR F 189 9.61 -36.31 -1.08
CA TYR F 189 10.44 -36.29 -2.29
C TYR F 189 11.55 -37.31 -2.13
N ASN F 190 11.63 -38.24 -3.05
CA ASN F 190 12.67 -39.28 -3.02
C ASN F 190 12.67 -39.94 -4.40
N LEU F 191 13.55 -40.94 -4.57
CA LEU F 191 13.65 -41.61 -5.86
C LEU F 191 12.30 -42.18 -6.29
N CYS F 192 11.51 -42.70 -5.34
CA CYS F 192 10.27 -43.40 -5.66
C CYS F 192 9.12 -42.45 -5.97
N GLU F 193 9.10 -41.28 -5.34
CA GLU F 193 8.01 -40.33 -5.49
C GLU F 193 8.61 -38.97 -5.85
N ARG F 194 8.51 -38.61 -7.12
CA ARG F 194 9.17 -37.43 -7.67
C ARG F 194 8.17 -36.36 -8.09
N ARG F 195 6.88 -36.50 -7.78
CA ARG F 195 5.92 -35.55 -8.33
C ARG F 195 5.95 -34.19 -7.63
N ALA F 196 6.70 -34.04 -6.55
CA ALA F 196 6.95 -32.69 -6.03
C ALA F 196 7.72 -31.85 -7.04
N GLU F 197 8.39 -32.49 -8.02
CA GLU F 197 9.04 -31.77 -9.09
C GLU F 197 8.06 -31.00 -9.97
N MET F 198 6.79 -31.43 -10.04
CA MET F 198 5.88 -30.80 -10.99
C MET F 198 5.64 -29.33 -10.63
N GLU F 199 5.31 -29.06 -9.37
CA GLU F 199 4.94 -27.70 -9.02
C GLU F 199 5.37 -27.28 -7.63
N VAL F 200 5.51 -28.23 -6.69
CA VAL F 200 5.84 -27.85 -5.32
C VAL F 200 7.24 -27.25 -5.26
N VAL F 201 8.23 -27.96 -5.80
CA VAL F 201 9.61 -27.49 -5.74
C VAL F 201 9.81 -26.28 -6.65
N PRO F 202 9.25 -26.22 -7.86
CA PRO F 202 9.32 -24.95 -8.63
C PRO F 202 8.74 -23.75 -7.87
N ALA F 203 7.59 -23.91 -7.22
CA ALA F 203 7.04 -22.79 -6.45
C ALA F 203 7.95 -22.43 -5.29
N ALA F 204 8.40 -23.43 -4.52
CA ALA F 204 9.37 -23.19 -3.46
C ALA F 204 10.60 -22.44 -3.99
N ARG F 205 11.14 -22.85 -5.13
CA ARG F 205 12.35 -22.18 -5.60
C ARG F 205 12.04 -20.77 -6.04
N GLU F 206 10.88 -20.55 -6.66
CA GLU F 206 10.54 -19.20 -7.07
C GLU F 206 10.45 -18.28 -5.86
N TYR F 207 9.83 -18.74 -4.78
CA TYR F 207 9.62 -17.90 -3.61
C TYR F 207 10.74 -17.98 -2.60
N GLY F 208 11.83 -18.68 -2.93
CA GLY F 208 13.00 -18.72 -2.06
C GLY F 208 12.79 -19.46 -0.75
N LEU F 209 11.99 -20.52 -0.78
CA LEU F 209 11.82 -21.40 0.36
C LEU F 209 12.87 -22.48 0.31
N GLY F 210 13.38 -22.85 1.48
CA GLY F 210 14.06 -24.12 1.58
C GLY F 210 13.11 -25.26 1.23
N VAL F 211 13.69 -26.38 0.84
CA VAL F 211 12.93 -27.59 0.54
C VAL F 211 13.57 -28.70 1.33
N ILE F 212 12.86 -29.26 2.31
CA ILE F 212 13.39 -30.37 3.09
C ILE F 212 12.49 -31.58 2.85
N ALA F 213 13.10 -32.70 2.47
CA ALA F 213 12.37 -33.84 1.92
C ALA F 213 12.07 -34.86 3.01
N TRP F 214 10.79 -35.09 3.30
CA TRP F 214 10.44 -36.10 4.29
C TRP F 214 10.36 -37.49 3.65
N SER F 215 10.44 -38.54 4.51
CA SER F 215 10.65 -39.92 4.08
C SER F 215 11.60 -40.03 2.88
N PRO F 216 12.88 -39.65 3.03
CA PRO F 216 13.79 -39.64 1.88
C PRO F 216 14.17 -41.02 1.39
N LEU F 217 13.88 -42.08 2.15
CA LEU F 217 14.04 -43.45 1.69
C LEU F 217 12.68 -44.10 1.42
N HIS F 218 11.64 -43.28 1.30
CA HIS F 218 10.27 -43.75 1.14
C HIS F 218 9.88 -44.71 2.27
N GLY F 219 10.18 -44.28 3.50
CA GLY F 219 9.78 -45.04 4.66
C GLY F 219 10.61 -46.30 4.85
N GLY F 220 11.87 -46.26 4.43
CA GLY F 220 12.78 -47.39 4.51
C GLY F 220 12.83 -48.24 3.25
N LEU F 221 11.98 -47.96 2.26
CA LEU F 221 11.93 -48.80 1.07
C LEU F 221 13.26 -48.80 0.34
N LEU F 222 13.95 -47.64 0.30
CA LEU F 222 15.20 -47.49 -0.42
C LEU F 222 16.44 -47.78 0.43
N GLY F 223 16.27 -48.33 1.63
CA GLY F 223 17.42 -48.62 2.47
C GLY F 223 17.84 -50.07 2.49
N GLY F 224 17.55 -50.82 1.43
CA GLY F 224 17.85 -52.23 1.37
C GLY F 224 16.73 -53.13 1.84
N ALA F 225 15.48 -52.73 1.67
CA ALA F 225 14.37 -53.47 2.24
C ALA F 225 14.24 -54.88 1.66
N ILE F 226 14.63 -55.08 0.39
CA ILE F 226 14.50 -56.42 -0.19
C ILE F 226 15.55 -57.37 0.39
N ARG F 227 16.80 -56.93 0.46
CA ARG F 227 17.81 -57.74 1.16
C ARG F 227 17.37 -58.08 2.57
N LYS F 228 16.76 -57.13 3.28
CA LYS F 228 16.35 -57.38 4.67
C LYS F 228 15.08 -58.20 4.77
N GLU F 229 14.31 -58.34 3.68
CA GLU F 229 13.14 -59.23 3.72
C GLU F 229 13.55 -60.66 4.04
N GLN F 230 14.68 -61.13 3.52
CA GLN F 230 15.14 -62.47 3.86
C GLN F 230 16.09 -62.47 5.05
N GLU F 231 17.06 -61.57 5.07
CA GLU F 231 18.07 -61.56 6.11
C GLU F 231 17.55 -61.00 7.42
N GLY F 232 16.32 -60.51 7.46
CA GLY F 232 15.78 -59.86 8.63
C GLY F 232 16.20 -58.41 8.72
N GLY F 233 15.48 -57.66 9.55
CA GLY F 233 15.86 -56.29 9.90
C GLY F 233 14.85 -55.21 9.54
N ASN F 234 13.82 -55.51 8.75
CA ASN F 234 12.87 -54.47 8.41
C ASN F 234 12.00 -54.12 9.62
N ARG F 235 11.86 -52.82 9.89
CA ARG F 235 11.00 -52.35 10.96
C ARG F 235 9.99 -51.38 10.37
N ARG F 236 10.38 -50.10 10.21
CA ARG F 236 9.53 -49.16 9.48
C ARG F 236 9.28 -49.67 8.07
N ALA F 237 10.30 -50.22 7.42
CA ALA F 237 10.16 -50.70 6.05
C ALA F 237 9.19 -51.87 5.94
N ALA F 238 8.73 -52.43 7.06
CA ALA F 238 7.72 -53.48 7.03
C ALA F 238 6.29 -52.96 6.94
N SER F 239 6.03 -51.67 7.17
CA SER F 239 4.68 -51.11 7.10
C SER F 239 4.63 -49.95 6.13
N GLY F 240 3.47 -49.32 6.06
CA GLY F 240 3.28 -48.03 5.41
C GLY F 240 3.66 -48.07 3.94
N ARG F 241 4.12 -46.92 3.43
CA ARG F 241 4.42 -46.79 2.00
C ARG F 241 5.35 -47.88 1.51
N ALA F 242 6.36 -48.25 2.31
CA ALA F 242 7.35 -49.22 1.83
C ALA F 242 6.70 -50.60 1.63
N ALA F 243 5.79 -50.98 2.53
CA ALA F 243 5.11 -52.26 2.36
C ALA F 243 4.13 -52.21 1.20
N ASP F 244 3.42 -51.08 1.04
CA ASP F 244 2.52 -50.92 -0.10
C ASP F 244 3.27 -51.06 -1.42
N ALA F 245 4.46 -50.47 -1.51
CA ALA F 245 5.22 -50.55 -2.76
C ALA F 245 5.73 -51.97 -3.00
N LEU F 246 6.19 -52.66 -1.96
CA LEU F 246 6.70 -54.02 -2.12
C LEU F 246 5.61 -55.05 -2.38
N LYS F 247 4.36 -54.64 -2.35
CA LYS F 247 3.30 -55.58 -2.72
C LYS F 247 2.93 -55.42 -4.19
N ASP F 248 3.20 -54.25 -4.75
CA ASP F 248 2.96 -54.05 -6.17
C ASP F 248 4.13 -54.61 -6.98
N PRO F 249 3.90 -55.60 -7.84
CA PRO F 249 5.03 -56.26 -8.53
C PRO F 249 5.92 -55.30 -9.32
N GLN F 250 5.36 -54.27 -9.94
CA GLN F 250 6.21 -53.41 -10.75
C GLN F 250 7.00 -52.41 -9.92
N GLN F 251 6.49 -52.05 -8.73
CA GLN F 251 7.27 -51.21 -7.82
C GLN F 251 8.35 -52.03 -7.12
N ARG F 252 8.04 -53.26 -6.69
CA ARG F 252 9.10 -54.14 -6.22
C ARG F 252 10.16 -54.33 -7.30
N GLU F 253 9.74 -54.40 -8.57
CA GLU F 253 10.72 -54.56 -9.63
C GLU F 253 11.67 -53.37 -9.71
N GLN F 254 11.17 -52.15 -9.46
CA GLN F 254 12.07 -51.00 -9.43
C GLN F 254 13.10 -51.13 -8.31
N ILE F 255 12.66 -51.53 -7.12
CA ILE F 255 13.54 -51.63 -5.96
C ILE F 255 14.55 -52.77 -6.14
N GLN F 256 14.13 -53.88 -6.75
CA GLN F 256 15.07 -54.96 -7.08
C GLN F 256 16.17 -54.44 -8.00
N ARG F 257 15.79 -53.74 -9.07
CA ARG F 257 16.76 -53.13 -9.99
C ARG F 257 17.66 -52.15 -9.26
N TYR F 258 17.09 -51.37 -8.33
CA TYR F 258 17.87 -50.45 -7.51
C TYR F 258 18.93 -51.19 -6.71
N GLU F 259 18.50 -52.19 -5.93
CA GLU F 259 19.45 -52.88 -5.06
C GLU F 259 20.49 -53.64 -5.88
N ASP F 260 20.08 -54.26 -6.99
CA ASP F 260 21.04 -54.92 -7.88
C ASP F 260 22.05 -53.93 -8.44
N LEU F 261 21.58 -52.73 -8.83
CA LEU F 261 22.49 -51.72 -9.38
C LEU F 261 23.56 -51.34 -8.37
N LEU F 262 23.18 -51.10 -7.11
CA LEU F 262 24.15 -50.66 -6.12
C LEU F 262 25.05 -51.79 -5.64
N ASP F 263 24.64 -53.05 -5.80
CA ASP F 263 25.58 -54.15 -5.60
C ASP F 263 26.70 -54.11 -6.63
N LYS F 264 26.37 -53.78 -7.88
CA LYS F 264 27.40 -53.67 -8.91
C LYS F 264 28.40 -52.58 -8.57
N HIS F 265 27.93 -51.46 -8.01
CA HIS F 265 28.79 -50.33 -7.74
C HIS F 265 29.37 -50.33 -6.33
N GLY F 266 29.04 -51.33 -5.52
CA GLY F 266 29.58 -51.38 -4.17
C GLY F 266 29.12 -50.23 -3.30
N LEU F 267 27.85 -49.83 -3.43
CA LEU F 267 27.30 -48.69 -2.70
C LEU F 267 26.14 -49.16 -1.83
N GLU F 268 25.92 -48.42 -0.75
CA GLU F 268 24.85 -48.72 0.19
C GLU F 268 23.56 -48.01 -0.22
N PRO F 269 22.42 -48.70 -0.14
CA PRO F 269 21.21 -48.16 -0.78
C PRO F 269 20.60 -46.99 -0.04
N GLY F 270 20.54 -47.02 1.28
CA GLY F 270 20.04 -45.87 2.01
C GLY F 270 20.94 -44.67 1.79
N GLU F 271 22.25 -44.90 1.73
CA GLU F 271 23.21 -43.82 1.49
C GLU F 271 23.01 -43.19 0.12
N VAL F 272 22.81 -44.01 -0.92
CA VAL F 272 22.68 -43.49 -2.27
C VAL F 272 21.40 -42.68 -2.40
N ALA F 273 20.34 -43.13 -1.74
CA ALA F 273 19.06 -42.43 -1.84
C ALA F 273 19.14 -41.04 -1.20
N LEU F 274 19.88 -40.92 -0.09
CA LEU F 274 20.10 -39.62 0.54
C LEU F 274 21.00 -38.75 -0.31
N ALA F 275 22.11 -39.31 -0.81
CA ALA F 275 22.99 -38.57 -1.70
C ALA F 275 22.26 -38.08 -2.93
N TRP F 276 21.33 -38.89 -3.47
CA TRP F 276 20.59 -38.48 -4.66
C TRP F 276 19.79 -37.21 -4.40
N LEU F 277 19.06 -37.16 -3.27
CA LEU F 277 18.31 -35.94 -2.96
C LEU F 277 19.23 -34.73 -2.83
N LEU F 278 20.45 -34.92 -2.33
CA LEU F 278 21.38 -33.81 -2.18
C LEU F 278 21.84 -33.22 -3.51
N THR F 279 21.66 -33.96 -4.61
CA THR F 279 22.00 -33.43 -5.92
C THR F 279 20.85 -32.67 -6.57
N ARG F 280 19.66 -32.69 -5.99
CA ARG F 280 18.51 -32.16 -6.72
C ARG F 280 18.43 -30.65 -6.57
N PRO F 281 18.28 -29.90 -7.67
CA PRO F 281 18.23 -28.44 -7.59
C PRO F 281 17.11 -27.95 -6.68
N GLY F 282 17.44 -27.01 -5.79
CA GLY F 282 16.47 -26.44 -4.89
C GLY F 282 16.27 -27.19 -3.58
N VAL F 283 16.80 -28.39 -3.45
CA VAL F 283 16.58 -29.20 -2.25
C VAL F 283 17.62 -28.79 -1.20
N THR F 284 17.15 -28.31 -0.04
CA THR F 284 18.03 -28.03 1.09
C THR F 284 18.71 -29.31 1.55
N GLY F 285 17.91 -30.33 1.88
CA GLY F 285 18.41 -31.66 2.14
C GLY F 285 17.31 -32.62 2.52
N PRO F 286 17.67 -33.88 2.71
CA PRO F 286 16.73 -34.87 3.25
C PRO F 286 16.58 -34.74 4.76
N ILE F 287 15.37 -35.02 5.24
CA ILE F 287 15.14 -35.23 6.67
C ILE F 287 15.38 -36.71 6.93
N VAL F 288 16.58 -37.04 7.43
CA VAL F 288 16.92 -38.44 7.65
C VAL F 288 16.08 -39.00 8.79
N GLY F 289 15.71 -40.29 8.68
CA GLY F 289 14.94 -40.93 9.72
C GLY F 289 15.61 -42.14 10.35
N PRO F 290 16.76 -41.94 11.00
CA PRO F 290 17.44 -43.07 11.64
C PRO F 290 16.58 -43.69 12.73
N ARG F 291 16.55 -45.01 12.75
CA ARG F 291 16.02 -45.74 13.90
C ARG F 291 17.11 -46.06 14.91
N THR F 292 18.35 -46.17 14.44
CA THR F 292 19.49 -46.61 15.23
C THR F 292 20.64 -45.61 15.06
N ALA F 293 21.60 -45.67 16.00
CA ALA F 293 22.80 -44.83 15.85
C ALA F 293 23.57 -45.19 14.60
N ASP F 294 23.63 -46.49 14.25
CA ASP F 294 24.33 -46.91 13.04
C ASP F 294 23.70 -46.31 11.79
N GLN F 295 22.36 -46.19 11.77
CA GLN F 295 21.72 -45.61 10.60
C GLN F 295 21.98 -44.11 10.50
N LEU F 296 22.16 -43.42 11.63
CA LEU F 296 22.62 -42.03 11.56
C LEU F 296 24.05 -41.95 11.02
N ALA F 297 24.95 -42.82 11.50
CA ALA F 297 26.31 -42.83 10.97
C ALA F 297 26.30 -43.08 9.47
N SER F 298 25.43 -43.99 9.03
CA SER F 298 25.25 -44.23 7.61
C SER F 298 24.84 -42.96 6.86
N ALA F 299 23.86 -42.22 7.40
CA ALA F 299 23.42 -40.98 6.73
C ALA F 299 24.56 -39.97 6.67
N VAL F 300 25.36 -39.87 7.73
CA VAL F 300 26.50 -38.94 7.73
C VAL F 300 27.48 -39.31 6.62
N ARG F 301 27.68 -40.62 6.36
CA ARG F 301 28.53 -41.00 5.23
C ARG F 301 27.90 -40.63 3.91
N ALA F 302 26.57 -40.78 3.80
CA ALA F 302 25.86 -40.37 2.57
C ALA F 302 26.11 -38.91 2.24
N ALA F 303 26.30 -38.07 3.25
CA ALA F 303 26.51 -36.65 3.02
C ALA F 303 27.88 -36.36 2.40
N GLU F 304 28.82 -37.30 2.45
CA GLU F 304 30.15 -37.12 1.86
C GLU F 304 30.32 -37.88 0.55
N LEU F 305 29.32 -38.67 0.17
CA LEU F 305 29.35 -39.47 -1.04
C LEU F 305 29.23 -38.61 -2.29
N THR F 306 29.98 -38.95 -3.33
CA THR F 306 29.82 -38.34 -4.64
C THR F 306 29.31 -39.39 -5.61
N LEU F 307 28.11 -39.16 -6.14
CA LEU F 307 27.52 -40.09 -7.10
C LEU F 307 28.06 -39.75 -8.48
N THR F 308 28.52 -40.77 -9.21
CA THR F 308 29.01 -40.56 -10.56
C THR F 308 27.86 -40.29 -11.51
N ASP F 309 28.19 -39.70 -12.65
CA ASP F 309 27.17 -39.47 -13.67
C ASP F 309 26.60 -40.80 -14.17
N GLU F 310 27.40 -41.86 -14.17
CA GLU F 310 26.90 -43.17 -14.56
C GLU F 310 25.79 -43.63 -13.61
N VAL F 311 26.01 -43.49 -12.30
CA VAL F 311 25.00 -43.91 -11.34
C VAL F 311 23.78 -43.00 -11.42
N LEU F 312 24.00 -41.69 -11.58
CA LEU F 312 22.88 -40.77 -11.67
C LEU F 312 22.01 -41.07 -12.88
N THR F 313 22.64 -41.45 -14.01
CA THR F 313 21.89 -41.83 -15.20
C THR F 313 21.12 -43.12 -14.97
N ALA F 314 21.74 -44.11 -14.33
CA ALA F 314 21.06 -45.37 -14.06
C ALA F 314 19.87 -45.16 -13.13
N LEU F 315 20.04 -44.33 -12.08
CA LEU F 315 18.93 -44.06 -11.17
C LEU F 315 17.77 -43.41 -11.89
N ASP F 316 18.07 -42.42 -12.73
CA ASP F 316 17.03 -41.73 -13.48
C ASP F 316 16.26 -42.67 -14.40
N GLU F 317 16.94 -43.71 -14.92
CA GLU F 317 16.26 -44.69 -15.77
C GLU F 317 15.32 -45.57 -14.96
N ILE F 318 15.75 -46.00 -13.77
CA ILE F 318 14.89 -46.81 -12.93
C ILE F 318 13.75 -45.98 -12.35
N PHE F 319 14.04 -44.74 -11.96
CA PHE F 319 13.08 -43.86 -11.28
C PHE F 319 12.90 -42.55 -12.03
N PRO F 320 12.26 -42.55 -13.20
CA PRO F 320 12.09 -41.29 -13.92
C PRO F 320 11.19 -40.35 -13.13
N GLY F 321 11.45 -39.06 -13.28
CA GLY F 321 10.61 -38.04 -12.69
C GLY F 321 9.82 -37.30 -13.75
N PRO F 322 8.81 -36.53 -13.35
CA PRO F 322 7.96 -35.84 -14.33
C PRO F 322 8.51 -34.51 -14.79
N GLY F 323 9.37 -33.90 -13.99
CA GLY F 323 9.79 -32.55 -14.24
C GLY F 323 8.63 -31.59 -14.02
N PRO F 324 8.82 -30.34 -14.39
CA PRO F 324 7.84 -29.31 -14.00
C PRO F 324 6.59 -29.30 -14.87
N SER F 325 5.48 -28.88 -14.26
CA SER F 325 4.32 -28.45 -15.01
C SER F 325 4.58 -27.09 -15.65
N PRO F 326 3.94 -26.79 -16.82
CA PRO F 326 3.00 -27.62 -17.57
C PRO F 326 3.65 -28.71 -18.42
N GLU F 327 4.95 -28.60 -18.69
CA GLU F 327 5.60 -29.53 -19.62
C GLU F 327 5.39 -30.99 -19.21
N ALA F 328 5.14 -31.23 -17.92
CA ALA F 328 4.99 -32.60 -17.44
C ALA F 328 3.77 -33.31 -18.04
N PHE F 329 2.71 -32.56 -18.36
CA PHE F 329 1.52 -33.20 -18.89
C PHE F 329 0.99 -32.57 -20.18
N ALA F 330 1.47 -31.37 -20.56
CA ALA F 330 1.02 -30.66 -21.75
C ALA F 330 2.21 -30.48 -22.66
N TRP F 331 2.79 -29.28 -22.76
CA TRP F 331 4.01 -29.07 -23.58
C TRP F 331 4.80 -27.86 -23.07
N MET G 1 -24.98 -33.89 15.32
CA MET G 1 -24.86 -32.42 15.20
C MET G 1 -24.16 -32.05 13.90
N GLU G 2 -24.73 -31.12 13.16
CA GLU G 2 -24.12 -30.64 11.92
C GLU G 2 -23.14 -29.51 12.23
N TYR G 3 -21.96 -29.55 11.60
CA TYR G 3 -20.94 -28.52 11.76
C TYR G 3 -20.74 -27.76 10.44
N THR G 4 -20.24 -26.54 10.55
CA THR G 4 -19.97 -25.72 9.37
C THR G 4 -18.86 -24.74 9.70
N GLN G 5 -18.18 -24.25 8.66
CA GLN G 5 -17.23 -23.15 8.87
C GLN G 5 -18.00 -21.88 9.23
N LEU G 6 -17.41 -21.09 10.12
CA LEU G 6 -18.01 -19.79 10.44
C LEU G 6 -17.64 -18.84 9.31
N GLY G 7 -18.56 -18.64 8.37
CA GLY G 7 -18.24 -17.82 7.20
C GLY G 7 -17.01 -18.37 6.50
N ARG G 8 -16.09 -17.47 6.15
CA ARG G 8 -14.84 -17.78 5.44
C ARG G 8 -13.71 -18.27 6.34
N ILE G 9 -13.84 -18.22 7.67
CA ILE G 9 -12.65 -18.48 8.48
C ILE G 9 -12.49 -19.96 8.82
N GLY G 10 -11.38 -20.29 9.46
CA GLY G 10 -11.01 -21.66 9.71
C GLY G 10 -11.73 -22.30 10.86
N LEU G 11 -12.43 -21.48 11.65
CA LEU G 11 -13.16 -21.97 12.81
C LEU G 11 -14.38 -22.78 12.38
N LYS G 12 -14.55 -23.94 12.99
CA LYS G 12 -15.68 -24.83 12.76
C LYS G 12 -16.61 -24.78 13.96
N VAL G 13 -17.91 -24.60 13.70
CA VAL G 13 -18.88 -24.43 14.77
C VAL G 13 -20.13 -25.26 14.49
N SER G 14 -20.79 -25.71 15.56
CA SER G 14 -22.08 -26.36 15.45
C SER G 14 -23.10 -25.42 14.83
N ARG G 15 -24.04 -25.99 14.09
CA ARG G 15 -25.05 -25.17 13.47
C ARG G 15 -26.13 -24.71 14.46
N LEU G 16 -26.17 -25.26 15.67
CA LEU G 16 -26.86 -24.66 16.80
C LEU G 16 -25.82 -23.92 17.62
N VAL G 17 -26.09 -22.64 17.92
CA VAL G 17 -25.27 -21.84 18.82
C VAL G 17 -26.01 -21.74 20.15
N LEU G 18 -25.34 -22.05 21.26
CA LEU G 18 -26.02 -21.99 22.56
C LEU G 18 -26.01 -20.55 23.06
N GLY G 19 -27.20 -19.95 23.16
CA GLY G 19 -27.34 -18.63 23.74
C GLY G 19 -27.58 -18.70 25.24
N THR G 20 -26.98 -17.76 25.97
CA THR G 20 -26.94 -17.85 27.41
C THR G 20 -27.75 -16.76 28.13
N MET G 21 -28.51 -15.93 27.38
CA MET G 21 -29.14 -14.75 27.96
C MET G 21 -30.09 -15.10 29.11
N ASN G 22 -30.68 -16.30 29.08
CA ASN G 22 -31.61 -16.74 30.12
C ASN G 22 -30.91 -17.14 31.41
N PHE G 23 -29.61 -17.43 31.35
CA PHE G 23 -28.87 -17.96 32.50
C PHE G 23 -28.65 -16.85 33.53
N GLY G 24 -29.31 -16.97 34.68
CA GLY G 24 -29.33 -15.90 35.64
C GLY G 24 -30.75 -15.40 35.83
N PRO G 25 -31.26 -14.62 34.87
CA PRO G 25 -32.60 -14.02 35.05
C PRO G 25 -33.76 -15.01 35.06
N THR G 26 -33.77 -16.01 34.18
CA THR G 26 -34.87 -16.98 34.16
C THR G 26 -34.44 -18.42 34.42
N THR G 27 -33.14 -18.71 34.42
CA THR G 27 -32.63 -20.06 34.64
C THR G 27 -31.54 -19.97 35.70
N ASP G 28 -31.64 -20.76 36.77
CA ASP G 28 -30.70 -20.55 37.84
C ASP G 28 -29.35 -21.20 37.52
N GLU G 29 -28.37 -20.96 38.38
CA GLU G 29 -27.00 -21.38 38.08
C GLU G 29 -26.93 -22.88 37.84
N ALA G 30 -27.57 -23.67 38.72
CA ALA G 30 -27.50 -25.12 38.62
C ALA G 30 -28.05 -25.61 37.28
N GLU G 31 -29.25 -25.15 36.92
CA GLU G 31 -29.86 -25.58 35.66
C GLU G 31 -29.11 -25.00 34.45
N SER G 32 -28.51 -23.81 34.58
CA SER G 32 -27.68 -23.28 33.50
C SER G 32 -26.47 -24.17 33.25
N HIS G 33 -25.81 -24.62 34.33
CA HIS G 33 -24.70 -25.55 34.18
C HIS G 33 -25.14 -26.85 33.53
N ALA G 34 -26.31 -27.36 33.92
CA ALA G 34 -26.81 -28.59 33.33
C ALA G 34 -27.11 -28.42 31.85
N ILE G 35 -27.64 -27.25 31.45
CA ILE G 35 -27.93 -27.02 30.04
C ILE G 35 -26.64 -26.98 29.24
N MET G 36 -25.59 -26.38 29.81
CA MET G 36 -24.32 -26.27 29.09
C MET G 36 -23.64 -27.62 28.96
N ASP G 37 -23.69 -28.47 30.00
CA ASP G 37 -23.17 -29.83 29.85
C ASP G 37 -23.95 -30.62 28.81
N ALA G 38 -25.27 -30.43 28.77
CA ALA G 38 -26.08 -31.12 27.78
C ALA G 38 -25.73 -30.65 26.37
N ALA G 39 -25.47 -29.35 26.21
CA ALA G 39 -25.09 -28.82 24.91
C ALA G 39 -23.77 -29.44 24.43
N LEU G 40 -22.77 -29.45 25.30
CA LEU G 40 -21.51 -30.13 24.99
C LEU G 40 -21.78 -31.57 24.58
N ASP G 41 -22.60 -32.28 25.35
CA ASP G 41 -22.90 -33.67 25.06
C ASP G 41 -23.55 -33.83 23.70
N ALA G 42 -24.38 -32.87 23.29
CA ALA G 42 -24.97 -32.93 21.95
C ALA G 42 -24.01 -32.44 20.86
N GLY G 43 -22.80 -32.03 21.20
CA GLY G 43 -21.86 -31.54 20.20
C GLY G 43 -21.90 -30.06 19.91
N ILE G 44 -22.61 -29.27 20.69
CA ILE G 44 -22.62 -27.82 20.51
C ILE G 44 -21.33 -27.29 21.11
N ASN G 45 -20.55 -26.56 20.31
CA ASN G 45 -19.23 -26.09 20.75
C ASN G 45 -19.12 -24.58 20.76
N PHE G 46 -20.23 -23.88 20.52
CA PHE G 46 -20.24 -22.44 20.25
C PHE G 46 -21.26 -21.82 21.22
N PHE G 47 -20.78 -21.04 22.20
CA PHE G 47 -21.63 -20.41 23.23
C PHE G 47 -21.62 -18.90 23.09
N ASP G 48 -22.80 -18.27 23.12
CA ASP G 48 -22.89 -16.81 23.02
C ASP G 48 -23.33 -16.18 24.34
N THR G 49 -22.59 -15.17 24.79
CA THR G 49 -22.98 -14.45 26.00
C THR G 49 -22.71 -12.96 25.78
N ALA G 50 -22.84 -12.18 26.85
CA ALA G 50 -22.57 -10.75 26.80
C ALA G 50 -22.26 -10.26 28.22
N ASN G 51 -21.47 -9.19 28.31
CA ASN G 51 -21.21 -8.61 29.63
C ASN G 51 -22.51 -8.18 30.32
N VAL G 52 -23.46 -7.61 29.58
CA VAL G 52 -24.67 -7.09 30.23
C VAL G 52 -25.68 -8.16 30.66
N TYR G 53 -25.54 -9.41 30.22
CA TYR G 53 -26.57 -10.39 30.54
C TYR G 53 -26.58 -10.68 32.04
N GLY G 54 -27.78 -10.89 32.57
CA GLY G 54 -28.02 -10.99 33.99
C GLY G 54 -29.10 -10.01 34.45
N TRP G 55 -29.16 -8.86 33.77
CA TRP G 55 -30.14 -7.78 33.92
C TRP G 55 -30.04 -6.98 35.20
N GLY G 56 -30.42 -5.70 35.10
CA GLY G 56 -30.55 -4.84 36.26
C GLY G 56 -29.26 -4.77 37.06
N GLU G 57 -29.40 -4.96 38.37
CA GLU G 57 -28.27 -4.97 39.29
C GLU G 57 -27.34 -6.16 39.05
N ASN G 58 -27.82 -7.20 38.37
CA ASN G 58 -27.03 -8.42 38.19
C ASN G 58 -26.44 -8.53 36.79
N LYS G 59 -26.21 -7.40 36.11
CA LYS G 59 -25.45 -7.45 34.85
C LYS G 59 -24.07 -8.04 35.11
N GLY G 60 -23.65 -8.98 34.26
CA GLY G 60 -22.44 -9.73 34.46
C GLY G 60 -22.64 -11.10 35.09
N ARG G 61 -23.83 -11.34 35.64
CA ARG G 61 -24.09 -12.62 36.29
C ARG G 61 -23.97 -13.78 35.30
N THR G 62 -24.49 -13.61 34.08
CA THR G 62 -24.42 -14.70 33.11
C THR G 62 -22.98 -15.10 32.84
N GLU G 63 -22.11 -14.11 32.64
CA GLU G 63 -20.69 -14.39 32.44
C GLU G 63 -20.09 -15.09 33.64
N GLU G 64 -20.51 -14.70 34.85
CA GLU G 64 -20.04 -15.38 36.05
C GLU G 64 -20.53 -16.82 36.09
N ILE G 65 -21.74 -17.07 35.63
CA ILE G 65 -22.26 -18.44 35.59
C ILE G 65 -21.43 -19.29 34.62
N LEU G 66 -21.08 -18.74 33.45
CA LEU G 66 -20.14 -19.46 32.58
C LEU G 66 -18.79 -19.64 33.27
N GLY G 67 -18.36 -18.62 34.02
CA GLY G 67 -17.09 -18.72 34.72
C GLY G 67 -17.06 -19.88 35.69
N SER G 68 -18.13 -20.05 36.47
CA SER G 68 -18.14 -21.15 37.44
C SER G 68 -18.32 -22.49 36.76
N TRP G 69 -18.81 -22.49 35.51
CA TRP G 69 -18.91 -23.71 34.72
C TRP G 69 -17.54 -24.15 34.22
N PHE G 70 -16.78 -23.22 33.61
CA PHE G 70 -15.42 -23.56 33.17
C PHE G 70 -14.55 -24.01 34.34
N ALA G 71 -14.77 -23.43 35.52
CA ALA G 71 -13.92 -23.74 36.67
C ALA G 71 -14.10 -25.17 37.18
N GLN G 72 -15.11 -25.89 36.71
CA GLN G 72 -15.24 -27.30 37.08
C GLN G 72 -14.28 -28.21 36.31
N GLY G 73 -13.43 -27.66 35.43
CA GLY G 73 -12.49 -28.48 34.69
C GLY G 73 -13.18 -29.29 33.61
N GLY G 74 -12.66 -30.50 33.37
CA GLY G 74 -13.27 -31.37 32.39
C GLY G 74 -13.10 -30.93 30.95
N ASP G 75 -12.11 -30.08 30.67
CA ASP G 75 -11.81 -29.57 29.33
C ASP G 75 -12.93 -28.71 28.76
N ARG G 76 -13.83 -28.22 29.63
CA ARG G 76 -14.96 -27.43 29.15
C ARG G 76 -14.50 -26.18 28.42
N ARG G 77 -13.55 -25.43 29.00
CA ARG G 77 -13.07 -24.23 28.34
C ARG G 77 -12.41 -24.56 27.00
N ASP G 78 -11.59 -25.61 26.97
CA ASP G 78 -10.87 -25.99 25.75
C ASP G 78 -11.79 -26.41 24.63
N LYS G 79 -12.98 -26.90 24.95
CA LYS G 79 -13.86 -27.43 23.94
C LYS G 79 -14.83 -26.39 23.39
N VAL G 80 -14.97 -25.24 24.04
CA VAL G 80 -16.02 -24.26 23.74
C VAL G 80 -15.41 -23.08 23.01
N VAL G 81 -16.02 -22.70 21.88
CA VAL G 81 -15.76 -21.41 21.25
C VAL G 81 -16.57 -20.37 22.02
N LEU G 82 -15.90 -19.55 22.82
CA LEU G 82 -16.58 -18.65 23.74
C LEU G 82 -16.72 -17.26 23.12
N ALA G 83 -17.96 -16.81 22.99
CA ALA G 83 -18.24 -15.50 22.42
C ALA G 83 -18.92 -14.62 23.47
N THR G 84 -18.46 -13.36 23.59
CA THR G 84 -19.16 -12.36 24.41
C THR G 84 -19.14 -11.01 23.69
N LYS G 85 -19.49 -9.92 24.40
CA LYS G 85 -19.87 -8.68 23.72
C LYS G 85 -19.44 -7.46 24.52
N VAL G 86 -19.24 -6.36 23.80
CA VAL G 86 -18.96 -5.05 24.36
C VAL G 86 -19.82 -4.04 23.60
N TYR G 87 -20.31 -3.03 24.33
CA TYR G 87 -21.09 -1.88 23.85
C TYR G 87 -22.03 -1.47 24.97
N GLY G 88 -22.62 -2.46 25.64
CA GLY G 88 -23.69 -2.20 26.57
C GLY G 88 -23.22 -1.51 27.84
N ASN G 89 -24.18 -0.82 28.45
CA ASN G 89 -23.96 -0.15 29.73
C ASN G 89 -24.05 -1.17 30.86
N MET G 90 -22.95 -1.35 31.58
CA MET G 90 -22.91 -2.29 32.70
C MET G 90 -23.43 -1.68 34.00
N GLY G 91 -23.49 -0.36 34.10
CA GLY G 91 -24.17 0.25 35.22
C GLY G 91 -25.65 -0.01 35.17
N LEU G 92 -26.34 0.34 36.25
CA LEU G 92 -27.79 0.20 36.21
C LEU G 92 -28.40 1.42 35.50
N ASP G 93 -29.71 1.32 35.23
CA ASP G 93 -30.61 2.33 34.69
C ASP G 93 -30.10 3.75 34.50
N GLY G 94 -30.60 4.41 33.46
CA GLY G 94 -30.26 5.79 33.19
C GLY G 94 -29.10 5.90 32.24
N PRO G 95 -28.76 7.13 31.84
CA PRO G 95 -27.65 7.32 30.90
C PRO G 95 -26.35 6.82 31.49
N ALA G 96 -25.57 6.12 30.68
CA ALA G 96 -24.27 5.65 31.16
C ALA G 96 -23.33 6.83 31.38
N TRP G 97 -22.43 6.68 32.35
CA TRP G 97 -21.34 7.63 32.44
C TRP G 97 -20.61 7.64 31.10
N PRO G 98 -20.13 8.81 30.64
CA PRO G 98 -19.49 8.86 29.31
C PRO G 98 -18.36 7.83 29.20
N ASN G 99 -18.31 7.15 28.05
CA ASN G 99 -17.33 6.12 27.72
C ASN G 99 -17.44 4.88 28.61
N HIS G 100 -18.56 4.71 29.31
CA HIS G 100 -18.79 3.44 29.98
C HIS G 100 -19.78 2.58 29.19
N ASP G 101 -20.16 3.02 27.99
CA ASP G 101 -20.83 2.20 26.99
C ASP G 101 -20.24 2.55 25.62
N LYS G 102 -20.78 1.96 24.55
CA LYS G 102 -20.34 2.19 23.18
C LYS G 102 -18.92 1.65 22.94
N LEU G 103 -18.30 2.04 21.80
CA LEU G 103 -17.17 1.30 21.27
C LEU G 103 -15.87 2.11 21.24
N SER G 104 -15.72 3.12 22.08
CA SER G 104 -14.43 3.79 22.18
C SER G 104 -13.35 2.80 22.59
N ALA G 105 -12.12 3.06 22.15
CA ALA G 105 -11.00 2.28 22.66
C ALA G 105 -10.98 2.26 24.17
N LEU G 106 -11.42 3.35 24.82
CA LEU G 106 -11.45 3.37 26.29
C LEU G 106 -12.44 2.35 26.83
N ASN G 107 -13.66 2.33 26.29
CA ASN G 107 -14.63 1.36 26.79
C ASN G 107 -14.23 -0.07 26.42
N ILE G 108 -13.61 -0.27 25.25
CA ILE G 108 -13.20 -1.63 24.88
C ILE G 108 -12.20 -2.16 25.91
N ARG G 109 -11.24 -1.32 26.30
CA ARG G 109 -10.17 -1.76 27.20
C ARG G 109 -10.74 -2.19 28.56
N ARG G 110 -11.59 -1.36 29.16
CA ARG G 110 -12.15 -1.71 30.47
C ARG G 110 -13.17 -2.85 30.36
N SER G 111 -13.97 -2.88 29.29
CA SER G 111 -15.00 -3.92 29.19
C SER G 111 -14.39 -5.30 29.03
N VAL G 112 -13.31 -5.44 28.26
CA VAL G 112 -12.80 -6.77 27.99
C VAL G 112 -12.13 -7.35 29.23
N ASP G 113 -11.47 -6.49 30.01
CA ASP G 113 -10.81 -6.96 31.23
C ASP G 113 -11.84 -7.41 32.25
N ALA G 114 -12.98 -6.70 32.36
CA ALA G 114 -14.03 -7.12 33.30
C ALA G 114 -14.71 -8.41 32.83
N SER G 115 -14.87 -8.58 31.52
CA SER G 115 -15.42 -9.83 31.00
C SER G 115 -14.49 -11.01 31.24
N LEU G 116 -13.19 -10.81 31.03
CA LEU G 116 -12.24 -11.89 31.24
C LEU G 116 -12.22 -12.32 32.70
N LYS G 117 -12.42 -11.36 33.60
CA LYS G 117 -12.44 -11.66 35.03
C LYS G 117 -13.69 -12.45 35.41
N ARG G 118 -14.87 -11.98 34.98
CA ARG G 118 -16.09 -12.72 35.30
C ARG G 118 -16.09 -14.12 34.68
N LEU G 119 -15.62 -14.23 33.43
CA LEU G 119 -15.58 -15.50 32.73
C LEU G 119 -14.52 -16.46 33.31
N GLY G 120 -13.55 -15.95 34.06
CA GLY G 120 -12.50 -16.77 34.62
C GLY G 120 -11.68 -17.47 33.54
N THR G 121 -11.21 -16.68 32.57
CA THR G 121 -10.46 -17.22 31.44
C THR G 121 -9.48 -16.14 30.99
N ASP G 122 -8.39 -16.56 30.34
CA ASP G 122 -7.41 -15.59 29.85
C ASP G 122 -7.70 -15.13 28.42
N HIS G 123 -8.65 -15.74 27.71
CA HIS G 123 -8.93 -15.27 26.36
C HIS G 123 -10.39 -15.49 26.03
N ILE G 124 -10.90 -14.62 25.16
CA ILE G 124 -12.24 -14.75 24.56
C ILE G 124 -12.05 -15.13 23.10
N ASP G 125 -12.80 -16.14 22.64
CA ASP G 125 -12.61 -16.59 21.26
C ASP G 125 -13.20 -15.62 20.25
N LEU G 126 -14.43 -15.16 20.49
CA LEU G 126 -15.15 -14.28 19.57
C LEU G 126 -15.64 -13.09 20.38
N TYR G 127 -15.03 -11.92 20.18
CA TYR G 127 -15.41 -10.72 20.93
C TYR G 127 -16.27 -9.87 20.01
N GLN G 128 -17.52 -9.65 20.37
CA GLN G 128 -18.47 -9.07 19.43
C GLN G 128 -18.88 -7.66 19.84
N PHE G 129 -18.96 -6.77 18.86
CA PHE G 129 -19.62 -5.50 19.10
C PHE G 129 -21.11 -5.75 19.22
N HIS G 130 -21.71 -5.34 20.35
CA HIS G 130 -23.12 -5.64 20.58
C HIS G 130 -24.03 -4.87 19.63
N HIS G 131 -23.55 -3.74 19.11
CA HIS G 131 -24.36 -2.87 18.27
C HIS G 131 -23.42 -1.96 17.53
N VAL G 132 -23.83 -1.50 16.35
CA VAL G 132 -23.03 -0.51 15.64
C VAL G 132 -22.93 0.75 16.51
N ASP G 133 -21.75 1.38 16.51
CA ASP G 133 -21.56 2.66 17.20
C ASP G 133 -21.17 3.66 16.13
N ARG G 134 -22.13 4.49 15.72
CA ARG G 134 -21.87 5.42 14.62
C ARG G 134 -20.82 6.46 14.96
N ASP G 135 -20.50 6.66 16.23
CA ASP G 135 -19.58 7.72 16.63
C ASP G 135 -18.12 7.27 16.74
N THR G 136 -17.83 5.98 16.65
CA THR G 136 -16.45 5.50 16.73
C THR G 136 -15.96 5.09 15.34
N PRO G 137 -14.87 5.68 14.82
CA PRO G 137 -14.36 5.29 13.50
C PRO G 137 -13.65 3.96 13.55
N TRP G 138 -13.57 3.33 12.38
CA TRP G 138 -13.03 1.98 12.32
C TRP G 138 -11.51 1.93 12.57
N ASP G 139 -10.76 2.99 12.26
CA ASP G 139 -9.34 2.90 12.65
C ASP G 139 -9.17 2.95 14.16
N GLU G 140 -10.07 3.60 14.89
CA GLU G 140 -10.01 3.50 16.36
C GLU G 140 -10.36 2.08 16.81
N ILE G 141 -11.44 1.52 16.25
CA ILE G 141 -11.90 0.21 16.69
C ILE G 141 -10.84 -0.85 16.37
N TRP G 142 -10.31 -0.85 15.15
CA TRP G 142 -9.36 -1.89 14.81
C TRP G 142 -8.05 -1.74 15.57
N GLN G 143 -7.65 -0.50 15.92
CA GLN G 143 -6.51 -0.33 16.81
C GLN G 143 -6.72 -1.09 18.12
N ALA G 144 -7.87 -0.85 18.75
CA ALA G 144 -8.16 -1.45 20.04
C ALA G 144 -8.25 -2.96 19.94
N MET G 145 -8.93 -3.48 18.90
CA MET G 145 -9.03 -4.93 18.78
C MET G 145 -7.68 -5.55 18.48
N ASP G 146 -6.85 -4.87 17.68
CA ASP G 146 -5.54 -5.40 17.37
C ASP G 146 -4.66 -5.45 18.63
N VAL G 147 -4.86 -4.53 19.57
CA VAL G 147 -4.14 -4.63 20.84
C VAL G 147 -4.51 -5.92 21.55
N LEU G 148 -5.81 -6.23 21.60
CA LEU G 148 -6.25 -7.43 22.29
C LEU G 148 -5.79 -8.70 21.57
N VAL G 149 -5.81 -8.68 20.23
CA VAL G 149 -5.35 -9.84 19.48
C VAL G 149 -3.88 -10.11 19.80
N ARG G 150 -3.07 -9.06 19.79
CA ARG G 150 -1.64 -9.26 19.95
C ARG G 150 -1.26 -9.56 21.40
N GLN G 151 -2.08 -9.15 22.35
CA GLN G 151 -1.88 -9.58 23.73
C GLN G 151 -2.45 -10.97 23.99
N GLY G 152 -3.11 -11.58 23.01
CA GLY G 152 -3.70 -12.89 23.23
C GLY G 152 -4.99 -12.89 24.02
N LYS G 153 -5.63 -11.72 24.20
CA LYS G 153 -6.85 -11.71 25.01
C LYS G 153 -8.08 -12.10 24.21
N ILE G 154 -8.07 -11.89 22.89
CA ILE G 154 -9.14 -12.33 22.00
C ILE G 154 -8.49 -12.96 20.77
N LEU G 155 -9.27 -13.79 20.06
CA LEU G 155 -8.84 -14.37 18.80
C LEU G 155 -9.51 -13.71 17.61
N TYR G 156 -10.84 -13.68 17.61
CA TYR G 156 -11.63 -13.23 16.47
C TYR G 156 -12.53 -12.09 16.91
N VAL G 157 -12.92 -11.26 15.93
CA VAL G 157 -13.84 -10.15 16.14
C VAL G 157 -15.10 -10.40 15.31
N GLY G 158 -16.25 -10.11 15.92
CA GLY G 158 -17.52 -10.21 15.23
C GLY G 158 -18.40 -9.01 15.55
N SER G 159 -19.48 -8.89 14.80
CA SER G 159 -20.40 -7.77 14.92
C SER G 159 -21.78 -8.27 15.32
N SER G 160 -22.59 -7.36 15.83
CA SER G 160 -23.99 -7.67 16.08
C SER G 160 -24.81 -6.39 15.87
N ASN G 161 -25.99 -6.54 15.29
CA ASN G 161 -26.86 -5.41 14.99
C ASN G 161 -26.09 -4.33 14.21
N PHE G 162 -25.48 -4.77 13.11
CA PHE G 162 -24.89 -3.88 12.12
C PHE G 162 -25.84 -3.75 10.93
N ALA G 163 -25.71 -2.63 10.21
CA ALA G 163 -26.24 -2.61 8.85
C ALA G 163 -25.22 -3.26 7.91
N GLY G 164 -25.73 -3.71 6.76
CA GLY G 164 -24.84 -4.30 5.76
C GLY G 164 -23.64 -3.43 5.41
N TRP G 165 -23.85 -2.12 5.27
CA TRP G 165 -22.73 -1.28 4.88
C TRP G 165 -21.73 -1.08 6.00
N ASN G 166 -22.13 -1.26 7.28
CA ASN G 166 -21.16 -1.24 8.38
C ASN G 166 -20.21 -2.42 8.27
N ILE G 167 -20.74 -3.58 7.85
CA ILE G 167 -19.90 -4.78 7.70
C ILE G 167 -18.88 -4.55 6.61
N ALA G 168 -19.31 -3.99 5.47
CA ALA G 168 -18.40 -3.72 4.37
C ALA G 168 -17.32 -2.72 4.78
N GLN G 169 -17.73 -1.60 5.37
CA GLN G 169 -16.75 -0.59 5.80
C GLN G 169 -15.75 -1.18 6.81
N ALA G 170 -16.27 -1.94 7.79
CA ALA G 170 -15.39 -2.58 8.78
C ALA G 170 -14.33 -3.49 8.13
N ASN G 171 -14.76 -4.42 7.25
CA ASN G 171 -13.78 -5.38 6.74
C ASN G 171 -12.89 -4.80 5.66
N GLU G 172 -13.37 -3.80 4.93
CA GLU G 172 -12.48 -3.13 3.99
C GLU G 172 -11.40 -2.37 4.74
N THR G 173 -11.79 -1.74 5.86
CA THR G 173 -10.80 -1.01 6.66
C THR G 173 -9.79 -1.96 7.28
N ALA G 174 -10.25 -3.09 7.81
CA ALA G 174 -9.33 -4.08 8.37
C ALA G 174 -8.36 -4.59 7.30
N ALA G 175 -8.90 -4.95 6.14
CA ALA G 175 -8.12 -5.52 5.05
C ALA G 175 -6.96 -4.60 4.65
N ARG G 176 -7.21 -3.29 4.58
CA ARG G 176 -6.18 -2.32 4.15
C ARG G 176 -4.85 -2.53 4.87
N HIS G 177 -4.89 -2.93 6.13
CA HIS G 177 -3.68 -3.04 6.95
C HIS G 177 -3.47 -4.45 7.48
N GLY G 178 -4.00 -5.43 6.76
CA GLY G 178 -3.69 -6.82 7.03
C GLY G 178 -4.31 -7.38 8.29
N ARG G 179 -5.42 -6.81 8.75
CA ARG G 179 -6.12 -7.35 9.89
C ARG G 179 -7.25 -8.26 9.43
N LEU G 180 -7.44 -9.36 10.14
CA LEU G 180 -8.63 -10.18 9.93
C LEU G 180 -9.84 -9.33 10.32
N GLY G 181 -10.83 -9.26 9.45
CA GLY G 181 -11.99 -8.42 9.72
C GLY G 181 -13.01 -9.10 10.64
N LEU G 182 -14.24 -8.58 10.60
CA LEU G 182 -15.34 -9.28 11.24
C LEU G 182 -15.46 -10.68 10.67
N VAL G 183 -15.63 -11.67 11.55
CA VAL G 183 -15.76 -13.05 11.12
C VAL G 183 -17.21 -13.51 11.14
N SER G 184 -18.11 -12.74 11.76
CA SER G 184 -19.51 -13.11 11.85
C SER G 184 -20.34 -11.87 12.18
N GLU G 185 -21.60 -11.89 11.76
CA GLU G 185 -22.59 -10.91 12.19
C GLU G 185 -23.71 -11.65 12.93
N GLN G 186 -24.13 -11.10 14.08
CA GLN G 186 -25.18 -11.70 14.89
C GLN G 186 -26.40 -10.77 14.77
N CYS G 187 -27.40 -11.18 14.00
CA CYS G 187 -28.48 -10.27 13.65
C CYS G 187 -29.81 -10.92 13.99
N LEU G 188 -30.80 -10.08 14.24
CA LEU G 188 -32.15 -10.57 14.42
C LEU G 188 -32.65 -11.11 13.10
N TYR G 189 -33.07 -12.37 13.09
CA TYR G 189 -33.59 -13.00 11.89
C TYR G 189 -34.38 -14.22 12.32
N ASN G 190 -35.63 -14.31 11.87
CA ASN G 190 -36.53 -15.40 12.17
C ASN G 190 -37.75 -15.22 11.27
N LEU G 191 -38.72 -16.14 11.39
CA LEU G 191 -39.90 -16.08 10.52
C LEU G 191 -40.61 -14.74 10.63
N CYS G 192 -40.72 -14.19 11.84
CA CYS G 192 -41.47 -12.95 12.04
C CYS G 192 -40.74 -11.72 11.51
N GLU G 193 -39.41 -11.73 11.54
CA GLU G 193 -38.63 -10.53 11.20
C GLU G 193 -37.57 -10.97 10.19
N ARG G 194 -37.79 -10.63 8.91
CA ARG G 194 -36.92 -11.08 7.83
C ARG G 194 -36.18 -9.95 7.14
N ARG G 195 -36.19 -8.73 7.69
CA ARG G 195 -35.59 -7.63 6.93
C ARG G 195 -34.07 -7.65 6.93
N ALA G 196 -33.42 -8.49 7.75
CA ALA G 196 -31.99 -8.74 7.54
C ALA G 196 -31.70 -9.24 6.14
N GLU G 197 -32.70 -9.82 5.45
CA GLU G 197 -32.52 -10.27 4.07
C GLU G 197 -32.20 -9.13 3.13
N MET G 198 -32.58 -7.90 3.47
CA MET G 198 -32.45 -6.81 2.51
C MET G 198 -30.99 -6.51 2.20
N GLU G 199 -30.17 -6.37 3.24
CA GLU G 199 -28.76 -5.99 3.06
C GLU G 199 -27.81 -6.63 4.05
N VAL G 200 -28.24 -6.90 5.29
CA VAL G 200 -27.31 -7.43 6.29
C VAL G 200 -26.78 -8.79 5.85
N VAL G 201 -27.68 -9.70 5.50
CA VAL G 201 -27.25 -11.05 5.14
C VAL G 201 -26.52 -11.00 3.80
N PRO G 202 -27.02 -10.28 2.78
CA PRO G 202 -26.23 -10.15 1.54
C PRO G 202 -24.80 -9.63 1.75
N ALA G 203 -24.63 -8.56 2.52
CA ALA G 203 -23.29 -8.05 2.80
C ALA G 203 -22.46 -9.09 3.57
N ALA G 204 -23.05 -9.72 4.57
CA ALA G 204 -22.34 -10.78 5.30
C ALA G 204 -21.82 -11.85 4.34
N ARG G 205 -22.66 -12.25 3.39
CA ARG G 205 -22.27 -13.34 2.50
C ARG G 205 -21.17 -12.90 1.55
N GLU G 206 -21.27 -11.68 1.02
CA GLU G 206 -20.24 -11.18 0.12
C GLU G 206 -18.89 -11.10 0.83
N TYR G 207 -18.89 -10.70 2.10
CA TYR G 207 -17.63 -10.55 2.82
C TYR G 207 -17.23 -11.81 3.57
N GLY G 208 -17.98 -12.90 3.44
CA GLY G 208 -17.61 -14.15 4.07
C GLY G 208 -17.72 -14.15 5.58
N LEU G 209 -18.76 -13.53 6.12
CA LEU G 209 -19.04 -13.60 7.54
C LEU G 209 -20.00 -14.74 7.83
N GLY G 210 -19.81 -15.40 8.97
CA GLY G 210 -20.89 -16.19 9.53
C GLY G 210 -22.09 -15.30 9.83
N VAL G 211 -23.29 -15.91 9.82
CA VAL G 211 -24.53 -15.22 10.18
C VAL G 211 -25.20 -16.06 11.24
N ILE G 212 -25.26 -15.55 12.47
CA ILE G 212 -25.90 -16.28 13.56
C ILE G 212 -27.09 -15.44 14.01
N ALA G 213 -28.25 -16.08 14.07
CA ALA G 213 -29.52 -15.40 14.20
C ALA G 213 -29.91 -15.34 15.66
N TRP G 214 -30.01 -14.14 16.22
CA TRP G 214 -30.50 -14.03 17.58
C TRP G 214 -32.03 -13.94 17.60
N SER G 215 -32.59 -14.19 18.78
CA SER G 215 -34.01 -14.46 19.04
C SER G 215 -34.63 -15.25 17.90
N PRO G 216 -34.16 -16.48 17.64
CA PRO G 216 -34.67 -17.23 16.48
C PRO G 216 -36.14 -17.60 16.60
N LEU G 217 -36.71 -17.56 17.80
CA LEU G 217 -38.15 -17.73 18.00
C LEU G 217 -38.87 -16.40 18.20
N HIS G 218 -38.20 -15.28 17.90
CA HIS G 218 -38.70 -13.96 18.20
C HIS G 218 -39.06 -13.84 19.68
N GLY G 219 -38.12 -14.22 20.53
CA GLY G 219 -38.30 -14.08 21.96
C GLY G 219 -39.31 -15.04 22.53
N GLY G 220 -39.49 -16.20 21.90
CA GLY G 220 -40.45 -17.18 22.33
C GLY G 220 -41.79 -17.10 21.64
N LEU G 221 -42.00 -16.07 20.82
CA LEU G 221 -43.29 -15.92 20.14
C LEU G 221 -43.61 -17.14 19.26
N LEU G 222 -42.59 -17.70 18.61
CA LEU G 222 -42.77 -18.80 17.68
C LEU G 222 -42.71 -20.17 18.36
N GLY G 223 -42.78 -20.22 19.69
CA GLY G 223 -42.55 -21.48 20.39
C GLY G 223 -43.80 -22.12 20.97
N GLY G 224 -44.97 -21.76 20.45
CA GLY G 224 -46.23 -22.17 21.04
C GLY G 224 -46.81 -21.21 22.06
N ALA G 225 -46.54 -19.92 21.91
CA ALA G 225 -46.93 -18.95 22.94
C ALA G 225 -48.45 -18.85 23.06
N ILE G 226 -49.18 -18.94 21.94
CA ILE G 226 -50.64 -18.85 22.03
C ILE G 226 -51.17 -20.04 22.81
N ARG G 227 -50.79 -21.26 22.39
CA ARG G 227 -51.08 -22.48 23.14
C ARG G 227 -50.77 -22.31 24.62
N LYS G 228 -49.60 -21.76 24.94
CA LYS G 228 -49.19 -21.70 26.33
C LYS G 228 -49.90 -20.58 27.09
N GLU G 229 -50.52 -19.63 26.38
CA GLU G 229 -51.28 -18.58 27.05
C GLU G 229 -52.40 -19.17 27.89
N GLN G 230 -53.08 -20.19 27.37
CA GLN G 230 -54.18 -20.79 28.09
C GLN G 230 -53.72 -21.91 28.99
N GLU G 231 -52.70 -22.63 28.59
CA GLU G 231 -52.26 -23.80 29.33
C GLU G 231 -51.12 -23.58 30.28
N GLY G 232 -50.57 -22.38 30.33
CA GLY G 232 -49.44 -22.12 31.16
C GLY G 232 -48.13 -22.38 30.45
N GLY G 233 -47.08 -21.73 30.90
CA GLY G 233 -45.78 -21.99 30.32
C GLY G 233 -44.99 -20.79 29.93
N ASN G 234 -45.68 -19.73 29.55
CA ASN G 234 -44.99 -18.54 29.09
C ASN G 234 -44.13 -17.81 30.12
N ARG G 235 -42.86 -17.63 29.83
CA ARG G 235 -42.00 -16.87 30.69
C ARG G 235 -41.38 -15.78 29.84
N ARG G 236 -40.36 -16.11 29.05
CA ARG G 236 -39.83 -15.09 28.17
C ARG G 236 -40.88 -14.63 27.15
N ALA G 237 -41.73 -15.55 26.69
CA ALA G 237 -42.72 -15.21 25.68
C ALA G 237 -43.85 -14.35 26.24
N ALA G 238 -43.91 -14.15 27.56
CA ALA G 238 -44.89 -13.29 28.20
C ALA G 238 -44.51 -11.81 28.14
N SER G 239 -43.25 -11.48 27.82
CA SER G 239 -42.78 -10.11 27.85
C SER G 239 -42.13 -9.75 26.53
N GLY G 240 -41.79 -8.47 26.41
CA GLY G 240 -40.96 -8.00 25.32
C GLY G 240 -41.58 -8.25 23.96
N ARG G 241 -40.68 -8.57 23.02
CA ARG G 241 -41.03 -8.73 21.60
C ARG G 241 -42.23 -9.65 21.39
N ALA G 242 -42.25 -10.79 22.08
CA ALA G 242 -43.35 -11.72 21.93
C ALA G 242 -44.67 -11.11 22.42
N ALA G 243 -44.63 -10.46 23.59
CA ALA G 243 -45.85 -9.85 24.11
C ALA G 243 -46.35 -8.74 23.20
N ASP G 244 -45.43 -7.92 22.69
CA ASP G 244 -45.85 -6.83 21.81
C ASP G 244 -46.56 -7.34 20.57
N ALA G 245 -46.04 -8.42 19.96
CA ALA G 245 -46.68 -8.95 18.77
C ALA G 245 -48.06 -9.50 19.09
N LEU G 246 -48.20 -10.18 20.23
CA LEU G 246 -49.46 -10.84 20.52
C LEU G 246 -50.57 -9.85 20.84
N LYS G 247 -50.26 -8.60 21.23
CA LYS G 247 -51.31 -7.62 21.45
C LYS G 247 -51.79 -7.01 20.14
N ASP G 248 -50.96 -7.04 19.09
CA ASP G 248 -51.39 -6.52 17.80
C ASP G 248 -52.19 -7.59 17.08
N PRO G 249 -53.47 -7.32 16.76
CA PRO G 249 -54.30 -8.41 16.19
C PRO G 249 -53.77 -9.00 14.91
N GLN G 250 -53.18 -8.19 14.04
CA GLN G 250 -52.69 -8.71 12.77
C GLN G 250 -51.50 -9.66 12.97
N GLN G 251 -50.58 -9.30 13.87
CA GLN G 251 -49.45 -10.19 14.15
C GLN G 251 -49.91 -11.40 14.94
N ARG G 252 -50.86 -11.21 15.85
CA ARG G 252 -51.42 -12.35 16.58
C ARG G 252 -52.07 -13.34 15.62
N GLU G 253 -52.77 -12.85 14.58
CA GLU G 253 -53.38 -13.78 13.63
C GLU G 253 -52.34 -14.55 12.84
N GLN G 254 -51.20 -13.92 12.52
CA GLN G 254 -50.09 -14.65 11.90
C GLN G 254 -49.64 -15.81 12.77
N ILE G 255 -49.42 -15.54 14.07
CA ILE G 255 -48.94 -16.60 14.95
C ILE G 255 -50.01 -17.66 15.11
N GLN G 256 -51.29 -17.27 15.07
CA GLN G 256 -52.36 -18.25 15.18
C GLN G 256 -52.35 -19.20 14.00
N ARG G 257 -52.20 -18.64 12.80
CA ARG G 257 -52.15 -19.47 11.62
C ARG G 257 -50.93 -20.38 11.66
N TYR G 258 -49.81 -19.90 12.17
CA TYR G 258 -48.61 -20.71 12.30
C TYR G 258 -48.85 -21.92 13.20
N GLU G 259 -49.32 -21.68 14.43
CA GLU G 259 -49.57 -22.78 15.35
C GLU G 259 -50.63 -23.74 14.81
N ASP G 260 -51.58 -23.22 14.02
CA ASP G 260 -52.59 -24.09 13.42
C ASP G 260 -52.02 -24.89 12.27
N LEU G 261 -51.17 -24.31 11.46
CA LEU G 261 -50.55 -25.05 10.38
C LEU G 261 -49.76 -26.22 10.92
N LEU G 262 -49.09 -26.02 12.02
CA LEU G 262 -48.23 -27.04 12.57
C LEU G 262 -48.97 -28.10 13.34
N ASP G 263 -50.17 -27.79 13.79
CA ASP G 263 -51.00 -28.78 14.43
C ASP G 263 -51.41 -29.76 13.35
N LYS G 264 -51.83 -29.24 12.22
CA LYS G 264 -52.20 -30.09 11.10
C LYS G 264 -51.06 -30.94 10.64
N HIS G 265 -49.87 -30.36 10.59
CA HIS G 265 -48.70 -31.10 10.13
C HIS G 265 -48.00 -31.95 11.19
N GLY G 266 -48.46 -31.88 12.42
CA GLY G 266 -47.86 -32.65 13.48
C GLY G 266 -46.47 -32.21 13.92
N LEU G 267 -46.16 -30.94 13.78
CA LEU G 267 -44.84 -30.43 14.12
C LEU G 267 -44.79 -29.48 15.28
N GLU G 268 -43.65 -29.41 15.94
CA GLU G 268 -43.48 -28.53 17.06
C GLU G 268 -43.12 -27.08 16.64
N PRO G 269 -43.78 -26.03 17.21
CA PRO G 269 -43.55 -24.68 16.66
C PRO G 269 -42.16 -24.14 16.90
N GLY G 270 -41.58 -24.36 18.08
CA GLY G 270 -40.22 -23.93 18.30
C GLY G 270 -39.23 -24.65 17.40
N GLU G 271 -39.44 -25.95 17.18
CA GLU G 271 -38.53 -26.72 16.34
C GLU G 271 -38.59 -26.28 14.89
N VAL G 272 -39.79 -26.03 14.36
CA VAL G 272 -39.92 -25.58 12.98
C VAL G 272 -39.24 -24.23 12.79
N ALA G 273 -39.40 -23.33 13.76
CA ALA G 273 -38.77 -22.01 13.67
C ALA G 273 -37.25 -22.12 13.55
N LEU G 274 -36.63 -23.01 14.34
CA LEU G 274 -35.19 -23.19 14.24
C LEU G 274 -34.81 -23.90 12.94
N ALA G 275 -35.57 -24.94 12.56
CA ALA G 275 -35.30 -25.65 11.32
C ALA G 275 -35.40 -24.72 10.13
N TRP G 276 -36.38 -23.81 10.16
CA TRP G 276 -36.55 -22.88 9.06
C TRP G 276 -35.32 -22.01 8.87
N LEU G 277 -34.74 -21.53 9.97
CA LEU G 277 -33.55 -20.69 9.87
C LEU G 277 -32.38 -21.48 9.31
N LEU G 278 -32.30 -22.78 9.63
CA LEU G 278 -31.22 -23.61 9.10
C LEU G 278 -31.33 -23.84 7.59
N THR G 279 -32.46 -23.54 6.97
CA THR G 279 -32.56 -23.64 5.51
C THR G 279 -32.17 -22.35 4.79
N ARG G 280 -31.93 -21.24 5.50
CA ARG G 280 -31.74 -19.96 4.82
C ARG G 280 -30.33 -19.83 4.30
N PRO G 281 -30.14 -19.50 3.01
CA PRO G 281 -28.78 -19.39 2.47
C PRO G 281 -27.93 -18.38 3.25
N GLY G 282 -26.70 -18.79 3.57
CA GLY G 282 -25.75 -17.95 4.28
C GLY G 282 -25.90 -17.93 5.78
N VAL G 283 -26.96 -18.51 6.32
CA VAL G 283 -27.15 -18.55 7.76
C VAL G 283 -26.32 -19.68 8.36
N THR G 284 -25.38 -19.33 9.24
CA THR G 284 -24.60 -20.33 9.97
C THR G 284 -25.51 -21.18 10.84
N GLY G 285 -26.28 -20.52 11.72
CA GLY G 285 -27.28 -21.20 12.49
C GLY G 285 -27.98 -20.24 13.41
N PRO G 286 -29.07 -20.69 14.05
CA PRO G 286 -29.72 -19.88 15.08
C PRO G 286 -28.98 -19.97 16.40
N ILE G 287 -29.10 -18.91 17.20
CA ILE G 287 -28.61 -18.93 18.57
C ILE G 287 -29.79 -19.34 19.44
N VAL G 288 -29.80 -20.60 19.89
CA VAL G 288 -30.98 -21.09 20.60
C VAL G 288 -31.00 -20.47 21.98
N GLY G 289 -32.21 -20.27 22.51
CA GLY G 289 -32.36 -19.65 23.81
C GLY G 289 -33.18 -20.52 24.75
N PRO G 290 -32.67 -21.71 25.07
CA PRO G 290 -33.41 -22.58 26.00
C PRO G 290 -33.43 -21.98 27.39
N ARG G 291 -34.58 -22.09 28.05
CA ARG G 291 -34.68 -21.80 29.47
C ARG G 291 -34.53 -23.06 30.31
N THR G 292 -34.83 -24.22 29.73
CA THR G 292 -34.76 -25.53 30.40
C THR G 292 -33.99 -26.53 29.54
N ALA G 293 -33.51 -27.59 30.18
CA ALA G 293 -32.85 -28.66 29.44
C ALA G 293 -33.79 -29.28 28.40
N ASP G 294 -35.09 -29.33 28.68
CA ASP G 294 -36.03 -29.91 27.70
C ASP G 294 -36.14 -29.04 26.46
N GLN G 295 -36.10 -27.72 26.61
CA GLN G 295 -36.07 -26.86 25.43
C GLN G 295 -34.79 -27.03 24.63
N LEU G 296 -33.67 -27.31 25.31
CA LEU G 296 -32.45 -27.62 24.57
C LEU G 296 -32.60 -28.90 23.76
N ALA G 297 -33.09 -29.98 24.40
CA ALA G 297 -33.33 -31.23 23.68
C ALA G 297 -34.26 -31.00 22.49
N SER G 298 -35.25 -30.12 22.66
CA SER G 298 -36.13 -29.77 21.55
C SER G 298 -35.35 -29.09 20.41
N ALA G 299 -34.43 -28.18 20.73
CA ALA G 299 -33.61 -27.56 19.69
C ALA G 299 -32.75 -28.57 18.96
N VAL G 300 -32.22 -29.56 19.68
CA VAL G 300 -31.40 -30.59 19.05
C VAL G 300 -32.21 -31.39 18.05
N ARG G 301 -33.44 -31.77 18.42
CA ARG G 301 -34.34 -32.42 17.48
C ARG G 301 -34.63 -31.54 16.28
N ALA G 302 -34.72 -30.22 16.49
CA ALA G 302 -34.99 -29.31 15.38
C ALA G 302 -33.86 -29.38 14.34
N ALA G 303 -32.63 -29.57 14.80
CA ALA G 303 -31.50 -29.61 13.88
C ALA G 303 -31.53 -30.85 12.98
N GLU G 304 -32.33 -31.86 13.33
CA GLU G 304 -32.48 -33.06 12.51
C GLU G 304 -33.77 -33.06 11.69
N LEU G 305 -34.62 -32.04 11.86
CA LEU G 305 -35.89 -31.96 11.17
C LEU G 305 -35.69 -31.57 9.72
N THR G 306 -36.40 -32.27 8.81
CA THR G 306 -36.47 -31.87 7.41
C THR G 306 -37.85 -31.27 7.15
N LEU G 307 -37.89 -29.99 6.84
CA LEU G 307 -39.15 -29.34 6.50
C LEU G 307 -39.49 -29.60 5.04
N THR G 308 -40.76 -29.88 4.76
CA THR G 308 -41.14 -30.20 3.39
C THR G 308 -41.28 -28.93 2.55
N ASP G 309 -41.20 -29.10 1.23
CA ASP G 309 -41.40 -27.97 0.34
C ASP G 309 -42.76 -27.32 0.57
N GLU G 310 -43.77 -28.12 0.92
CA GLU G 310 -45.10 -27.54 1.11
C GLU G 310 -45.19 -26.72 2.39
N VAL G 311 -44.59 -27.20 3.48
CA VAL G 311 -44.54 -26.40 4.70
C VAL G 311 -43.74 -25.12 4.47
N LEU G 312 -42.62 -25.21 3.74
CA LEU G 312 -41.83 -24.02 3.43
C LEU G 312 -42.64 -23.00 2.64
N THR G 313 -43.43 -23.48 1.67
CA THR G 313 -44.33 -22.60 0.93
C THR G 313 -45.34 -21.95 1.85
N ALA G 314 -45.93 -22.74 2.76
CA ALA G 314 -46.95 -22.21 3.65
C ALA G 314 -46.37 -21.20 4.64
N LEU G 315 -45.23 -21.51 5.24
CA LEU G 315 -44.57 -20.53 6.10
C LEU G 315 -44.28 -19.25 5.36
N ASP G 316 -43.82 -19.36 4.10
CA ASP G 316 -43.55 -18.17 3.30
C ASP G 316 -44.82 -17.39 3.00
N GLU G 317 -45.98 -18.05 2.88
CA GLU G 317 -47.23 -17.33 2.73
C GLU G 317 -47.61 -16.58 4.00
N ILE G 318 -47.40 -17.21 5.17
CA ILE G 318 -47.74 -16.59 6.43
C ILE G 318 -46.75 -15.49 6.80
N PHE G 319 -45.47 -15.70 6.52
CA PHE G 319 -44.38 -14.81 6.93
C PHE G 319 -43.53 -14.43 5.73
N PRO G 320 -44.04 -13.59 4.82
CA PRO G 320 -43.24 -13.23 3.65
C PRO G 320 -42.04 -12.39 4.07
N GLY G 321 -40.95 -12.53 3.33
CA GLY G 321 -39.77 -11.69 3.52
C GLY G 321 -39.55 -10.78 2.34
N PRO G 322 -38.65 -9.79 2.49
CA PRO G 322 -38.48 -8.80 1.41
C PRO G 322 -37.48 -9.22 0.34
N GLY G 323 -36.60 -10.16 0.66
CA GLY G 323 -35.46 -10.42 -0.20
C GLY G 323 -34.48 -9.25 -0.23
N PRO G 324 -33.51 -9.30 -1.13
CA PRO G 324 -32.44 -8.29 -1.12
C PRO G 324 -32.86 -6.97 -1.75
N SER G 325 -32.24 -5.90 -1.23
CA SER G 325 -32.23 -4.61 -1.88
C SER G 325 -31.24 -4.64 -3.03
N PRO G 326 -31.45 -3.86 -4.10
CA PRO G 326 -32.53 -2.88 -4.33
C PRO G 326 -33.86 -3.48 -4.78
N GLU G 327 -33.87 -4.77 -5.16
CA GLU G 327 -35.09 -5.37 -5.66
C GLU G 327 -36.23 -5.30 -4.65
N ALA G 328 -35.92 -5.27 -3.35
CA ALA G 328 -36.97 -5.30 -2.32
C ALA G 328 -37.88 -4.08 -2.38
N PHE G 329 -37.36 -2.92 -2.79
CA PHE G 329 -38.17 -1.71 -2.85
C PHE G 329 -38.11 -1.00 -4.19
N ALA G 330 -37.19 -1.37 -5.08
CA ALA G 330 -37.11 -0.71 -6.38
C ALA G 330 -37.37 -1.73 -7.48
N TRP G 331 -36.36 -2.10 -8.26
CA TRP G 331 -36.51 -3.20 -9.23
C TRP G 331 -35.21 -4.01 -9.39
N MET H 1 26.58 -17.15 -31.63
CA MET H 1 26.28 -15.99 -30.78
C MET H 1 25.57 -16.44 -29.51
N GLU H 2 26.13 -16.04 -28.37
CA GLU H 2 25.55 -16.37 -27.08
C GLU H 2 24.53 -15.31 -26.69
N TYR H 3 23.36 -15.74 -26.23
CA TYR H 3 22.28 -14.88 -25.76
C TYR H 3 22.12 -15.05 -24.26
N THR H 4 21.52 -14.04 -23.64
CA THR H 4 21.24 -14.07 -22.22
C THR H 4 20.05 -13.15 -21.99
N GLN H 5 19.35 -13.36 -20.87
CA GLN H 5 18.38 -12.39 -20.42
C GLN H 5 19.09 -11.13 -19.94
N LEU H 6 18.43 -9.98 -20.10
CA LEU H 6 18.95 -8.73 -19.56
C LEU H 6 18.53 -8.66 -18.10
N GLY H 7 19.44 -9.04 -17.21
CA GLY H 7 19.09 -9.15 -15.80
C GLY H 7 17.86 -10.01 -15.63
N ARG H 8 16.89 -9.50 -14.86
CA ARG H 8 15.70 -10.25 -14.48
C ARG H 8 14.57 -10.17 -15.51
N ILE H 9 14.68 -9.36 -16.55
CA ILE H 9 13.51 -9.12 -17.39
C ILE H 9 13.47 -10.10 -18.55
N GLY H 10 12.33 -10.12 -19.26
CA GLY H 10 12.06 -11.10 -20.29
C GLY H 10 12.80 -10.88 -21.58
N LEU H 11 13.43 -9.71 -21.74
CA LEU H 11 14.17 -9.36 -22.93
C LEU H 11 15.45 -10.20 -23.04
N LYS H 12 15.65 -10.83 -24.18
CA LYS H 12 16.83 -11.62 -24.46
C LYS H 12 17.76 -10.82 -25.37
N VAL H 13 19.05 -10.75 -25.00
CA VAL H 13 19.99 -9.93 -25.78
C VAL H 13 21.25 -10.74 -26.07
N SER H 14 21.90 -10.39 -27.19
CA SER H 14 23.23 -10.92 -27.48
C SER H 14 24.22 -10.43 -26.43
N ARG H 15 25.16 -11.29 -26.06
CA ARG H 15 26.14 -10.87 -25.06
C ARG H 15 27.13 -9.87 -25.62
N LEU H 16 27.10 -9.61 -26.92
CA LEU H 16 27.73 -8.43 -27.50
C LEU H 16 26.66 -7.40 -27.79
N VAL H 17 26.81 -6.20 -27.23
CA VAL H 17 25.98 -5.04 -27.53
C VAL H 17 26.74 -4.19 -28.54
N LEU H 18 26.08 -3.81 -29.63
CA LEU H 18 26.76 -2.98 -30.63
C LEU H 18 26.73 -1.52 -30.18
N GLY H 19 27.90 -0.97 -29.85
CA GLY H 19 27.98 0.46 -29.61
C GLY H 19 28.12 1.23 -30.90
N THR H 20 27.54 2.43 -30.94
CA THR H 20 27.47 3.23 -32.15
C THR H 20 28.18 4.58 -32.01
N MET H 21 28.94 4.79 -30.94
CA MET H 21 29.53 6.10 -30.69
C MET H 21 30.47 6.52 -31.82
N ASN H 22 31.16 5.57 -32.44
CA ASN H 22 32.06 5.88 -33.53
C ASN H 22 31.35 6.33 -34.80
N PHE H 23 30.07 5.98 -34.95
CA PHE H 23 29.33 6.20 -36.19
C PHE H 23 29.08 7.70 -36.34
N GLY H 24 29.82 8.33 -37.23
CA GLY H 24 29.66 9.75 -37.47
C GLY H 24 30.96 10.51 -37.31
N PRO H 25 31.43 10.64 -36.07
CA PRO H 25 32.69 11.37 -35.86
C PRO H 25 33.92 10.57 -36.24
N THR H 26 33.83 9.25 -36.36
CA THR H 26 35.01 8.41 -36.63
C THR H 26 34.78 7.43 -37.75
N THR H 27 33.57 6.91 -37.90
CA THR H 27 33.18 5.98 -38.94
C THR H 27 32.09 6.63 -39.77
N ASP H 28 32.23 6.63 -41.10
CA ASP H 28 31.25 7.35 -41.91
C ASP H 28 29.96 6.54 -42.04
N GLU H 29 28.95 7.18 -42.63
CA GLU H 29 27.62 6.57 -42.68
C GLU H 29 27.66 5.21 -43.38
N ALA H 30 28.39 5.13 -44.50
CA ALA H 30 28.43 3.90 -45.28
C ALA H 30 29.05 2.75 -44.50
N GLU H 31 30.18 3.00 -43.84
CA GLU H 31 30.81 1.93 -43.08
C GLU H 31 29.99 1.60 -41.84
N SER H 32 29.39 2.61 -41.20
CA SER H 32 28.47 2.38 -40.09
C SER H 32 27.35 1.42 -40.50
N HIS H 33 26.72 1.70 -41.64
CA HIS H 33 25.62 0.84 -42.11
C HIS H 33 26.10 -0.59 -42.32
N ALA H 34 27.31 -0.75 -42.89
CA ALA H 34 27.81 -2.10 -43.11
C ALA H 34 28.09 -2.80 -41.80
N ILE H 35 28.63 -2.08 -40.81
CA ILE H 35 28.89 -2.66 -39.50
C ILE H 35 27.58 -3.18 -38.88
N MET H 36 26.51 -2.40 -38.99
CA MET H 36 25.24 -2.80 -38.41
C MET H 36 24.63 -3.98 -39.15
N ASP H 37 24.82 -4.02 -40.48
CA ASP H 37 24.37 -5.17 -41.25
C ASP H 37 25.12 -6.43 -40.82
N ALA H 38 26.44 -6.32 -40.69
CA ALA H 38 27.24 -7.43 -40.20
C ALA H 38 26.86 -7.82 -38.76
N ALA H 39 26.56 -6.83 -37.93
CA ALA H 39 26.12 -7.12 -36.56
C ALA H 39 24.88 -8.00 -36.57
N LEU H 40 23.87 -7.60 -37.35
CA LEU H 40 22.66 -8.40 -37.48
C LEU H 40 22.95 -9.79 -38.05
N ASP H 41 23.82 -9.85 -39.07
CA ASP H 41 24.18 -11.15 -39.65
C ASP H 41 24.83 -12.08 -38.62
N ALA H 42 25.58 -11.51 -37.67
CA ALA H 42 26.23 -12.33 -36.65
C ALA H 42 25.33 -12.66 -35.46
N GLY H 43 24.06 -12.22 -35.48
CA GLY H 43 23.14 -12.46 -34.37
C GLY H 43 23.11 -11.39 -33.29
N ILE H 44 23.80 -10.28 -33.48
CA ILE H 44 23.76 -9.19 -32.51
C ILE H 44 22.44 -8.44 -32.71
N ASN H 45 21.63 -8.39 -31.65
CA ASN H 45 20.29 -7.81 -31.74
C ASN H 45 20.11 -6.57 -30.86
N PHE H 46 21.19 -6.05 -30.28
CA PHE H 46 21.12 -5.07 -29.19
C PHE H 46 22.07 -3.94 -29.55
N PHE H 47 21.52 -2.75 -29.87
CA PHE H 47 22.30 -1.58 -30.30
C PHE H 47 22.19 -0.47 -29.26
N ASP H 48 23.33 0.15 -28.94
CA ASP H 48 23.37 1.28 -28.02
C ASP H 48 23.80 2.54 -28.75
N THR H 49 23.07 3.62 -28.53
CA THR H 49 23.35 4.93 -29.11
C THR H 49 22.99 6.00 -28.07
N ALA H 50 23.07 7.27 -28.46
CA ALA H 50 22.69 8.38 -27.60
C ALA H 50 22.37 9.58 -28.48
N ASN H 51 21.56 10.49 -27.92
CA ASN H 51 21.20 11.69 -28.67
C ASN H 51 22.43 12.53 -28.98
N VAL H 52 23.39 12.61 -28.05
CA VAL H 52 24.56 13.47 -28.24
C VAL H 52 25.61 12.88 -29.16
N TYR H 53 25.53 11.59 -29.50
CA TYR H 53 26.58 10.99 -30.32
C TYR H 53 26.59 11.65 -31.69
N GLY H 54 27.79 11.96 -32.17
CA GLY H 54 27.96 12.86 -33.30
C GLY H 54 28.87 14.00 -32.90
N TRP H 55 28.70 14.48 -31.67
CA TRP H 55 29.55 15.49 -31.03
C TRP H 55 29.45 16.88 -31.67
N GLY H 56 29.63 17.92 -30.86
CA GLY H 56 29.65 19.29 -31.37
C GLY H 56 28.42 19.62 -32.16
N GLU H 57 28.63 20.34 -33.27
CA GLU H 57 27.57 20.71 -34.20
C GLU H 57 26.87 19.51 -34.81
N ASN H 58 27.45 18.31 -34.71
CA ASN H 58 26.85 17.13 -35.29
C ASN H 58 26.16 16.24 -34.26
N LYS H 59 25.90 16.76 -33.06
CA LYS H 59 25.11 16.00 -32.10
C LYS H 59 23.80 15.59 -32.73
N GLY H 60 23.44 14.32 -32.56
CA GLY H 60 22.29 13.74 -33.22
C GLY H 60 22.63 13.00 -34.49
N ARG H 61 23.85 13.10 -34.98
CA ARG H 61 24.24 12.46 -36.23
C ARG H 61 24.13 10.96 -36.14
N THR H 62 24.58 10.42 -35.02
CA THR H 62 24.55 8.98 -34.88
C THR H 62 23.12 8.44 -34.97
N GLU H 63 22.20 9.07 -34.23
CA GLU H 63 20.81 8.63 -34.29
C GLU H 63 20.27 8.69 -35.72
N GLU H 64 20.68 9.72 -36.47
CA GLU H 64 20.25 9.85 -37.87
C GLU H 64 20.84 8.74 -38.74
N ILE H 65 22.11 8.39 -38.53
CA ILE H 65 22.71 7.28 -39.26
C ILE H 65 21.96 5.98 -38.99
N LEU H 66 21.60 5.75 -37.72
CA LEU H 66 20.77 4.59 -37.43
C LEU H 66 19.40 4.71 -38.09
N GLY H 67 18.84 5.94 -38.13
CA GLY H 67 17.53 6.12 -38.75
C GLY H 67 17.52 5.79 -40.23
N SER H 68 18.55 6.19 -40.96
CA SER H 68 18.59 5.85 -42.38
C SER H 68 18.84 4.36 -42.60
N TRP H 69 19.48 3.69 -41.62
CA TRP H 69 19.63 2.24 -41.68
C TRP H 69 18.28 1.54 -41.55
N PHE H 70 17.50 1.90 -40.52
CA PHE H 70 16.17 1.33 -40.36
C PHE H 70 15.29 1.60 -41.59
N ALA H 71 15.43 2.79 -42.18
CA ALA H 71 14.58 3.18 -43.29
C ALA H 71 14.77 2.29 -44.52
N GLN H 72 15.87 1.55 -44.59
CA GLN H 72 16.06 0.59 -45.68
C GLN H 72 15.18 -0.63 -45.56
N GLY H 73 14.34 -0.75 -44.52
CA GLY H 73 13.47 -1.90 -44.38
C GLY H 73 14.25 -3.19 -44.13
N GLY H 74 13.70 -4.29 -44.62
CA GLY H 74 14.31 -5.59 -44.40
C GLY H 74 14.19 -6.11 -42.97
N ASP H 75 13.18 -5.64 -42.23
CA ASP H 75 12.91 -6.09 -40.87
C ASP H 75 14.00 -5.66 -39.89
N ARG H 76 14.78 -4.62 -40.22
CA ARG H 76 15.87 -4.21 -39.35
C ARG H 76 15.34 -3.69 -38.01
N ARG H 77 14.39 -2.76 -38.04
CA ARG H 77 13.84 -2.23 -36.80
C ARG H 77 13.20 -3.32 -35.94
N ASP H 78 12.41 -4.20 -36.56
CA ASP H 78 11.73 -5.27 -35.83
C ASP H 78 12.74 -6.21 -35.14
N LYS H 79 13.94 -6.38 -35.69
CA LYS H 79 14.88 -7.32 -35.13
C LYS H 79 15.80 -6.74 -34.06
N VAL H 80 15.88 -5.43 -33.95
CA VAL H 80 16.88 -4.78 -33.11
C VAL H 80 16.25 -4.28 -31.83
N VAL H 81 16.90 -4.56 -30.70
CA VAL H 81 16.62 -3.89 -29.43
C VAL H 81 17.36 -2.57 -29.46
N LEU H 82 16.62 -1.46 -29.58
CA LEU H 82 17.20 -0.14 -29.78
C LEU H 82 17.27 0.59 -28.44
N ALA H 83 18.48 0.95 -28.02
CA ALA H 83 18.71 1.71 -26.80
C ALA H 83 19.23 3.08 -27.17
N THR H 84 18.72 4.13 -26.51
CA THR H 84 19.37 5.45 -26.62
C THR H 84 19.33 6.11 -25.24
N LYS H 85 19.67 7.41 -25.18
CA LYS H 85 19.97 8.05 -23.89
C LYS H 85 19.43 9.47 -23.86
N VAL H 86 19.06 9.90 -22.64
CA VAL H 86 18.70 11.27 -22.35
C VAL H 86 19.53 11.71 -21.15
N TYR H 87 19.88 13.01 -21.13
CA TYR H 87 20.61 13.76 -20.10
C TYR H 87 21.48 14.80 -20.77
N GLY H 88 22.10 14.45 -21.89
CA GLY H 88 23.05 15.33 -22.51
C GLY H 88 22.42 16.60 -23.06
N ASN H 89 23.24 17.65 -23.08
CA ASN H 89 22.89 18.92 -23.74
C ASN H 89 22.94 18.73 -25.26
N MET H 90 21.82 18.95 -25.93
CA MET H 90 21.76 18.82 -27.38
C MET H 90 21.95 20.17 -28.12
N GLY H 91 22.16 21.25 -27.39
CA GLY H 91 22.47 22.54 -27.98
C GLY H 91 23.96 22.76 -28.15
N LEU H 92 24.33 24.04 -28.29
CA LEU H 92 25.74 24.41 -28.42
C LEU H 92 26.53 23.93 -27.22
N ASP H 93 27.67 23.27 -27.47
CA ASP H 93 28.51 22.80 -26.38
C ASP H 93 28.87 23.95 -25.45
N GLY H 94 28.98 23.64 -24.16
CA GLY H 94 29.14 24.66 -23.16
C GLY H 94 27.96 24.63 -22.20
N PRO H 95 27.86 25.65 -21.32
CA PRO H 95 26.74 25.69 -20.37
C PRO H 95 25.38 25.56 -21.06
N ALA H 96 24.58 24.59 -20.65
CA ALA H 96 23.29 24.39 -21.29
C ALA H 96 22.27 25.41 -20.80
N TRP H 97 21.34 25.75 -21.68
CA TRP H 97 20.15 26.46 -21.25
C TRP H 97 19.45 25.64 -20.15
N PRO H 98 18.92 26.28 -19.11
CA PRO H 98 18.26 25.52 -18.05
C PRO H 98 17.23 24.56 -18.60
N ASN H 99 17.28 23.32 -18.09
CA ASN H 99 16.35 22.24 -18.44
C ASN H 99 16.53 21.73 -19.85
N HIS H 100 17.65 22.08 -20.50
CA HIS H 100 18.01 21.50 -21.78
C HIS H 100 19.11 20.46 -21.63
N ASP H 101 19.45 20.12 -20.39
CA ASP H 101 20.22 18.93 -20.04
C ASP H 101 19.61 18.37 -18.75
N LYS H 102 20.12 17.21 -18.31
CA LYS H 102 19.70 16.57 -17.05
C LYS H 102 18.33 15.89 -17.17
N LEU H 103 17.73 15.50 -16.04
CA LEU H 103 16.63 14.52 -16.09
C LEU H 103 15.28 15.05 -15.61
N SER H 104 15.05 16.37 -15.61
CA SER H 104 13.72 16.90 -15.34
C SER H 104 12.69 16.29 -16.29
N ALA H 105 11.42 16.22 -15.83
CA ALA H 105 10.37 15.79 -16.76
C ALA H 105 10.30 16.68 -17.98
N LEU H 106 10.70 17.95 -17.87
CA LEU H 106 10.74 18.82 -19.04
C LEU H 106 11.74 18.31 -20.08
N ASN H 107 12.98 18.04 -19.64
CA ASN H 107 13.98 17.65 -20.63
C ASN H 107 13.74 16.25 -21.16
N ILE H 108 13.16 15.35 -20.36
CA ILE H 108 12.84 14.02 -20.87
C ILE H 108 11.82 14.11 -22.00
N ARG H 109 10.80 14.96 -21.82
CA ARG H 109 9.77 15.09 -22.85
C ARG H 109 10.37 15.56 -24.17
N ARG H 110 11.17 16.62 -24.14
CA ARG H 110 11.70 17.18 -25.39
C ARG H 110 12.81 16.29 -25.96
N SER H 111 13.62 15.66 -25.11
CA SER H 111 14.70 14.81 -25.63
C SER H 111 14.14 13.58 -26.32
N VAL H 112 13.12 12.94 -25.74
CA VAL H 112 12.65 11.69 -26.35
C VAL H 112 11.99 11.96 -27.70
N ASP H 113 11.30 13.10 -27.84
CA ASP H 113 10.67 13.37 -29.14
C ASP H 113 11.72 13.64 -30.20
N ALA H 114 12.79 14.37 -29.85
CA ALA H 114 13.88 14.62 -30.80
C ALA H 114 14.57 13.33 -31.24
N SER H 115 14.78 12.38 -30.31
CA SER H 115 15.43 11.12 -30.66
C SER H 115 14.55 10.26 -31.54
N LEU H 116 13.26 10.16 -31.23
CA LEU H 116 12.35 9.39 -32.07
C LEU H 116 12.34 9.92 -33.50
N LYS H 117 12.36 11.25 -33.64
CA LYS H 117 12.40 11.89 -34.96
C LYS H 117 13.67 11.56 -35.73
N ARG H 118 14.83 11.69 -35.08
CA ARG H 118 16.09 11.37 -35.74
C ARG H 118 16.16 9.89 -36.08
N LEU H 119 15.74 9.02 -35.14
CA LEU H 119 15.85 7.59 -35.37
C LEU H 119 14.82 7.10 -36.38
N GLY H 120 13.80 7.90 -36.70
CA GLY H 120 12.77 7.50 -37.64
C GLY H 120 11.97 6.31 -37.16
N THR H 121 11.62 6.28 -35.88
CA THR H 121 10.90 5.15 -35.30
C THR H 121 9.86 5.70 -34.33
N ASP H 122 8.82 4.92 -34.08
CA ASP H 122 7.77 5.34 -33.15
C ASP H 122 8.02 4.86 -31.72
N HIS H 123 9.06 4.07 -31.47
CA HIS H 123 9.34 3.66 -30.10
C HIS H 123 10.82 3.38 -29.93
N ILE H 124 11.30 3.65 -28.72
CA ILE H 124 12.62 3.26 -28.24
C ILE H 124 12.44 2.05 -27.32
N ASP H 125 13.20 0.99 -27.53
CA ASP H 125 13.05 -0.19 -26.68
C ASP H 125 13.63 0.04 -25.29
N LEU H 126 14.85 0.56 -25.19
CA LEU H 126 15.51 0.79 -23.91
C LEU H 126 15.94 2.24 -23.85
N TYR H 127 15.24 3.05 -23.06
CA TYR H 127 15.56 4.47 -22.89
C TYR H 127 16.38 4.63 -21.61
N GLN H 128 17.58 5.17 -21.73
CA GLN H 128 18.53 5.19 -20.61
C GLN H 128 18.86 6.60 -20.15
N PHE H 129 18.95 6.78 -18.84
CA PHE H 129 19.53 7.98 -18.28
C PHE H 129 21.03 7.92 -18.49
N HIS H 130 21.61 8.96 -19.11
CA HIS H 130 23.02 8.93 -19.48
C HIS H 130 23.92 9.05 -18.26
N HIS H 131 23.39 9.57 -17.16
CA HIS H 131 24.14 9.90 -15.95
C HIS H 131 23.12 10.12 -14.86
N VAL H 132 23.53 9.85 -13.63
CA VAL H 132 22.67 10.21 -12.50
C VAL H 132 22.53 11.73 -12.48
N ASP H 133 21.31 12.19 -12.18
CA ASP H 133 21.02 13.59 -11.93
C ASP H 133 20.54 13.71 -10.47
N ARG H 134 21.44 14.15 -9.60
CA ARG H 134 21.13 14.20 -8.18
C ARG H 134 20.03 15.19 -7.83
N ASP H 135 19.67 16.09 -8.75
CA ASP H 135 18.68 17.12 -8.44
C ASP H 135 17.26 16.76 -8.86
N THR H 136 17.06 15.65 -9.57
CA THR H 136 15.70 15.25 -9.96
C THR H 136 15.29 14.06 -9.12
N PRO H 137 14.21 14.16 -8.34
CA PRO H 137 13.78 13.03 -7.51
C PRO H 137 13.11 11.93 -8.33
N TRP H 138 13.10 10.72 -7.76
CA TRP H 138 12.62 9.57 -8.52
C TRP H 138 11.11 9.58 -8.76
N ASP H 139 10.30 10.28 -7.94
CA ASP H 139 8.89 10.28 -8.30
C ASP H 139 8.64 11.15 -9.53
N GLU H 140 9.43 12.21 -9.71
CA GLU H 140 9.33 12.98 -10.94
C GLU H 140 9.81 12.16 -12.13
N ILE H 141 10.96 11.49 -11.98
CA ILE H 141 11.50 10.72 -13.08
C ILE H 141 10.53 9.61 -13.49
N TRP H 142 10.07 8.80 -12.53
CA TRP H 142 9.18 7.70 -12.88
C TRP H 142 7.85 8.20 -13.46
N GLN H 143 7.38 9.40 -13.05
CA GLN H 143 6.19 9.95 -13.71
C GLN H 143 6.42 10.16 -15.18
N ALA H 144 7.55 10.79 -15.52
CA ALA H 144 7.84 11.11 -16.92
C ALA H 144 8.04 9.84 -17.74
N MET H 145 8.75 8.84 -17.19
CA MET H 145 8.95 7.61 -17.94
C MET H 145 7.65 6.83 -18.07
N ASP H 146 6.81 6.85 -17.03
CA ASP H 146 5.52 6.18 -17.11
C ASP H 146 4.62 6.81 -18.18
N VAL H 147 4.68 8.13 -18.38
CA VAL H 147 3.95 8.74 -19.49
C VAL H 147 4.41 8.13 -20.81
N LEU H 148 5.72 7.97 -20.98
CA LEU H 148 6.25 7.43 -22.22
C LEU H 148 5.88 5.96 -22.40
N VAL H 149 5.92 5.17 -21.32
CA VAL H 149 5.53 3.76 -21.43
C VAL H 149 4.09 3.65 -21.89
N ARG H 150 3.21 4.45 -21.28
CA ARG H 150 1.80 4.27 -21.55
C ARG H 150 1.43 4.83 -22.93
N GLN H 151 2.21 5.79 -23.42
CA GLN H 151 2.03 6.25 -24.79
C GLN H 151 2.63 5.30 -25.82
N GLY H 152 3.34 4.27 -25.37
CA GLY H 152 3.98 3.38 -26.32
C GLY H 152 5.26 3.93 -26.94
N LYS H 153 5.83 5.01 -26.42
CA LYS H 153 7.05 5.55 -27.01
C LYS H 153 8.31 4.86 -26.52
N ILE H 154 8.29 4.25 -25.33
CA ILE H 154 9.40 3.45 -24.84
C ILE H 154 8.84 2.17 -24.22
N LEU H 155 9.70 1.17 -24.08
CA LEU H 155 9.34 -0.09 -23.44
C LEU H 155 10.00 -0.21 -22.07
N TYR H 156 11.32 -0.09 -22.03
CA TYR H 156 12.12 -0.30 -20.83
C TYR H 156 12.93 0.95 -20.49
N VAL H 157 13.27 1.07 -19.21
CA VAL H 157 14.11 2.16 -18.73
C VAL H 157 15.41 1.57 -18.21
N GLY H 158 16.53 2.21 -18.52
CA GLY H 158 17.82 1.80 -17.99
C GLY H 158 18.62 2.97 -17.43
N SER H 159 19.68 2.66 -16.71
CA SER H 159 20.55 3.68 -16.14
C SER H 159 21.92 3.60 -16.81
N SER H 160 22.70 4.66 -16.60
CA SER H 160 24.09 4.65 -17.03
C SER H 160 24.85 5.61 -16.13
N ASN H 161 26.07 5.24 -15.75
CA ASN H 161 26.87 6.07 -14.84
C ASN H 161 26.05 6.44 -13.60
N PHE H 162 25.50 5.41 -12.97
CA PHE H 162 24.85 5.50 -11.67
C PHE H 162 25.80 5.00 -10.60
N ALA H 163 25.55 5.45 -9.38
CA ALA H 163 26.08 4.76 -8.20
C ALA H 163 25.16 3.62 -7.81
N GLY H 164 25.72 2.61 -7.11
CA GLY H 164 24.91 1.48 -6.68
C GLY H 164 23.67 1.89 -5.91
N TRP H 165 23.83 2.85 -5.01
CA TRP H 165 22.70 3.26 -4.19
C TRP H 165 21.64 4.00 -5.01
N ASN H 166 22.02 4.64 -6.13
CA ASN H 166 21.00 5.22 -7.03
C ASN H 166 20.15 4.13 -7.67
N ILE H 167 20.76 2.99 -8.01
CA ILE H 167 20.02 1.87 -8.58
C ILE H 167 19.00 1.36 -7.58
N ALA H 168 19.40 1.26 -6.30
CA ALA H 168 18.50 0.76 -5.29
C ALA H 168 17.34 1.73 -5.05
N GLN H 169 17.65 3.03 -4.89
CA GLN H 169 16.59 4.02 -4.70
C GLN H 169 15.64 4.03 -5.87
N ALA H 170 16.17 3.98 -7.09
CA ALA H 170 15.34 4.02 -8.28
C ALA H 170 14.37 2.84 -8.31
N ASN H 171 14.86 1.62 -8.12
CA ASN H 171 13.99 0.47 -8.28
C ASN H 171 13.07 0.27 -7.09
N GLU H 172 13.49 0.68 -5.89
CA GLU H 172 12.56 0.62 -4.76
C GLU H 172 11.41 1.60 -4.97
N THR H 173 11.71 2.80 -5.46
CA THR H 173 10.66 3.79 -5.70
C THR H 173 9.68 3.30 -6.76
N ALA H 174 10.22 2.72 -7.84
CA ALA H 174 9.37 2.18 -8.90
C ALA H 174 8.47 1.08 -8.38
N ALA H 175 9.02 0.19 -7.54
CA ALA H 175 8.25 -0.96 -7.06
C ALA H 175 7.09 -0.57 -6.15
N ARG H 176 7.22 0.51 -5.36
CA ARG H 176 6.12 0.90 -4.48
C ARG H 176 4.83 1.08 -5.25
N HIS H 177 4.92 1.43 -6.53
CA HIS H 177 3.73 1.70 -7.33
C HIS H 177 3.62 0.80 -8.55
N GLY H 178 4.30 -0.34 -8.53
CA GLY H 178 4.10 -1.32 -9.56
C GLY H 178 4.76 -1.01 -10.89
N ARG H 179 5.68 -0.06 -10.93
CA ARG H 179 6.41 0.20 -12.15
C ARG H 179 7.61 -0.73 -12.28
N LEU H 180 7.83 -1.20 -13.50
CA LEU H 180 9.08 -1.88 -13.82
C LEU H 180 10.21 -0.88 -13.64
N GLY H 181 11.16 -1.22 -12.79
CA GLY H 181 12.24 -0.29 -12.53
C GLY H 181 13.29 -0.31 -13.63
N LEU H 182 14.48 0.18 -13.29
CA LEU H 182 15.64 0.05 -14.18
C LEU H 182 15.82 -1.41 -14.54
N VAL H 183 16.08 -1.67 -15.84
CA VAL H 183 16.34 -3.04 -16.28
C VAL H 183 17.81 -3.32 -16.53
N SER H 184 18.66 -2.28 -16.51
CA SER H 184 20.06 -2.46 -16.87
C SER H 184 20.79 -1.21 -16.43
N GLU H 185 22.08 -1.37 -16.16
CA GLU H 185 22.97 -0.27 -15.84
C GLU H 185 24.13 -0.38 -16.81
N GLN H 186 24.47 0.74 -17.44
CA GLN H 186 25.55 0.77 -18.43
C GLN H 186 26.72 1.48 -17.75
N CYS H 187 27.76 0.75 -17.32
CA CYS H 187 28.80 1.39 -16.54
C CYS H 187 30.18 1.11 -17.16
N LEU H 188 31.10 2.01 -16.86
CA LEU H 188 32.49 1.81 -17.24
C LEU H 188 33.05 0.65 -16.47
N TYR H 189 33.55 -0.36 -17.19
CA TYR H 189 34.07 -1.58 -16.57
C TYR H 189 34.96 -2.26 -17.59
N ASN H 190 36.22 -2.44 -17.25
CA ASN H 190 37.18 -3.11 -18.15
C ASN H 190 38.39 -3.47 -17.30
N LEU H 191 39.38 -4.12 -17.92
CA LEU H 191 40.57 -4.51 -17.18
C LEU H 191 41.19 -3.31 -16.47
N CYS H 192 41.17 -2.14 -17.14
CA CYS H 192 41.86 -0.96 -16.62
C CYS H 192 41.09 -0.30 -15.48
N GLU H 193 39.76 -0.35 -15.51
CA GLU H 193 38.95 0.34 -14.50
C GLU H 193 37.94 -0.66 -13.93
N ARG H 194 38.20 -1.14 -12.73
CA ARG H 194 37.39 -2.20 -12.14
C ARG H 194 36.58 -1.72 -10.95
N ARG H 195 36.59 -0.41 -10.65
CA ARG H 195 35.93 0.03 -9.42
C ARG H 195 34.41 -0.06 -9.49
N ALA H 196 33.81 -0.37 -10.63
CA ALA H 196 32.38 -0.70 -10.64
C ALA H 196 32.08 -1.95 -9.80
N GLU H 197 33.11 -2.75 -9.51
CA GLU H 197 32.95 -3.95 -8.69
C GLU H 197 32.62 -3.64 -7.23
N MET H 198 32.96 -2.43 -6.74
CA MET H 198 32.78 -2.14 -5.31
C MET H 198 31.31 -2.13 -4.91
N GLU H 199 30.48 -1.40 -5.66
CA GLU H 199 29.07 -1.22 -5.33
C GLU H 199 28.14 -1.18 -6.53
N VAL H 200 28.58 -0.74 -7.70
CA VAL H 200 27.66 -0.60 -8.83
C VAL H 200 27.18 -1.97 -9.28
N VAL H 201 28.11 -2.89 -9.51
CA VAL H 201 27.72 -4.21 -10.02
C VAL H 201 27.07 -5.03 -8.91
N PRO H 202 27.55 -5.01 -7.65
CA PRO H 202 26.77 -5.62 -6.57
C PRO H 202 25.33 -5.14 -6.48
N ALA H 203 25.07 -3.84 -6.54
CA ALA H 203 23.69 -3.35 -6.47
C ALA H 203 22.87 -3.80 -7.66
N ALA H 204 23.43 -3.68 -8.88
CA ALA H 204 22.74 -4.16 -10.07
C ALA H 204 22.38 -5.63 -9.93
N ARG H 205 23.27 -6.43 -9.35
CA ARG H 205 23.00 -7.86 -9.27
C ARG H 205 21.88 -8.13 -8.29
N GLU H 206 21.87 -7.42 -7.15
CA GLU H 206 20.80 -7.61 -6.18
C GLU H 206 19.46 -7.24 -6.77
N TYR H 207 19.41 -6.16 -7.55
CA TYR H 207 18.13 -5.70 -8.09
C TYR H 207 17.81 -6.32 -9.45
N GLY H 208 18.63 -7.26 -9.92
CA GLY H 208 18.32 -7.95 -11.17
C GLY H 208 18.42 -7.06 -12.39
N LEU H 209 19.38 -6.17 -12.42
CA LEU H 209 19.64 -5.35 -13.59
C LEU H 209 20.64 -6.04 -14.49
N GLY H 210 20.44 -5.93 -15.80
CA GLY H 210 21.54 -6.17 -16.70
C GLY H 210 22.70 -5.23 -16.42
N VAL H 211 23.90 -5.66 -16.78
CA VAL H 211 25.10 -4.84 -16.63
C VAL H 211 25.81 -4.85 -17.98
N ILE H 212 25.86 -3.70 -18.66
CA ILE H 212 26.52 -3.61 -19.95
C ILE H 212 27.66 -2.60 -19.82
N ALA H 213 28.87 -3.03 -20.21
CA ALA H 213 30.10 -2.33 -19.90
C ALA H 213 30.50 -1.43 -21.06
N TRP H 214 30.49 -0.11 -20.84
CA TRP H 214 30.93 0.80 -21.89
C TRP H 214 32.46 1.00 -21.84
N SER H 215 33.00 1.43 -22.99
CA SER H 215 34.44 1.46 -23.24
C SER H 215 35.06 0.16 -22.70
N PRO H 216 34.67 -1.01 -23.22
CA PRO H 216 35.26 -2.26 -22.75
C PRO H 216 36.75 -2.36 -23.01
N LEU H 217 37.30 -1.57 -23.92
CA LEU H 217 38.72 -1.56 -24.21
C LEU H 217 39.40 -0.31 -23.66
N HIS H 218 38.71 0.42 -22.77
CA HIS H 218 39.21 1.69 -22.25
C HIS H 218 39.60 2.62 -23.40
N GLY H 219 38.69 2.72 -24.38
CA GLY H 219 38.87 3.63 -25.49
C GLY H 219 39.87 3.17 -26.53
N GLY H 220 40.07 1.85 -26.63
CA GLY H 220 41.06 1.30 -27.53
C GLY H 220 42.40 1.04 -26.87
N LEU H 221 42.60 1.50 -25.64
CA LEU H 221 43.88 1.27 -24.95
C LEU H 221 44.20 -0.22 -24.83
N LEU H 222 43.19 -1.07 -24.65
CA LEU H 222 43.40 -2.51 -24.53
C LEU H 222 43.29 -3.24 -25.86
N GLY H 223 43.25 -2.51 -26.96
CA GLY H 223 43.15 -3.12 -28.27
C GLY H 223 44.47 -3.36 -28.97
N GLY H 224 45.59 -3.23 -28.27
CA GLY H 224 46.88 -3.35 -28.91
C GLY H 224 47.45 -1.99 -29.22
N ALA H 225 47.27 -1.04 -28.30
CA ALA H 225 47.62 0.34 -28.57
C ALA H 225 49.14 0.54 -28.65
N ILE H 226 49.89 -0.19 -27.83
CA ILE H 226 51.34 -0.02 -27.84
C ILE H 226 51.90 -0.49 -29.18
N ARG H 227 51.58 -1.73 -29.57
CA ARG H 227 51.99 -2.25 -30.85
C ARG H 227 51.56 -1.34 -32.00
N LYS H 228 50.41 -0.68 -31.87
CA LYS H 228 49.89 0.18 -32.92
C LYS H 228 50.31 1.65 -32.77
N GLU H 229 51.13 1.99 -31.78
CA GLU H 229 51.25 3.38 -31.34
C GLU H 229 51.73 4.30 -32.45
N GLN H 230 52.57 3.83 -33.36
CA GLN H 230 53.16 4.66 -34.40
C GLN H 230 52.38 4.62 -35.70
N GLU H 231 51.19 4.02 -35.71
CA GLU H 231 50.40 3.89 -36.93
C GLU H 231 49.57 5.14 -37.21
N GLY H 232 49.27 5.36 -38.49
CA GLY H 232 48.36 6.42 -38.90
C GLY H 232 46.91 5.99 -38.77
N GLY H 233 46.06 6.62 -39.57
CA GLY H 233 44.65 6.34 -39.49
C GLY H 233 43.94 7.16 -38.45
N ASN H 234 42.62 6.97 -38.39
CA ASN H 234 41.75 7.74 -37.52
C ASN H 234 41.44 6.95 -36.24
N ARG H 235 42.48 6.68 -35.46
CA ARG H 235 42.40 5.69 -34.39
C ARG H 235 42.00 6.35 -33.08
N ARG H 236 41.02 5.75 -32.40
CA ARG H 236 40.61 6.25 -31.09
C ARG H 236 41.71 6.10 -30.06
N ALA H 237 42.53 5.05 -30.17
CA ALA H 237 43.64 4.88 -29.24
C ALA H 237 44.67 6.01 -29.34
N ALA H 238 44.67 6.77 -30.44
CA ALA H 238 45.61 7.86 -30.62
C ALA H 238 45.20 9.13 -29.87
N SER H 239 44.00 9.18 -29.37
CA SER H 239 43.61 10.32 -28.63
C SER H 239 42.90 10.03 -27.34
N GLY H 240 42.58 11.07 -26.59
CA GLY H 240 41.76 10.96 -25.40
C GLY H 240 42.25 9.97 -24.37
N ARG H 241 41.31 9.19 -23.85
CA ARG H 241 41.55 8.33 -22.69
C ARG H 241 42.76 7.41 -22.89
N ALA H 242 42.90 6.83 -24.08
CA ALA H 242 44.01 5.90 -24.29
C ALA H 242 45.35 6.63 -24.40
N ALA H 243 45.37 7.77 -25.10
CA ALA H 243 46.63 8.51 -25.27
C ALA H 243 47.15 9.01 -23.92
N ASP H 244 46.26 9.49 -23.05
CA ASP H 244 46.71 9.99 -21.76
C ASP H 244 47.35 8.91 -20.93
N ALA H 245 46.80 7.69 -21.00
CA ALA H 245 47.35 6.58 -20.22
C ALA H 245 48.76 6.23 -20.71
N LEU H 246 48.93 6.09 -22.03
CA LEU H 246 50.22 5.73 -22.59
C LEU H 246 51.29 6.79 -22.30
N LYS H 247 50.91 7.96 -21.78
CA LYS H 247 51.87 8.98 -21.33
C LYS H 247 52.38 8.70 -19.92
N ASP H 248 51.55 8.13 -19.05
CA ASP H 248 51.99 7.87 -17.69
C ASP H 248 52.81 6.58 -17.66
N PRO H 249 54.06 6.63 -17.20
CA PRO H 249 54.92 5.43 -17.24
C PRO H 249 54.28 4.20 -16.64
N GLN H 250 53.51 4.34 -15.56
CA GLN H 250 53.00 3.15 -14.88
C GLN H 250 51.81 2.56 -15.59
N GLN H 251 50.89 3.41 -16.08
CA GLN H 251 49.78 2.89 -16.87
C GLN H 251 50.28 2.28 -18.17
N ARG H 252 51.30 2.91 -18.77
CA ARG H 252 51.90 2.32 -19.96
C ARG H 252 52.54 0.97 -19.64
N GLU H 253 53.27 0.88 -18.54
CA GLU H 253 53.89 -0.38 -18.14
C GLU H 253 52.83 -1.47 -17.97
N GLN H 254 51.72 -1.13 -17.32
CA GLN H 254 50.60 -2.04 -17.18
C GLN H 254 50.15 -2.58 -18.53
N ILE H 255 49.97 -1.69 -19.52
CA ILE H 255 49.51 -2.13 -20.83
C ILE H 255 50.58 -2.93 -21.55
N GLN H 256 51.86 -2.60 -21.33
CA GLN H 256 52.94 -3.36 -21.94
C GLN H 256 52.97 -4.80 -21.42
N ARG H 257 52.86 -4.99 -20.11
CA ARG H 257 52.68 -6.32 -19.52
C ARG H 257 51.55 -7.08 -20.19
N TYR H 258 50.40 -6.41 -20.36
CA TYR H 258 49.24 -7.04 -20.97
C TYR H 258 49.57 -7.53 -22.38
N GLU H 259 50.13 -6.64 -23.21
CA GLU H 259 50.38 -7.02 -24.59
C GLU H 259 51.44 -8.11 -24.68
N ASP H 260 52.45 -8.05 -23.79
CA ASP H 260 53.48 -9.09 -23.76
C ASP H 260 52.92 -10.44 -23.29
N LEU H 261 52.06 -10.44 -22.27
CA LEU H 261 51.42 -11.67 -21.82
C LEU H 261 50.67 -12.34 -22.96
N LEU H 262 49.91 -11.56 -23.72
CA LEU H 262 49.07 -12.17 -24.73
C LEU H 262 49.90 -12.70 -25.90
N ASP H 263 51.06 -12.09 -26.18
CA ASP H 263 51.89 -12.61 -27.26
C ASP H 263 52.40 -14.02 -26.94
N LYS H 264 52.62 -14.32 -25.66
CA LYS H 264 53.08 -15.64 -25.27
C LYS H 264 51.98 -16.69 -25.34
N HIS H 265 50.71 -16.27 -25.39
CA HIS H 265 49.58 -17.20 -25.38
C HIS H 265 48.82 -17.21 -26.71
N GLY H 266 49.30 -16.49 -27.72
CA GLY H 266 48.65 -16.53 -29.01
C GLY H 266 47.30 -15.85 -29.07
N LEU H 267 47.06 -14.87 -28.20
CA LEU H 267 45.76 -14.21 -28.12
C LEU H 267 45.85 -12.75 -28.57
N GLU H 268 44.70 -12.21 -29.03
CA GLU H 268 44.65 -10.82 -29.47
C GLU H 268 44.15 -9.93 -28.35
N PRO H 269 44.78 -8.76 -28.14
CA PRO H 269 44.46 -7.95 -26.95
C PRO H 269 43.01 -7.48 -26.89
N GLY H 270 42.47 -6.97 -28.00
CA GLY H 270 41.08 -6.52 -27.98
C GLY H 270 40.12 -7.66 -27.72
N GLU H 271 40.39 -8.83 -28.30
CA GLU H 271 39.49 -9.97 -28.10
C GLU H 271 39.53 -10.43 -26.64
N VAL H 272 40.71 -10.40 -26.02
CA VAL H 272 40.81 -10.85 -24.64
C VAL H 272 40.10 -9.87 -23.69
N ALA H 273 40.20 -8.57 -23.96
CA ALA H 273 39.54 -7.60 -23.08
C ALA H 273 38.03 -7.77 -23.08
N LEU H 274 37.47 -8.14 -24.24
CA LEU H 274 36.04 -8.42 -24.33
C LEU H 274 35.71 -9.76 -23.68
N ALA H 275 36.47 -10.80 -24.02
CA ALA H 275 36.27 -12.11 -23.40
C ALA H 275 36.39 -12.04 -21.88
N TRP H 276 37.24 -11.15 -21.36
CA TRP H 276 37.36 -11.03 -19.91
C TRP H 276 36.08 -10.49 -19.29
N LEU H 277 35.50 -9.45 -19.88
CA LEU H 277 34.24 -8.93 -19.35
C LEU H 277 33.18 -10.01 -19.34
N LEU H 278 33.19 -10.89 -20.36
CA LEU H 278 32.18 -11.93 -20.45
C LEU H 278 32.30 -12.97 -19.35
N THR H 279 33.44 -13.06 -18.66
CA THR H 279 33.57 -13.98 -17.54
C THR H 279 33.13 -13.36 -16.21
N ARG H 280 32.87 -12.07 -16.15
CA ARG H 280 32.66 -11.42 -14.86
C ARG H 280 31.23 -11.65 -14.36
N PRO H 281 31.05 -12.08 -13.11
CA PRO H 281 29.69 -12.37 -12.60
C PRO H 281 28.79 -11.15 -12.73
N GLY H 282 27.58 -11.37 -13.26
CA GLY H 282 26.59 -10.34 -13.41
C GLY H 282 26.71 -9.46 -14.65
N VAL H 283 27.79 -9.58 -15.41
CA VAL H 283 27.95 -8.77 -16.62
C VAL H 283 27.13 -9.40 -17.74
N THR H 284 26.19 -8.63 -18.29
CA THR H 284 25.48 -9.08 -19.46
C THR H 284 26.43 -9.19 -20.65
N GLY H 285 27.17 -8.13 -20.92
CA GLY H 285 28.19 -8.17 -21.94
C GLY H 285 28.85 -6.81 -22.13
N PRO H 286 29.91 -6.78 -22.93
CA PRO H 286 30.54 -5.51 -23.29
C PRO H 286 29.77 -4.81 -24.40
N ILE H 287 29.80 -3.48 -24.38
CA ILE H 287 29.28 -2.69 -25.51
C ILE H 287 30.47 -2.45 -26.43
N VAL H 288 30.58 -3.26 -27.48
CA VAL H 288 31.74 -3.19 -28.35
C VAL H 288 31.72 -1.88 -29.12
N GLY H 289 32.90 -1.31 -29.35
CA GLY H 289 32.98 -0.09 -30.12
C GLY H 289 33.82 -0.23 -31.37
N PRO H 290 33.37 -1.04 -32.33
CA PRO H 290 34.15 -1.21 -33.56
C PRO H 290 34.18 0.07 -34.38
N ARG H 291 35.36 0.38 -34.90
CA ARG H 291 35.52 1.45 -35.88
C ARG H 291 35.40 0.93 -37.31
N THR H 292 35.61 -0.38 -37.51
CA THR H 292 35.58 -1.02 -38.82
C THR H 292 34.81 -2.32 -38.73
N ALA H 293 34.30 -2.77 -39.89
CA ALA H 293 33.65 -4.07 -39.97
C ALA H 293 34.59 -5.18 -39.52
N ASP H 294 35.87 -5.05 -39.86
CA ASP H 294 36.88 -5.98 -39.40
C ASP H 294 36.91 -6.07 -37.88
N GLN H 295 36.85 -4.93 -37.19
CA GLN H 295 36.88 -4.96 -35.73
C GLN H 295 35.62 -5.59 -35.14
N LEU H 296 34.49 -5.50 -35.84
CA LEU H 296 33.28 -6.18 -35.37
C LEU H 296 33.46 -7.69 -35.46
N ALA H 297 33.98 -8.18 -36.59
CA ALA H 297 34.27 -9.61 -36.72
C ALA H 297 35.20 -10.09 -35.62
N SER H 298 36.17 -9.25 -35.25
CA SER H 298 37.07 -9.58 -34.14
C SER H 298 36.30 -9.76 -32.84
N ALA H 299 35.34 -8.87 -32.57
CA ALA H 299 34.54 -9.00 -31.35
C ALA H 299 33.72 -10.28 -31.35
N VAL H 300 33.19 -10.68 -32.51
CA VAL H 300 32.42 -11.93 -32.59
C VAL H 300 33.33 -13.13 -32.27
N ARG H 301 34.59 -13.08 -32.70
CA ARG H 301 35.51 -14.13 -32.29
C ARG H 301 35.79 -14.07 -30.78
N ALA H 302 35.87 -12.85 -30.22
CA ALA H 302 36.12 -12.71 -28.79
C ALA H 302 35.03 -13.40 -27.97
N ALA H 303 33.79 -13.35 -28.46
CA ALA H 303 32.67 -13.96 -27.74
C ALA H 303 32.74 -15.49 -27.75
N GLU H 304 33.54 -16.09 -28.62
CA GLU H 304 33.73 -17.53 -28.67
C GLU H 304 34.99 -17.98 -27.95
N LEU H 305 35.85 -17.06 -27.56
CA LEU H 305 37.09 -17.40 -26.87
C LEU H 305 36.79 -17.98 -25.49
N THR H 306 37.56 -18.98 -25.10
CA THR H 306 37.58 -19.48 -23.74
C THR H 306 38.92 -19.13 -23.14
N LEU H 307 38.93 -18.23 -22.16
CA LEU H 307 40.17 -17.88 -21.46
C LEU H 307 40.49 -18.94 -20.42
N THR H 308 41.72 -19.44 -20.44
CA THR H 308 42.17 -20.42 -19.47
C THR H 308 42.27 -19.82 -18.08
N ASP H 309 42.29 -20.69 -17.07
CA ASP H 309 42.48 -20.18 -15.71
C ASP H 309 43.84 -19.52 -15.55
N GLU H 310 44.84 -19.99 -16.29
CA GLU H 310 46.17 -19.38 -16.21
C GLU H 310 46.16 -17.96 -16.76
N VAL H 311 45.48 -17.73 -17.89
CA VAL H 311 45.39 -16.37 -18.42
C VAL H 311 44.57 -15.48 -17.48
N LEU H 312 43.44 -16.01 -16.96
CA LEU H 312 42.63 -15.22 -16.03
C LEU H 312 43.42 -14.82 -14.79
N THR H 313 44.22 -15.74 -14.23
CA THR H 313 44.98 -15.39 -13.03
C THR H 313 46.06 -14.37 -13.34
N ALA H 314 46.73 -14.53 -14.49
CA ALA H 314 47.75 -13.57 -14.90
C ALA H 314 47.16 -12.19 -15.11
N LEU H 315 45.94 -12.11 -15.68
CA LEU H 315 45.29 -10.81 -15.88
C LEU H 315 44.94 -10.16 -14.55
N ASP H 316 44.44 -10.97 -13.60
CA ASP H 316 44.22 -10.48 -12.24
C ASP H 316 45.47 -9.89 -11.63
N GLU H 317 46.63 -10.43 -12.00
CA GLU H 317 47.90 -9.94 -11.48
C GLU H 317 48.21 -8.56 -12.04
N ILE H 318 48.04 -8.38 -13.35
CA ILE H 318 48.34 -7.10 -13.98
C ILE H 318 47.27 -6.07 -13.63
N PHE H 319 46.01 -6.49 -13.58
CA PHE H 319 44.88 -5.58 -13.47
C PHE H 319 44.05 -5.95 -12.24
N PRO H 320 44.56 -5.74 -11.04
CA PRO H 320 43.79 -6.14 -9.85
C PRO H 320 42.56 -5.28 -9.67
N GLY H 321 41.51 -5.91 -9.13
CA GLY H 321 40.30 -5.19 -8.82
C GLY H 321 40.08 -5.10 -7.32
N PRO H 322 39.18 -4.20 -6.90
CA PRO H 322 38.95 -4.02 -5.45
C PRO H 322 37.96 -5.00 -4.84
N GLY H 323 37.10 -5.64 -5.62
CA GLY H 323 36.02 -6.43 -5.06
C GLY H 323 34.99 -5.55 -4.39
N PRO H 324 34.00 -6.17 -3.73
CA PRO H 324 32.88 -5.38 -3.18
C PRO H 324 33.25 -4.62 -1.93
N SER H 325 32.56 -3.49 -1.74
CA SER H 325 32.44 -2.82 -0.45
C SER H 325 31.49 -3.61 0.44
N PRO H 326 31.68 -3.57 1.77
CA PRO H 326 32.69 -2.78 2.49
C PRO H 326 34.07 -3.44 2.56
N GLU H 327 34.17 -4.70 2.15
CA GLU H 327 35.43 -5.43 2.24
C GLU H 327 36.55 -4.70 1.49
N ALA H 328 36.21 -4.01 0.39
CA ALA H 328 37.23 -3.36 -0.43
C ALA H 328 38.08 -2.36 0.35
N PHE H 329 37.53 -1.74 1.41
CA PHE H 329 38.26 -0.72 2.15
C PHE H 329 38.17 -0.86 3.67
N ALA H 330 37.31 -1.73 4.19
CA ALA H 330 37.20 -1.95 5.63
C ALA H 330 37.53 -3.40 5.94
N TRP H 331 36.53 -4.21 6.28
CA TRP H 331 36.72 -5.65 6.47
C TRP H 331 35.42 -6.41 6.13
PA NAP I . 41.63 5.16 16.75
O1A NAP I . 41.95 4.95 15.29
O2A NAP I . 41.54 6.59 17.23
O5B NAP I . 42.79 4.34 17.59
C5B NAP I . 42.89 4.41 18.98
C4B NAP I . 44.30 4.76 19.29
O4B NAP I . 44.61 6.11 18.73
C3B NAP I . 44.50 4.91 20.74
O3B NAP I . 44.66 3.61 21.39
C2B NAP I . 45.66 5.80 20.82
O2B NAP I . 46.82 5.15 20.26
C1B NAP I . 45.38 6.83 19.80
N9A NAP I . 44.69 8.00 20.25
C8A NAP I . 43.48 8.00 20.67
N7A NAP I . 43.14 9.24 20.99
C5A NAP I . 44.23 10.04 20.73
C6A NAP I . 44.54 11.39 20.85
N6A NAP I . 43.54 12.31 21.35
N1A NAP I . 45.75 11.81 20.48
C2A NAP I . 46.66 10.97 20.03
N3A NAP I . 46.43 9.66 19.91
C4A NAP I . 45.25 9.16 20.24
O3 NAP I . 40.17 4.50 17.08
PN NAP I . 39.86 2.92 17.42
O1N NAP I . 40.57 2.03 16.42
O2N NAP I . 40.14 2.60 18.88
O5D NAP I . 38.21 2.90 17.19
C5D NAP I . 37.48 3.75 18.04
C4D NAP I . 36.12 3.17 18.26
O4D NAP I . 35.45 2.91 16.92
C3D NAP I . 36.18 1.85 18.92
O3D NAP I . 36.29 2.00 20.37
C2D NAP I . 34.93 1.20 18.52
O2D NAP I . 33.86 1.72 19.36
C1D NAP I . 34.67 1.63 17.13
N1N NAP I . 35.11 0.67 16.17
C2N NAP I . 34.20 0.09 15.34
C3N NAP I . 34.61 -0.84 14.38
C7N NAP I . 33.57 -1.44 13.44
O7N NAP I . 33.89 -2.29 12.67
N7N NAP I . 32.22 -0.90 13.47
C4N NAP I . 35.93 -1.19 14.27
C5N NAP I . 36.83 -0.61 15.11
C6N NAP I . 36.40 0.32 16.04
P2B NAP I . 48.04 4.53 21.21
O1X NAP I . 49.16 4.08 20.32
O2X NAP I . 47.46 3.38 22.00
O3X NAP I . 48.54 5.61 22.15
PA NAP J . -10.01 -32.12 -29.98
O1A NAP J . -9.22 -32.80 -28.88
O2A NAP J . -11.48 -32.21 -29.76
O5B NAP J . -9.52 -32.76 -31.42
C5B NAP J . -10.17 -32.33 -32.58
C4B NAP J . -10.54 -33.53 -33.38
O4B NAP J . -11.50 -34.34 -32.58
C3B NAP J . -11.28 -33.18 -34.64
O3B NAP J . -10.36 -32.85 -35.70
C2B NAP J . -12.05 -34.39 -34.89
O2B NAP J . -11.09 -35.44 -35.15
C1B NAP J . -12.57 -34.78 -33.56
N9A NAP J . -13.81 -34.23 -33.15
C8A NAP J . -14.03 -33.00 -32.91
N7A NAP J . -15.29 -32.85 -32.53
C5A NAP J . -15.86 -34.09 -32.54
C6A NAP J . -17.10 -34.63 -32.26
N6A NAP J . -18.18 -33.77 -31.84
N1A NAP J . -17.29 -35.92 -32.38
C2A NAP J . -16.31 -36.73 -32.76
N3A NAP J . -15.10 -36.29 -33.05
C4A NAP J . -14.84 -34.99 -32.96
O3 NAP J . -9.67 -30.53 -30.02
PN NAP J . -8.35 -29.80 -30.64
O1N NAP J . -7.10 -30.62 -30.47
O2N NAP J . -8.62 -29.46 -32.09
O5D NAP J . -8.26 -28.42 -29.74
C5D NAP J . -9.46 -27.70 -29.66
C4D NAP J . -9.14 -26.26 -29.53
O4D NAP J . -8.30 -26.06 -28.31
C3D NAP J . -8.29 -25.80 -30.66
O3D NAP J . -9.14 -25.42 -31.77
C2D NAP J . -7.53 -24.67 -30.12
O2D NAP J . -8.40 -23.50 -30.09
C1D NAP J . -7.26 -25.05 -28.70
N1N NAP J . -5.98 -25.59 -28.44
C2N NAP J . -5.15 -24.92 -27.60
C3N NAP J . -3.89 -25.42 -27.29
C7N NAP J . -3.02 -24.63 -26.30
O7N NAP J . -1.87 -24.89 -26.12
N7N NAP J . -3.70 -23.60 -25.53
C4N NAP J . -3.45 -26.59 -27.85
C5N NAP J . -4.30 -27.26 -28.69
C6N NAP J . -5.56 -26.76 -28.99
P2B NAP J . -10.99 -36.23 -36.60
O1X NAP J . -10.13 -37.45 -36.44
O2X NAP J . -10.35 -35.24 -37.55
O3X NAP J . -12.40 -36.59 -36.99
PA NAP K . -6.95 30.61 32.45
O1A NAP K . -6.64 31.50 31.24
O2A NAP K . -8.45 30.45 32.67
O5B NAP K . -6.19 31.25 33.78
C5B NAP K . -6.53 30.76 35.05
C4B NAP K . -6.92 31.92 35.88
O4B NAP K . -8.15 32.56 35.31
C3B NAP K . -7.27 31.53 37.27
O3B NAP K . -6.10 31.31 38.10
C2B NAP K . -8.11 32.66 37.69
O2B NAP K . -7.28 33.83 37.81
C1B NAP K . -8.97 32.94 36.51
N9A NAP K . -10.19 32.24 36.44
C8A NAP K . -10.29 30.98 36.21
N7A NAP K . -11.57 30.66 36.15
C5A NAP K . -12.30 31.81 36.36
C6A NAP K . -13.64 32.17 36.43
N6A NAP K . -14.68 31.17 36.25
N1A NAP K . -13.97 33.43 36.66
C2A NAP K . -13.04 34.37 36.82
N3A NAP K . -11.75 34.09 36.76
C4A NAP K . -11.33 32.85 36.54
O3 NAP K . -6.37 29.07 32.32
PN NAP K . -4.82 28.59 32.60
O1N NAP K . -3.80 29.64 32.18
O2N NAP K . -4.66 28.21 34.06
O5D NAP K . -4.71 27.26 31.65
C5D NAP K . -5.77 26.36 31.73
C4D NAP K . -5.27 25.00 31.44
O4D NAP K . -4.69 24.96 30.04
C3D NAP K . -4.15 24.65 32.36
O3D NAP K . -4.63 24.17 33.66
C2D NAP K . -3.39 23.64 31.60
O2D NAP K . -4.08 22.36 31.78
C1D NAP K . -3.51 24.03 30.16
N1N NAP K . -2.42 24.74 29.61
C2N NAP K . -1.74 24.25 28.56
C3N NAP K . -0.67 24.95 27.99
C7N NAP K . 0.05 24.35 26.79
O7N NAP K . 1.02 24.88 26.33
N7N NAP K . -0.50 23.12 26.24
C4N NAP K . -0.30 26.16 28.52
C5N NAP K . -0.99 26.67 29.57
C6N NAP K . -2.05 25.95 30.11
P2B NAP K . -6.95 34.47 39.29
O1X NAP K . -6.23 35.79 39.12
O2X NAP K . -6.08 33.51 40.05
O3X NAP K . -8.28 34.66 40.01
PA NAP L . 4.34 44.06 -8.26
O1A NAP L . 3.98 43.97 -6.79
O2A NAP L . 5.83 44.16 -8.49
O5B NAP L . 3.53 45.33 -8.90
C5B NAP L . 3.85 45.69 -10.21
C4B NAP L . 4.16 47.14 -10.19
O4B NAP L . 5.34 47.40 -9.31
C3B NAP L . 4.54 47.63 -11.54
O3B NAP L . 3.36 47.89 -12.32
C2B NAP L . 5.31 48.84 -11.21
O2B NAP L . 4.40 49.78 -10.60
C1B NAP L . 6.17 48.41 -10.08
N9A NAP L . 7.43 47.83 -10.41
C8A NAP L . 7.59 46.67 -10.95
N7A NAP L . 8.89 46.44 -11.10
C5A NAP L . 9.56 47.54 -10.59
C6A NAP L . 10.88 47.95 -10.43
N6A NAP L . 12.00 47.12 -10.85
N1A NAP L . 11.14 49.13 -9.88
C2A NAP L . 10.15 49.93 -9.48
N3A NAP L . 8.89 49.60 -9.61
C4A NAP L . 8.54 48.44 -10.16
O3 NAP L . 3.89 42.74 -9.07
PN NAP L . 2.35 42.37 -9.53
O1N NAP L . 1.29 42.90 -8.59
O2N NAP L . 2.17 42.87 -10.94
O5D NAP L . 2.40 40.71 -9.50
C5D NAP L . 3.44 40.16 -10.23
C4D NAP L . 2.97 38.89 -10.82
O4D NAP L . 2.45 38.01 -9.72
C3D NAP L . 1.81 39.09 -11.73
O3D NAP L . 2.22 39.44 -13.07
C2D NAP L . 1.16 37.78 -11.71
O2D NAP L . 2.00 36.90 -12.55
C1D NAP L . 1.28 37.27 -10.32
N1N NAP L . 0.16 37.47 -9.47
C2N NAP L . -0.45 36.39 -8.93
C3N NAP L . -1.54 36.55 -8.08
C7N NAP L . -2.22 35.32 -7.47
O7N NAP L . -3.24 35.42 -6.87
N7N NAP L . -1.58 34.03 -7.61
C4N NAP L . -2.01 37.80 -7.81
C5N NAP L . -1.38 38.88 -8.35
C6N NAP L . -0.29 38.69 -9.16
P2B NAP L . 3.92 51.15 -11.41
O1X NAP L . 3.25 52.04 -10.37
O2X NAP L . 2.98 50.76 -12.53
O3X NAP L . 5.21 51.72 -11.94
PA NAP M . -42.25 11.30 -11.44
O1A NAP M . -42.38 10.31 -10.29
O2A NAP M . -42.31 12.74 -10.97
O5B NAP M . -43.42 11.03 -12.56
C5B NAP M . -43.52 11.89 -13.66
C4B NAP M . -44.94 12.32 -13.74
O4B NAP M . -45.34 13.06 -12.48
C3B NAP M . -45.15 13.30 -14.84
O3B NAP M . -45.25 12.64 -16.13
C2B NAP M . -46.37 13.94 -14.41
O2B NAP M . -47.39 12.90 -14.45
C1B NAP M . -46.18 14.20 -12.97
N9A NAP M . -45.54 15.43 -12.65
C8A NAP M . -44.32 15.71 -12.94
N7A NAP M . -44.04 16.91 -12.47
C5A NAP M . -45.16 17.38 -11.81
C6A NAP M . -45.50 18.53 -11.11
N6A NAP M . -44.53 19.59 -10.96
N1A NAP M . -46.71 18.64 -10.61
C2A NAP M . -47.60 17.66 -10.75
N3A NAP M . -47.32 16.55 -11.41
C4A NAP M . -46.13 16.35 -11.95
O3 NAP M . -40.78 11.12 -12.18
PN NAP M . -40.38 9.96 -13.26
O1N NAP M . -41.08 8.64 -12.99
O2N NAP M . -40.58 10.46 -14.67
O5D NAP M . -38.74 9.85 -13.03
C5D NAP M . -38.11 11.10 -13.15
C4D NAP M . -36.73 10.89 -13.63
O4D NAP M . -36.04 9.90 -12.71
C3D NAP M . -36.72 10.28 -14.99
O3D NAP M . -36.80 11.30 -16.03
C2D NAP M . -35.47 9.51 -15.04
O2D NAP M . -34.36 10.38 -15.44
C1D NAP M . -35.24 9.04 -13.65
N1N NAP M . -35.58 7.67 -13.47
C2N NAP M . -34.61 6.79 -13.11
C3N NAP M . -34.89 5.44 -12.92
C7N NAP M . -33.77 4.48 -12.50
O7N NAP M . -33.97 3.31 -12.40
N7N NAP M . -32.47 5.03 -12.19
C4N NAP M . -36.18 5.00 -13.08
C5N NAP M . -37.15 5.87 -13.43
C6N NAP M . -36.84 7.21 -13.62
P2B NAP M . -48.64 13.02 -15.51
O1X NAP M . -49.69 11.99 -15.15
O2X NAP M . -48.13 12.77 -16.91
O3X NAP M . -49.19 14.43 -15.39
PA NAP N . 12.88 -42.63 5.83
O1A NAP N . 12.22 -42.55 4.48
O2A NAP N . 14.37 -42.54 5.72
O5B NAP N . 12.40 -43.98 6.63
C5B NAP N . 13.11 -44.30 7.81
C4B NAP N . 13.49 -45.74 7.83
O4B NAP N . 14.52 -46.01 6.76
C3B NAP N . 14.19 -46.11 9.09
O3B NAP N . 13.28 -46.46 10.16
C2B NAP N . 15.04 -47.25 8.70
O2B NAP N . 14.19 -48.36 8.36
C1B NAP N . 15.59 -46.84 7.40
N9A NAP N . 16.81 -46.10 7.39
C8A NAP N . 17.00 -44.97 7.94
N7A NAP N . 18.24 -44.59 7.68
C5A NAP N . 18.83 -45.56 6.92
C6A NAP N . 20.07 -45.79 6.32
N6A NAP N . 21.14 -44.83 6.44
N1A NAP N . 20.27 -46.91 5.64
C2A NAP N . 19.31 -47.81 5.51
N3A NAP N . 18.12 -47.65 6.06
C4A NAP N . 17.84 -46.56 6.76
O3 NAP N . 12.47 -41.42 6.82
PN NAP N . 11.07 -41.24 7.68
O1N NAP N . 9.88 -41.86 7.00
O2N NAP N . 11.33 -41.70 9.09
O5D NAP N . 10.97 -39.59 7.64
C5D NAP N . 12.03 -38.85 8.17
C4D NAP N . 11.52 -37.65 8.89
O4D NAP N . 10.64 -36.83 7.97
C3D NAP N . 10.64 -38.01 10.04
O3D NAP N . 11.42 -38.32 11.23
C2D NAP N . 9.85 -36.80 10.23
O2D NAP N . 10.70 -35.79 10.86
C1D NAP N . 9.56 -36.30 8.86
N1N NAP N . 8.31 -36.70 8.28
C2N NAP N . 7.42 -35.74 7.95
C3N NAP N . 6.20 -36.07 7.37
C7N NAP N . 5.19 -34.98 6.99
O7N NAP N . 4.10 -35.27 6.66
N7N NAP N . 5.59 -33.58 7.00
C4N NAP N . 5.89 -37.40 7.17
C5N NAP N . 6.80 -38.35 7.50
C6N NAP N . 8.01 -37.99 8.04
P2B NAP N . 13.87 -49.56 9.45
O1X NAP N . 13.08 -50.62 8.70
O2X NAP N . 13.05 -49.03 10.60
O3X NAP N . 15.19 -50.08 9.98
PA NAP O . -35.63 -17.20 21.42
O1A NAP O . -36.16 -16.26 20.38
O2A NAP O . -35.60 -18.64 20.99
O5B NAP O . -36.51 -17.01 22.81
C5B NAP O . -36.21 -17.83 23.89
C4B NAP O . -37.47 -18.36 24.48
O4B NAP O . -38.16 -19.21 23.45
C3B NAP O . -37.22 -19.27 25.63
O3B NAP O . -36.88 -18.58 26.88
C2B NAP O . -38.44 -20.08 25.66
O2B NAP O . -39.59 -19.26 26.03
C1B NAP O . -38.68 -20.40 24.22
N9A NAP O . -38.06 -21.57 23.70
C8A NAP O . -36.81 -21.78 23.70
N7A NAP O . -36.58 -22.94 23.12
C5A NAP O . -37.78 -23.45 22.71
C6A NAP O . -38.22 -24.61 22.06
N6A NAP O . -37.27 -25.61 21.62
N1A NAP O . -39.53 -24.76 21.83
C2A NAP O . -40.40 -23.85 22.23
N3A NAP O . -40.03 -22.75 22.87
C4A NAP O . -38.76 -22.50 23.12
O3 NAP O . -34.13 -16.80 21.83
PN NAP O . -33.63 -15.56 22.75
O1N NAP O . -34.53 -14.34 22.59
O2N NAP O . -33.50 -16.01 24.17
O5D NAP O . -32.15 -15.25 22.11
C5D NAP O . -31.30 -16.36 22.08
C4D NAP O . -29.90 -15.90 22.22
O4D NAP O . -29.61 -14.85 21.17
C3D NAP O . -29.69 -15.24 23.53
O3D NAP O . -29.43 -16.22 24.60
C2D NAP O . -28.55 -14.37 23.28
O2D NAP O . -27.33 -15.18 23.34
C1D NAP O . -28.69 -13.88 21.89
N1N NAP O . -29.26 -12.59 21.78
C2N NAP O . -28.54 -11.59 21.24
C3N NAP O . -29.11 -10.33 21.08
C7N NAP O . -28.28 -9.21 20.43
O7N NAP O . -28.66 -8.08 20.40
N7N NAP O . -27.04 -9.58 19.80
C4N NAP O . -30.39 -10.09 21.50
C5N NAP O . -31.10 -11.10 22.05
C6N NAP O . -30.54 -12.35 22.17
P2B NAP O . -40.17 -19.29 27.58
O1X NAP O . -41.47 -18.52 27.53
O2X NAP O . -39.19 -18.64 28.51
O3X NAP O . -40.40 -20.71 28.05
PA NAP P . 36.15 0.68 -26.80
O1A NAP P . 36.74 0.80 -25.44
O2A NAP P . 36.04 -0.74 -27.28
O5B NAP P . 36.95 1.68 -27.84
C5B NAP P . 36.72 1.56 -29.23
C4B NAP P . 38.03 1.39 -29.91
O4B NAP P . 38.69 0.12 -29.44
C3B NAP P . 37.92 1.23 -31.39
O3B NAP P . 37.74 2.51 -32.05
C2B NAP P . 39.17 0.56 -31.73
O2B NAP P . 40.25 1.51 -31.48
C1B NAP P . 39.31 -0.49 -30.67
N9A NAP P . 38.70 -1.75 -30.91
C8A NAP P . 37.43 -1.91 -30.96
N7A NAP P . 37.19 -3.20 -31.18
C5A NAP P . 38.39 -3.85 -31.26
C6A NAP P . 38.80 -5.15 -31.46
N6A NAP P . 37.79 -6.18 -31.65
N1A NAP P . 40.10 -5.44 -31.47
C2A NAP P . 41.00 -4.48 -31.30
N3A NAP P . 40.66 -3.21 -31.10
C4A NAP P . 39.38 -2.84 -31.07
O3 NAP P . 34.58 1.19 -26.82
PN NAP P . 34.08 2.74 -26.94
O1N NAP P . 34.89 3.71 -26.12
O2N NAP P . 33.91 3.08 -28.41
O5D NAP P . 32.57 2.63 -26.29
C5D NAP P . 31.84 1.53 -26.75
C4D NAP P . 30.40 1.91 -26.68
O4D NAP P . 30.07 2.16 -25.24
C3D NAP P . 30.15 3.19 -27.39
O3D NAP P . 29.87 2.93 -28.80
C2D NAP P . 28.99 3.73 -26.69
O2D NAP P . 27.81 3.03 -27.15
C1D NAP P . 29.13 3.34 -25.27
N1N NAP P . 29.64 4.36 -24.44
C2N NAP P . 28.89 4.80 -23.40
C3N NAP P . 29.37 5.80 -22.54
C7N NAP P . 28.50 6.26 -21.37
O7N NAP P . 28.83 7.15 -20.64
N7N NAP P . 27.26 5.53 -21.15
C4N NAP P . 30.60 6.35 -22.77
C5N NAP P . 31.35 5.89 -23.81
C6N NAP P . 30.86 4.90 -24.63
P2B NAP P . 41.10 2.17 -32.74
O1X NAP P . 42.32 2.89 -32.17
O2X NAP P . 40.18 3.12 -33.48
O3X NAP P . 41.46 1.05 -33.65
#